data_2XQR
#
_entry.id   2XQR
#
_cell.length_a   199.980
_cell.length_b   199.980
_cell.length_c   111.160
_cell.angle_alpha   90.00
_cell.angle_beta   90.00
_cell.angle_gamma   120.00
#
_symmetry.space_group_name_H-M   'P 3'
#
loop_
_entity.id
_entity.type
_entity.pdbx_description
1 polymer 'BETA-FRUCTOFURANOSIDASE, INSOLUBLE ISOENZYME CWINV1'
2 polymer 'INVERTASE INHIBITOR'
3 branched alpha-D-mannopyranose-(1-2)-alpha-D-mannopyranose-(1-3)-[beta-D-mannopyranose-(1-6)]beta-D-mannopyranose-(1-4)-2-acetamido-2-deoxy-beta-D-glucopyranose-(1-4)-2-acetamido-2-deoxy-beta-D-glucopyranose
4 branched 2-acetamido-2-deoxy-beta-D-glucopyranose-(1-4)-2-acetamido-2-deoxy-beta-D-glucopyranose
5 non-polymer beta-D-fructofuranose
6 non-polymer 'SULFATE ION'
7 non-polymer 2-acetamido-2-deoxy-beta-D-glucopyranose
8 non-polymer '4-(2-HYDROXYETHYL)-1-PIPERAZINE ETHANESULFONIC ACID'
9 water water
#
loop_
_entity_poly.entity_id
_entity_poly.type
_entity_poly.pdbx_seq_one_letter_code
_entity_poly.pdbx_strand_id
1 'polypeptide(L)'
;NQPYRTGFHFQPPKNWMNDPNGPMIYKGIYHLFYQWNPKGAVWGNIVWAHSTSTDLINWDPHPPAIFPSAPFDINGCWSG
SATILPNGKPVILYTGIDPKNQQVQNIAEPKNLSDPYLREWKKSPLNPLMAPDAVNGINASSFRDPTTAWLGQDKKWRVI
IGSKIHRRGLAITYTSKDFLKWEKSPEPLHYDDGSGMWECPDFFPVTRFGSNGVETSSFGEPNEILKHVLKISLDDTKHD
YYTIGTYDRVKDKFVPDNGFKMDGTAPRYDYGKYYASKTFFDSAKNRRILWGWTNESSSVEDDVEKGWSGIQTIPRKIWL
DRSGKQLIQWPVREVERLRTKQVKNLRNKVLKSGSRLEVYGVTAAQADVEVLFKVRDLEKADVIEPSWTDPQLICSKMNV
SVKSGLGPFGLMVLASKNLEEYTSVYFRIFKARQNSNKYVVLMCSDQSRSSLKEDNDKTTYGAFVDINPHQPLSLRALID
HSVVESFGGKGRACITSRVYPKLAIGKSSHLFAFNYGYQSVDVLNLNAWSMNSAQIS
;
A,C,E,G,I,K
2 'polypeptide(L)'
;GANNLVETTCKNTPNYQLCLKTLLSDKRSATGDITTLALIMVDAIKAKANQAAVTISKLRHSNPPAAWKGPLKNCAFSYK
VILTASLPEAIEALTKGDPKFAEDGMVGSSGDAQECEEYFKGSKSPFSALNIAVHELSDVGRAIVRNLL
;
B,D,F,H,J,L
#
loop_
_chem_comp.id
_chem_comp.type
_chem_comp.name
_chem_comp.formula
BMA D-saccharide, beta linking beta-D-mannopyranose 'C6 H12 O6'
EPE non-polymer '4-(2-HYDROXYETHYL)-1-PIPERAZINE ETHANESULFONIC ACID' 'C8 H18 N2 O4 S'
FRU D-saccharide, beta linking beta-D-fructofuranose 'C6 H12 O6'
MAN D-saccharide, alpha linking alpha-D-mannopyranose 'C6 H12 O6'
NAG D-saccharide, beta linking 2-acetamido-2-deoxy-beta-D-glucopyranose 'C8 H15 N O6'
SO4 non-polymer 'SULFATE ION' 'O4 S -2'
#
# COMPACT_ATOMS: atom_id res chain seq x y z
N ASN A 1 -27.50 46.50 -25.94
CA ASN A 1 -26.70 47.21 -24.89
C ASN A 1 -25.85 46.25 -24.05
N GLN A 2 -26.52 45.34 -23.34
CA GLN A 2 -25.86 44.28 -22.58
C GLN A 2 -26.40 42.94 -23.09
N PRO A 3 -26.00 42.55 -24.32
CA PRO A 3 -26.56 41.36 -24.93
C PRO A 3 -26.13 40.03 -24.28
N TYR A 4 -25.11 40.07 -23.42
CA TYR A 4 -24.57 38.86 -22.79
C TYR A 4 -24.98 38.68 -21.34
N ARG A 5 -25.60 39.70 -20.74
CA ARG A 5 -26.19 39.53 -19.41
C ARG A 5 -27.32 38.52 -19.47
N THR A 6 -27.47 37.73 -18.42
CA THR A 6 -28.42 36.62 -18.42
C THR A 6 -29.80 37.06 -17.96
N GLY A 7 -30.81 36.35 -18.43
CA GLY A 7 -32.20 36.65 -18.08
C GLY A 7 -32.72 35.98 -16.82
N PHE A 8 -32.19 34.80 -16.49
CA PHE A 8 -32.66 34.06 -15.29
C PHE A 8 -31.59 33.41 -14.42
N HIS A 9 -30.32 33.60 -14.76
CA HIS A 9 -29.23 33.12 -13.93
C HIS A 9 -28.87 34.17 -12.89
N PHE A 10 -28.36 33.73 -11.74
CA PHE A 10 -27.95 34.64 -10.70
C PHE A 10 -26.67 35.38 -11.08
N GLN A 11 -26.74 36.70 -11.03
CA GLN A 11 -25.56 37.56 -11.11
C GLN A 11 -25.92 38.93 -10.53
N PRO A 12 -24.91 39.66 -10.02
CA PRO A 12 -25.17 40.98 -9.47
C PRO A 12 -25.49 42.02 -10.55
N PRO A 13 -25.94 43.22 -10.15
CA PRO A 13 -26.19 44.28 -11.13
C PRO A 13 -24.94 44.67 -11.91
N LYS A 14 -23.79 44.65 -11.24
CA LYS A 14 -22.51 44.89 -11.91
C LYS A 14 -21.36 44.19 -11.19
N ASN A 15 -20.16 44.33 -11.75
CA ASN A 15 -18.89 43.96 -11.11
C ASN A 15 -18.57 42.46 -11.04
N TRP A 16 -17.35 42.17 -10.59
CA TRP A 16 -16.85 40.81 -10.44
C TRP A 16 -17.54 40.00 -9.34
N MET A 17 -17.92 38.76 -9.68
CA MET A 17 -18.34 37.76 -8.70
C MET A 17 -17.59 36.45 -8.92
N ASN A 18 -17.21 35.79 -7.83
CA ASN A 18 -16.77 34.39 -7.93
C ASN A 18 -17.54 33.46 -6.97
N ASP A 19 -16.84 32.75 -6.09
CA ASP A 19 -17.41 31.66 -5.30
C ASP A 19 -18.76 31.96 -4.68
N PRO A 20 -19.70 31.00 -4.75
CA PRO A 20 -20.88 31.09 -3.90
C PRO A 20 -20.46 30.84 -2.46
N ASN A 21 -21.06 31.55 -1.52
CA ASN A 21 -20.68 31.48 -0.11
C ASN A 21 -21.90 31.21 0.75
N GLY A 22 -21.70 30.39 1.79
CA GLY A 22 -22.69 30.20 2.83
C GLY A 22 -24.13 29.98 2.40
N PRO A 23 -24.35 29.17 1.35
CA PRO A 23 -25.75 28.89 1.00
C PRO A 23 -26.45 28.18 2.14
N MET A 24 -27.67 28.63 2.45
CA MET A 24 -28.42 28.08 3.56
C MET A 24 -29.92 28.30 3.35
N ILE A 25 -30.69 27.67 4.23
CA ILE A 25 -32.13 27.93 4.36
C ILE A 25 -32.34 28.30 5.81
N TYR A 26 -33.19 29.29 6.06
CA TYR A 26 -33.49 29.72 7.42
C TYR A 26 -34.83 30.43 7.47
N LYS A 27 -35.70 29.96 8.35
CA LYS A 27 -37.08 30.45 8.45
C LYS A 27 -37.75 30.47 7.07
N GLY A 28 -37.58 29.39 6.30
CA GLY A 28 -38.19 29.27 4.98
C GLY A 28 -37.68 30.22 3.91
N ILE A 29 -36.48 30.78 4.11
CA ILE A 29 -35.88 31.72 3.17
C ILE A 29 -34.49 31.26 2.81
N TYR A 30 -34.23 31.17 1.50
CA TYR A 30 -32.92 30.76 1.00
C TYR A 30 -31.97 31.94 0.98
N HIS A 31 -30.75 31.69 1.41
CA HIS A 31 -29.70 32.70 1.36
C HIS A 31 -28.60 32.25 0.42
N LEU A 32 -28.16 33.17 -0.43
CA LEU A 32 -26.92 32.99 -1.19
C LEU A 32 -26.07 34.18 -0.85
N PHE A 33 -24.87 33.92 -0.33
CA PHE A 33 -23.85 34.94 -0.29
C PHE A 33 -22.89 34.60 -1.42
N TYR A 34 -22.07 35.56 -1.81
CA TYR A 34 -21.09 35.31 -2.86
C TYR A 34 -19.95 36.31 -2.81
N GLN A 35 -18.79 35.87 -3.26
CA GLN A 35 -17.59 36.68 -3.32
C GLN A 35 -17.79 37.78 -4.38
N TRP A 36 -17.64 39.03 -3.98
CA TRP A 36 -17.97 40.17 -4.84
C TRP A 36 -16.95 41.28 -4.66
N ASN A 37 -16.48 41.83 -5.79
CA ASN A 37 -15.60 43.02 -5.77
C ASN A 37 -16.46 44.26 -5.92
N PRO A 38 -16.60 45.05 -4.84
CA PRO A 38 -17.47 46.23 -4.90
C PRO A 38 -17.11 47.29 -5.94
N LYS A 39 -15.87 47.30 -6.44
CA LYS A 39 -15.45 48.40 -7.31
C LYS A 39 -14.59 47.98 -8.51
N GLY A 40 -14.99 46.90 -9.18
CA GLY A 40 -14.26 46.44 -10.38
C GLY A 40 -14.87 45.23 -11.08
N ALA A 41 -14.38 44.97 -12.30
CA ALA A 41 -14.82 43.83 -13.10
C ALA A 41 -13.83 42.67 -13.06
N VAL A 42 -12.87 42.75 -12.15
CA VAL A 42 -11.92 41.66 -11.90
C VAL A 42 -11.88 41.38 -10.41
N TRP A 43 -11.20 40.28 -10.04
CA TRP A 43 -11.12 39.86 -8.65
C TRP A 43 -10.31 40.87 -7.81
N GLY A 44 -10.81 41.14 -6.60
CA GLY A 44 -10.15 42.02 -5.65
C GLY A 44 -11.13 42.63 -4.68
N ASN A 45 -10.61 43.22 -3.61
CA ASN A 45 -11.44 43.86 -2.58
C ASN A 45 -12.62 43.00 -2.16
N ILE A 46 -12.40 41.68 -2.10
CA ILE A 46 -13.50 40.73 -2.07
C ILE A 46 -14.28 40.77 -0.76
N VAL A 47 -15.60 40.90 -0.88
CA VAL A 47 -16.52 40.86 0.24
C VAL A 47 -17.63 39.85 -0.05
N TRP A 48 -18.38 39.51 0.98
CA TRP A 48 -19.60 38.71 0.84
C TRP A 48 -20.79 39.62 0.52
N ALA A 49 -21.27 39.58 -0.71
CA ALA A 49 -22.56 40.18 -1.05
C ALA A 49 -23.65 39.22 -0.59
N HIS A 50 -24.91 39.65 -0.64
CA HIS A 50 -25.98 38.84 -0.06
C HIS A 50 -27.28 39.06 -0.79
N SER A 51 -27.94 37.95 -1.16
CA SER A 51 -29.28 37.99 -1.70
C SER A 51 -30.12 36.86 -1.14
N THR A 52 -31.43 37.09 -1.03
CA THR A 52 -32.37 36.12 -0.46
C THR A 52 -33.47 35.74 -1.44
N SER A 53 -34.06 34.57 -1.23
CA SER A 53 -35.07 34.03 -2.13
C SER A 53 -35.99 33.08 -1.39
N THR A 54 -37.19 32.89 -1.92
CA THR A 54 -38.12 31.86 -1.42
C THR A 54 -38.37 30.78 -2.47
N ASP A 55 -37.67 30.86 -3.60
CA ASP A 55 -37.80 29.88 -4.68
C ASP A 55 -36.48 29.43 -5.34
N LEU A 56 -35.35 30.03 -4.94
CA LEU A 56 -34.02 29.76 -5.51
C LEU A 56 -33.77 30.36 -6.90
N ILE A 57 -34.71 31.14 -7.41
CA ILE A 57 -34.68 31.66 -8.79
C ILE A 57 -34.78 33.18 -8.87
N ASN A 58 -35.69 33.75 -8.10
CA ASN A 58 -35.84 35.21 -8.00
C ASN A 58 -35.18 35.67 -6.72
N TRP A 59 -34.36 36.71 -6.80
CA TRP A 59 -33.45 37.08 -5.73
C TRP A 59 -33.55 38.56 -5.38
N ASP A 60 -33.69 38.84 -4.08
CA ASP A 60 -33.72 40.22 -3.58
C ASP A 60 -32.37 40.61 -2.98
N PRO A 61 -31.85 41.79 -3.37
CA PRO A 61 -30.52 42.20 -2.89
C PRO A 61 -30.52 42.68 -1.44
N HIS A 62 -29.39 42.52 -0.78
CA HIS A 62 -29.19 43.07 0.56
C HIS A 62 -27.81 43.72 0.64
N PRO A 63 -27.56 44.51 1.69
CA PRO A 63 -26.23 45.05 1.86
C PRO A 63 -25.19 43.95 2.02
N PRO A 64 -23.91 44.25 1.73
CA PRO A 64 -22.87 43.28 2.00
C PRO A 64 -22.99 42.71 3.42
N ALA A 65 -22.98 41.39 3.51
CA ALA A 65 -23.19 40.70 4.77
C ALA A 65 -21.92 40.70 5.60
N ILE A 66 -20.80 40.44 4.93
CA ILE A 66 -19.51 40.26 5.60
C ILE A 66 -18.43 40.97 4.81
N PHE A 67 -17.75 41.90 5.48
CA PHE A 67 -16.73 42.72 4.86
C PHE A 67 -15.68 43.09 5.92
N PRO A 68 -14.50 43.54 5.49
CA PRO A 68 -13.44 43.86 6.46
C PRO A 68 -13.91 44.87 7.52
N SER A 69 -13.84 44.47 8.79
CA SER A 69 -14.27 45.34 9.90
C SER A 69 -13.51 45.06 11.20
N ALA A 70 -12.33 44.46 11.08
CA ALA A 70 -11.55 44.00 12.23
C ALA A 70 -10.23 43.44 11.75
N PRO A 71 -9.21 43.42 12.61
CA PRO A 71 -7.91 42.86 12.27
C PRO A 71 -7.97 41.52 11.53
N PHE A 72 -8.72 40.57 12.09
CA PHE A 72 -8.76 39.19 11.58
C PHE A 72 -9.37 39.02 10.17
N ASP A 73 -10.00 40.06 9.63
CA ASP A 73 -10.45 40.05 8.24
C ASP A 73 -10.23 41.38 7.53
N ILE A 74 -9.28 42.16 8.03
CA ILE A 74 -9.07 43.53 7.53
C ILE A 74 -8.67 43.58 6.05
N ASN A 75 -7.96 42.56 5.59
CA ASN A 75 -7.50 42.50 4.20
C ASN A 75 -8.34 41.64 3.26
N GLY A 76 -9.55 41.25 3.70
CA GLY A 76 -10.49 40.55 2.81
C GLY A 76 -11.32 39.48 3.46
N CYS A 77 -12.56 39.34 2.99
CA CYS A 77 -13.46 38.28 3.46
C CYS A 77 -13.65 37.21 2.39
N TRP A 78 -12.84 36.16 2.50
CA TRP A 78 -12.81 35.09 1.51
C TRP A 78 -13.87 34.02 1.82
N SER A 79 -13.86 32.92 1.06
CA SER A 79 -14.99 31.98 1.06
C SER A 79 -15.22 31.20 2.36
N GLY A 80 -16.43 30.66 2.47
CA GLY A 80 -16.84 29.93 3.65
C GLY A 80 -18.25 29.39 3.53
N SER A 81 -18.78 28.89 4.65
CA SER A 81 -20.00 28.09 4.63
C SER A 81 -20.88 28.36 5.85
N ALA A 82 -22.17 28.09 5.69
CA ALA A 82 -23.13 28.22 6.79
C ALA A 82 -23.33 26.85 7.42
N THR A 83 -23.41 26.83 8.75
CA THR A 83 -23.83 25.64 9.49
C THR A 83 -25.08 26.00 10.28
N ILE A 84 -26.09 25.13 10.22
CA ILE A 84 -27.30 25.30 11.04
C ILE A 84 -27.12 24.45 12.28
N LEU A 85 -27.04 25.10 13.42
CA LEU A 85 -26.82 24.41 14.69
C LEU A 85 -28.11 23.72 15.11
N PRO A 86 -28.04 22.72 16.00
CA PRO A 86 -29.21 21.97 16.45
C PRO A 86 -30.40 22.84 16.92
N ASN A 87 -30.12 23.94 17.63
CA ASN A 87 -31.18 24.84 18.09
C ASN A 87 -31.87 25.63 16.97
N GLY A 88 -31.35 25.52 15.75
CA GLY A 88 -31.93 26.18 14.59
C GLY A 88 -31.16 27.43 14.16
N LYS A 89 -30.17 27.83 14.96
CA LYS A 89 -29.39 29.04 14.69
C LYS A 89 -28.32 28.83 13.62
N PRO A 90 -28.26 29.73 12.63
CA PRO A 90 -27.20 29.71 11.63
C PRO A 90 -25.94 30.44 12.09
N VAL A 91 -24.78 29.86 11.79
CA VAL A 91 -23.50 30.52 11.96
C VAL A 91 -22.72 30.37 10.66
N ILE A 92 -21.80 31.31 10.42
CA ILE A 92 -20.97 31.29 9.23
C ILE A 92 -19.51 31.16 9.62
N LEU A 93 -18.82 30.19 9.05
CA LEU A 93 -17.37 30.09 9.15
C LEU A 93 -16.79 30.56 7.83
N TYR A 94 -15.79 31.43 7.88
CA TYR A 94 -15.21 32.00 6.66
C TYR A 94 -13.75 32.38 6.85
N THR A 95 -13.02 32.39 5.74
CA THR A 95 -11.62 32.75 5.73
C THR A 95 -11.45 34.27 5.68
N GLY A 96 -10.67 34.81 6.61
CA GLY A 96 -10.30 36.22 6.60
C GLY A 96 -8.84 36.35 6.25
N ILE A 97 -8.50 37.43 5.54
CA ILE A 97 -7.09 37.77 5.32
C ILE A 97 -6.69 38.75 6.44
N ASP A 98 -5.75 38.34 7.28
CA ASP A 98 -5.41 39.09 8.51
C ASP A 98 -4.33 40.15 8.23
N PRO A 99 -3.90 40.92 9.25
CA PRO A 99 -3.03 42.08 8.97
C PRO A 99 -1.66 41.77 8.38
N LYS A 100 -1.19 40.53 8.48
CA LYS A 100 0.05 40.09 7.83
C LYS A 100 -0.23 39.30 6.56
N ASN A 101 -1.44 39.48 6.01
CA ASN A 101 -1.92 38.73 4.83
C ASN A 101 -1.87 37.20 4.97
N GLN A 102 -2.04 36.71 6.18
CA GLN A 102 -2.20 35.27 6.41
C GLN A 102 -3.68 34.91 6.35
N GLN A 103 -3.96 33.69 5.92
CA GLN A 103 -5.33 33.20 5.83
C GLN A 103 -5.76 32.54 7.15
N VAL A 104 -6.85 33.02 7.71
CA VAL A 104 -7.32 32.58 9.02
C VAL A 104 -8.83 32.34 8.98
N GLN A 105 -9.34 31.54 9.93
CA GLN A 105 -10.75 31.15 9.93
C GLN A 105 -11.51 31.83 11.07
N ASN A 106 -12.56 32.55 10.70
CA ASN A 106 -13.33 33.37 11.63
C ASN A 106 -14.79 32.95 11.64
N ILE A 107 -15.50 33.30 12.70
CA ILE A 107 -16.93 33.03 12.81
C ILE A 107 -17.77 34.31 12.75
N ALA A 108 -18.92 34.21 12.11
CA ALA A 108 -19.92 35.26 12.14
C ALA A 108 -21.25 34.63 12.50
N GLU A 109 -22.12 35.40 13.14
CA GLU A 109 -23.47 34.96 13.45
C GLU A 109 -24.43 36.14 13.34
N PRO A 110 -25.74 35.85 13.15
CA PRO A 110 -26.73 36.91 12.97
C PRO A 110 -26.79 37.92 14.12
N LYS A 111 -27.05 39.18 13.77
CA LYS A 111 -27.21 40.24 14.74
C LYS A 111 -28.63 40.24 15.31
N ASN A 112 -29.58 39.75 14.50
CA ASN A 112 -30.98 39.68 14.89
C ASN A 112 -31.60 38.45 14.23
N LEU A 113 -31.85 37.41 15.05
CA LEU A 113 -32.40 36.16 14.56
C LEU A 113 -33.87 36.27 14.15
N SER A 114 -34.56 37.31 14.64
CA SER A 114 -35.93 37.58 14.20
C SER A 114 -35.98 38.14 12.78
N ASP A 115 -34.88 38.69 12.29
CA ASP A 115 -34.79 39.16 10.90
C ASP A 115 -34.65 37.96 9.95
N PRO A 116 -35.71 37.65 9.18
CA PRO A 116 -35.62 36.48 8.31
C PRO A 116 -34.56 36.64 7.22
N TYR A 117 -34.32 37.90 6.83
CA TYR A 117 -33.37 38.19 5.75
C TYR A 117 -31.94 38.36 6.26
N LEU A 118 -31.73 38.23 7.57
CA LEU A 118 -30.40 38.17 8.18
C LEU A 118 -29.44 39.16 7.52
N ARG A 119 -29.84 40.43 7.50
CA ARG A 119 -29.11 41.47 6.78
C ARG A 119 -27.79 41.85 7.45
N GLU A 120 -27.79 41.93 8.78
CA GLU A 120 -26.60 42.30 9.55
C GLU A 120 -26.03 41.09 10.32
N TRP A 121 -24.70 40.93 10.22
CA TRP A 121 -23.97 39.85 10.89
C TRP A 121 -22.87 40.42 11.79
N LYS A 122 -22.73 39.88 12.99
CA LYS A 122 -21.71 40.29 13.94
C LYS A 122 -20.64 39.21 14.05
N LYS A 123 -19.47 39.59 14.54
CA LYS A 123 -18.30 38.72 14.53
C LYS A 123 -17.67 38.63 15.92
N SER A 124 -17.20 37.44 16.28
CA SER A 124 -16.75 37.18 17.64
C SER A 124 -15.45 37.89 17.95
N PRO A 125 -15.32 38.43 19.17
CA PRO A 125 -14.04 39.00 19.60
C PRO A 125 -12.93 37.95 19.75
N LEU A 126 -13.26 36.67 19.69
CA LEU A 126 -12.27 35.59 19.76
C LEU A 126 -11.63 35.27 18.42
N ASN A 127 -12.13 35.86 17.34
CA ASN A 127 -11.61 35.57 16.00
C ASN A 127 -10.13 35.97 15.86
N PRO A 128 -9.33 35.16 15.15
CA PRO A 128 -9.68 33.92 14.45
C PRO A 128 -9.78 32.72 15.37
N LEU A 129 -10.70 31.82 15.06
CA LEU A 129 -10.92 30.60 15.84
C LEU A 129 -9.91 29.52 15.46
N MET A 130 -9.51 29.52 14.19
CA MET A 130 -8.51 28.60 13.69
C MET A 130 -7.51 29.40 12.85
N ALA A 131 -6.22 29.16 13.06
CA ALA A 131 -5.18 29.90 12.35
C ALA A 131 -3.88 29.11 12.22
N PRO A 132 -3.03 29.50 11.26
CA PRO A 132 -1.69 28.93 11.19
C PRO A 132 -0.79 29.53 12.26
N ASP A 133 0.16 28.73 12.73
CA ASP A 133 1.14 29.16 13.71
C ASP A 133 2.32 28.19 13.69
N ALA A 134 3.31 28.42 14.55
CA ALA A 134 4.53 27.62 14.54
C ALA A 134 4.30 26.15 14.95
N VAL A 135 3.28 25.90 15.76
CA VAL A 135 3.01 24.55 16.27
C VAL A 135 2.35 23.66 15.21
N ASN A 136 1.21 24.10 14.68
CA ASN A 136 0.53 23.36 13.61
C ASN A 136 1.33 23.37 12.30
N GLY A 137 2.06 24.45 12.06
CA GLY A 137 2.95 24.55 10.89
C GLY A 137 2.20 24.60 9.57
N ILE A 138 0.93 25.02 9.62
CA ILE A 138 0.10 25.11 8.42
C ILE A 138 0.60 26.27 7.59
N ASN A 139 0.51 26.13 6.27
CA ASN A 139 0.92 27.16 5.35
C ASN A 139 -0.09 28.30 5.30
N ALA A 140 0.33 29.47 5.78
CA ALA A 140 -0.54 30.63 5.94
C ALA A 140 -1.13 31.18 4.63
N SER A 141 -0.52 30.83 3.50
CA SER A 141 -1.02 31.26 2.20
C SER A 141 -1.87 30.20 1.49
N SER A 142 -2.04 29.03 2.12
CA SER A 142 -2.86 27.94 1.57
C SER A 142 -3.69 27.31 2.67
N PHE A 143 -4.65 28.07 3.19
CA PHE A 143 -5.43 27.64 4.34
C PHE A 143 -6.76 28.39 4.36
N ARG A 144 -7.73 27.88 3.62
CA ARG A 144 -9.00 28.59 3.42
C ARG A 144 -10.20 27.70 3.07
N ASP A 145 -11.38 28.31 3.07
CA ASP A 145 -12.64 27.71 2.64
C ASP A 145 -13.20 26.64 3.60
N PRO A 146 -13.59 27.05 4.82
CA PRO A 146 -14.23 26.14 5.78
C PRO A 146 -15.53 25.57 5.24
N THR A 147 -15.77 24.29 5.50
CA THR A 147 -17.03 23.65 5.09
C THR A 147 -18.16 23.94 6.08
N THR A 148 -19.36 23.51 5.74
CA THR A 148 -20.40 23.33 6.73
C THR A 148 -19.87 22.28 7.71
N ALA A 149 -20.15 22.49 9.00
CA ALA A 149 -19.68 21.59 10.05
C ALA A 149 -20.70 20.48 10.28
N TRP A 150 -20.23 19.32 10.76
CA TRP A 150 -21.13 18.21 11.06
C TRP A 150 -20.87 17.67 12.47
N LEU A 151 -21.95 17.34 13.18
CA LEU A 151 -21.87 16.94 14.59
C LEU A 151 -21.71 15.44 14.70
N GLY A 152 -20.59 15.00 15.24
CA GLY A 152 -20.30 13.58 15.39
C GLY A 152 -21.11 12.93 16.49
N GLN A 153 -21.16 11.60 16.44
CA GLN A 153 -21.77 10.76 17.47
C GLN A 153 -21.30 11.09 18.90
N ASP A 154 -20.04 11.50 19.03
CA ASP A 154 -19.46 11.85 20.34
C ASP A 154 -19.68 13.32 20.72
N LYS A 155 -20.62 13.98 20.04
CA LYS A 155 -21.05 15.34 20.37
C LYS A 155 -19.98 16.44 20.16
N LYS A 156 -18.90 16.08 19.48
CA LYS A 156 -17.89 17.05 19.07
C LYS A 156 -18.06 17.35 17.59
N TRP A 157 -18.06 18.64 17.25
CA TRP A 157 -18.18 19.07 15.85
C TRP A 157 -16.93 18.74 15.05
N ARG A 158 -17.11 18.55 13.76
CA ARG A 158 -16.00 18.49 12.80
C ARG A 158 -16.17 19.59 11.78
N VAL A 159 -15.06 20.14 11.32
CA VAL A 159 -15.04 21.03 10.15
C VAL A 159 -13.72 20.81 9.43
N ILE A 160 -13.74 20.97 8.11
CA ILE A 160 -12.52 20.85 7.31
C ILE A 160 -12.23 22.14 6.56
N ILE A 161 -10.95 22.40 6.34
CA ILE A 161 -10.47 23.60 5.66
C ILE A 161 -9.49 23.17 4.58
N GLY A 162 -9.61 23.77 3.40
CA GLY A 162 -8.76 23.42 2.26
C GLY A 162 -7.35 23.91 2.49
N SER A 163 -6.37 23.08 2.15
CA SER A 163 -4.98 23.45 2.32
C SER A 163 -4.05 22.66 1.42
N LYS A 164 -2.75 22.95 1.50
CA LYS A 164 -1.74 22.11 0.85
C LYS A 164 -0.35 22.21 1.50
N ILE A 165 0.45 21.17 1.27
CA ILE A 165 1.84 21.09 1.69
C ILE A 165 2.64 20.64 0.48
N HIS A 166 3.48 21.52 -0.05
CA HIS A 166 4.20 21.25 -1.30
C HIS A 166 3.21 20.94 -2.43
N ARG A 167 3.32 19.77 -3.06
CA ARG A 167 2.36 19.38 -4.10
C ARG A 167 1.19 18.56 -3.56
N ARG A 168 1.05 18.47 -2.23
CA ARG A 168 0.02 17.62 -1.62
C ARG A 168 -1.18 18.42 -1.17
N GLY A 169 -2.36 18.06 -1.67
CA GLY A 169 -3.62 18.67 -1.24
C GLY A 169 -4.13 18.08 0.07
N LEU A 170 -4.74 18.92 0.90
CA LEU A 170 -5.18 18.50 2.24
C LEU A 170 -6.61 18.94 2.55
N ALA A 171 -7.30 18.14 3.36
CA ALA A 171 -8.55 18.55 4.00
C ALA A 171 -8.33 18.52 5.50
N ILE A 172 -7.82 19.63 6.02
CA ILE A 172 -7.43 19.74 7.43
C ILE A 172 -8.67 19.70 8.30
N THR A 173 -8.68 18.80 9.28
CA THR A 173 -9.84 18.62 10.15
C THR A 173 -9.64 19.33 11.47
N TYR A 174 -10.63 20.10 11.89
CA TYR A 174 -10.68 20.67 13.23
C TYR A 174 -11.92 20.16 13.95
N THR A 175 -11.81 19.96 15.26
CA THR A 175 -12.96 19.53 16.07
C THR A 175 -13.23 20.52 17.20
N SER A 176 -14.46 20.51 17.71
CA SER A 176 -14.87 21.45 18.75
C SER A 176 -16.09 20.96 19.54
N LYS A 177 -16.13 21.30 20.83
CA LYS A 177 -17.26 20.96 21.69
C LYS A 177 -18.31 22.05 21.64
N ASP A 178 -17.88 23.30 21.77
CA ASP A 178 -18.80 24.44 21.84
C ASP A 178 -18.97 25.21 20.52
N PHE A 179 -18.11 24.93 19.54
CA PHE A 179 -18.10 25.62 18.24
C PHE A 179 -17.27 26.92 18.28
N LEU A 180 -16.68 27.23 19.43
CA LEU A 180 -15.80 28.38 19.60
C LEU A 180 -14.35 27.92 19.70
N LYS A 181 -14.07 27.01 20.64
CA LYS A 181 -12.73 26.42 20.75
C LYS A 181 -12.54 25.30 19.75
N TRP A 182 -11.74 25.55 18.72
CA TRP A 182 -11.42 24.53 17.73
C TRP A 182 -9.99 24.04 17.90
N GLU A 183 -9.81 22.73 17.77
CA GLU A 183 -8.52 22.08 17.93
C GLU A 183 -8.21 21.29 16.68
N LYS A 184 -6.96 21.36 16.22
CA LYS A 184 -6.55 20.69 15.00
C LYS A 184 -6.41 19.20 15.26
N SER A 185 -6.97 18.39 14.37
CA SER A 185 -6.78 16.93 14.41
C SER A 185 -5.44 16.58 13.77
N PRO A 186 -4.65 15.69 14.40
CA PRO A 186 -3.37 15.23 13.86
C PRO A 186 -3.42 14.86 12.39
N GLU A 187 -4.31 13.93 12.02
CA GLU A 187 -4.48 13.50 10.64
C GLU A 187 -5.66 14.22 10.01
N PRO A 188 -5.55 14.56 8.71
CA PRO A 188 -6.63 15.21 7.98
C PRO A 188 -7.71 14.20 7.57
N LEU A 189 -8.87 14.71 7.17
CA LEU A 189 -9.97 13.84 6.73
C LEU A 189 -9.60 13.08 5.46
N HIS A 190 -8.78 13.71 4.62
CA HIS A 190 -8.16 13.05 3.46
C HIS A 190 -7.08 13.97 2.89
N TYR A 191 -6.21 13.39 2.06
CA TYR A 191 -5.20 14.17 1.37
C TYR A 191 -4.90 13.53 0.02
N ASP A 192 -4.07 14.19 -0.78
CA ASP A 192 -3.55 13.56 -2.00
C ASP A 192 -2.24 14.18 -2.46
N ASP A 193 -1.27 13.31 -2.76
CA ASP A 193 0.03 13.75 -3.25
C ASP A 193 -0.07 14.11 -4.73
N GLY A 194 0.40 15.30 -5.09
CA GLY A 194 0.47 15.72 -6.49
C GLY A 194 -0.70 16.58 -6.97
N SER A 195 -1.80 16.58 -6.23
CA SER A 195 -3.01 17.31 -6.67
C SER A 195 -2.83 18.83 -6.64
N GLY A 196 -2.05 19.33 -5.70
CA GLY A 196 -1.92 20.77 -5.47
C GLY A 196 -2.95 21.23 -4.47
N MET A 197 -3.22 22.54 -4.44
CA MET A 197 -4.17 23.11 -3.48
C MET A 197 -5.56 22.52 -3.63
N TRP A 198 -6.21 22.29 -2.49
CA TRP A 198 -7.60 21.88 -2.42
C TRP A 198 -8.39 23.10 -1.98
N GLU A 199 -9.03 23.76 -2.94
CA GLU A 199 -9.88 24.91 -2.64
C GLU A 199 -11.33 24.44 -2.51
N CYS A 200 -12.10 25.17 -1.70
CA CYS A 200 -13.53 24.94 -1.53
C CYS A 200 -13.91 23.48 -1.31
N PRO A 201 -13.35 22.85 -0.27
CA PRO A 201 -13.73 21.48 0.04
C PRO A 201 -15.21 21.39 0.43
N ASP A 202 -15.84 20.27 0.09
CA ASP A 202 -17.18 19.98 0.57
C ASP A 202 -17.24 18.52 1.00
N PHE A 203 -18.04 18.26 2.02
CA PHE A 203 -18.14 16.91 2.60
C PHE A 203 -19.56 16.69 3.08
N PHE A 204 -20.27 15.75 2.46
CA PHE A 204 -21.67 15.53 2.78
C PHE A 204 -22.11 14.09 2.55
N PRO A 205 -23.15 13.65 3.30
CA PRO A 205 -23.70 12.33 3.11
C PRO A 205 -24.70 12.30 1.96
N VAL A 206 -24.88 11.12 1.37
CA VAL A 206 -25.94 10.87 0.39
C VAL A 206 -26.51 9.47 0.62
N THR A 207 -27.82 9.32 0.44
CA THR A 207 -28.47 8.01 0.59
C THR A 207 -28.14 7.10 -0.58
N ARG A 208 -28.05 5.81 -0.34
CA ARG A 208 -27.55 4.86 -1.34
C ARG A 208 -28.48 4.69 -2.53
N PHE A 209 -29.78 4.52 -2.25
CA PHE A 209 -30.80 4.44 -3.30
C PHE A 209 -31.91 5.42 -2.95
N GLY A 210 -32.11 6.41 -3.80
CA GLY A 210 -33.04 7.50 -3.55
C GLY A 210 -32.48 8.83 -4.04
N SER A 211 -33.35 9.83 -4.19
CA SER A 211 -32.94 11.13 -4.71
C SER A 211 -33.00 12.26 -3.67
N ASN A 212 -33.51 11.97 -2.47
CA ASN A 212 -33.60 12.98 -1.43
C ASN A 212 -32.25 13.32 -0.82
N GLY A 213 -32.17 14.48 -0.20
CA GLY A 213 -30.96 14.92 0.46
C GLY A 213 -30.87 14.32 1.86
N VAL A 214 -29.66 14.21 2.37
CA VAL A 214 -29.41 13.74 3.73
C VAL A 214 -28.86 14.90 4.55
N GLU A 215 -29.40 15.12 5.75
CA GLU A 215 -28.86 16.14 6.65
C GLU A 215 -27.40 15.79 6.93
N THR A 216 -26.55 16.81 6.97
CA THR A 216 -25.09 16.61 6.94
C THR A 216 -24.56 15.79 8.12
N SER A 217 -25.20 15.91 9.28
CA SER A 217 -24.82 15.16 10.47
C SER A 217 -25.58 13.82 10.62
N SER A 218 -26.45 13.51 9.67
CA SER A 218 -27.32 12.32 9.78
C SER A 218 -26.53 11.02 9.67
N PHE A 219 -26.89 10.05 10.50
CA PHE A 219 -26.21 8.76 10.53
C PHE A 219 -26.90 7.70 9.68
N GLY A 220 -26.15 6.65 9.36
CA GLY A 220 -26.67 5.50 8.63
C GLY A 220 -27.23 4.45 9.57
N GLU A 221 -28.56 4.40 9.66
CA GLU A 221 -29.25 3.48 10.58
C GLU A 221 -29.02 2.02 10.13
N PRO A 222 -29.37 1.03 10.98
CA PRO A 222 -29.25 -0.38 10.57
C PRO A 222 -30.19 -0.78 9.43
N ASN A 223 -30.85 0.22 8.84
CA ASN A 223 -31.58 0.07 7.60
C ASN A 223 -30.99 0.96 6.52
N GLU A 224 -30.77 2.24 6.85
CA GLU A 224 -30.42 3.25 5.87
C GLU A 224 -28.93 3.16 5.50
N ILE A 225 -28.64 3.09 4.22
CA ILE A 225 -27.26 3.01 3.73
C ILE A 225 -26.83 4.34 3.12
N LEU A 226 -25.86 5.00 3.76
CA LEU A 226 -25.34 6.27 3.28
C LEU A 226 -23.91 6.12 2.76
N LYS A 227 -23.64 6.72 1.62
CA LYS A 227 -22.27 6.98 1.20
C LYS A 227 -21.96 8.43 1.54
N HIS A 228 -20.69 8.79 1.50
CA HIS A 228 -20.27 10.18 1.68
C HIS A 228 -19.57 10.65 0.42
N VAL A 229 -19.69 11.95 0.16
CA VAL A 229 -19.05 12.58 -0.98
C VAL A 229 -18.07 13.64 -0.50
N LEU A 230 -16.80 13.51 -0.90
CA LEU A 230 -15.80 14.54 -0.71
C LEU A 230 -15.61 15.26 -2.04
N LYS A 231 -15.73 16.58 -2.02
CA LYS A 231 -15.52 17.41 -3.21
C LYS A 231 -14.39 18.43 -2.97
N ILE A 232 -13.55 18.62 -3.98
CA ILE A 232 -12.49 19.64 -3.95
C ILE A 232 -12.44 20.41 -5.27
N SER A 233 -12.26 21.73 -5.17
CA SER A 233 -11.92 22.55 -6.35
C SER A 233 -10.41 22.63 -6.42
N LEU A 234 -9.82 22.25 -7.54
CA LEU A 234 -8.36 22.19 -7.69
C LEU A 234 -7.79 23.41 -8.41
N ASP A 235 -6.96 24.20 -7.68
CA ASP A 235 -6.09 25.25 -8.24
C ASP A 235 -5.50 24.91 -9.60
N ASP A 236 -4.94 23.71 -9.68
CA ASP A 236 -4.13 23.26 -10.80
C ASP A 236 -4.90 23.30 -12.12
N THR A 237 -6.04 22.62 -12.15
CA THR A 237 -6.77 22.38 -13.40
C THR A 237 -7.95 23.34 -13.62
N LYS A 238 -8.29 24.12 -12.61
CA LYS A 238 -9.47 25.00 -12.65
C LYS A 238 -10.80 24.23 -12.77
N HIS A 239 -10.88 23.03 -12.20
CA HIS A 239 -12.12 22.25 -12.21
C HIS A 239 -12.52 21.78 -10.81
N ASP A 240 -13.73 21.23 -10.70
CA ASP A 240 -14.27 20.70 -9.45
C ASP A 240 -14.38 19.19 -9.55
N TYR A 241 -13.86 18.49 -8.54
CA TYR A 241 -13.80 17.02 -8.52
C TYR A 241 -14.52 16.47 -7.29
N TYR A 242 -15.05 15.25 -7.42
CA TYR A 242 -15.64 14.53 -6.29
C TYR A 242 -15.36 13.03 -6.36
N THR A 243 -15.29 12.40 -5.20
CA THR A 243 -15.19 10.95 -5.11
C THR A 243 -16.28 10.45 -4.18
N ILE A 244 -16.77 9.24 -4.43
CA ILE A 244 -17.78 8.60 -3.58
C ILE A 244 -17.06 7.58 -2.70
N GLY A 245 -17.36 7.59 -1.41
CA GLY A 245 -16.66 6.72 -0.47
C GLY A 245 -17.39 6.57 0.85
N THR A 246 -16.70 6.04 1.86
CA THR A 246 -17.28 5.93 3.20
C THR A 246 -16.50 6.78 4.20
N TYR A 247 -17.19 7.16 5.26
CA TYR A 247 -16.65 8.01 6.29
C TYR A 247 -16.36 7.19 7.53
N ASP A 248 -15.09 6.81 7.70
CA ASP A 248 -14.63 6.08 8.86
C ASP A 248 -14.69 6.99 10.10
N ARG A 249 -15.76 6.84 10.88
CA ARG A 249 -16.00 7.69 12.04
C ARG A 249 -15.04 7.40 13.19
N VAL A 250 -14.50 6.18 13.23
CA VAL A 250 -13.51 5.80 14.23
C VAL A 250 -12.23 6.59 13.97
N LYS A 251 -11.69 6.47 12.76
CA LYS A 251 -10.48 7.18 12.36
C LYS A 251 -10.72 8.66 12.08
N ASP A 252 -11.98 9.02 11.80
CA ASP A 252 -12.33 10.36 11.36
C ASP A 252 -11.71 10.66 9.98
N LYS A 253 -11.70 9.63 9.14
CA LYS A 253 -11.06 9.71 7.81
C LYS A 253 -12.01 9.25 6.70
N PHE A 254 -11.78 9.79 5.50
CA PHE A 254 -12.58 9.47 4.33
C PHE A 254 -11.84 8.48 3.45
N VAL A 255 -12.53 7.40 3.09
CA VAL A 255 -11.97 6.33 2.25
C VAL A 255 -12.77 6.27 0.95
N PRO A 256 -12.21 6.81 -0.15
CA PRO A 256 -12.88 6.68 -1.45
C PRO A 256 -13.06 5.21 -1.83
N ASP A 257 -14.18 4.91 -2.50
CA ASP A 257 -14.44 3.53 -2.94
C ASP A 257 -13.40 3.09 -3.95
N ASN A 258 -13.04 1.81 -3.90
CA ASN A 258 -12.09 1.23 -4.85
C ASN A 258 -12.37 1.74 -6.26
N GLY A 259 -11.33 2.26 -6.93
CA GLY A 259 -11.48 2.88 -8.24
C GLY A 259 -11.40 4.40 -8.19
N PHE A 260 -11.62 4.98 -7.01
CA PHE A 260 -11.59 6.43 -6.83
C PHE A 260 -10.27 6.90 -6.24
N LYS A 261 -9.78 8.01 -6.78
CA LYS A 261 -8.65 8.75 -6.23
C LYS A 261 -9.01 10.23 -6.25
N MET A 262 -8.82 10.92 -5.13
CA MET A 262 -9.24 12.30 -5.00
C MET A 262 -8.21 13.25 -5.61
N ASP A 263 -8.19 13.30 -6.95
CA ASP A 263 -7.32 14.20 -7.70
C ASP A 263 -7.92 14.48 -9.09
N GLY A 264 -7.09 14.81 -10.08
CA GLY A 264 -7.55 15.16 -11.41
C GLY A 264 -8.21 14.05 -12.22
N THR A 265 -8.00 12.80 -11.80
CA THR A 265 -8.58 11.64 -12.48
C THR A 265 -9.99 11.31 -11.98
N ALA A 266 -10.43 12.00 -10.93
CA ALA A 266 -11.76 11.78 -10.35
C ALA A 266 -12.84 12.36 -11.26
N PRO A 267 -14.11 11.96 -11.03
CA PRO A 267 -15.21 12.53 -11.80
C PRO A 267 -15.52 13.96 -11.38
N ARG A 268 -16.28 14.66 -12.24
CA ARG A 268 -16.66 16.05 -12.00
C ARG A 268 -18.18 16.21 -11.95
N TYR A 269 -18.65 17.24 -11.25
CA TYR A 269 -20.03 17.66 -11.36
C TYR A 269 -20.31 18.07 -12.79
N ASP A 270 -19.45 18.95 -13.30
CA ASP A 270 -19.67 19.61 -14.59
C ASP A 270 -18.37 19.52 -15.37
N TYR A 271 -18.46 19.17 -16.64
CA TYR A 271 -17.28 18.96 -17.47
C TYR A 271 -16.95 20.15 -18.35
N GLY A 272 -17.53 21.30 -18.01
CA GLY A 272 -17.26 22.55 -18.70
C GLY A 272 -16.77 23.62 -17.73
N LYS A 273 -17.40 24.79 -17.77
CA LYS A 273 -16.98 25.94 -16.98
C LYS A 273 -17.74 26.05 -15.66
N TYR A 274 -17.08 25.63 -14.58
CA TYR A 274 -17.74 25.39 -13.31
C TYR A 274 -16.70 25.27 -12.20
N TYR A 275 -16.79 26.11 -11.17
CA TYR A 275 -15.79 26.10 -10.10
C TYR A 275 -16.34 26.56 -8.74
N ALA A 276 -15.63 26.21 -7.68
CA ALA A 276 -15.93 26.69 -6.33
C ALA A 276 -17.34 26.33 -5.86
N SER A 277 -17.83 25.18 -6.30
CA SER A 277 -19.20 24.77 -6.02
C SER A 277 -19.38 24.35 -4.57
N LYS A 278 -20.60 24.54 -4.07
CA LYS A 278 -20.91 24.27 -2.68
C LYS A 278 -22.35 23.81 -2.58
N THR A 279 -22.57 22.74 -1.82
CA THR A 279 -23.92 22.27 -1.56
C THR A 279 -24.43 22.80 -0.23
N PHE A 280 -25.74 22.71 -0.04
CA PHE A 280 -26.35 22.85 1.29
C PHE A 280 -27.62 21.98 1.36
N PHE A 281 -28.06 21.68 2.58
CA PHE A 281 -29.24 20.86 2.78
C PHE A 281 -30.49 21.75 2.84
N ASP A 282 -31.34 21.64 1.82
CA ASP A 282 -32.62 22.33 1.80
C ASP A 282 -33.64 21.51 2.62
N SER A 283 -33.74 21.83 3.90
CA SER A 283 -34.65 21.12 4.81
C SER A 283 -36.14 21.33 4.50
N ALA A 284 -36.46 22.34 3.70
CA ALA A 284 -37.85 22.66 3.37
C ALA A 284 -38.47 21.66 2.41
N LYS A 285 -37.67 21.16 1.46
CA LYS A 285 -38.13 20.20 0.46
C LYS A 285 -37.23 18.96 0.37
N ASN A 286 -36.46 18.72 1.44
CA ASN A 286 -35.58 17.55 1.55
C ASN A 286 -34.76 17.25 0.30
N ARG A 287 -33.74 18.06 0.10
CA ARG A 287 -32.87 17.90 -1.04
C ARG A 287 -31.56 18.60 -0.78
N ARG A 288 -30.47 17.99 -1.23
CA ARG A 288 -29.18 18.66 -1.27
C ARG A 288 -29.20 19.48 -2.53
N ILE A 289 -28.69 20.71 -2.45
CA ILE A 289 -28.69 21.63 -3.58
C ILE A 289 -27.29 22.20 -3.78
N LEU A 290 -26.85 22.22 -5.03
CA LEU A 290 -25.48 22.54 -5.40
C LEU A 290 -25.40 23.88 -6.13
N TRP A 291 -24.59 24.79 -5.60
CA TRP A 291 -24.29 26.09 -6.24
C TRP A 291 -22.94 26.01 -6.94
N GLY A 292 -22.83 26.64 -8.12
CA GLY A 292 -21.57 26.64 -8.87
C GLY A 292 -21.27 27.95 -9.56
N TRP A 293 -20.00 28.37 -9.50
CA TRP A 293 -19.57 29.62 -10.13
C TRP A 293 -19.05 29.38 -11.54
N THR A 294 -19.62 30.09 -12.51
CA THR A 294 -19.13 30.05 -13.88
C THR A 294 -18.57 31.43 -14.27
N ASN A 295 -17.26 31.51 -14.42
CA ASN A 295 -16.58 32.75 -14.78
C ASN A 295 -16.77 33.06 -16.27
N GLU A 296 -16.27 34.19 -16.72
CA GLU A 296 -16.46 34.60 -18.11
C GLU A 296 -15.49 33.86 -19.01
N SER A 297 -15.90 33.63 -20.26
CA SER A 297 -15.01 33.10 -21.28
C SER A 297 -14.64 34.17 -22.32
N SER A 298 -15.08 35.40 -22.08
CA SER A 298 -14.65 36.56 -22.85
C SER A 298 -13.33 37.11 -22.31
N SER A 299 -12.74 38.06 -23.03
CA SER A 299 -11.49 38.69 -22.62
C SER A 299 -11.70 39.57 -21.40
N VAL A 300 -10.61 39.89 -20.70
CA VAL A 300 -10.70 40.76 -19.52
C VAL A 300 -11.08 42.16 -19.97
N GLU A 301 -10.63 42.57 -21.15
CA GLU A 301 -11.02 43.84 -21.74
C GLU A 301 -12.53 43.92 -21.89
N ASP A 302 -13.11 42.87 -22.48
CA ASP A 302 -14.56 42.78 -22.63
C ASP A 302 -15.25 42.84 -21.27
N ASP A 303 -14.70 42.13 -20.28
CA ASP A 303 -15.23 42.20 -18.90
C ASP A 303 -15.24 43.63 -18.37
N VAL A 304 -14.08 44.27 -18.39
CA VAL A 304 -13.94 45.64 -17.90
C VAL A 304 -14.87 46.60 -18.64
N GLU A 305 -15.06 46.35 -19.94
CA GLU A 305 -15.87 47.20 -20.80
C GLU A 305 -17.37 47.04 -20.55
N LYS A 306 -17.83 45.81 -20.35
CA LYS A 306 -19.24 45.54 -20.05
C LYS A 306 -19.57 45.82 -18.58
N GLY A 307 -18.55 45.75 -17.72
CA GLY A 307 -18.66 46.22 -16.33
C GLY A 307 -19.07 45.17 -15.31
N TRP A 308 -18.96 43.90 -15.69
CA TRP A 308 -19.29 42.78 -14.80
C TRP A 308 -18.58 41.52 -15.24
N SER A 309 -18.42 40.59 -14.32
CA SER A 309 -17.78 39.30 -14.61
C SER A 309 -18.31 38.24 -13.64
N GLY A 310 -18.72 37.10 -14.18
CA GLY A 310 -19.07 35.94 -13.37
C GLY A 310 -20.57 35.77 -13.15
N ILE A 311 -21.03 34.53 -13.28
CA ILE A 311 -22.41 34.17 -12.95
C ILE A 311 -22.42 32.89 -12.12
N GLN A 312 -23.53 32.64 -11.46
CA GLN A 312 -23.81 31.32 -10.92
C GLN A 312 -24.61 30.55 -11.95
N THR A 313 -24.36 29.25 -12.06
CA THR A 313 -25.27 28.38 -12.80
C THR A 313 -26.58 28.30 -12.03
N ILE A 314 -27.60 27.73 -12.67
CA ILE A 314 -28.87 27.49 -12.01
C ILE A 314 -28.63 26.42 -10.94
N PRO A 315 -29.12 26.67 -9.71
CA PRO A 315 -28.94 25.71 -8.61
C PRO A 315 -29.48 24.36 -8.99
N ARG A 316 -28.75 23.30 -8.65
CA ARG A 316 -29.20 21.96 -9.01
C ARG A 316 -29.27 20.98 -7.83
N LYS A 317 -30.41 20.30 -7.74
CA LYS A 317 -30.61 19.22 -6.78
C LYS A 317 -29.66 18.09 -7.16
N ILE A 318 -29.00 17.48 -6.19
CA ILE A 318 -28.12 16.34 -6.50
C ILE A 318 -28.37 15.14 -5.59
N TRP A 319 -27.98 13.97 -6.10
CA TRP A 319 -28.16 12.71 -5.39
C TRP A 319 -27.31 11.62 -6.02
N LEU A 320 -27.24 10.47 -5.35
CA LEU A 320 -26.48 9.32 -5.84
C LEU A 320 -27.31 8.60 -6.89
N ASP A 321 -26.68 8.14 -7.98
CA ASP A 321 -27.42 7.41 -9.00
C ASP A 321 -27.61 5.94 -8.58
N ARG A 322 -28.51 5.25 -9.27
CA ARG A 322 -28.83 3.84 -8.98
C ARG A 322 -27.59 2.95 -8.83
N SER A 323 -26.65 3.09 -9.76
CA SER A 323 -25.44 2.27 -9.76
C SER A 323 -24.44 2.61 -8.66
N GLY A 324 -24.57 3.80 -8.06
CA GLY A 324 -23.67 4.23 -7.00
C GLY A 324 -22.29 4.64 -7.48
N LYS A 325 -22.11 4.73 -8.80
CA LYS A 325 -20.80 5.05 -9.38
C LYS A 325 -20.63 6.55 -9.63
N GLN A 326 -21.72 7.30 -9.66
CA GLN A 326 -21.65 8.75 -9.86
C GLN A 326 -22.81 9.49 -9.21
N LEU A 327 -22.71 10.81 -9.20
CA LEU A 327 -23.79 11.68 -8.74
C LEU A 327 -24.64 12.11 -9.93
N ILE A 328 -25.92 12.33 -9.67
CA ILE A 328 -26.85 12.85 -10.67
C ILE A 328 -27.21 14.25 -10.24
N GLN A 329 -27.22 15.18 -11.19
CA GLN A 329 -27.59 16.55 -10.93
C GLN A 329 -28.71 16.94 -11.86
N TRP A 330 -29.57 17.83 -11.39
CA TRP A 330 -30.68 18.31 -12.19
C TRP A 330 -31.04 19.69 -11.68
N PRO A 331 -31.29 20.65 -12.60
CA PRO A 331 -31.68 21.99 -12.15
C PRO A 331 -32.88 21.91 -11.22
N VAL A 332 -32.85 22.66 -10.12
CA VAL A 332 -33.98 22.69 -9.20
C VAL A 332 -35.25 22.94 -9.99
N ARG A 333 -36.34 22.32 -9.57
CA ARG A 333 -37.57 22.32 -10.36
C ARG A 333 -38.27 23.67 -10.39
N GLU A 334 -37.92 24.56 -9.47
CA GLU A 334 -38.46 25.92 -9.45
C GLU A 334 -38.12 26.71 -10.71
N VAL A 335 -37.02 26.35 -11.37
CA VAL A 335 -36.62 26.99 -12.62
C VAL A 335 -37.66 26.78 -13.73
N GLU A 336 -38.46 25.71 -13.62
CA GLU A 336 -39.47 25.38 -14.61
C GLU A 336 -40.66 26.33 -14.57
N ARG A 337 -40.84 27.08 -13.48
CA ARG A 337 -41.89 28.08 -13.39
C ARG A 337 -41.67 29.26 -14.35
N LEU A 338 -40.42 29.50 -14.70
CA LEU A 338 -40.08 30.53 -15.69
C LEU A 338 -40.55 30.15 -17.09
N ARG A 339 -40.75 28.86 -17.34
CA ARG A 339 -41.18 28.36 -18.65
C ARG A 339 -42.49 29.00 -19.11
N THR A 340 -42.45 29.57 -20.30
CA THR A 340 -43.63 30.17 -20.92
C THR A 340 -44.74 29.13 -21.04
N LYS A 341 -45.98 29.61 -20.96
CA LYS A 341 -47.16 28.74 -20.95
C LYS A 341 -47.29 27.89 -22.24
N GLN A 342 -46.85 28.44 -23.37
CA GLN A 342 -46.99 27.79 -24.67
C GLN A 342 -45.67 27.14 -25.11
N VAL A 343 -45.61 25.81 -24.95
CA VAL A 343 -44.45 25.03 -25.35
C VAL A 343 -44.45 24.79 -26.86
N LYS A 344 -43.26 24.66 -27.44
CA LYS A 344 -43.09 24.26 -28.83
C LYS A 344 -42.70 22.79 -28.85
N ASN A 345 -43.48 21.97 -29.55
CA ASN A 345 -43.30 20.52 -29.56
C ASN A 345 -43.07 19.98 -30.96
N LEU A 346 -42.01 19.19 -31.10
CA LEU A 346 -41.82 18.35 -32.28
C LEU A 346 -41.81 16.90 -31.80
N ARG A 347 -42.48 16.02 -32.54
CA ARG A 347 -42.47 14.60 -32.23
C ARG A 347 -42.40 13.73 -33.48
N ASN A 348 -41.59 12.67 -33.39
CA ASN A 348 -41.45 11.66 -34.45
C ASN A 348 -40.93 12.22 -35.78
N LYS A 349 -39.86 13.00 -35.70
CA LYS A 349 -39.18 13.52 -36.89
C LYS A 349 -37.93 12.71 -37.14
N VAL A 350 -37.61 12.48 -38.41
CA VAL A 350 -36.41 11.72 -38.79
C VAL A 350 -35.34 12.65 -39.33
N LEU A 351 -34.30 12.88 -38.54
CA LEU A 351 -33.14 13.66 -39.00
C LEU A 351 -32.22 12.75 -39.80
N LYS A 352 -32.34 12.80 -41.13
CA LYS A 352 -31.46 12.01 -42.02
C LYS A 352 -30.03 12.55 -41.91
N SER A 353 -29.09 11.87 -42.57
CA SER A 353 -27.70 12.28 -42.56
C SER A 353 -27.50 13.66 -43.18
N GLY A 354 -26.90 14.57 -42.42
CA GLY A 354 -26.57 15.90 -42.92
C GLY A 354 -27.69 16.92 -42.79
N SER A 355 -28.72 16.58 -42.00
CA SER A 355 -29.90 17.41 -41.88
C SER A 355 -29.91 18.24 -40.61
N ARG A 356 -30.66 19.33 -40.63
CA ARG A 356 -30.99 20.07 -39.43
C ARG A 356 -32.44 20.55 -39.49
N LEU A 357 -33.12 20.54 -38.35
CA LEU A 357 -34.50 20.96 -38.24
C LEU A 357 -34.57 22.13 -37.26
N GLU A 358 -35.02 23.28 -37.76
CA GLU A 358 -35.15 24.47 -36.92
C GLU A 358 -36.40 24.39 -36.04
N VAL A 359 -36.28 24.90 -34.82
CA VAL A 359 -37.36 24.94 -33.86
C VAL A 359 -37.89 26.36 -33.79
N TYR A 360 -39.11 26.57 -34.29
CA TYR A 360 -39.72 27.90 -34.42
C TYR A 360 -40.49 28.32 -33.19
N GLY A 361 -40.70 29.63 -33.06
CA GLY A 361 -41.63 30.19 -32.08
C GLY A 361 -41.16 30.27 -30.65
N VAL A 362 -39.85 30.20 -30.44
CA VAL A 362 -39.28 30.19 -29.10
C VAL A 362 -38.25 31.31 -28.98
N THR A 363 -38.17 31.95 -27.81
CA THR A 363 -37.14 32.96 -27.57
C THR A 363 -35.79 32.25 -27.47
N ALA A 364 -35.17 32.01 -28.63
CA ALA A 364 -34.02 31.11 -28.77
C ALA A 364 -32.79 31.46 -27.93
N ALA A 365 -32.65 32.72 -27.52
CA ALA A 365 -31.53 33.16 -26.68
C ALA A 365 -31.85 33.00 -25.19
N GLN A 366 -33.10 32.68 -24.87
CA GLN A 366 -33.53 32.53 -23.49
C GLN A 366 -34.60 31.44 -23.45
N ALA A 367 -34.14 30.19 -23.36
CA ALA A 367 -35.03 29.05 -23.52
C ALA A 367 -34.55 27.84 -22.73
N ASP A 368 -35.49 26.92 -22.49
CA ASP A 368 -35.21 25.61 -21.93
C ASP A 368 -35.68 24.60 -22.95
N VAL A 369 -34.82 23.65 -23.33
CA VAL A 369 -35.19 22.65 -24.31
C VAL A 369 -34.77 21.25 -23.87
N GLU A 370 -35.74 20.32 -23.89
CA GLU A 370 -35.52 18.90 -23.62
C GLU A 370 -35.82 18.09 -24.86
N VAL A 371 -34.95 17.14 -25.19
CA VAL A 371 -35.10 16.34 -26.40
C VAL A 371 -34.78 14.87 -26.14
N LEU A 372 -35.51 13.97 -26.81
CA LEU A 372 -35.25 12.53 -26.79
C LEU A 372 -34.83 12.07 -28.18
N PHE A 373 -33.70 11.37 -28.25
CA PHE A 373 -33.18 10.83 -29.50
C PHE A 373 -33.25 9.31 -29.44
N LYS A 374 -33.70 8.69 -30.53
CA LYS A 374 -33.65 7.23 -30.66
C LYS A 374 -32.84 6.88 -31.91
N VAL A 375 -31.80 6.07 -31.72
CA VAL A 375 -31.04 5.52 -32.82
C VAL A 375 -31.66 4.18 -33.19
N ARG A 376 -31.67 3.86 -34.48
CA ARG A 376 -32.30 2.64 -34.98
C ARG A 376 -31.30 1.49 -35.12
N ASP A 377 -30.13 1.79 -35.65
CA ASP A 377 -29.12 0.77 -35.96
C ASP A 377 -27.87 0.95 -35.10
N LEU A 378 -27.92 0.46 -33.87
CA LEU A 378 -26.78 0.56 -32.95
C LEU A 378 -25.55 -0.21 -33.45
N GLU A 379 -25.77 -1.37 -34.06
CA GLU A 379 -24.67 -2.20 -34.59
C GLU A 379 -23.84 -1.49 -35.68
N LYS A 380 -24.41 -0.45 -36.31
CA LYS A 380 -23.69 0.36 -37.30
C LYS A 380 -22.69 1.37 -36.66
N ALA A 381 -22.58 1.37 -35.33
CA ALA A 381 -21.69 2.30 -34.64
C ALA A 381 -20.23 1.89 -34.79
N ASP A 382 -19.35 2.88 -34.86
CA ASP A 382 -17.92 2.64 -35.08
C ASP A 382 -17.23 2.17 -33.80
N VAL A 383 -16.23 1.30 -33.96
CA VAL A 383 -15.46 0.80 -32.82
C VAL A 383 -14.52 1.90 -32.34
N ILE A 384 -14.65 2.28 -31.06
CA ILE A 384 -13.82 3.32 -30.47
C ILE A 384 -12.36 2.86 -30.36
N GLU A 385 -11.43 3.79 -30.57
CA GLU A 385 -10.02 3.49 -30.41
C GLU A 385 -9.75 3.31 -28.92
N PRO A 386 -9.08 2.20 -28.54
CA PRO A 386 -8.84 1.96 -27.12
C PRO A 386 -7.98 3.01 -26.41
N SER A 387 -7.17 3.76 -27.18
CA SER A 387 -6.34 4.83 -26.64
C SER A 387 -7.09 6.16 -26.43
N TRP A 388 -8.32 6.24 -26.95
CA TRP A 388 -9.15 7.44 -26.82
C TRP A 388 -9.85 7.43 -25.47
N THR A 389 -9.18 7.96 -24.46
CA THR A 389 -9.67 7.89 -23.08
C THR A 389 -10.19 9.23 -22.54
N ASP A 390 -9.75 10.33 -23.14
CA ASP A 390 -10.11 11.68 -22.70
C ASP A 390 -11.24 12.23 -23.57
N PRO A 391 -12.46 12.36 -23.00
CA PRO A 391 -13.61 12.75 -23.81
C PRO A 391 -13.50 14.17 -24.38
N GLN A 392 -12.92 15.11 -23.62
CA GLN A 392 -12.75 16.47 -24.13
C GLN A 392 -11.90 16.48 -25.39
N LEU A 393 -10.78 15.76 -25.35
CA LEU A 393 -9.86 15.72 -26.48
C LEU A 393 -10.47 15.11 -27.73
N ILE A 394 -11.41 14.17 -27.55
CA ILE A 394 -12.13 13.58 -28.68
C ILE A 394 -13.00 14.63 -29.37
N CYS A 395 -13.75 15.38 -28.58
CA CYS A 395 -14.58 16.47 -29.09
C CYS A 395 -13.77 17.54 -29.82
N SER A 396 -12.52 17.75 -29.39
CA SER A 396 -11.64 18.76 -29.99
C SER A 396 -11.18 18.39 -31.39
N LYS A 397 -10.82 17.12 -31.58
CA LYS A 397 -10.29 16.64 -32.85
C LYS A 397 -11.37 16.13 -33.80
N MET A 398 -12.46 15.61 -33.25
CA MET A 398 -13.62 15.20 -34.04
C MET A 398 -14.75 16.21 -33.90
N ASN A 399 -14.64 17.31 -34.66
CA ASN A 399 -15.66 18.36 -34.67
C ASN A 399 -16.90 17.94 -35.47
N VAL A 400 -17.93 18.78 -35.49
CA VAL A 400 -19.22 18.41 -36.10
C VAL A 400 -19.16 18.15 -37.61
N SER A 401 -18.12 18.64 -38.28
CA SER A 401 -17.95 18.37 -39.71
C SER A 401 -17.30 17.01 -39.97
N VAL A 402 -16.83 16.34 -38.92
CA VAL A 402 -16.32 14.98 -39.02
C VAL A 402 -17.44 13.99 -38.71
N LYS A 403 -17.88 13.26 -39.74
CA LYS A 403 -18.98 12.30 -39.63
C LYS A 403 -18.55 11.01 -38.95
N SER A 404 -19.46 10.39 -38.20
CA SER A 404 -19.30 9.01 -37.73
C SER A 404 -20.62 8.26 -37.88
N GLY A 405 -20.59 6.94 -37.68
CA GLY A 405 -21.76 6.08 -37.82
C GLY A 405 -22.98 6.62 -37.10
N LEU A 406 -22.86 6.80 -35.78
CA LEU A 406 -23.88 7.46 -34.98
C LEU A 406 -23.31 8.78 -34.48
N GLY A 407 -23.81 9.89 -35.03
CA GLY A 407 -23.42 11.23 -34.58
C GLY A 407 -22.39 11.88 -35.49
N PRO A 408 -22.22 13.22 -35.36
CA PRO A 408 -22.81 14.09 -34.35
C PRO A 408 -24.31 14.31 -34.54
N PHE A 409 -25.07 14.08 -33.48
CA PHE A 409 -26.48 14.49 -33.45
C PHE A 409 -26.84 15.14 -32.12
N GLY A 410 -27.66 16.17 -32.18
CA GLY A 410 -28.02 16.92 -30.98
C GLY A 410 -28.65 18.25 -31.31
N LEU A 411 -28.23 19.29 -30.57
CA LEU A 411 -28.76 20.63 -30.73
C LEU A 411 -27.70 21.61 -31.22
N MET A 412 -28.13 22.61 -31.99
CA MET A 412 -27.33 23.79 -32.27
C MET A 412 -28.00 25.00 -31.63
N VAL A 413 -27.42 25.47 -30.53
CA VAL A 413 -28.00 26.54 -29.71
C VAL A 413 -27.25 27.86 -29.92
N LEU A 414 -27.92 28.96 -29.58
CA LEU A 414 -27.39 30.31 -29.82
C LEU A 414 -26.79 30.45 -31.22
N ALA A 415 -27.59 30.05 -32.21
CA ALA A 415 -27.14 29.99 -33.59
C ALA A 415 -27.69 31.16 -34.41
N SER A 416 -26.90 31.65 -35.35
CA SER A 416 -27.41 32.63 -36.31
C SER A 416 -28.20 31.89 -37.39
N LYS A 417 -29.01 32.65 -38.12
CA LYS A 417 -29.94 32.11 -39.13
C LYS A 417 -29.23 31.33 -40.23
N ASN A 418 -28.07 31.83 -40.65
CA ASN A 418 -27.25 31.18 -41.68
C ASN A 418 -26.07 30.43 -41.07
N LEU A 419 -26.14 30.18 -39.76
CA LEU A 419 -25.12 29.44 -39.02
C LEU A 419 -23.69 29.96 -39.26
N GLU A 420 -23.56 31.28 -39.24
CA GLU A 420 -22.25 31.92 -39.15
C GLU A 420 -21.70 31.61 -37.76
N GLU A 421 -22.58 31.62 -36.78
CA GLU A 421 -22.25 31.30 -35.39
C GLU A 421 -23.20 30.23 -34.87
N TYR A 422 -22.67 29.32 -34.06
CA TYR A 422 -23.50 28.33 -33.35
C TYR A 422 -22.69 27.57 -32.28
N THR A 423 -23.40 27.05 -31.30
CA THR A 423 -22.82 26.19 -30.27
C THR A 423 -23.46 24.81 -30.39
N SER A 424 -22.66 23.78 -30.66
CA SER A 424 -23.16 22.43 -30.83
C SER A 424 -23.10 21.66 -29.51
N VAL A 425 -24.25 21.20 -29.04
CA VAL A 425 -24.33 20.25 -27.92
C VAL A 425 -24.86 18.93 -28.49
N TYR A 426 -23.98 17.95 -28.62
CA TYR A 426 -24.30 16.74 -29.37
C TYR A 426 -23.77 15.43 -28.78
N PHE A 427 -24.22 14.32 -29.38
CA PHE A 427 -23.79 12.98 -29.02
C PHE A 427 -23.01 12.30 -30.16
N ARG A 428 -22.07 11.43 -29.76
CA ARG A 428 -21.53 10.40 -30.63
C ARG A 428 -21.68 9.08 -29.91
N ILE A 429 -21.99 8.01 -30.65
CA ILE A 429 -22.07 6.68 -30.07
C ILE A 429 -21.02 5.77 -30.70
N PHE A 430 -20.14 5.22 -29.87
CA PHE A 430 -19.15 4.25 -30.33
C PHE A 430 -19.45 2.88 -29.77
N LYS A 431 -18.96 1.86 -30.47
CA LYS A 431 -18.98 0.49 -29.98
C LYS A 431 -17.76 0.34 -29.09
N ALA A 432 -17.97 -0.12 -27.86
CA ALA A 432 -16.89 -0.26 -26.88
C ALA A 432 -15.73 -1.10 -27.43
N ARG A 433 -16.08 -2.17 -28.13
CA ARG A 433 -15.08 -3.10 -28.66
C ARG A 433 -15.66 -3.78 -29.91
N GLN A 434 -14.80 -4.41 -30.71
CA GLN A 434 -15.22 -5.02 -31.98
C GLN A 434 -16.22 -6.17 -31.74
N ASN A 435 -17.35 -6.11 -32.46
CA ASN A 435 -18.46 -7.09 -32.31
C ASN A 435 -19.13 -7.13 -30.93
N SER A 436 -18.98 -6.05 -30.15
CA SER A 436 -19.53 -5.99 -28.80
C SER A 436 -20.99 -5.52 -28.78
N ASN A 437 -21.65 -5.75 -27.63
CA ASN A 437 -22.96 -5.17 -27.37
C ASN A 437 -22.87 -4.00 -26.37
N LYS A 438 -21.67 -3.76 -25.83
CA LYS A 438 -21.41 -2.59 -24.96
C LYS A 438 -21.08 -1.36 -25.82
N TYR A 439 -21.66 -0.21 -25.48
CA TYR A 439 -21.49 1.01 -26.27
C TYR A 439 -21.03 2.19 -25.42
N VAL A 440 -20.34 3.12 -26.06
CA VAL A 440 -19.84 4.33 -25.40
C VAL A 440 -20.55 5.57 -25.96
N VAL A 441 -21.25 6.29 -25.10
CA VAL A 441 -21.92 7.54 -25.47
C VAL A 441 -21.06 8.73 -25.09
N LEU A 442 -20.64 9.52 -26.08
CA LEU A 442 -19.87 10.75 -25.83
C LEU A 442 -20.79 11.97 -25.93
N MET A 443 -20.59 12.93 -25.03
CA MET A 443 -21.33 14.20 -25.07
C MET A 443 -20.35 15.34 -25.29
N CYS A 444 -20.59 16.17 -26.31
CA CYS A 444 -19.74 17.32 -26.59
C CYS A 444 -20.51 18.62 -26.46
N SER A 445 -19.85 19.62 -25.87
CA SER A 445 -20.29 21.00 -25.95
C SER A 445 -19.22 21.76 -26.74
N ASP A 446 -19.48 21.94 -28.03
CA ASP A 446 -18.51 22.55 -28.94
C ASP A 446 -18.86 24.01 -29.18
N GLN A 447 -17.97 24.91 -28.76
CA GLN A 447 -18.16 26.35 -29.01
C GLN A 447 -17.01 26.94 -29.83
N SER A 448 -16.53 26.15 -30.80
CA SER A 448 -15.48 26.59 -31.72
C SER A 448 -15.99 27.65 -32.69
N ARG A 449 -17.26 27.57 -33.05
CA ARG A 449 -17.88 28.55 -33.93
C ARG A 449 -19.05 29.23 -33.23
N SER A 450 -18.87 29.55 -31.95
CA SER A 450 -19.91 30.17 -31.16
C SER A 450 -19.98 31.69 -31.35
N SER A 451 -18.86 32.29 -31.75
CA SER A 451 -18.76 33.74 -31.92
C SER A 451 -17.76 34.10 -33.02
N LEU A 452 -18.06 35.16 -33.76
CA LEU A 452 -17.15 35.68 -34.79
C LEU A 452 -15.93 36.39 -34.18
N LYS A 453 -16.06 36.84 -32.94
CA LYS A 453 -14.94 37.44 -32.22
C LYS A 453 -14.00 36.33 -31.73
N GLU A 454 -12.72 36.46 -32.05
CA GLU A 454 -11.74 35.42 -31.74
C GLU A 454 -11.19 35.54 -30.33
N ASP A 455 -11.37 36.70 -29.70
CA ASP A 455 -10.89 36.93 -28.33
C ASP A 455 -11.54 36.00 -27.30
N ASN A 456 -12.73 35.50 -27.60
CA ASN A 456 -13.44 34.64 -26.66
C ASN A 456 -12.72 33.30 -26.52
N ASP A 457 -12.69 32.78 -25.30
CA ASP A 457 -12.16 31.45 -25.05
C ASP A 457 -13.14 30.44 -25.62
N LYS A 458 -12.82 29.91 -26.80
CA LYS A 458 -13.69 29.00 -27.53
C LYS A 458 -13.30 27.52 -27.35
N THR A 459 -12.79 27.17 -26.17
CA THR A 459 -12.46 25.79 -25.85
C THR A 459 -13.72 24.92 -25.88
N THR A 460 -13.56 23.68 -26.36
CA THR A 460 -14.65 22.72 -26.44
C THR A 460 -14.60 21.78 -25.24
N TYR A 461 -15.78 21.30 -24.82
CA TYR A 461 -15.90 20.40 -23.68
C TYR A 461 -16.49 19.04 -24.08
N GLY A 462 -16.14 18.01 -23.31
CA GLY A 462 -16.63 16.65 -23.52
C GLY A 462 -16.82 15.87 -22.24
N ALA A 463 -17.61 14.80 -22.32
CA ALA A 463 -17.83 13.89 -21.19
C ALA A 463 -18.57 12.64 -21.65
N PHE A 464 -18.08 11.47 -21.25
CA PHE A 464 -18.80 10.22 -21.50
C PHE A 464 -20.03 10.15 -20.60
N VAL A 465 -21.08 9.50 -21.09
CA VAL A 465 -22.34 9.42 -20.39
C VAL A 465 -22.71 7.95 -20.15
N ASP A 466 -22.92 7.59 -18.89
CA ASP A 466 -23.20 6.21 -18.52
C ASP A 466 -24.69 5.89 -18.74
N ILE A 467 -25.08 5.77 -20.01
CA ILE A 467 -26.46 5.42 -20.38
C ILE A 467 -26.50 4.40 -21.52
N ASN A 468 -27.55 3.59 -21.53
CA ASN A 468 -27.74 2.54 -22.53
C ASN A 468 -28.35 3.11 -23.82
N PRO A 469 -27.60 3.11 -24.94
CA PRO A 469 -28.12 3.70 -26.17
C PRO A 469 -29.26 2.92 -26.82
N HIS A 470 -29.51 1.67 -26.36
CA HIS A 470 -30.70 0.93 -26.78
C HIS A 470 -31.97 1.70 -26.40
N GLN A 471 -31.95 2.32 -25.21
CA GLN A 471 -33.03 3.20 -24.78
C GLN A 471 -32.83 4.59 -25.37
N PRO A 472 -33.88 5.42 -25.40
CA PRO A 472 -33.73 6.77 -25.96
C PRO A 472 -32.73 7.62 -25.17
N LEU A 473 -32.01 8.49 -25.88
CA LEU A 473 -31.03 9.40 -25.28
C LEU A 473 -31.65 10.74 -24.92
N SER A 474 -31.58 11.09 -23.64
CA SER A 474 -32.07 12.38 -23.13
C SER A 474 -31.03 13.49 -23.26
N LEU A 475 -31.50 14.71 -23.52
CA LEU A 475 -30.64 15.88 -23.58
C LEU A 475 -31.45 17.13 -23.25
N ARG A 476 -31.02 17.85 -22.21
CA ARG A 476 -31.64 19.10 -21.84
C ARG A 476 -30.64 20.25 -21.93
N ALA A 477 -31.10 21.39 -22.42
CA ALA A 477 -30.27 22.59 -22.50
C ALA A 477 -31.01 23.80 -21.95
N LEU A 478 -30.41 24.45 -20.95
CA LEU A 478 -30.85 25.77 -20.52
C LEU A 478 -30.05 26.80 -21.30
N ILE A 479 -30.72 27.72 -21.97
CA ILE A 479 -30.06 28.73 -22.81
C ILE A 479 -30.38 30.12 -22.28
N ASP A 480 -29.37 30.96 -22.12
CA ASP A 480 -29.55 32.26 -21.48
C ASP A 480 -28.50 33.29 -21.93
N HIS A 481 -28.59 33.66 -23.21
CA HIS A 481 -27.80 34.76 -23.81
C HIS A 481 -26.30 34.51 -23.95
N SER A 482 -25.63 34.28 -22.82
CA SER A 482 -24.19 34.00 -22.83
C SER A 482 -23.80 32.75 -22.06
N VAL A 483 -24.78 31.93 -21.67
CA VAL A 483 -24.52 30.68 -20.97
C VAL A 483 -25.42 29.58 -21.51
N VAL A 484 -24.84 28.39 -21.69
CA VAL A 484 -25.59 27.20 -22.09
C VAL A 484 -25.29 26.12 -21.05
N GLU A 485 -26.33 25.58 -20.41
CA GLU A 485 -26.16 24.49 -19.45
C GLU A 485 -26.76 23.22 -20.02
N SER A 486 -25.91 22.23 -20.29
CA SER A 486 -26.33 21.00 -20.97
C SER A 486 -26.31 19.82 -20.02
N PHE A 487 -27.36 19.00 -20.08
CA PHE A 487 -27.50 17.81 -19.23
C PHE A 487 -27.81 16.59 -20.09
N GLY A 488 -26.83 15.71 -20.23
CA GLY A 488 -27.01 14.44 -20.93
C GLY A 488 -27.52 13.35 -20.00
N GLY A 489 -28.35 12.46 -20.53
CA GLY A 489 -28.84 11.30 -19.80
C GLY A 489 -29.51 11.62 -18.47
N LYS A 490 -30.43 12.57 -18.50
CA LYS A 490 -31.19 12.97 -17.32
C LYS A 490 -30.29 13.31 -16.13
N GLY A 491 -29.17 13.99 -16.41
CA GLY A 491 -28.30 14.52 -15.36
C GLY A 491 -27.01 13.78 -15.06
N ARG A 492 -26.67 12.78 -15.87
CA ARG A 492 -25.45 12.00 -15.65
C ARG A 492 -24.20 12.68 -16.22
N ALA A 493 -24.39 13.65 -17.11
CA ALA A 493 -23.29 14.40 -17.72
C ALA A 493 -23.69 15.87 -17.91
N CYS A 494 -23.03 16.77 -17.19
CA CYS A 494 -23.33 18.21 -17.24
C CYS A 494 -22.18 19.01 -17.84
N ILE A 495 -22.50 19.91 -18.77
CA ILE A 495 -21.50 20.77 -19.40
C ILE A 495 -22.01 22.20 -19.49
N THR A 496 -21.53 23.05 -18.59
CA THR A 496 -21.83 24.48 -18.64
C THR A 496 -20.81 25.13 -19.56
N SER A 497 -21.26 26.06 -20.40
CA SER A 497 -20.36 26.79 -21.27
C SER A 497 -20.75 28.26 -21.38
N ARG A 498 -19.77 29.10 -21.74
CA ARG A 498 -20.00 30.53 -21.91
C ARG A 498 -19.66 30.93 -23.35
N VAL A 499 -20.59 31.62 -24.00
CA VAL A 499 -20.42 32.05 -25.39
C VAL A 499 -20.88 33.51 -25.53
N TYR A 500 -20.34 34.19 -26.54
CA TYR A 500 -20.59 35.62 -26.73
C TYR A 500 -20.74 35.95 -28.22
N PRO A 501 -21.90 35.57 -28.80
CA PRO A 501 -22.08 35.73 -30.25
C PRO A 501 -22.27 37.18 -30.67
N LYS A 502 -21.85 37.48 -31.89
CA LYS A 502 -22.04 38.79 -32.49
C LYS A 502 -23.38 38.92 -33.20
N LEU A 503 -23.83 37.84 -33.85
CA LEU A 503 -25.09 37.83 -34.58
C LEU A 503 -26.23 37.22 -33.77
N ALA A 504 -25.96 36.10 -33.11
CA ALA A 504 -26.98 35.33 -32.41
C ALA A 504 -27.35 35.98 -31.08
N ILE A 505 -28.08 37.08 -31.16
CA ILE A 505 -28.50 37.88 -30.00
C ILE A 505 -30.01 38.12 -30.04
N GLY A 506 -30.67 37.96 -28.90
CA GLY A 506 -32.10 38.21 -28.78
C GLY A 506 -32.95 37.54 -29.86
N LYS A 507 -33.63 38.36 -30.65
CA LYS A 507 -34.50 37.88 -31.73
C LYS A 507 -33.72 37.24 -32.89
N SER A 508 -32.41 37.49 -32.96
CA SER A 508 -31.58 37.00 -34.06
C SER A 508 -30.86 35.69 -33.74
N SER A 509 -31.12 35.10 -32.58
CA SER A 509 -30.61 33.75 -32.30
C SER A 509 -31.66 32.74 -32.73
N HIS A 510 -31.18 31.54 -33.06
CA HIS A 510 -32.05 30.46 -33.53
C HIS A 510 -31.65 29.14 -32.90
N LEU A 511 -32.54 28.15 -33.02
CA LEU A 511 -32.36 26.85 -32.37
C LEU A 511 -32.66 25.72 -33.37
N PHE A 512 -31.71 24.82 -33.54
CA PHE A 512 -31.85 23.70 -34.47
C PHE A 512 -31.60 22.38 -33.77
N ALA A 513 -32.39 21.36 -34.14
CA ALA A 513 -32.01 19.97 -33.92
C ALA A 513 -31.28 19.55 -35.19
N PHE A 514 -30.28 18.69 -35.07
CA PHE A 514 -29.44 18.34 -36.21
C PHE A 514 -28.84 16.94 -36.12
N ASN A 515 -28.37 16.45 -37.26
CA ASN A 515 -27.72 15.14 -37.36
C ASN A 515 -26.78 15.13 -38.56
N TYR A 516 -25.48 15.03 -38.29
CA TYR A 516 -24.47 14.95 -39.34
C TYR A 516 -23.77 13.59 -39.38
N GLY A 517 -24.29 12.62 -38.64
CA GLY A 517 -23.78 11.24 -38.71
C GLY A 517 -24.21 10.56 -40.00
N TYR A 518 -23.65 9.37 -40.25
CA TYR A 518 -23.99 8.59 -41.45
C TYR A 518 -25.40 8.02 -41.35
N GLN A 519 -25.72 7.41 -40.21
CA GLN A 519 -27.06 6.87 -39.99
C GLN A 519 -28.03 7.99 -39.65
N SER A 520 -29.31 7.74 -39.87
CA SER A 520 -30.34 8.71 -39.49
C SER A 520 -30.77 8.42 -38.06
N VAL A 521 -31.15 9.47 -37.34
CA VAL A 521 -31.65 9.35 -35.98
C VAL A 521 -33.02 9.98 -35.88
N ASP A 522 -33.90 9.38 -35.08
CA ASP A 522 -35.22 9.93 -34.84
C ASP A 522 -35.18 10.91 -33.68
N VAL A 523 -36.08 11.89 -33.71
CA VAL A 523 -36.34 12.76 -32.56
C VAL A 523 -37.73 12.38 -32.05
N LEU A 524 -37.76 11.49 -31.06
CA LEU A 524 -39.01 11.03 -30.45
C LEU A 524 -39.83 12.19 -29.94
N ASN A 525 -39.16 13.09 -29.22
CA ASN A 525 -39.82 14.23 -28.61
C ASN A 525 -38.83 15.37 -28.40
N LEU A 526 -39.25 16.58 -28.75
CA LEU A 526 -38.47 17.78 -28.51
C LEU A 526 -39.39 18.87 -28.00
N ASN A 527 -39.21 19.24 -26.73
CA ASN A 527 -39.95 20.35 -26.13
C ASN A 527 -39.01 21.53 -25.94
N ALA A 528 -39.39 22.67 -26.51
CA ALA A 528 -38.64 23.92 -26.34
C ALA A 528 -39.55 24.98 -25.76
N TRP A 529 -39.25 25.42 -24.54
CA TRP A 529 -40.00 26.49 -23.89
C TRP A 529 -39.20 27.79 -23.97
N SER A 530 -39.89 28.89 -24.23
CA SER A 530 -39.32 30.20 -23.98
C SER A 530 -39.26 30.39 -22.46
N MET A 531 -38.20 31.04 -21.99
CA MET A 531 -38.03 31.29 -20.56
C MET A 531 -38.21 32.77 -20.24
N ASN A 532 -39.14 33.06 -19.33
CA ASN A 532 -39.29 34.41 -18.80
C ASN A 532 -38.08 34.80 -17.97
N SER A 533 -37.91 36.10 -17.79
CA SER A 533 -36.82 36.63 -16.98
C SER A 533 -37.18 36.55 -15.50
N ALA A 534 -36.20 36.19 -14.67
CA ALA A 534 -36.36 36.21 -13.23
C ALA A 534 -36.06 37.61 -12.71
N GLN A 535 -36.62 37.96 -11.55
CA GLN A 535 -36.25 39.19 -10.88
C GLN A 535 -35.04 38.93 -9.97
N ILE A 536 -33.85 39.29 -10.46
CA ILE A 536 -32.59 38.93 -9.80
C ILE A 536 -31.75 40.12 -9.37
N SER A 537 -31.52 40.21 -8.06
CA SER A 537 -30.62 41.18 -7.40
C SER A 537 -30.11 42.31 -8.29
N ASN B 4 19.82 29.16 -5.16
CA ASN B 4 19.42 28.88 -6.56
C ASN B 4 17.95 28.45 -6.68
N LEU B 5 17.12 29.06 -5.85
CA LEU B 5 15.68 29.05 -6.06
C LEU B 5 15.40 29.81 -7.34
N VAL B 6 16.14 30.91 -7.54
CA VAL B 6 16.05 31.71 -8.76
C VAL B 6 16.42 30.88 -10.00
N GLU B 7 17.50 30.11 -9.89
CA GLU B 7 17.99 29.30 -11.00
C GLU B 7 16.99 28.25 -11.44
N THR B 8 16.47 27.49 -10.47
CA THR B 8 15.52 26.42 -10.76
C THR B 8 14.14 26.98 -11.12
N THR B 9 13.75 28.07 -10.47
CA THR B 9 12.51 28.78 -10.82
C THR B 9 12.54 29.21 -12.29
N CYS B 10 13.68 29.73 -12.73
CA CYS B 10 13.82 30.22 -14.10
C CYS B 10 14.01 29.12 -15.13
N LYS B 11 14.59 27.99 -14.72
CA LYS B 11 14.63 26.80 -15.59
C LYS B 11 13.23 26.41 -16.07
N ASN B 12 12.24 26.47 -15.19
CA ASN B 12 10.87 26.12 -15.56
C ASN B 12 10.05 27.34 -15.99
N THR B 13 10.57 28.08 -16.96
CA THR B 13 9.86 29.17 -17.63
C THR B 13 10.22 29.16 -19.11
N PRO B 14 9.39 29.79 -19.97
CA PRO B 14 9.65 29.82 -21.42
C PRO B 14 10.88 30.60 -21.89
N ASN B 15 11.56 31.30 -20.98
CA ASN B 15 12.72 32.11 -21.34
C ASN B 15 13.66 32.28 -20.13
N TYR B 16 14.59 31.34 -20.00
CA TYR B 16 15.50 31.29 -18.85
C TYR B 16 16.29 32.58 -18.66
N GLN B 17 16.79 33.16 -19.75
CA GLN B 17 17.66 34.33 -19.67
C GLN B 17 16.87 35.60 -19.27
N LEU B 18 15.71 35.81 -19.88
CA LEU B 18 14.88 36.95 -19.52
C LEU B 18 14.46 36.86 -18.06
N CYS B 19 14.09 35.66 -17.63
CA CYS B 19 13.73 35.39 -16.24
C CYS B 19 14.88 35.75 -15.30
N LEU B 20 16.06 35.24 -15.62
CA LEU B 20 17.25 35.43 -14.79
C LEU B 20 17.65 36.91 -14.72
N LYS B 21 17.71 37.58 -15.87
CA LYS B 21 18.00 39.02 -15.92
C LYS B 21 17.07 39.82 -15.01
N THR B 22 15.78 39.52 -15.08
CA THR B 22 14.77 40.28 -14.37
C THR B 22 14.85 40.11 -12.86
N LEU B 23 14.97 38.86 -12.40
CA LEU B 23 14.97 38.57 -10.96
C LEU B 23 16.22 39.12 -10.28
N LEU B 24 17.35 39.08 -10.99
CA LEU B 24 18.61 39.59 -10.44
C LEU B 24 18.64 41.12 -10.31
N SER B 25 17.81 41.80 -11.10
CA SER B 25 17.71 43.26 -11.04
C SER B 25 16.91 43.78 -9.84
N ASP B 26 16.39 42.85 -9.02
CA ASP B 26 15.59 43.21 -7.87
C ASP B 26 16.14 42.46 -6.65
N LYS B 27 16.72 43.19 -5.70
CA LYS B 27 17.36 42.59 -4.52
C LYS B 27 16.45 41.68 -3.70
N ARG B 28 15.14 41.88 -3.82
CA ARG B 28 14.18 41.01 -3.15
C ARG B 28 14.38 39.53 -3.49
N SER B 29 15.03 39.26 -4.62
CA SER B 29 15.27 37.88 -5.10
C SER B 29 16.42 37.14 -4.42
N ALA B 30 17.26 37.83 -3.67
CA ALA B 30 18.39 37.18 -3.00
C ALA B 30 17.87 36.16 -1.99
N THR B 31 16.90 36.58 -1.18
CA THR B 31 16.36 35.76 -0.10
C THR B 31 14.86 35.48 -0.30
N GLY B 32 14.32 35.83 -1.46
CA GLY B 32 12.88 35.77 -1.68
C GLY B 32 12.39 34.39 -2.05
N ASP B 33 11.19 34.05 -1.59
CA ASP B 33 10.54 32.80 -1.98
C ASP B 33 9.82 32.98 -3.33
N ILE B 34 9.14 31.95 -3.81
CA ILE B 34 8.58 31.94 -5.16
C ILE B 34 7.55 33.06 -5.38
N THR B 35 6.80 33.40 -4.32
CA THR B 35 5.83 34.49 -4.37
C THR B 35 6.52 35.84 -4.55
N THR B 36 7.67 36.02 -3.89
CA THR B 36 8.44 37.25 -4.08
C THR B 36 8.94 37.35 -5.51
N LEU B 37 9.48 36.24 -6.03
CA LEU B 37 9.95 36.19 -7.42
C LEU B 37 8.84 36.50 -8.43
N ALA B 38 7.61 36.06 -8.12
CA ALA B 38 6.45 36.37 -8.95
C ALA B 38 6.13 37.86 -8.92
N LEU B 39 6.17 38.45 -7.72
CA LEU B 39 5.92 39.89 -7.56
C LEU B 39 6.97 40.73 -8.29
N ILE B 40 8.23 40.28 -8.29
CA ILE B 40 9.29 40.96 -9.04
C ILE B 40 9.00 40.95 -10.54
N MET B 41 8.42 39.86 -11.03
CA MET B 41 8.09 39.72 -12.43
C MET B 41 6.96 40.67 -12.82
N VAL B 42 5.98 40.80 -11.93
CA VAL B 42 4.82 41.68 -12.15
C VAL B 42 5.27 43.14 -12.26
N ASP B 43 6.19 43.54 -11.37
CA ASP B 43 6.86 44.84 -11.46
C ASP B 43 7.52 45.05 -12.82
N ALA B 44 8.21 44.03 -13.32
CA ALA B 44 8.91 44.13 -14.59
C ALA B 44 7.92 44.35 -15.73
N ILE B 45 6.78 43.66 -15.65
CA ILE B 45 5.72 43.79 -16.65
C ILE B 45 5.11 45.19 -16.54
N LYS B 46 4.84 45.61 -15.30
CA LYS B 46 4.29 46.93 -15.02
C LYS B 46 5.18 48.05 -15.54
N ALA B 47 6.49 47.86 -15.44
CA ALA B 47 7.46 48.84 -15.90
C ALA B 47 7.42 49.00 -17.43
N LYS B 48 7.27 47.88 -18.14
CA LYS B 48 7.19 47.91 -19.60
C LYS B 48 5.82 48.40 -20.08
N ALA B 49 4.76 47.95 -19.42
CA ALA B 49 3.40 48.31 -19.79
C ALA B 49 3.13 49.81 -19.58
N ASN B 50 3.75 50.39 -18.55
CA ASN B 50 3.75 51.84 -18.37
C ASN B 50 4.36 52.57 -19.57
N GLN B 51 5.52 52.12 -20.03
CA GLN B 51 6.20 52.73 -21.18
C GLN B 51 5.39 52.57 -22.46
N ALA B 52 4.88 51.36 -22.68
CA ALA B 52 3.99 51.08 -23.79
C ALA B 52 2.82 52.08 -23.78
N ALA B 53 2.22 52.23 -22.61
CA ALA B 53 1.10 53.15 -22.40
C ALA B 53 1.43 54.60 -22.76
N VAL B 54 2.59 55.08 -22.31
CA VAL B 54 3.02 56.46 -22.57
C VAL B 54 3.38 56.65 -24.05
N THR B 55 4.04 55.65 -24.64
CA THR B 55 4.35 55.65 -26.06
C THR B 55 3.07 55.75 -26.91
N ILE B 56 2.08 54.92 -26.57
CA ILE B 56 0.79 54.91 -27.27
C ILE B 56 0.11 56.27 -27.23
N SER B 57 0.25 56.99 -26.12
CA SER B 57 -0.31 58.33 -26.01
C SER B 57 0.31 59.27 -27.04
N LYS B 58 1.65 59.28 -27.13
CA LYS B 58 2.36 60.15 -28.09
C LYS B 58 1.82 60.01 -29.50
N LEU B 59 1.73 58.78 -29.99
CA LEU B 59 1.32 58.52 -31.37
C LEU B 59 -0.14 58.89 -31.62
N ARG B 60 -0.96 58.86 -30.59
CA ARG B 60 -2.36 59.28 -30.70
C ARG B 60 -2.50 60.80 -30.66
N HIS B 61 -1.58 61.46 -29.95
CA HIS B 61 -1.52 62.93 -29.94
C HIS B 61 -0.50 63.43 -30.98
N SER B 62 -0.48 62.77 -32.14
CA SER B 62 0.44 63.13 -33.23
C SER B 62 -0.04 62.67 -34.62
N ASN B 63 -1.36 62.70 -34.84
CA ASN B 63 -1.95 62.51 -36.16
C ASN B 63 -1.57 61.19 -36.84
N PRO B 64 -2.04 60.05 -36.29
CA PRO B 64 -1.66 58.74 -36.85
C PRO B 64 -2.34 58.42 -38.20
N PRO B 65 -1.69 57.58 -39.02
CA PRO B 65 -2.29 57.02 -40.24
C PRO B 65 -3.65 56.37 -39.97
N ALA B 66 -4.47 56.26 -41.01
CA ALA B 66 -5.81 55.68 -40.89
C ALA B 66 -5.80 54.24 -40.37
N ALA B 67 -4.80 53.46 -40.81
CA ALA B 67 -4.65 52.07 -40.37
C ALA B 67 -3.97 51.94 -38.99
N TRP B 68 -3.55 53.07 -38.41
CA TRP B 68 -2.98 53.08 -37.05
C TRP B 68 -4.04 53.40 -35.99
N LYS B 69 -4.92 54.37 -36.27
CA LYS B 69 -5.96 54.80 -35.32
C LYS B 69 -6.71 53.64 -34.67
N GLY B 70 -7.15 52.68 -35.48
CA GLY B 70 -7.93 51.53 -35.00
C GLY B 70 -7.17 50.64 -34.03
N PRO B 71 -5.93 50.28 -34.37
CA PRO B 71 -4.98 49.69 -33.42
C PRO B 71 -4.65 50.58 -32.20
N LEU B 72 -4.20 51.80 -32.46
CA LEU B 72 -3.76 52.70 -31.38
C LEU B 72 -4.81 52.91 -30.28
N LYS B 73 -6.08 52.91 -30.63
CA LYS B 73 -7.13 53.05 -29.61
C LYS B 73 -7.30 51.74 -28.84
N ASN B 74 -7.25 50.61 -29.55
CA ASN B 74 -7.35 49.29 -28.92
C ASN B 74 -6.19 49.03 -27.97
N CYS B 75 -4.97 49.32 -28.44
CA CYS B 75 -3.76 49.17 -27.63
C CYS B 75 -3.85 49.99 -26.36
N ALA B 76 -4.31 51.23 -26.49
CA ALA B 76 -4.49 52.12 -25.34
C ALA B 76 -5.41 51.48 -24.30
N PHE B 77 -6.52 50.92 -24.75
CA PHE B 77 -7.47 50.27 -23.83
C PHE B 77 -6.86 48.99 -23.24
N SER B 78 -6.16 48.23 -24.07
CA SER B 78 -5.49 47.01 -23.63
C SER B 78 -4.51 47.28 -22.49
N TYR B 79 -3.63 48.27 -22.65
CA TYR B 79 -2.65 48.60 -21.62
C TYR B 79 -3.27 49.30 -20.41
N LYS B 80 -4.39 49.98 -20.62
CA LYS B 80 -5.14 50.56 -19.51
C LYS B 80 -5.73 49.44 -18.65
N VAL B 81 -6.22 48.39 -19.29
CA VAL B 81 -6.73 47.22 -18.55
C VAL B 81 -5.59 46.48 -17.84
N ILE B 82 -4.46 46.30 -18.53
CA ILE B 82 -3.29 45.68 -17.92
C ILE B 82 -2.87 46.44 -16.65
N LEU B 83 -2.70 47.74 -16.76
CA LEU B 83 -2.22 48.57 -15.65
C LEU B 83 -3.27 48.88 -14.58
N THR B 84 -4.54 48.92 -14.94
CA THR B 84 -5.61 49.28 -14.01
C THR B 84 -6.32 48.08 -13.36
N ALA B 85 -6.41 46.96 -14.08
CA ALA B 85 -7.12 45.77 -13.60
C ALA B 85 -6.20 44.56 -13.38
N SER B 86 -5.54 44.11 -14.44
CA SER B 86 -4.75 42.86 -14.41
C SER B 86 -3.62 42.86 -13.39
N LEU B 87 -2.66 43.76 -13.51
CA LEU B 87 -1.49 43.74 -12.63
C LEU B 87 -1.83 44.00 -11.15
N PRO B 88 -2.64 45.04 -10.86
CA PRO B 88 -3.05 45.22 -9.46
C PRO B 88 -3.70 43.98 -8.85
N GLU B 89 -4.52 43.29 -9.65
CA GLU B 89 -5.13 42.01 -9.27
C GLU B 89 -4.04 41.00 -8.91
N ALA B 90 -3.08 40.82 -9.80
CA ALA B 90 -1.99 39.85 -9.59
C ALA B 90 -1.18 40.15 -8.34
N ILE B 91 -0.93 41.44 -8.09
CA ILE B 91 -0.25 41.87 -6.87
C ILE B 91 -1.06 41.53 -5.63
N GLU B 92 -2.38 41.70 -5.72
CA GLU B 92 -3.25 41.37 -4.60
C GLU B 92 -3.29 39.86 -4.37
N ALA B 93 -3.41 39.09 -5.45
CA ALA B 93 -3.55 37.64 -5.37
C ALA B 93 -2.28 36.99 -4.81
N LEU B 94 -1.13 37.40 -5.32
CA LEU B 94 0.17 36.90 -4.85
C LEU B 94 0.42 37.28 -3.39
N THR B 95 0.03 38.48 -3.02
CA THR B 95 0.27 38.99 -1.65
C THR B 95 -0.66 38.34 -0.63
N LYS B 96 -1.90 38.06 -1.03
CA LYS B 96 -2.88 37.48 -0.11
C LYS B 96 -3.03 35.96 -0.23
N GLY B 97 -2.57 35.39 -1.34
CA GLY B 97 -2.48 33.94 -1.50
C GLY B 97 -3.61 33.29 -2.28
N ASP B 98 -3.93 33.83 -3.44
CA ASP B 98 -4.82 33.16 -4.40
C ASP B 98 -4.19 33.20 -5.79
N PRO B 99 -3.17 32.34 -6.01
CA PRO B 99 -2.32 32.33 -7.21
C PRO B 99 -3.04 32.27 -8.56
N LYS B 100 -4.21 31.65 -8.62
CA LYS B 100 -4.91 31.46 -9.90
C LYS B 100 -5.35 32.80 -10.48
N PHE B 101 -5.67 33.75 -9.60
CA PHE B 101 -6.06 35.08 -10.06
C PHE B 101 -4.85 35.88 -10.52
N ALA B 102 -3.67 35.57 -9.98
CA ALA B 102 -2.42 36.09 -10.52
C ALA B 102 -2.16 35.48 -11.90
N GLU B 103 -2.37 34.17 -12.01
CA GLU B 103 -2.24 33.47 -13.28
C GLU B 103 -3.18 34.06 -14.33
N ASP B 104 -4.45 34.26 -13.96
CA ASP B 104 -5.42 34.90 -14.86
C ASP B 104 -4.87 36.25 -15.36
N GLY B 105 -4.38 37.07 -14.43
CA GLY B 105 -3.80 38.37 -14.76
C GLY B 105 -2.61 38.33 -15.69
N MET B 106 -1.75 37.31 -15.54
CA MET B 106 -0.55 37.17 -16.39
C MET B 106 -0.93 36.70 -17.80
N VAL B 107 -1.89 35.78 -17.90
CA VAL B 107 -2.38 35.31 -19.20
C VAL B 107 -3.10 36.45 -19.93
N GLY B 108 -3.72 37.35 -19.15
CA GLY B 108 -4.38 38.52 -19.70
C GLY B 108 -3.42 39.42 -20.46
N SER B 109 -2.35 39.81 -19.79
CA SER B 109 -1.38 40.74 -20.37
C SER B 109 -0.57 40.12 -21.51
N SER B 110 -0.36 38.81 -21.45
CA SER B 110 0.36 38.09 -22.51
C SER B 110 -0.40 38.15 -23.83
N GLY B 111 -1.70 37.90 -23.76
CA GLY B 111 -2.56 37.94 -24.95
C GLY B 111 -2.78 39.34 -25.49
N ASP B 112 -2.97 40.30 -24.59
CA ASP B 112 -3.14 41.72 -24.96
C ASP B 112 -1.90 42.24 -25.70
N ALA B 113 -0.73 42.06 -25.09
CA ALA B 113 0.52 42.50 -25.69
C ALA B 113 0.68 41.96 -27.11
N GLN B 114 0.44 40.65 -27.27
CA GLN B 114 0.48 40.02 -28.59
C GLN B 114 -0.59 40.58 -29.53
N GLU B 115 -1.83 40.61 -29.04
CA GLU B 115 -2.95 41.15 -29.79
C GLU B 115 -2.60 42.53 -30.33
N CYS B 116 -2.22 43.42 -29.41
CA CYS B 116 -1.88 44.81 -29.73
C CYS B 116 -0.76 44.90 -30.76
N GLU B 117 0.24 44.03 -30.65
CA GLU B 117 1.30 43.94 -31.64
C GLU B 117 0.77 43.54 -33.01
N GLU B 118 -0.09 42.52 -33.04
CA GLU B 118 -0.58 41.95 -34.30
C GLU B 118 -1.61 42.83 -35.02
N TYR B 119 -2.11 43.86 -34.36
CA TYR B 119 -3.00 44.82 -35.02
C TYR B 119 -2.29 45.54 -36.17
N PHE B 120 -0.96 45.64 -36.09
CA PHE B 120 -0.18 46.32 -37.12
C PHE B 120 0.17 45.39 -38.29
N LYS B 121 -0.17 45.85 -39.50
CA LYS B 121 0.17 45.14 -40.75
C LYS B 121 1.47 45.69 -41.32
N GLY B 122 2.23 44.82 -41.97
CA GLY B 122 3.66 45.06 -42.22
C GLY B 122 4.38 44.43 -41.04
N SER B 123 3.72 44.47 -39.88
CA SER B 123 4.02 43.62 -38.73
C SER B 123 5.31 43.99 -38.01
N LYS B 124 5.52 45.30 -37.85
CA LYS B 124 6.47 45.82 -36.86
C LYS B 124 5.94 47.17 -36.36
N SER B 125 5.30 47.13 -35.19
CA SER B 125 4.69 48.32 -34.61
C SER B 125 5.76 49.34 -34.22
N PRO B 126 5.36 50.58 -33.94
CA PRO B 126 6.35 51.60 -33.52
C PRO B 126 6.95 51.32 -32.14
N PHE B 127 6.28 50.49 -31.34
CA PHE B 127 6.77 50.10 -30.01
C PHE B 127 6.74 48.57 -29.86
N SER B 128 7.17 47.86 -30.90
CA SER B 128 7.14 46.40 -30.92
C SER B 128 7.95 45.75 -29.80
N ALA B 129 9.12 46.32 -29.50
CA ALA B 129 9.94 45.82 -28.40
C ALA B 129 9.15 45.76 -27.10
N LEU B 130 8.40 46.82 -26.81
CA LEU B 130 7.60 46.89 -25.59
C LEU B 130 6.50 45.83 -25.54
N ASN B 131 5.85 45.56 -26.68
CA ASN B 131 4.84 44.50 -26.75
C ASN B 131 5.46 43.12 -26.55
N ILE B 132 6.62 42.91 -27.16
CA ILE B 132 7.36 41.66 -27.03
C ILE B 132 7.87 41.50 -25.60
N ALA B 133 8.34 42.60 -25.01
CA ALA B 133 8.77 42.59 -23.61
C ALA B 133 7.62 42.26 -22.67
N VAL B 134 6.48 42.91 -22.89
CA VAL B 134 5.28 42.65 -22.09
C VAL B 134 4.70 41.26 -22.34
N HIS B 135 4.87 40.74 -23.55
CA HIS B 135 4.41 39.38 -23.88
C HIS B 135 5.32 38.35 -23.22
N GLU B 136 6.63 38.50 -23.41
CA GLU B 136 7.60 37.54 -22.88
C GLU B 136 7.64 37.54 -21.34
N LEU B 137 7.62 38.71 -20.73
CA LEU B 137 7.65 38.81 -19.26
C LEU B 137 6.38 38.22 -18.63
N SER B 138 5.24 38.39 -19.29
CA SER B 138 3.98 37.81 -18.82
C SER B 138 3.99 36.27 -18.86
N ASP B 139 4.66 35.70 -19.86
CA ASP B 139 4.78 34.24 -19.98
C ASP B 139 5.74 33.67 -18.95
N VAL B 140 6.86 34.34 -18.71
CA VAL B 140 7.75 33.95 -17.62
C VAL B 140 6.98 33.99 -16.29
N GLY B 141 6.21 35.06 -16.10
CA GLY B 141 5.39 35.25 -14.91
C GLY B 141 4.40 34.12 -14.68
N ARG B 142 3.70 33.73 -15.74
CA ARG B 142 2.77 32.58 -15.68
C ARG B 142 3.45 31.33 -15.16
N ALA B 143 4.60 31.01 -15.76
CA ALA B 143 5.38 29.84 -15.37
C ALA B 143 5.70 29.85 -13.88
N ILE B 144 6.19 30.99 -13.41
CA ILE B 144 6.56 31.13 -12.00
C ILE B 144 5.34 30.87 -11.10
N VAL B 145 4.18 31.37 -11.51
CA VAL B 145 2.96 31.24 -10.70
C VAL B 145 2.35 29.83 -10.77
N ARG B 146 2.57 29.11 -11.87
CA ARG B 146 2.18 27.70 -11.94
C ARG B 146 2.69 26.94 -10.72
N ASN B 147 3.92 27.27 -10.30
CA ASN B 147 4.56 26.65 -9.12
C ASN B 147 3.72 26.75 -7.84
N LEU B 148 2.96 27.84 -7.71
CA LEU B 148 2.17 28.11 -6.50
C LEU B 148 0.79 27.46 -6.50
N LEU B 149 0.45 26.75 -7.57
CA LEU B 149 -0.87 26.12 -7.70
C LEU B 149 -0.93 24.80 -6.95
N ASN C 1 23.70 -54.36 -35.08
CA ASN C 1 22.31 -54.63 -34.59
C ASN C 1 21.32 -53.55 -35.05
N GLN C 2 21.57 -52.31 -34.62
CA GLN C 2 20.78 -51.15 -35.04
C GLN C 2 21.73 -50.05 -35.51
N PRO C 3 22.43 -50.28 -36.63
CA PRO C 3 23.44 -49.35 -37.10
C PRO C 3 22.92 -47.98 -37.54
N TYR C 4 21.60 -47.88 -37.78
CA TYR C 4 21.01 -46.65 -38.32
C TYR C 4 20.30 -45.77 -37.29
N ARG C 5 20.17 -46.25 -36.05
CA ARG C 5 19.65 -45.41 -34.97
C ARG C 5 20.67 -44.33 -34.63
N THR C 6 20.19 -43.15 -34.27
CA THR C 6 21.05 -42.01 -34.05
C THR C 6 21.59 -42.01 -32.62
N GLY C 7 22.74 -41.38 -32.43
CA GLY C 7 23.37 -41.26 -31.12
C GLY C 7 22.95 -40.01 -30.34
N PHE C 8 22.65 -38.93 -31.05
CA PHE C 8 22.25 -37.67 -30.40
C PHE C 8 21.05 -36.93 -31.03
N HIS C 9 20.35 -37.55 -31.98
CA HIS C 9 19.09 -36.98 -32.46
C HIS C 9 17.93 -37.55 -31.65
N PHE C 10 16.85 -36.77 -31.53
CA PHE C 10 15.68 -37.22 -30.79
C PHE C 10 14.86 -38.25 -31.57
N GLN C 11 14.61 -39.39 -30.93
CA GLN C 11 13.70 -40.39 -31.45
C GLN C 11 13.31 -41.32 -30.30
N PRO C 12 12.13 -41.96 -30.40
CA PRO C 12 11.70 -42.85 -29.31
C PRO C 12 12.42 -44.19 -29.34
N PRO C 13 12.31 -44.99 -28.26
CA PRO C 13 12.93 -46.31 -28.22
C PRO C 13 12.54 -47.21 -29.40
N LYS C 14 11.30 -47.09 -29.86
CA LYS C 14 10.83 -47.87 -31.00
C LYS C 14 9.66 -47.18 -31.68
N ASN C 15 9.20 -47.77 -32.78
CA ASN C 15 7.96 -47.38 -33.47
C ASN C 15 8.00 -46.03 -34.19
N TRP C 16 6.91 -45.78 -34.92
CA TRP C 16 6.76 -44.61 -35.78
C TRP C 16 6.63 -43.29 -35.00
N MET C 17 7.31 -42.26 -35.47
CA MET C 17 7.11 -40.90 -34.96
C MET C 17 6.94 -39.97 -36.16
N ASN C 18 6.01 -39.03 -36.08
CA ASN C 18 5.98 -37.91 -37.03
C ASN C 18 6.09 -36.54 -36.35
N ASP C 19 5.04 -35.72 -36.40
CA ASP C 19 5.14 -34.29 -36.06
C ASP C 19 5.64 -34.02 -34.65
N PRO C 20 6.50 -32.99 -34.51
CA PRO C 20 6.76 -32.42 -33.18
C PRO C 20 5.53 -31.64 -32.73
N ASN C 21 5.10 -31.88 -31.50
CA ASN C 21 3.87 -31.29 -30.97
C ASN C 21 4.12 -30.50 -29.69
N GLY C 22 3.35 -29.42 -29.53
CA GLY C 22 3.35 -28.62 -28.31
C GLY C 22 4.69 -28.26 -27.69
N PRO C 23 5.72 -27.94 -28.51
CA PRO C 23 7.00 -27.61 -27.91
C PRO C 23 6.89 -26.36 -27.04
N MET C 24 7.51 -26.39 -25.87
CA MET C 24 7.33 -25.33 -24.89
C MET C 24 8.41 -25.34 -23.81
N ILE C 25 8.44 -24.26 -23.05
CA ILE C 25 9.25 -24.13 -21.83
C ILE C 25 8.28 -23.88 -20.68
N TYR C 26 8.50 -24.50 -19.53
CA TYR C 26 7.70 -24.22 -18.35
C TYR C 26 8.46 -24.56 -17.07
N LYS C 27 8.59 -23.57 -16.18
CA LYS C 27 9.44 -23.67 -14.99
C LYS C 27 10.87 -24.10 -15.32
N GLY C 28 11.42 -23.55 -16.40
CA GLY C 28 12.79 -23.83 -16.80
C GLY C 28 13.04 -25.23 -17.37
N ILE C 29 11.97 -25.93 -17.71
CA ILE C 29 12.07 -27.29 -18.26
C ILE C 29 11.42 -27.34 -19.63
N TYR C 30 12.20 -27.76 -20.62
CA TYR C 30 11.70 -27.89 -22.00
C TYR C 30 10.84 -29.13 -22.14
N HIS C 31 9.80 -29.02 -22.97
CA HIS C 31 8.92 -30.14 -23.27
C HIS C 31 8.88 -30.35 -24.77
N LEU C 32 9.00 -31.60 -25.20
CA LEU C 32 8.63 -31.97 -26.56
C LEU C 32 7.63 -33.12 -26.51
N PHE C 33 6.46 -32.87 -27.07
CA PHE C 33 5.49 -33.92 -27.35
C PHE C 33 5.67 -34.26 -28.82
N TYR C 34 5.18 -35.43 -29.22
CA TYR C 34 5.29 -35.82 -30.61
C TYR C 34 4.27 -36.88 -30.99
N GLN C 35 3.92 -36.89 -32.28
CA GLN C 35 3.01 -37.87 -32.83
C GLN C 35 3.71 -39.22 -32.80
N TRP C 36 3.05 -40.24 -32.23
CA TRP C 36 3.65 -41.55 -32.02
C TRP C 36 2.63 -42.65 -32.20
N ASN C 37 3.04 -43.74 -32.86
CA ASN C 37 2.24 -44.96 -32.93
C ASN C 37 2.73 -45.96 -31.87
N PRO C 38 1.93 -46.20 -30.82
CA PRO C 38 2.43 -47.07 -29.75
C PRO C 38 2.57 -48.55 -30.10
N LYS C 39 2.19 -48.97 -31.30
CA LYS C 39 2.26 -50.38 -31.64
C LYS C 39 2.54 -50.64 -33.13
N GLY C 40 3.41 -49.83 -33.74
CA GLY C 40 3.77 -50.01 -35.14
C GLY C 40 4.85 -49.07 -35.65
N ALA C 41 5.49 -49.47 -36.76
CA ALA C 41 6.54 -48.67 -37.38
C ALA C 41 6.05 -47.96 -38.63
N VAL C 42 4.72 -47.87 -38.77
CA VAL C 42 4.08 -47.00 -39.75
C VAL C 42 3.08 -46.09 -39.01
N TRP C 43 2.59 -45.08 -39.70
CA TRP C 43 1.66 -44.11 -39.13
C TRP C 43 0.33 -44.77 -38.76
N GLY C 44 -0.21 -44.39 -37.59
CA GLY C 44 -1.53 -44.83 -37.13
C GLY C 44 -1.62 -44.84 -35.61
N ASN C 45 -2.80 -45.15 -35.07
CA ASN C 45 -3.04 -45.18 -33.61
C ASN C 45 -2.36 -44.01 -32.92
N ILE C 46 -2.48 -42.81 -33.49
CA ILE C 46 -1.56 -41.74 -33.14
C ILE C 46 -1.91 -41.09 -31.81
N VAL C 47 -0.91 -40.99 -30.93
CA VAL C 47 -1.05 -40.28 -29.66
C VAL C 47 0.13 -39.33 -29.48
N TRP C 48 0.00 -38.43 -28.50
CA TRP C 48 1.09 -37.54 -28.14
C TRP C 48 2.01 -38.21 -27.13
N ALA C 49 3.18 -38.65 -27.59
CA ALA C 49 4.23 -39.07 -26.66
C ALA C 49 4.84 -37.82 -26.05
N HIS C 50 5.64 -37.98 -25.00
CA HIS C 50 6.11 -36.83 -24.22
C HIS C 50 7.49 -37.08 -23.60
N SER C 51 8.40 -36.13 -23.80
CA SER C 51 9.70 -36.11 -23.12
C SER C 51 10.04 -34.69 -22.65
N THR C 52 10.91 -34.61 -21.65
CA THR C 52 11.35 -33.32 -21.11
C THR C 52 12.87 -33.23 -21.07
N SER C 53 13.35 -31.99 -21.01
CA SER C 53 14.79 -31.70 -21.09
C SER C 53 15.08 -30.34 -20.47
N THR C 54 16.27 -30.19 -19.88
CA THR C 54 16.74 -28.88 -19.42
C THR C 54 17.75 -28.26 -20.39
N ASP C 55 18.12 -29.00 -21.44
CA ASP C 55 19.15 -28.55 -22.39
C ASP C 55 18.78 -28.75 -23.88
N LEU C 56 17.58 -29.24 -24.15
CA LEU C 56 17.11 -29.54 -25.53
C LEU C 56 17.86 -30.67 -26.26
N ILE C 57 18.74 -31.38 -25.57
CA ILE C 57 19.59 -32.41 -26.19
C ILE C 57 19.43 -33.77 -25.51
N ASN C 58 19.42 -33.76 -24.18
CA ASN C 58 19.17 -34.95 -23.37
C ASN C 58 17.71 -34.99 -22.93
N TRP C 59 17.06 -36.11 -23.16
CA TRP C 59 15.61 -36.21 -23.00
C TRP C 59 15.20 -37.35 -22.08
N ASP C 60 14.24 -37.05 -21.20
CA ASP C 60 13.70 -38.01 -20.24
C ASP C 60 12.28 -38.38 -20.64
N PRO C 61 11.98 -39.68 -20.74
CA PRO C 61 10.68 -40.11 -21.20
C PRO C 61 9.58 -40.00 -20.14
N HIS C 62 8.37 -39.64 -20.57
CA HIS C 62 7.19 -39.68 -19.73
C HIS C 62 6.10 -40.48 -20.42
N PRO C 63 5.05 -40.88 -19.68
CA PRO C 63 3.93 -41.57 -20.33
C PRO C 63 3.23 -40.68 -21.37
N PRO C 64 2.51 -41.30 -22.32
CA PRO C 64 1.79 -40.49 -23.30
C PRO C 64 0.94 -39.42 -22.62
N ALA C 65 0.98 -38.20 -23.14
CA ALA C 65 0.35 -37.05 -22.50
C ALA C 65 -1.09 -36.87 -22.98
N ILE C 66 -1.31 -37.11 -24.26
CA ILE C 66 -2.60 -36.84 -24.87
C ILE C 66 -2.97 -37.99 -25.79
N PHE C 67 -4.02 -38.72 -25.41
CA PHE C 67 -4.45 -39.91 -26.12
C PHE C 67 -5.98 -40.02 -26.05
N PRO C 68 -6.58 -40.85 -26.94
CA PRO C 68 -8.03 -41.03 -26.98
C PRO C 68 -8.65 -41.41 -25.63
N SER C 69 -9.42 -40.47 -25.07
CA SER C 69 -10.08 -40.67 -23.78
C SER C 69 -11.47 -40.03 -23.73
N ALA C 70 -12.02 -39.68 -24.88
CA ALA C 70 -13.31 -38.99 -24.96
C ALA C 70 -13.79 -38.92 -26.40
N PRO C 71 -15.11 -38.69 -26.60
CA PRO C 71 -15.65 -38.64 -27.95
C PRO C 71 -14.88 -37.70 -28.87
N PHE C 72 -14.58 -36.50 -28.38
CA PHE C 72 -13.92 -35.47 -29.19
C PHE C 72 -12.51 -35.80 -29.70
N ASP C 73 -11.85 -36.81 -29.14
CA ASP C 73 -10.60 -37.32 -29.71
C ASP C 73 -10.50 -38.84 -29.77
N ILE C 74 -11.66 -39.52 -29.75
CA ILE C 74 -11.71 -40.97 -29.59
C ILE C 74 -10.98 -41.75 -30.69
N ASN C 75 -10.91 -41.17 -31.89
CA ASN C 75 -10.25 -41.82 -33.02
C ASN C 75 -8.83 -41.32 -33.32
N GLY C 76 -8.22 -40.60 -32.39
CA GLY C 76 -6.84 -40.13 -32.54
C GLY C 76 -6.59 -38.75 -31.97
N CYS C 77 -5.34 -38.52 -31.56
CA CYS C 77 -4.91 -37.19 -31.09
C CYS C 77 -3.82 -36.65 -32.00
N TRP C 78 -4.26 -35.85 -32.98
CA TRP C 78 -3.35 -35.34 -34.00
C TRP C 78 -2.63 -34.07 -33.51
N SER C 79 -1.92 -33.39 -34.41
CA SER C 79 -0.97 -32.37 -34.01
C SER C 79 -1.57 -31.11 -33.40
N GLY C 80 -0.74 -30.39 -32.64
CA GLY C 80 -1.18 -29.21 -31.92
C GLY C 80 -0.03 -28.44 -31.31
N SER C 81 -0.37 -27.41 -30.53
CA SER C 81 0.61 -26.45 -30.04
C SER C 81 0.32 -25.98 -28.62
N ALA C 82 1.38 -25.58 -27.92
CA ALA C 82 1.26 -25.07 -26.56
C ALA C 82 1.20 -23.55 -26.59
N THR C 83 0.34 -22.99 -25.74
CA THR C 83 0.32 -21.55 -25.51
C THR C 83 0.63 -21.28 -24.04
N ILE C 84 1.57 -20.37 -23.79
CA ILE C 84 1.86 -19.91 -22.43
C ILE C 84 1.04 -18.65 -22.19
N LEU C 85 0.05 -18.75 -21.29
CA LEU C 85 -0.85 -17.65 -21.01
C LEU C 85 -0.14 -16.60 -20.14
N PRO C 86 -0.67 -15.35 -20.11
CA PRO C 86 -0.09 -14.26 -19.32
C PRO C 86 0.21 -14.58 -17.85
N ASN C 87 -0.66 -15.35 -17.21
CA ASN C 87 -0.42 -15.79 -15.83
C ASN C 87 0.67 -16.87 -15.70
N GLY C 88 1.17 -17.37 -16.82
CA GLY C 88 2.25 -18.36 -16.83
C GLY C 88 1.82 -19.80 -17.13
N LYS C 89 0.50 -20.02 -17.16
CA LYS C 89 -0.04 -21.37 -17.30
C LYS C 89 0.06 -21.86 -18.75
N PRO C 90 0.60 -23.08 -18.96
CA PRO C 90 0.63 -23.68 -20.28
C PRO C 90 -0.69 -24.39 -20.60
N VAL C 91 -1.14 -24.26 -21.83
CA VAL C 91 -2.33 -24.96 -22.32
C VAL C 91 -2.04 -25.50 -23.72
N ILE C 92 -2.63 -26.63 -24.07
CA ILE C 92 -2.43 -27.24 -25.38
C ILE C 92 -3.71 -27.20 -26.20
N LEU C 93 -3.59 -26.82 -27.47
CA LEU C 93 -4.65 -26.93 -28.45
C LEU C 93 -4.25 -27.99 -29.48
N TYR C 94 -5.08 -29.02 -29.65
CA TYR C 94 -4.75 -30.11 -30.57
C TYR C 94 -5.97 -30.57 -31.38
N THR C 95 -5.70 -31.14 -32.54
CA THR C 95 -6.74 -31.71 -33.39
C THR C 95 -7.05 -33.13 -32.94
N GLY C 96 -8.33 -33.40 -32.67
CA GLY C 96 -8.80 -34.74 -32.35
C GLY C 96 -9.66 -35.26 -33.48
N ILE C 97 -9.72 -36.58 -33.63
CA ILE C 97 -10.61 -37.21 -34.59
C ILE C 97 -11.85 -37.70 -33.84
N ASP C 98 -12.99 -37.12 -34.18
CA ASP C 98 -14.23 -37.35 -33.43
C ASP C 98 -14.93 -38.64 -33.88
N PRO C 99 -16.06 -39.00 -33.25
CA PRO C 99 -16.69 -40.30 -33.55
C PRO C 99 -17.13 -40.49 -34.99
N LYS C 100 -17.36 -39.39 -35.71
CA LYS C 100 -17.70 -39.43 -37.14
C LYS C 100 -16.48 -39.21 -38.02
N ASN C 101 -15.29 -39.50 -37.47
CA ASN C 101 -14.04 -39.24 -38.16
C ASN C 101 -13.97 -37.81 -38.74
N GLN C 102 -14.37 -36.82 -37.94
CA GLN C 102 -14.26 -35.41 -38.30
C GLN C 102 -13.17 -34.73 -37.45
N GLN C 103 -12.31 -33.97 -38.13
CA GLN C 103 -11.20 -33.30 -37.45
C GLN C 103 -11.70 -32.09 -36.67
N VAL C 104 -11.47 -32.09 -35.36
CA VAL C 104 -11.99 -31.07 -34.45
C VAL C 104 -10.88 -30.55 -33.53
N GLN C 105 -11.06 -29.35 -32.98
CA GLN C 105 -10.01 -28.69 -32.18
C GLN C 105 -10.35 -28.67 -30.69
N ASN C 106 -9.48 -29.28 -29.89
CA ASN C 106 -9.73 -29.49 -28.47
C ASN C 106 -8.66 -28.83 -27.61
N ILE C 107 -8.99 -28.57 -26.34
CA ILE C 107 -8.04 -27.99 -25.40
C ILE C 107 -7.70 -28.94 -24.26
N ALA C 108 -6.43 -28.93 -23.86
CA ALA C 108 -5.97 -29.66 -22.70
C ALA C 108 -5.11 -28.75 -21.84
N GLU C 109 -5.19 -28.91 -20.52
CA GLU C 109 -4.31 -28.20 -19.59
C GLU C 109 -3.75 -29.17 -18.55
N PRO C 110 -2.67 -28.78 -17.85
CA PRO C 110 -2.07 -29.69 -16.88
C PRO C 110 -2.98 -30.01 -15.69
N LYS C 111 -2.84 -31.23 -15.18
CA LYS C 111 -3.61 -31.69 -14.03
C LYS C 111 -3.02 -31.16 -12.73
N ASN C 112 -1.72 -30.85 -12.77
CA ASN C 112 -0.97 -30.38 -11.61
C ASN C 112 0.12 -29.40 -12.05
N LEU C 113 -0.12 -28.11 -11.85
CA LEU C 113 0.81 -27.07 -12.28
C LEU C 113 2.11 -27.05 -11.49
N SER C 114 2.12 -27.68 -10.32
CA SER C 114 3.35 -27.80 -9.53
C SER C 114 4.27 -28.89 -10.08
N ASP C 115 3.72 -29.82 -10.87
CA ASP C 115 4.54 -30.82 -11.55
C ASP C 115 5.35 -30.11 -12.64
N PRO C 116 6.69 -30.04 -12.48
CA PRO C 116 7.50 -29.36 -13.50
C PRO C 116 7.52 -30.14 -14.81
N TYR C 117 7.30 -31.44 -14.73
CA TYR C 117 7.31 -32.30 -15.91
C TYR C 117 5.94 -32.41 -16.59
N LEU C 118 4.90 -31.81 -16.00
CA LEU C 118 3.55 -31.81 -16.56
C LEU C 118 3.17 -33.18 -17.16
N ARG C 119 3.24 -34.21 -16.34
CA ARG C 119 3.07 -35.58 -16.84
C ARG C 119 1.62 -35.92 -17.20
N GLU C 120 0.67 -35.42 -16.41
CA GLU C 120 -0.75 -35.69 -16.63
C GLU C 120 -1.49 -34.43 -17.10
N TRP C 121 -2.35 -34.60 -18.10
CA TRP C 121 -3.12 -33.49 -18.67
C TRP C 121 -4.61 -33.80 -18.68
N LYS C 122 -5.42 -32.83 -18.28
CA LYS C 122 -6.88 -32.96 -18.28
C LYS C 122 -7.49 -32.16 -19.43
N LYS C 123 -8.67 -32.57 -19.86
CA LYS C 123 -9.30 -32.02 -21.05
C LYS C 123 -10.69 -31.49 -20.74
N SER C 124 -11.08 -30.41 -21.42
CA SER C 124 -12.30 -29.68 -21.11
C SER C 124 -13.56 -30.48 -21.48
N PRO C 125 -14.58 -30.47 -20.60
CA PRO C 125 -15.88 -31.03 -20.97
C PRO C 125 -16.59 -30.26 -22.09
N LEU C 126 -16.07 -29.07 -22.42
CA LEU C 126 -16.60 -28.26 -23.52
C LEU C 126 -16.08 -28.69 -24.89
N ASN C 127 -15.04 -29.53 -24.91
CA ASN C 127 -14.43 -29.97 -26.17
C ASN C 127 -15.44 -30.69 -27.08
N PRO C 128 -15.38 -30.43 -28.41
CA PRO C 128 -14.45 -29.53 -29.07
C PRO C 128 -14.81 -28.05 -28.88
N LEU C 129 -13.77 -27.20 -28.89
CA LEU C 129 -13.95 -25.75 -28.81
C LEU C 129 -14.25 -25.16 -30.18
N MET C 130 -13.59 -25.70 -31.19
CA MET C 130 -13.77 -25.28 -32.57
C MET C 130 -14.00 -26.54 -33.40
N ALA C 131 -15.00 -26.50 -34.27
CA ALA C 131 -15.41 -27.69 -35.02
C ALA C 131 -16.12 -27.34 -36.33
N PRO C 132 -16.05 -28.22 -37.34
CA PRO C 132 -16.80 -28.00 -38.56
C PRO C 132 -18.30 -28.25 -38.36
N ASP C 133 -19.11 -27.44 -39.02
CA ASP C 133 -20.57 -27.55 -38.93
C ASP C 133 -21.23 -26.96 -40.18
N ALA C 134 -22.56 -27.05 -40.25
CA ALA C 134 -23.30 -26.57 -41.41
C ALA C 134 -23.12 -25.07 -41.68
N VAL C 135 -22.97 -24.28 -40.62
CA VAL C 135 -22.86 -22.82 -40.76
C VAL C 135 -21.51 -22.40 -41.32
N ASN C 136 -20.42 -22.73 -40.62
CA ASN C 136 -19.08 -22.36 -41.07
C ASN C 136 -18.68 -23.01 -42.40
N GLY C 137 -19.14 -24.23 -42.63
CA GLY C 137 -18.87 -24.94 -43.89
C GLY C 137 -17.43 -25.41 -44.04
N ILE C 138 -16.71 -25.50 -42.92
CA ILE C 138 -15.33 -25.96 -42.93
C ILE C 138 -15.30 -27.45 -43.30
N ASN C 139 -14.28 -27.83 -44.07
CA ASN C 139 -14.14 -29.20 -44.52
C ASN C 139 -13.66 -30.13 -43.41
N ALA C 140 -14.53 -31.06 -43.01
CA ALA C 140 -14.30 -31.91 -41.83
C ALA C 140 -13.05 -32.80 -41.91
N SER C 141 -12.60 -33.09 -43.13
CA SER C 141 -11.40 -33.93 -43.33
C SER C 141 -10.12 -33.11 -43.59
N SER C 142 -10.26 -31.79 -43.64
CA SER C 142 -9.13 -30.89 -43.85
C SER C 142 -9.25 -29.69 -42.94
N PHE C 143 -9.03 -29.93 -41.65
CA PHE C 143 -9.19 -28.91 -40.63
C PHE C 143 -8.38 -29.33 -39.39
N ARG C 144 -7.10 -28.98 -39.39
CA ARG C 144 -6.20 -29.47 -38.33
C ARG C 144 -4.96 -28.62 -38.09
N ASP C 145 -4.27 -28.96 -37.00
CA ASP C 145 -2.98 -28.40 -36.62
C ASP C 145 -3.08 -26.96 -36.13
N PRO C 146 -3.70 -26.75 -34.95
CA PRO C 146 -3.75 -25.42 -34.34
C PRO C 146 -2.37 -24.90 -34.00
N THR C 147 -2.17 -23.60 -34.13
CA THR C 147 -0.89 -22.97 -33.77
C THR C 147 -0.90 -22.56 -32.31
N THR C 148 0.23 -22.06 -31.84
CA THR C 148 0.28 -21.28 -30.62
C THR C 148 -0.60 -20.05 -30.84
N ALA C 149 -1.35 -19.66 -29.83
CA ALA C 149 -2.24 -18.51 -29.93
C ALA C 149 -1.51 -17.25 -29.47
N TRP C 150 -1.93 -16.10 -30.02
CA TRP C 150 -1.33 -14.83 -29.65
C TRP C 150 -2.42 -13.85 -29.24
N LEU C 151 -2.11 -13.03 -28.25
CA LEU C 151 -3.07 -12.10 -27.66
C LEU C 151 -2.99 -10.76 -28.37
N GLY C 152 -4.09 -10.36 -29.02
CA GLY C 152 -4.12 -9.11 -29.76
C GLY C 152 -4.32 -7.90 -28.86
N GLN C 153 -3.90 -6.74 -29.36
CA GLN C 153 -4.05 -5.44 -28.67
C GLN C 153 -5.43 -5.21 -28.04
N ASP C 154 -6.48 -5.71 -28.70
CA ASP C 154 -7.87 -5.62 -28.21
C ASP C 154 -8.22 -6.65 -27.13
N LYS C 155 -7.22 -7.38 -26.63
CA LYS C 155 -7.39 -8.37 -25.56
C LYS C 155 -8.21 -9.61 -25.97
N LYS C 156 -8.33 -9.85 -27.27
CA LYS C 156 -8.89 -11.10 -27.79
C LYS C 156 -7.77 -11.93 -28.40
N TRP C 157 -7.77 -13.22 -28.09
CA TRP C 157 -6.78 -14.16 -28.62
C TRP C 157 -7.05 -14.46 -30.09
N ARG C 158 -5.99 -14.78 -30.81
CA ARG C 158 -6.10 -15.33 -32.16
C ARG C 158 -5.42 -16.69 -32.21
N VAL C 159 -5.97 -17.57 -33.03
CA VAL C 159 -5.32 -18.83 -33.33
C VAL C 159 -5.65 -19.17 -34.78
N ILE C 160 -4.77 -19.89 -35.44
CA ILE C 160 -5.04 -20.30 -36.82
C ILE C 160 -4.94 -21.81 -36.94
N ILE C 161 -5.69 -22.34 -37.89
CA ILE C 161 -5.80 -23.78 -38.09
C ILE C 161 -5.65 -24.09 -39.56
N GLY C 162 -4.90 -25.14 -39.87
CA GLY C 162 -4.70 -25.54 -41.25
C GLY C 162 -5.98 -26.08 -41.87
N SER C 163 -6.17 -25.81 -43.17
CA SER C 163 -7.38 -26.27 -43.87
C SER C 163 -7.25 -26.07 -45.39
N LYS C 164 -8.26 -26.53 -46.12
CA LYS C 164 -8.35 -26.22 -47.55
C LYS C 164 -9.77 -26.37 -48.11
N ILE C 165 -10.07 -25.55 -49.11
CA ILE C 165 -11.30 -25.65 -49.90
C ILE C 165 -10.86 -25.96 -51.31
N HIS C 166 -11.34 -27.08 -51.87
CA HIS C 166 -10.92 -27.53 -53.20
C HIS C 166 -9.39 -27.56 -53.30
N ARG C 167 -8.79 -26.69 -54.11
CA ARG C 167 -7.34 -26.61 -54.27
C ARG C 167 -6.71 -25.45 -53.48
N ARG C 168 -7.52 -24.73 -52.71
CA ARG C 168 -7.07 -23.53 -52.01
C ARG C 168 -6.61 -23.81 -50.59
N GLY C 169 -5.41 -23.36 -50.25
CA GLY C 169 -4.89 -23.49 -48.89
C GLY C 169 -5.40 -22.37 -48.02
N LEU C 170 -5.69 -22.67 -46.75
CA LEU C 170 -6.32 -21.71 -45.84
C LEU C 170 -5.66 -21.71 -44.46
N ALA C 171 -5.57 -20.52 -43.88
CA ALA C 171 -5.21 -20.34 -42.48
C ALA C 171 -6.45 -19.78 -41.80
N ILE C 172 -7.33 -20.67 -41.35
CA ILE C 172 -8.60 -20.25 -40.75
C ILE C 172 -8.33 -19.65 -39.37
N THR C 173 -8.83 -18.43 -39.15
CA THR C 173 -8.64 -17.73 -37.88
C THR C 173 -9.85 -17.89 -36.97
N TYR C 174 -9.57 -18.10 -35.69
CA TYR C 174 -10.58 -18.04 -34.64
C TYR C 174 -10.11 -17.04 -33.58
N THR C 175 -11.06 -16.36 -32.93
CA THR C 175 -10.74 -15.39 -31.88
C THR C 175 -11.51 -15.67 -30.59
N SER C 176 -10.95 -15.29 -29.45
CA SER C 176 -11.53 -15.61 -28.14
C SER C 176 -11.16 -14.63 -27.04
N LYS C 177 -12.12 -14.36 -26.16
CA LYS C 177 -11.92 -13.49 -25.01
C LYS C 177 -11.31 -14.24 -23.82
N ASP C 178 -11.80 -15.46 -23.58
CA ASP C 178 -11.45 -16.25 -22.40
C ASP C 178 -10.67 -17.53 -22.71
N PHE C 179 -10.38 -17.77 -24.00
CA PHE C 179 -9.64 -18.95 -24.44
C PHE C 179 -10.50 -20.24 -24.39
N LEU C 180 -11.81 -20.10 -24.14
CA LEU C 180 -12.74 -21.23 -24.13
C LEU C 180 -13.80 -21.08 -25.21
N LYS C 181 -14.45 -19.91 -25.26
CA LYS C 181 -15.36 -19.59 -26.37
C LYS C 181 -14.56 -19.09 -27.55
N TRP C 182 -14.55 -19.88 -28.63
CA TRP C 182 -13.84 -19.50 -29.86
C TRP C 182 -14.82 -19.29 -31.00
N GLU C 183 -14.75 -18.12 -31.62
CA GLU C 183 -15.61 -17.75 -32.74
C GLU C 183 -14.75 -17.62 -33.98
N LYS C 184 -15.30 -18.06 -35.12
CA LYS C 184 -14.59 -18.03 -36.40
C LYS C 184 -14.64 -16.64 -37.02
N SER C 185 -13.50 -16.17 -37.54
CA SER C 185 -13.45 -14.92 -38.28
C SER C 185 -13.99 -15.16 -39.69
N PRO C 186 -14.68 -14.17 -40.26
CA PRO C 186 -15.16 -14.36 -41.63
C PRO C 186 -14.02 -14.68 -42.60
N GLU C 187 -12.98 -13.83 -42.61
CA GLU C 187 -11.85 -13.99 -43.52
C GLU C 187 -10.67 -14.66 -42.82
N PRO C 188 -9.94 -15.54 -43.53
CA PRO C 188 -8.77 -16.19 -42.95
C PRO C 188 -7.58 -15.24 -42.89
N LEU C 189 -6.58 -15.58 -42.06
CA LEU C 189 -5.36 -14.79 -41.93
C LEU C 189 -4.67 -14.65 -43.27
N HIS C 190 -4.63 -15.76 -44.02
CA HIS C 190 -4.14 -15.75 -45.38
C HIS C 190 -4.66 -16.98 -46.12
N TYR C 191 -4.44 -17.03 -47.43
CA TYR C 191 -4.79 -18.19 -48.25
C TYR C 191 -3.98 -18.22 -49.55
N ASP C 192 -4.19 -19.25 -50.36
CA ASP C 192 -3.57 -19.34 -51.68
C ASP C 192 -4.31 -20.34 -52.58
N ASP C 193 -4.56 -19.93 -53.82
CA ASP C 193 -5.21 -20.81 -54.81
C ASP C 193 -4.18 -21.72 -55.45
N GLY C 194 -4.38 -23.03 -55.30
CA GLY C 194 -3.55 -24.03 -55.98
C GLY C 194 -2.57 -24.76 -55.10
N SER C 195 -2.26 -24.19 -53.93
CA SER C 195 -1.27 -24.77 -53.01
C SER C 195 -1.69 -26.10 -52.40
N GLY C 196 -3.00 -26.30 -52.25
CA GLY C 196 -3.53 -27.50 -51.60
C GLY C 196 -3.53 -27.33 -50.09
N MET C 197 -3.71 -28.44 -49.38
CA MET C 197 -3.81 -28.41 -47.93
C MET C 197 -2.63 -27.72 -47.28
N TRP C 198 -2.92 -26.85 -46.32
CA TRP C 198 -1.91 -26.22 -45.46
C TRP C 198 -1.87 -26.97 -44.15
N GLU C 199 -0.92 -27.88 -43.99
CA GLU C 199 -0.73 -28.57 -42.72
C GLU C 199 0.17 -27.75 -41.80
N CYS C 200 0.20 -28.13 -40.53
CA CYS C 200 1.07 -27.51 -39.51
C CYS C 200 1.45 -26.08 -39.81
N PRO C 201 0.45 -25.17 -39.74
CA PRO C 201 0.76 -23.76 -39.88
C PRO C 201 1.53 -23.26 -38.67
N ASP C 202 2.33 -22.21 -38.85
CA ASP C 202 3.00 -21.52 -37.76
C ASP C 202 2.95 -20.03 -38.08
N PHE C 203 2.89 -19.20 -37.04
CA PHE C 203 2.77 -17.76 -37.21
C PHE C 203 3.41 -17.01 -36.04
N PHE C 204 4.56 -16.39 -36.31
CA PHE C 204 5.34 -15.74 -35.26
C PHE C 204 6.03 -14.47 -35.75
N PRO C 205 6.39 -13.58 -34.81
CA PRO C 205 7.16 -12.40 -35.14
C PRO C 205 8.66 -12.67 -35.08
N VAL C 206 9.42 -11.89 -35.82
CA VAL C 206 10.88 -11.88 -35.73
C VAL C 206 11.38 -10.44 -35.74
N THR C 207 12.46 -10.18 -35.01
CA THR C 207 13.06 -8.85 -35.01
C THR C 207 13.70 -8.58 -36.37
N ARG C 208 13.64 -7.32 -36.81
CA ARG C 208 14.10 -6.97 -38.15
C ARG C 208 15.60 -7.15 -38.31
N PHE C 209 16.34 -6.87 -37.24
CA PHE C 209 17.76 -7.16 -37.21
C PHE C 209 18.20 -7.45 -35.78
N GLY C 210 18.86 -8.59 -35.61
CA GLY C 210 19.16 -9.16 -34.29
C GLY C 210 18.82 -10.64 -34.36
N SER C 211 19.56 -11.46 -33.64
CA SER C 211 19.33 -12.91 -33.68
C SER C 211 18.43 -13.43 -32.55
N ASN C 212 17.89 -12.52 -31.72
CA ASN C 212 17.05 -12.91 -30.58
C ASN C 212 15.61 -13.18 -30.99
N GLY C 213 14.93 -14.00 -30.17
CA GLY C 213 13.54 -14.34 -30.42
C GLY C 213 12.63 -13.22 -29.97
N VAL C 214 11.43 -13.17 -30.55
CA VAL C 214 10.40 -12.23 -30.10
C VAL C 214 9.20 -13.03 -29.59
N GLU C 215 8.63 -12.58 -28.47
CA GLU C 215 7.45 -13.21 -27.87
C GLU C 215 6.32 -13.19 -28.91
N THR C 216 5.60 -14.30 -29.04
CA THR C 216 4.59 -14.48 -30.09
C THR C 216 3.57 -13.33 -30.16
N SER C 217 3.19 -12.78 -29.00
CA SER C 217 2.20 -11.69 -28.94
C SER C 217 2.82 -10.28 -28.81
N SER C 218 4.15 -10.18 -28.94
CA SER C 218 4.85 -8.90 -28.76
C SER C 218 4.56 -7.94 -29.91
N PHE C 219 4.44 -6.66 -29.58
CA PHE C 219 4.18 -5.62 -30.57
C PHE C 219 5.45 -4.89 -30.95
N GLY C 220 5.43 -4.30 -32.14
CA GLY C 220 6.52 -3.45 -32.60
C GLY C 220 6.36 -2.07 -31.99
N GLU C 221 7.27 -1.71 -31.10
CA GLU C 221 7.27 -0.37 -30.51
C GLU C 221 7.66 0.62 -31.61
N PRO C 222 7.52 1.94 -31.36
CA PRO C 222 8.00 2.93 -32.32
C PRO C 222 9.48 2.76 -32.70
N ASN C 223 10.25 2.10 -31.84
CA ASN C 223 11.69 1.90 -32.04
C ASN C 223 12.01 0.56 -32.70
N GLU C 224 11.34 -0.48 -32.25
CA GLU C 224 11.62 -1.86 -32.63
C GLU C 224 10.87 -2.17 -33.92
N ILE C 225 11.54 -2.82 -34.88
CA ILE C 225 10.90 -3.21 -36.14
C ILE C 225 10.72 -4.72 -36.19
N LEU C 226 9.47 -5.16 -36.28
CA LEU C 226 9.15 -6.59 -36.35
C LEU C 226 8.51 -6.95 -37.69
N LYS C 227 9.01 -8.02 -38.31
CA LYS C 227 8.30 -8.65 -39.41
C LYS C 227 7.54 -9.83 -38.83
N HIS C 228 6.74 -10.49 -39.66
CA HIS C 228 6.02 -11.71 -39.26
C HIS C 228 6.26 -12.80 -40.27
N VAL C 229 6.35 -14.05 -39.78
CA VAL C 229 6.61 -15.22 -40.60
C VAL C 229 5.39 -16.15 -40.57
N LEU C 230 4.90 -16.49 -41.75
CA LEU C 230 3.84 -17.49 -41.89
C LEU C 230 4.45 -18.76 -42.49
N LYS C 231 4.32 -19.88 -41.79
CA LYS C 231 4.87 -21.14 -42.24
C LYS C 231 3.73 -22.12 -42.47
N ILE C 232 3.84 -22.91 -43.54
CA ILE C 232 2.89 -23.98 -43.81
C ILE C 232 3.62 -25.22 -44.30
N SER C 233 3.09 -26.38 -43.94
CA SER C 233 3.55 -27.66 -44.48
C SER C 233 2.58 -28.06 -45.59
N LEU C 234 3.09 -28.28 -46.79
CA LEU C 234 2.24 -28.63 -47.93
C LEU C 234 2.21 -30.14 -48.21
N ASP C 235 1.03 -30.72 -47.98
CA ASP C 235 0.67 -32.05 -48.49
C ASP C 235 1.25 -32.35 -49.85
N ASP C 236 0.95 -31.44 -50.79
CA ASP C 236 1.24 -31.62 -52.20
C ASP C 236 2.70 -32.01 -52.45
N THR C 237 3.63 -31.32 -51.79
CA THR C 237 5.06 -31.42 -52.09
C THR C 237 5.91 -32.07 -50.97
N LYS C 238 5.31 -32.29 -49.80
CA LYS C 238 6.01 -32.87 -48.64
C LYS C 238 7.17 -32.01 -48.16
N HIS C 239 7.02 -30.69 -48.26
CA HIS C 239 8.03 -29.74 -47.79
C HIS C 239 7.39 -28.66 -46.92
N ASP C 240 8.21 -27.98 -46.12
CA ASP C 240 7.78 -26.83 -45.32
C ASP C 240 8.26 -25.52 -45.94
N TYR C 241 7.32 -24.60 -46.16
CA TYR C 241 7.62 -23.30 -46.73
C TYR C 241 7.29 -22.19 -45.74
N TYR C 242 7.92 -21.04 -45.93
CA TYR C 242 7.60 -19.85 -45.16
C TYR C 242 7.64 -18.62 -46.05
N THR C 243 7.00 -17.55 -45.59
CA THR C 243 7.14 -16.24 -46.22
C THR C 243 7.22 -15.18 -45.13
N ILE C 244 8.08 -14.19 -45.35
CA ILE C 244 8.24 -13.06 -44.45
C ILE C 244 7.32 -11.94 -44.93
N GLY C 245 6.62 -11.32 -43.98
CA GLY C 245 5.67 -10.25 -44.30
C GLY C 245 5.33 -9.38 -43.10
N THR C 246 4.28 -8.59 -43.24
CA THR C 246 3.75 -7.79 -42.13
C THR C 246 2.37 -8.30 -41.75
N TYR C 247 1.98 -8.06 -40.50
CA TYR C 247 0.72 -8.52 -39.95
C TYR C 247 -0.22 -7.33 -39.79
N ASP C 248 -1.14 -7.19 -40.73
CA ASP C 248 -2.17 -6.15 -40.70
C ASP C 248 -3.14 -6.45 -39.55
N ARG C 249 -2.93 -5.81 -38.41
CA ARG C 249 -3.74 -6.09 -37.22
C ARG C 249 -5.14 -5.47 -37.31
N VAL C 250 -5.31 -4.49 -38.18
CA VAL C 250 -6.63 -3.88 -38.40
C VAL C 250 -7.52 -4.84 -39.18
N LYS C 251 -7.05 -5.30 -40.33
CA LYS C 251 -7.76 -6.31 -41.13
C LYS C 251 -7.73 -7.70 -40.49
N ASP C 252 -6.66 -7.99 -39.73
CA ASP C 252 -6.39 -9.32 -39.18
C ASP C 252 -5.91 -10.29 -40.28
N LYS C 253 -5.03 -9.79 -41.13
CA LYS C 253 -4.50 -10.55 -42.27
C LYS C 253 -2.99 -10.49 -42.32
N PHE C 254 -2.41 -11.45 -43.05
CA PHE C 254 -0.98 -11.48 -43.32
C PHE C 254 -0.73 -11.00 -44.73
N VAL C 255 0.19 -10.05 -44.89
CA VAL C 255 0.60 -9.56 -46.20
C VAL C 255 2.08 -9.88 -46.38
N PRO C 256 2.38 -10.86 -47.25
CA PRO C 256 3.78 -11.14 -47.54
C PRO C 256 4.46 -9.95 -48.18
N ASP C 257 5.75 -9.78 -47.94
CA ASP C 257 6.52 -8.74 -48.60
C ASP C 257 6.51 -9.00 -50.10
N ASN C 258 6.66 -7.94 -50.89
CA ASN C 258 6.66 -8.05 -52.35
C ASN C 258 7.65 -9.14 -52.80
N GLY C 259 7.25 -9.90 -53.82
CA GLY C 259 8.07 -11.01 -54.31
C GLY C 259 7.79 -12.34 -53.62
N PHE C 260 7.08 -12.30 -52.49
CA PHE C 260 6.72 -13.53 -51.77
C PHE C 260 5.31 -14.00 -52.15
N LYS C 261 5.17 -15.31 -52.31
CA LYS C 261 3.87 -15.94 -52.46
C LYS C 261 3.85 -17.17 -51.55
N MET C 262 2.74 -17.37 -50.84
CA MET C 262 2.65 -18.46 -49.87
C MET C 262 2.19 -19.75 -50.54
N ASP C 263 3.13 -20.38 -51.24
CA ASP C 263 2.90 -21.66 -51.90
C ASP C 263 4.26 -22.32 -52.16
N GLY C 264 4.33 -23.24 -53.13
CA GLY C 264 5.55 -23.98 -53.42
C GLY C 264 6.74 -23.14 -53.85
N THR C 265 6.49 -21.97 -54.45
CA THR C 265 7.58 -21.11 -54.90
C THR C 265 8.26 -20.35 -53.76
N ALA C 266 7.68 -20.41 -52.56
CA ALA C 266 8.26 -19.78 -51.38
C ALA C 266 9.55 -20.46 -50.92
N PRO C 267 10.34 -19.76 -50.06
CA PRO C 267 11.53 -20.38 -49.48
C PRO C 267 11.20 -21.45 -48.45
N ARG C 268 12.19 -22.28 -48.14
CA ARG C 268 12.05 -23.36 -47.17
C ARG C 268 13.02 -23.16 -46.02
N TYR C 269 12.72 -23.75 -44.87
CA TYR C 269 13.69 -23.84 -43.79
C TYR C 269 14.82 -24.75 -44.22
N ASP C 270 14.45 -25.88 -44.81
CA ASP C 270 15.37 -26.95 -45.12
C ASP C 270 15.03 -27.44 -46.50
N TYR C 271 16.04 -27.72 -47.32
CA TYR C 271 15.82 -28.10 -48.71
C TYR C 271 16.05 -29.58 -48.93
N GLY C 272 16.03 -30.34 -47.83
CA GLY C 272 16.15 -31.79 -47.86
C GLY C 272 14.90 -32.44 -47.29
N LYS C 273 15.08 -33.31 -46.31
CA LYS C 273 13.99 -34.04 -45.71
C LYS C 273 13.59 -33.41 -44.38
N TYR C 274 12.47 -32.69 -44.40
CA TYR C 274 12.10 -31.84 -43.28
C TYR C 274 10.62 -31.47 -43.40
N TYR C 275 9.83 -31.69 -42.34
CA TYR C 275 8.39 -31.52 -42.42
C TYR C 275 7.72 -31.33 -41.05
N ALA C 276 6.52 -30.73 -41.08
CA ALA C 276 5.69 -30.55 -39.88
C ALA C 276 6.41 -29.73 -38.81
N SER C 277 7.23 -28.79 -39.23
CA SER C 277 8.09 -28.05 -38.32
C SER C 277 7.31 -27.03 -37.50
N LYS C 278 7.74 -26.83 -36.27
CA LYS C 278 7.04 -25.96 -35.34
C LYS C 278 8.03 -25.22 -34.46
N THR C 279 7.80 -23.93 -34.26
CA THR C 279 8.66 -23.09 -33.42
C THR C 279 8.02 -22.83 -32.06
N PHE C 280 8.85 -22.51 -31.07
CA PHE C 280 8.36 -21.96 -29.81
C PHE C 280 9.34 -20.91 -29.25
N PHE C 281 8.85 -20.13 -28.30
CA PHE C 281 9.63 -19.06 -27.72
C PHE C 281 10.32 -19.54 -26.45
N ASP C 282 11.63 -19.74 -26.53
CA ASP C 282 12.45 -20.04 -25.38
C ASP C 282 12.71 -18.73 -24.64
N SER C 283 11.89 -18.50 -23.62
CA SER C 283 12.00 -17.32 -22.78
C SER C 283 13.23 -17.38 -21.87
N ALA C 284 13.70 -18.59 -21.57
CA ALA C 284 14.87 -18.78 -20.70
C ALA C 284 16.12 -18.14 -21.28
N LYS C 285 16.32 -18.31 -22.60
CA LYS C 285 17.53 -17.80 -23.26
C LYS C 285 17.22 -16.82 -24.41
N ASN C 286 15.97 -16.41 -24.54
CA ASN C 286 15.53 -15.44 -25.55
C ASN C 286 15.90 -15.81 -26.99
N ARG C 287 15.21 -16.80 -27.50
CA ARG C 287 15.49 -17.31 -28.84
C ARG C 287 14.28 -18.11 -29.30
N ARG C 288 13.92 -17.95 -30.57
CA ARG C 288 12.88 -18.77 -31.17
C ARG C 288 13.53 -20.08 -31.62
N ILE C 289 12.97 -21.20 -31.16
CA ILE C 289 13.55 -22.52 -31.43
C ILE C 289 12.64 -23.31 -32.35
N LEU C 290 13.21 -23.87 -33.42
CA LEU C 290 12.45 -24.61 -34.43
C LEU C 290 12.68 -26.11 -34.34
N TRP C 291 11.59 -26.87 -34.24
CA TRP C 291 11.60 -28.34 -34.27
C TRP C 291 11.13 -28.83 -35.64
N GLY C 292 11.74 -29.91 -36.13
CA GLY C 292 11.37 -30.47 -37.45
C GLY C 292 11.44 -31.99 -37.50
N TRP C 293 10.50 -32.59 -38.26
CA TRP C 293 10.41 -34.05 -38.38
C TRP C 293 11.03 -34.54 -39.68
N THR C 294 11.98 -35.47 -39.56
CA THR C 294 12.61 -36.09 -40.73
C THR C 294 12.27 -37.58 -40.73
N ASN C 295 11.35 -37.97 -41.60
CA ASN C 295 10.99 -39.39 -41.77
C ASN C 295 12.14 -40.19 -42.36
N GLU C 296 11.91 -41.48 -42.57
CA GLU C 296 12.94 -42.36 -43.09
C GLU C 296 12.99 -42.27 -44.60
N SER C 297 14.20 -42.42 -45.17
CA SER C 297 14.38 -42.52 -46.62
C SER C 297 14.62 -43.98 -47.04
N SER C 298 14.48 -44.90 -46.10
CA SER C 298 14.54 -46.33 -46.37
C SER C 298 13.13 -46.83 -46.72
N SER C 299 13.03 -48.09 -47.14
CA SER C 299 11.73 -48.70 -47.47
C SER C 299 10.90 -48.93 -46.22
N VAL C 300 9.60 -49.13 -46.42
CA VAL C 300 8.68 -49.50 -45.35
C VAL C 300 9.03 -50.87 -44.75
N GLU C 301 9.46 -51.81 -45.60
CA GLU C 301 9.90 -53.12 -45.14
C GLU C 301 11.04 -53.02 -44.14
N ASP C 302 12.03 -52.17 -44.46
CA ASP C 302 13.16 -51.93 -43.56
C ASP C 302 12.71 -51.25 -42.27
N ASP C 303 11.71 -50.36 -42.36
CA ASP C 303 11.16 -49.69 -41.18
C ASP C 303 10.48 -50.68 -40.23
N VAL C 304 9.61 -51.54 -40.78
CA VAL C 304 8.95 -52.58 -40.00
C VAL C 304 9.99 -53.52 -39.38
N GLU C 305 10.98 -53.91 -40.19
CA GLU C 305 12.02 -54.84 -39.75
C GLU C 305 12.91 -54.27 -38.64
N LYS C 306 13.33 -53.01 -38.78
CA LYS C 306 14.17 -52.37 -37.76
C LYS C 306 13.35 -51.95 -36.54
N GLY C 307 12.04 -51.80 -36.72
CA GLY C 307 11.10 -51.61 -35.61
C GLY C 307 10.82 -50.17 -35.23
N TRP C 308 11.26 -49.22 -36.06
CA TRP C 308 11.07 -47.79 -35.77
C TRP C 308 11.09 -46.98 -37.06
N SER C 309 10.62 -45.75 -36.97
CA SER C 309 10.58 -44.86 -38.14
C SER C 309 10.38 -43.40 -37.71
N GLY C 310 11.25 -42.52 -38.22
CA GLY C 310 11.13 -41.08 -37.97
C GLY C 310 12.03 -40.60 -36.86
N ILE C 311 12.65 -39.43 -37.09
CA ILE C 311 13.44 -38.74 -36.07
C ILE C 311 13.12 -37.25 -36.12
N GLN C 312 13.56 -36.51 -35.09
CA GLN C 312 13.58 -35.06 -35.16
C GLN C 312 15.01 -34.61 -35.46
N THR C 313 15.14 -33.53 -36.21
CA THR C 313 16.44 -32.89 -36.40
C THR C 313 16.86 -32.32 -35.05
N ILE C 314 18.11 -31.86 -34.97
CA ILE C 314 18.56 -31.14 -33.80
C ILE C 314 17.79 -29.82 -33.79
N PRO C 315 17.20 -29.45 -32.65
CA PRO C 315 16.47 -28.18 -32.59
C PRO C 315 17.39 -27.03 -33.00
N ARG C 316 16.87 -26.06 -33.75
CA ARG C 316 17.70 -24.94 -34.19
C ARG C 316 17.11 -23.57 -33.91
N LYS C 317 17.96 -22.70 -33.37
CA LYS C 317 17.65 -21.30 -33.17
C LYS C 317 17.46 -20.64 -34.53
N ILE C 318 16.40 -19.86 -34.69
CA ILE C 318 16.13 -19.18 -35.96
C ILE C 318 15.94 -17.68 -35.76
N TRP C 319 16.26 -16.92 -36.80
CA TRP C 319 16.07 -15.46 -36.79
C TRP C 319 16.08 -14.89 -38.22
N LEU C 320 15.78 -13.61 -38.35
CA LEU C 320 15.79 -12.94 -39.65
C LEU C 320 17.22 -12.53 -39.97
N ASP C 321 17.61 -12.62 -41.23
CA ASP C 321 18.98 -12.25 -41.62
C ASP C 321 19.09 -10.74 -41.86
N ARG C 322 20.31 -10.25 -41.99
CA ARG C 322 20.60 -8.81 -42.16
C ARG C 322 19.76 -8.16 -43.26
N SER C 323 19.66 -8.83 -44.40
CA SER C 323 18.95 -8.30 -45.57
C SER C 323 17.43 -8.29 -45.44
N GLY C 324 16.90 -9.12 -44.54
CA GLY C 324 15.46 -9.26 -44.37
C GLY C 324 14.78 -10.10 -45.45
N LYS C 325 15.58 -10.87 -46.20
CA LYS C 325 15.08 -11.63 -47.35
C LYS C 325 14.84 -13.10 -47.03
N GLN C 326 15.48 -13.60 -45.97
CA GLN C 326 15.29 -15.00 -45.54
C GLN C 326 15.58 -15.14 -44.06
N LEU C 327 15.30 -16.34 -43.53
CA LEU C 327 15.61 -16.66 -42.14
C LEU C 327 16.96 -17.37 -42.05
N ILE C 328 17.66 -17.17 -40.94
CA ILE C 328 18.87 -17.93 -40.64
C ILE C 328 18.50 -18.95 -39.58
N GLN C 329 19.02 -20.17 -39.72
CA GLN C 329 18.83 -21.22 -38.71
C GLN C 329 20.18 -21.75 -38.29
N TRP C 330 20.28 -22.22 -37.05
CA TRP C 330 21.51 -22.79 -36.57
C TRP C 330 21.21 -23.76 -35.44
N PRO C 331 21.88 -24.92 -35.42
CA PRO C 331 21.64 -25.83 -34.28
C PRO C 331 21.83 -25.11 -32.95
N VAL C 332 20.92 -25.35 -32.00
CA VAL C 332 21.08 -24.79 -30.66
C VAL C 332 22.45 -25.14 -30.11
N ARG C 333 23.01 -24.25 -29.30
CA ARG C 333 24.40 -24.34 -28.89
C ARG C 333 24.68 -25.42 -27.83
N GLU C 334 23.61 -25.91 -27.20
CA GLU C 334 23.72 -27.03 -26.26
C GLU C 334 24.23 -28.30 -26.94
N VAL C 335 23.97 -28.46 -28.23
CA VAL C 335 24.44 -29.64 -28.97
C VAL C 335 25.96 -29.69 -28.98
N GLU C 336 26.60 -28.53 -28.89
CA GLU C 336 28.06 -28.44 -28.89
C GLU C 336 28.68 -29.02 -27.63
N ARG C 337 27.90 -29.20 -26.57
CA ARG C 337 28.37 -29.86 -25.34
C ARG C 337 28.66 -31.34 -25.54
N LEU C 338 28.08 -31.93 -26.57
CA LEU C 338 28.36 -33.32 -26.92
C LEU C 338 29.74 -33.47 -27.55
N ARG C 339 30.26 -32.38 -28.11
CA ARG C 339 31.56 -32.39 -28.77
C ARG C 339 32.63 -32.95 -27.84
N THR C 340 33.45 -33.83 -28.39
CA THR C 340 34.56 -34.40 -27.65
C THR C 340 35.57 -33.29 -27.34
N LYS C 341 36.36 -33.51 -26.30
CA LYS C 341 37.31 -32.50 -25.81
C LYS C 341 38.51 -32.32 -26.77
N GLN C 342 38.79 -33.36 -27.57
CA GLN C 342 39.93 -33.35 -28.50
C GLN C 342 39.45 -33.14 -29.94
N VAL C 343 39.59 -31.92 -30.43
CA VAL C 343 39.20 -31.58 -31.80
C VAL C 343 40.26 -32.04 -32.78
N LYS C 344 39.83 -32.38 -33.99
CA LYS C 344 40.73 -32.64 -35.10
C LYS C 344 40.73 -31.41 -36.00
N ASN C 345 41.89 -30.78 -36.13
CA ASN C 345 42.03 -29.58 -36.95
C ASN C 345 42.92 -29.80 -38.16
N LEU C 346 42.47 -29.29 -39.30
CA LEU C 346 43.31 -29.11 -40.47
C LEU C 346 43.20 -27.65 -40.87
N ARG C 347 44.32 -27.03 -41.24
CA ARG C 347 44.30 -25.63 -41.65
C ARG C 347 45.27 -25.37 -42.80
N ASN C 348 44.88 -24.47 -43.70
CA ASN C 348 45.70 -24.07 -44.83
C ASN C 348 46.17 -25.25 -45.69
N LYS C 349 45.24 -26.12 -46.05
CA LYS C 349 45.49 -27.21 -46.98
C LYS C 349 44.89 -26.89 -48.34
N VAL C 350 45.63 -27.16 -49.41
CA VAL C 350 45.16 -26.89 -50.77
C VAL C 350 44.67 -28.17 -51.43
N LEU C 351 43.38 -28.23 -51.73
CA LEU C 351 42.83 -29.35 -52.50
C LEU C 351 42.96 -29.02 -53.98
N LYS C 352 43.84 -29.76 -54.66
CA LYS C 352 44.02 -29.62 -56.11
C LYS C 352 42.81 -30.20 -56.83
N SER C 353 42.79 -30.10 -58.14
CA SER C 353 41.72 -30.68 -58.93
C SER C 353 41.73 -32.21 -58.84
N GLY C 354 40.63 -32.77 -58.34
CA GLY C 354 40.48 -34.23 -58.27
C GLY C 354 41.04 -34.84 -57.01
N SER C 355 41.37 -34.01 -56.03
CA SER C 355 41.99 -34.47 -54.80
C SER C 355 40.95 -34.62 -53.71
N ARG C 356 41.23 -35.53 -52.78
CA ARG C 356 40.47 -35.62 -51.53
C ARG C 356 41.45 -35.77 -50.38
N LEU C 357 40.98 -35.44 -49.18
CA LEU C 357 41.82 -35.40 -48.00
C LEU C 357 41.05 -35.96 -46.82
N GLU C 358 41.52 -37.07 -46.25
CA GLU C 358 40.82 -37.72 -45.16
C GLU C 358 41.05 -37.02 -43.82
N VAL C 359 40.00 -36.97 -43.00
CA VAL C 359 40.07 -36.43 -41.66
C VAL C 359 40.20 -37.58 -40.67
N TYR C 360 41.42 -37.80 -40.18
CA TYR C 360 41.71 -38.92 -39.28
C TYR C 360 41.33 -38.59 -37.84
N GLY C 361 41.18 -39.64 -37.03
CA GLY C 361 41.03 -39.51 -35.58
C GLY C 361 39.65 -39.14 -35.05
N VAL C 362 38.61 -39.25 -35.87
CA VAL C 362 37.25 -38.88 -35.46
C VAL C 362 36.26 -40.01 -35.70
N THR C 363 35.25 -40.13 -34.82
CA THR C 363 34.16 -41.06 -35.03
C THR C 363 33.29 -40.52 -36.19
N ALA C 364 33.57 -41.04 -37.40
CA ALA C 364 33.05 -40.46 -38.64
C ALA C 364 31.53 -40.64 -38.86
N ALA C 365 30.93 -41.61 -38.17
CA ALA C 365 29.49 -41.85 -38.26
C ALA C 365 28.71 -41.15 -37.14
N GLN C 366 29.42 -40.35 -36.33
CA GLN C 366 28.78 -39.61 -35.24
C GLN C 366 29.68 -38.43 -34.89
N ALA C 367 29.54 -37.36 -35.66
CA ALA C 367 30.45 -36.21 -35.57
C ALA C 367 29.79 -34.87 -35.87
N ASP C 368 30.54 -33.82 -35.59
CA ASP C 368 30.20 -32.46 -35.98
C ASP C 368 31.43 -31.95 -36.72
N VAL C 369 31.22 -31.41 -37.92
CA VAL C 369 32.33 -30.90 -38.74
C VAL C 369 32.01 -29.53 -39.30
N GLU C 370 32.93 -28.59 -39.09
CA GLU C 370 32.82 -27.23 -39.61
C GLU C 370 34.05 -26.94 -40.46
N VAL C 371 33.85 -26.39 -41.66
CA VAL C 371 34.95 -26.15 -42.59
C VAL C 371 34.79 -24.82 -43.35
N LEU C 372 35.91 -24.09 -43.49
CA LEU C 372 35.97 -22.86 -44.29
C LEU C 372 36.79 -23.11 -45.55
N PHE C 373 36.17 -22.87 -46.71
CA PHE C 373 36.86 -22.93 -47.99
C PHE C 373 37.13 -21.52 -48.51
N LYS C 374 38.29 -21.34 -49.15
CA LYS C 374 38.60 -20.08 -49.83
C LYS C 374 38.89 -20.38 -51.31
N VAL C 375 38.17 -19.70 -52.19
CA VAL C 375 38.42 -19.78 -53.63
C VAL C 375 39.37 -18.65 -54.04
N ARG C 376 40.34 -18.98 -54.90
CA ARG C 376 41.39 -18.04 -55.29
C ARG C 376 41.03 -17.27 -56.55
N ASP C 377 40.48 -17.97 -57.55
CA ASP C 377 40.19 -17.40 -58.85
C ASP C 377 38.68 -17.41 -59.16
N LEU C 378 37.96 -16.42 -58.63
CA LEU C 378 36.52 -16.28 -58.85
C LEU C 378 36.15 -15.98 -60.29
N GLU C 379 37.04 -15.28 -60.99
CA GLU C 379 36.81 -14.93 -62.40
C GLU C 379 36.82 -16.16 -63.32
N LYS C 380 37.48 -17.23 -62.88
CA LYS C 380 37.51 -18.50 -63.63
C LYS C 380 36.20 -19.28 -63.53
N ALA C 381 35.27 -18.87 -62.65
CA ALA C 381 33.99 -19.56 -62.49
C ALA C 381 33.12 -19.46 -63.75
N ASP C 382 32.37 -20.53 -64.03
CA ASP C 382 31.56 -20.63 -65.24
C ASP C 382 30.29 -19.79 -65.13
N VAL C 383 29.75 -19.35 -66.26
CA VAL C 383 28.50 -18.60 -66.27
C VAL C 383 27.30 -19.53 -66.26
N ILE C 384 26.44 -19.38 -65.26
CA ILE C 384 25.28 -20.26 -65.10
C ILE C 384 24.24 -20.02 -66.19
N GLU C 385 23.60 -21.10 -66.63
CA GLU C 385 22.55 -21.01 -67.63
C GLU C 385 21.35 -20.28 -67.03
N PRO C 386 20.86 -19.24 -67.73
CA PRO C 386 19.72 -18.48 -67.19
C PRO C 386 18.50 -19.34 -66.83
N SER C 387 18.22 -20.36 -67.63
CA SER C 387 17.07 -21.25 -67.40
C SER C 387 17.20 -22.08 -66.10
N TRP C 388 18.43 -22.39 -65.70
CA TRP C 388 18.71 -23.22 -64.51
C TRP C 388 18.34 -22.55 -63.19
N THR C 389 17.04 -22.49 -62.88
CA THR C 389 16.56 -21.80 -61.68
C THR C 389 16.20 -22.74 -60.52
N ASP C 390 16.16 -24.05 -60.77
CA ASP C 390 15.89 -25.03 -59.72
C ASP C 390 17.21 -25.66 -59.26
N PRO C 391 17.66 -25.32 -58.04
CA PRO C 391 18.95 -25.83 -57.58
C PRO C 391 19.01 -27.35 -57.40
N GLN C 392 17.89 -27.97 -57.00
CA GLN C 392 17.84 -29.43 -56.83
C GLN C 392 18.13 -30.15 -58.13
N LEU C 393 17.54 -29.66 -59.23
CA LEU C 393 17.75 -30.27 -60.54
C LEU C 393 19.18 -30.13 -61.02
N ILE C 394 19.84 -29.02 -60.70
CA ILE C 394 21.24 -28.83 -61.08
C ILE C 394 22.12 -29.89 -60.40
N CYS C 395 21.93 -30.05 -59.09
CA CYS C 395 22.61 -31.09 -58.33
C CYS C 395 22.32 -32.49 -58.87
N SER C 396 21.08 -32.69 -59.35
CA SER C 396 20.66 -33.96 -59.93
C SER C 396 21.38 -34.28 -61.23
N LYS C 397 21.46 -33.29 -62.12
CA LYS C 397 22.07 -33.49 -63.45
C LYS C 397 23.59 -33.34 -63.44
N MET C 398 24.10 -32.48 -62.55
CA MET C 398 25.54 -32.34 -62.38
C MET C 398 25.99 -33.06 -61.10
N ASN C 399 26.29 -34.35 -61.23
CA ASN C 399 26.81 -35.13 -60.11
C ASN C 399 28.30 -34.86 -59.89
N VAL C 400 28.83 -35.37 -58.79
CA VAL C 400 30.21 -35.06 -58.36
C VAL C 400 31.29 -35.37 -59.39
N SER C 401 31.00 -36.26 -60.34
CA SER C 401 31.96 -36.58 -61.40
C SER C 401 31.99 -35.54 -62.52
N VAL C 402 30.99 -34.67 -62.57
CA VAL C 402 30.97 -33.57 -63.55
C VAL C 402 31.73 -32.36 -63.00
N LYS C 403 32.86 -32.05 -63.63
CA LYS C 403 33.71 -30.95 -63.22
C LYS C 403 33.16 -29.60 -63.71
N SER C 404 33.20 -28.60 -62.84
CA SER C 404 33.02 -27.20 -63.25
C SER C 404 34.23 -26.39 -62.77
N GLY C 405 34.29 -25.12 -63.15
CA GLY C 405 35.42 -24.25 -62.83
C GLY C 405 35.72 -24.20 -61.34
N LEU C 406 34.70 -23.85 -60.56
CA LEU C 406 34.76 -23.90 -59.10
C LEU C 406 33.69 -24.87 -58.60
N GLY C 407 34.13 -25.99 -58.03
CA GLY C 407 33.22 -27.05 -57.58
C GLY C 407 33.21 -28.23 -58.55
N PRO C 408 32.85 -29.42 -58.07
CA PRO C 408 32.37 -29.69 -56.71
C PRO C 408 33.50 -29.75 -55.68
N PHE C 409 33.35 -29.00 -54.60
CA PHE C 409 34.24 -29.10 -53.44
C PHE C 409 33.44 -29.04 -52.15
N GLY C 410 33.81 -29.88 -51.20
CA GLY C 410 33.10 -29.95 -49.93
C GLY C 410 33.51 -31.14 -49.09
N LEU C 411 32.55 -31.75 -48.40
CA LEU C 411 32.81 -32.91 -47.56
C LEU C 411 32.21 -34.17 -48.17
N MET C 412 32.80 -35.32 -47.83
CA MET C 412 32.20 -36.62 -48.11
C MET C 412 32.02 -37.34 -46.78
N VAL C 413 30.76 -37.51 -46.38
CA VAL C 413 30.42 -38.07 -45.08
C VAL C 413 29.80 -39.46 -45.20
N LEU C 414 29.83 -40.18 -44.08
CA LEU C 414 29.37 -41.57 -44.02
C LEU C 414 29.92 -42.37 -45.21
N ALA C 415 31.22 -42.20 -45.44
CA ALA C 415 31.92 -42.79 -46.57
C ALA C 415 32.70 -44.03 -46.14
N SER C 416 32.73 -45.03 -47.01
CA SER C 416 33.52 -46.24 -46.78
C SER C 416 34.97 -45.98 -47.18
N LYS C 417 35.87 -46.87 -46.77
CA LYS C 417 37.32 -46.67 -46.90
C LYS C 417 37.72 -46.42 -48.35
N ASN C 418 37.15 -47.21 -49.25
CA ASN C 418 37.46 -47.14 -50.67
C ASN C 418 36.42 -46.37 -51.48
N LEU C 419 35.49 -45.72 -50.78
CA LEU C 419 34.45 -44.89 -51.39
C LEU C 419 33.46 -45.69 -52.28
N GLU C 420 33.14 -46.91 -51.84
CA GLU C 420 32.05 -47.68 -52.45
C GLU C 420 30.72 -47.03 -52.07
N GLU C 421 30.69 -46.42 -50.88
CA GLU C 421 29.59 -45.60 -50.42
C GLU C 421 30.11 -44.26 -49.94
N TYR C 422 29.33 -43.20 -50.17
CA TYR C 422 29.61 -41.88 -49.60
C TYR C 422 28.42 -40.93 -49.82
N THR C 423 28.30 -39.93 -48.96
CA THR C 423 27.33 -38.84 -49.14
C THR C 423 28.11 -37.55 -49.34
N SER C 424 27.95 -36.94 -50.51
CA SER C 424 28.67 -35.73 -50.87
C SER C 424 27.84 -34.50 -50.52
N VAL C 425 28.41 -33.63 -49.69
CA VAL C 425 27.84 -32.32 -49.38
C VAL C 425 28.84 -31.29 -49.89
N TYR C 426 28.47 -30.52 -50.92
CA TYR C 426 29.44 -29.71 -51.63
C TYR C 426 28.87 -28.43 -52.26
N PHE C 427 29.78 -27.55 -52.65
CA PHE C 427 29.45 -26.30 -53.32
C PHE C 427 29.83 -26.33 -54.79
N ARG C 428 29.14 -25.50 -55.58
CA ARG C 428 29.60 -25.09 -56.89
C ARG C 428 29.47 -23.57 -56.93
N ILE C 429 30.40 -22.90 -57.61
CA ILE C 429 30.36 -21.44 -57.74
C ILE C 429 30.19 -21.08 -59.21
N PHE C 430 29.09 -20.41 -59.53
CA PHE C 430 28.85 -19.93 -60.88
C PHE C 430 28.90 -18.41 -60.92
N LYS C 431 29.18 -17.89 -62.11
CA LYS C 431 29.08 -16.46 -62.40
C LYS C 431 27.63 -16.19 -62.79
N ALA C 432 27.02 -15.16 -62.20
CA ALA C 432 25.61 -14.87 -62.41
C ALA C 432 25.29 -14.54 -63.86
N ARG C 433 26.23 -13.87 -64.53
CA ARG C 433 26.02 -13.39 -65.89
C ARG C 433 27.40 -13.13 -66.52
N GLN C 434 27.52 -13.34 -67.83
CA GLN C 434 28.80 -13.23 -68.52
C GLN C 434 29.49 -11.89 -68.17
N ASN C 435 30.76 -11.96 -67.79
CA ASN C 435 31.53 -10.79 -67.35
C ASN C 435 30.88 -9.97 -66.23
N SER C 436 30.31 -10.66 -65.24
CA SER C 436 29.69 -10.02 -64.08
C SER C 436 30.52 -10.24 -62.82
N ASN C 437 30.26 -9.42 -61.79
CA ASN C 437 30.90 -9.58 -60.48
C ASN C 437 29.93 -10.17 -59.46
N LYS C 438 28.73 -10.52 -59.91
CA LYS C 438 27.77 -11.24 -59.09
C LYS C 438 27.90 -12.74 -59.35
N TYR C 439 27.92 -13.53 -58.28
CA TYR C 439 28.10 -14.98 -58.38
C TYR C 439 26.95 -15.73 -57.73
N VAL C 440 26.82 -17.00 -58.08
CA VAL C 440 25.77 -17.87 -57.52
C VAL C 440 26.43 -19.07 -56.86
N VAL C 441 26.07 -19.33 -55.61
CA VAL C 441 26.65 -20.41 -54.83
C VAL C 441 25.61 -21.51 -54.63
N LEU C 442 25.82 -22.64 -55.30
CA LEU C 442 24.93 -23.80 -55.19
C LEU C 442 25.45 -24.73 -54.11
N MET C 443 24.55 -25.21 -53.25
CA MET C 443 24.90 -26.23 -52.26
C MET C 443 24.14 -27.50 -52.55
N CYS C 444 24.86 -28.60 -52.77
CA CYS C 444 24.23 -29.90 -52.98
C CYS C 444 24.43 -30.81 -51.79
N SER C 445 23.42 -31.63 -51.53
CA SER C 445 23.57 -32.80 -50.66
C SER C 445 23.19 -34.01 -51.51
N ASP C 446 24.20 -34.73 -51.99
CA ASP C 446 24.01 -35.82 -52.94
C ASP C 446 24.13 -37.18 -52.24
N GLN C 447 23.10 -38.01 -52.34
CA GLN C 447 23.11 -39.32 -51.70
C GLN C 447 22.86 -40.46 -52.70
N SER C 448 23.16 -40.20 -53.98
CA SER C 448 23.03 -41.18 -55.04
C SER C 448 23.96 -42.39 -54.85
N ARG C 449 25.09 -42.18 -54.20
CA ARG C 449 26.00 -43.29 -53.88
C ARG C 449 26.19 -43.45 -52.36
N SER C 450 25.14 -43.13 -51.60
CA SER C 450 25.20 -43.19 -50.13
C SER C 450 25.06 -44.61 -49.58
N SER C 451 24.36 -45.48 -50.32
CA SER C 451 24.21 -46.87 -49.91
C SER C 451 24.21 -47.83 -51.10
N LEU C 452 24.79 -49.01 -50.89
CA LEU C 452 24.76 -50.09 -51.89
C LEU C 452 23.36 -50.69 -52.01
N LYS C 453 22.54 -50.53 -50.97
CA LYS C 453 21.15 -50.98 -51.04
C LYS C 453 20.33 -49.97 -51.85
N GLU C 454 19.72 -50.47 -52.93
CA GLU C 454 19.04 -49.61 -53.91
C GLU C 454 17.59 -49.30 -53.51
N ASP C 455 17.09 -49.98 -52.50
CA ASP C 455 15.75 -49.72 -51.95
C ASP C 455 15.64 -48.36 -51.28
N ASN C 456 16.74 -47.85 -50.75
CA ASN C 456 16.76 -46.55 -50.10
C ASN C 456 16.39 -45.45 -51.09
N ASP C 457 15.62 -44.48 -50.61
CA ASP C 457 15.37 -43.26 -51.36
C ASP C 457 16.68 -42.49 -51.36
N LYS C 458 17.27 -42.34 -52.55
CA LYS C 458 18.58 -41.73 -52.71
C LYS C 458 18.47 -40.42 -53.50
N THR C 459 17.32 -39.75 -53.36
CA THR C 459 17.11 -38.45 -54.01
C THR C 459 18.16 -37.45 -53.56
N THR C 460 18.65 -36.66 -54.51
CA THR C 460 19.62 -35.60 -54.22
C THR C 460 18.89 -34.29 -53.92
N TYR C 461 19.48 -33.47 -53.05
CA TYR C 461 18.91 -32.18 -52.67
C TYR C 461 19.85 -31.03 -53.09
N GLY C 462 19.28 -29.83 -53.23
CA GLY C 462 20.05 -28.67 -53.65
C GLY C 462 19.44 -27.35 -53.22
N ALA C 463 20.29 -26.37 -52.95
CA ALA C 463 19.87 -25.04 -52.50
C ALA C 463 20.84 -23.94 -52.96
N PHE C 464 20.31 -22.77 -53.28
CA PHE C 464 21.17 -21.61 -53.49
C PHE C 464 21.50 -21.00 -52.12
N VAL C 465 22.69 -20.41 -52.03
CA VAL C 465 23.17 -19.85 -50.77
C VAL C 465 23.55 -18.39 -51.00
N ASP C 466 22.82 -17.50 -50.32
CA ASP C 466 23.04 -16.06 -50.45
C ASP C 466 24.26 -15.63 -49.65
N ILE C 467 25.44 -15.93 -50.20
CA ILE C 467 26.71 -15.50 -49.62
C ILE C 467 27.67 -15.04 -50.71
N ASN C 468 28.59 -14.15 -50.34
CA ASN C 468 29.60 -13.65 -51.24
C ASN C 468 30.80 -14.61 -51.25
N PRO C 469 31.11 -15.20 -52.42
CA PRO C 469 32.23 -16.16 -52.44
C PRO C 469 33.62 -15.50 -52.34
N HIS C 470 33.69 -14.18 -52.50
CA HIS C 470 34.91 -13.40 -52.21
C HIS C 470 35.40 -13.69 -50.78
N GLN C 471 34.46 -13.80 -49.85
CA GLN C 471 34.77 -14.21 -48.47
C GLN C 471 34.73 -15.73 -48.37
N PRO C 472 35.48 -16.29 -47.40
CA PRO C 472 35.52 -17.75 -47.28
C PRO C 472 34.12 -18.35 -47.14
N LEU C 473 33.91 -19.54 -47.71
CA LEU C 473 32.61 -20.19 -47.68
C LEU C 473 32.50 -21.10 -46.47
N SER C 474 31.46 -20.89 -45.67
CA SER C 474 31.21 -21.71 -44.47
C SER C 474 30.36 -22.92 -44.80
N LEU C 475 30.68 -24.04 -44.16
CA LEU C 475 29.91 -25.28 -44.26
C LEU C 475 30.03 -26.05 -42.96
N ARG C 476 28.90 -26.47 -42.41
CA ARG C 476 28.87 -27.33 -41.21
C ARG C 476 28.04 -28.59 -41.50
N ALA C 477 28.52 -29.74 -41.02
CA ALA C 477 27.80 -31.01 -41.17
C ALA C 477 27.66 -31.75 -39.84
N LEU C 478 26.42 -31.95 -39.39
CA LEU C 478 26.14 -32.84 -38.26
C LEU C 478 25.86 -34.22 -38.84
N ILE C 479 26.70 -35.19 -38.50
CA ILE C 479 26.62 -36.56 -39.01
C ILE C 479 26.23 -37.48 -37.86
N ASP C 480 25.23 -38.33 -38.07
CA ASP C 480 24.71 -39.17 -36.99
C ASP C 480 24.11 -40.50 -37.47
N HIS C 481 24.99 -41.34 -38.04
CA HIS C 481 24.70 -42.74 -38.42
C HIS C 481 23.80 -42.91 -39.64
N SER C 482 22.60 -42.33 -39.58
CA SER C 482 21.69 -42.36 -40.73
C SER C 482 21.10 -41.00 -41.05
N VAL C 483 21.66 -39.94 -40.47
CA VAL C 483 21.23 -38.56 -40.78
C VAL C 483 22.42 -37.64 -40.95
N VAL C 484 22.30 -36.72 -41.91
CA VAL C 484 23.29 -35.69 -42.15
C VAL C 484 22.58 -34.35 -42.26
N GLU C 485 22.88 -33.44 -41.33
CA GLU C 485 22.33 -32.08 -41.36
C GLU C 485 23.42 -31.12 -41.80
N SER C 486 23.23 -30.50 -42.96
CA SER C 486 24.24 -29.63 -43.55
C SER C 486 23.79 -28.18 -43.53
N PHE C 487 24.69 -27.30 -43.10
CA PHE C 487 24.41 -25.86 -43.01
C PHE C 487 25.45 -25.09 -43.81
N GLY C 488 25.05 -24.60 -44.97
CA GLY C 488 25.92 -23.76 -45.78
C GLY C 488 25.78 -22.31 -45.36
N GLY C 489 26.90 -21.57 -45.44
CA GLY C 489 26.90 -20.14 -45.21
C GLY C 489 26.38 -19.72 -43.87
N LYS C 490 26.82 -20.40 -42.81
CA LYS C 490 26.44 -20.09 -41.43
C LYS C 490 24.90 -20.07 -41.24
N GLY C 491 24.21 -21.04 -41.86
CA GLY C 491 22.79 -21.26 -41.61
C GLY C 491 21.81 -20.66 -42.62
N ARG C 492 22.33 -20.15 -43.73
CA ARG C 492 21.47 -19.56 -44.76
C ARG C 492 20.83 -20.63 -45.67
N ALA C 493 21.44 -21.82 -45.68
CA ALA C 493 20.98 -22.92 -46.53
C ALA C 493 21.16 -24.23 -45.77
N CYS C 494 20.04 -24.82 -45.35
CA CYS C 494 20.04 -26.07 -44.59
C CYS C 494 19.51 -27.23 -45.42
N ILE C 495 20.18 -28.38 -45.36
CA ILE C 495 19.69 -29.60 -46.02
C ILE C 495 19.88 -30.81 -45.11
N THR C 496 18.76 -31.39 -44.68
CA THR C 496 18.77 -32.61 -43.89
C THR C 496 18.54 -33.80 -44.82
N SER C 497 19.44 -34.78 -44.79
CA SER C 497 19.28 -36.00 -45.58
C SER C 497 19.32 -37.25 -44.70
N ARG C 498 18.74 -38.33 -45.21
CA ARG C 498 18.75 -39.62 -44.52
C ARG C 498 19.32 -40.67 -45.45
N VAL C 499 20.34 -41.37 -44.96
CA VAL C 499 21.03 -42.40 -45.72
C VAL C 499 21.25 -43.63 -44.84
N TYR C 500 21.49 -44.77 -45.46
CA TYR C 500 21.55 -46.06 -44.77
C TYR C 500 22.63 -46.94 -45.40
N PRO C 501 23.92 -46.60 -45.16
CA PRO C 501 25.00 -47.32 -45.80
C PRO C 501 25.17 -48.74 -45.25
N LYS C 502 25.65 -49.66 -46.09
CA LYS C 502 25.95 -51.04 -45.70
C LYS C 502 27.35 -51.18 -45.11
N LEU C 503 28.31 -50.46 -45.70
CA LEU C 503 29.71 -50.57 -45.31
C LEU C 503 30.12 -49.44 -44.36
N ALA C 504 29.68 -48.22 -44.64
CA ALA C 504 30.01 -47.06 -43.81
C ALA C 504 29.20 -47.06 -42.52
N ILE C 505 29.59 -47.92 -41.58
CA ILE C 505 28.92 -48.05 -40.28
C ILE C 505 29.96 -48.04 -39.15
N GLY C 506 29.65 -47.33 -38.07
CA GLY C 506 30.49 -47.29 -36.88
C GLY C 506 31.94 -46.91 -37.15
N LYS C 507 32.85 -47.82 -36.82
CA LYS C 507 34.29 -47.61 -37.04
C LYS C 507 34.69 -47.64 -38.52
N SER C 508 33.85 -48.24 -39.36
CA SER C 508 34.14 -48.40 -40.78
C SER C 508 33.60 -47.26 -41.67
N SER C 509 33.22 -46.15 -41.07
CA SER C 509 32.84 -44.95 -41.83
C SER C 509 34.00 -43.95 -41.79
N HIS C 510 34.09 -43.10 -42.81
CA HIS C 510 35.20 -42.17 -42.96
C HIS C 510 34.73 -40.77 -43.36
N LEU C 511 35.57 -39.78 -43.08
CA LEU C 511 35.29 -38.38 -43.41
C LEU C 511 36.41 -37.80 -44.27
N PHE C 512 36.03 -37.26 -45.43
CA PHE C 512 36.98 -36.63 -46.35
C PHE C 512 36.57 -35.19 -46.63
N ALA C 513 37.55 -34.36 -46.97
CA ALA C 513 37.32 -33.09 -47.66
C ALA C 513 37.75 -33.35 -49.10
N PHE C 514 37.06 -32.75 -50.07
CA PHE C 514 37.35 -33.05 -51.47
C PHE C 514 37.13 -31.88 -52.41
N ASN C 515 37.75 -31.96 -53.57
CA ASN C 515 37.63 -30.95 -54.62
C ASN C 515 37.88 -31.58 -55.99
N TYR C 516 36.81 -31.79 -56.74
CA TYR C 516 36.89 -32.38 -58.08
C TYR C 516 36.73 -31.34 -59.19
N GLY C 517 36.70 -30.06 -58.84
CA GLY C 517 36.59 -28.98 -59.84
C GLY C 517 37.93 -28.70 -60.50
N TYR C 518 37.91 -27.89 -61.56
CA TYR C 518 39.13 -27.55 -62.30
C TYR C 518 40.10 -26.70 -61.48
N GLN C 519 39.58 -25.66 -60.83
CA GLN C 519 40.40 -24.79 -59.99
C GLN C 519 40.61 -25.39 -58.61
N SER C 520 41.82 -25.26 -58.09
CA SER C 520 42.15 -25.77 -56.77
C SER C 520 41.57 -24.82 -55.71
N VAL C 521 41.12 -25.39 -54.59
CA VAL C 521 40.52 -24.61 -53.51
C VAL C 521 41.30 -24.79 -52.21
N ASP C 522 41.43 -23.70 -51.46
CA ASP C 522 42.09 -23.73 -50.16
C ASP C 522 41.09 -24.11 -49.07
N VAL C 523 41.54 -24.96 -48.16
CA VAL C 523 40.81 -25.27 -46.94
C VAL C 523 41.47 -24.47 -45.82
N LEU C 524 40.90 -23.29 -45.53
CA LEU C 524 41.49 -22.38 -44.53
C LEU C 524 41.49 -22.99 -43.15
N ASN C 525 40.37 -23.61 -42.78
CA ASN C 525 40.23 -24.27 -41.49
C ASN C 525 39.19 -25.37 -41.58
N LEU C 526 39.48 -26.50 -40.94
CA LEU C 526 38.53 -27.61 -40.81
C LEU C 526 38.63 -28.17 -39.40
N ASN C 527 37.53 -28.09 -38.66
CA ASN C 527 37.42 -28.70 -37.34
C ASN C 527 36.42 -29.85 -37.40
N ALA C 528 36.86 -31.04 -37.00
CA ALA C 528 35.96 -32.18 -36.85
C ALA C 528 35.99 -32.65 -35.39
N TRP C 529 34.83 -32.64 -34.74
CA TRP C 529 34.70 -33.13 -33.37
C TRP C 529 33.95 -34.45 -33.37
N SER C 530 34.49 -35.45 -32.66
CA SER C 530 33.72 -36.64 -32.35
C SER C 530 32.59 -36.22 -31.42
N MET C 531 31.42 -36.82 -31.60
CA MET C 531 30.25 -36.47 -30.80
C MET C 531 29.83 -37.63 -29.88
N ASN C 532 29.65 -37.32 -28.61
CA ASN C 532 29.15 -38.29 -27.66
C ASN C 532 27.66 -38.46 -27.82
N SER C 533 27.16 -39.61 -27.41
CA SER C 533 25.73 -39.88 -27.47
C SER C 533 25.01 -39.10 -26.39
N ALA C 534 23.83 -38.58 -26.74
CA ALA C 534 22.93 -37.99 -25.77
C ALA C 534 22.17 -39.10 -25.06
N GLN C 535 21.69 -38.83 -23.86
CA GLN C 535 20.74 -39.73 -23.18
C GLN C 535 19.34 -39.27 -23.56
N ILE C 536 18.70 -40.06 -24.43
CA ILE C 536 17.45 -39.65 -25.07
C ILE C 536 16.37 -40.71 -24.89
N SER C 537 15.26 -40.31 -24.27
CA SER C 537 14.06 -41.16 -24.10
C SER C 537 14.31 -42.66 -24.18
N ASN D 4 -20.33 -38.66 -63.24
CA ASN D 4 -19.08 -39.15 -63.90
C ASN D 4 -17.83 -38.72 -63.12
N LEU D 5 -17.91 -38.80 -61.78
CA LEU D 5 -16.76 -38.60 -60.91
C LEU D 5 -15.79 -39.77 -61.08
N VAL D 6 -16.35 -40.95 -61.39
CA VAL D 6 -15.56 -42.14 -61.72
C VAL D 6 -14.79 -41.96 -63.03
N GLU D 7 -15.45 -41.34 -64.00
CA GLU D 7 -14.87 -41.15 -65.34
C GLU D 7 -13.72 -40.15 -65.30
N THR D 8 -13.96 -39.02 -64.62
CA THR D 8 -12.95 -37.97 -64.50
C THR D 8 -11.78 -38.40 -63.62
N THR D 9 -12.07 -39.07 -62.51
CA THR D 9 -11.02 -39.57 -61.61
C THR D 9 -10.10 -40.56 -62.33
N CYS D 10 -10.69 -41.49 -63.09
CA CYS D 10 -9.92 -42.51 -63.80
C CYS D 10 -9.09 -41.95 -64.94
N LYS D 11 -9.58 -40.89 -65.59
CA LYS D 11 -8.80 -40.19 -66.62
C LYS D 11 -7.45 -39.74 -66.08
N ASN D 12 -7.42 -39.24 -64.85
CA ASN D 12 -6.16 -38.83 -64.19
C ASN D 12 -5.49 -39.98 -63.43
N THR D 13 -5.36 -41.13 -64.09
CA THR D 13 -4.61 -42.26 -63.55
C THR D 13 -3.74 -42.84 -64.66
N PRO D 14 -2.71 -43.62 -64.29
CA PRO D 14 -1.91 -44.30 -65.31
C PRO D 14 -2.65 -45.40 -66.08
N ASN D 15 -3.82 -45.84 -65.61
CA ASN D 15 -4.57 -46.90 -66.27
C ASN D 15 -6.09 -46.71 -66.12
N TYR D 16 -6.68 -46.07 -67.12
CA TYR D 16 -8.10 -45.74 -67.13
C TYR D 16 -9.00 -46.97 -67.03
N GLN D 17 -8.74 -47.97 -67.88
CA GLN D 17 -9.59 -49.18 -67.92
C GLN D 17 -9.55 -49.97 -66.62
N LEU D 18 -8.35 -50.24 -66.12
CA LEU D 18 -8.18 -50.97 -64.87
C LEU D 18 -8.87 -50.22 -63.73
N CYS D 19 -8.72 -48.90 -63.74
CA CYS D 19 -9.39 -48.02 -62.79
C CYS D 19 -10.91 -48.15 -62.88
N LEU D 20 -11.41 -48.07 -64.11
CA LEU D 20 -12.85 -48.10 -64.37
C LEU D 20 -13.47 -49.44 -63.97
N LYS D 21 -12.84 -50.54 -64.39
CA LYS D 21 -13.28 -51.89 -64.03
C LYS D 21 -13.38 -52.10 -62.52
N THR D 22 -12.38 -51.62 -61.79
CA THR D 22 -12.29 -51.84 -60.35
C THR D 22 -13.38 -51.09 -59.60
N LEU D 23 -13.58 -49.82 -59.97
CA LEU D 23 -14.54 -48.97 -59.28
C LEU D 23 -15.97 -49.43 -59.50
N LEU D 24 -16.29 -49.81 -60.73
CA LEU D 24 -17.65 -50.23 -61.10
C LEU D 24 -18.07 -51.58 -60.47
N SER D 25 -17.11 -52.39 -60.05
CA SER D 25 -17.40 -53.63 -59.34
C SER D 25 -17.85 -53.40 -57.90
N ASP D 26 -17.59 -52.20 -57.38
CA ASP D 26 -18.00 -51.81 -56.04
C ASP D 26 -19.20 -50.85 -56.11
N LYS D 27 -20.26 -51.17 -55.38
CA LYS D 27 -21.48 -50.33 -55.38
C LYS D 27 -21.28 -48.96 -54.72
N ARG D 28 -20.29 -48.85 -53.84
CA ARG D 28 -19.95 -47.57 -53.19
C ARG D 28 -19.52 -46.48 -54.20
N SER D 29 -19.15 -46.89 -55.41
CA SER D 29 -18.65 -45.97 -56.44
C SER D 29 -19.75 -45.21 -57.18
N ALA D 30 -21.00 -45.58 -56.97
CA ALA D 30 -22.12 -44.91 -57.62
C ALA D 30 -22.32 -43.50 -57.07
N THR D 31 -22.25 -43.38 -55.75
CA THR D 31 -22.49 -42.10 -55.07
C THR D 31 -21.27 -41.62 -54.27
N GLY D 32 -20.19 -42.40 -54.28
CA GLY D 32 -19.04 -42.13 -53.43
C GLY D 32 -18.17 -40.98 -53.92
N ASP D 33 -17.66 -40.19 -52.98
CA ASP D 33 -16.71 -39.12 -53.27
C ASP D 33 -15.31 -39.71 -53.51
N ILE D 34 -14.34 -38.84 -53.79
CA ILE D 34 -12.97 -39.25 -54.15
C ILE D 34 -12.33 -40.18 -53.10
N THR D 35 -12.59 -39.89 -51.82
CA THR D 35 -12.08 -40.74 -50.72
C THR D 35 -12.67 -42.14 -50.76
N THR D 36 -13.95 -42.25 -51.13
CA THR D 36 -14.61 -43.55 -51.25
C THR D 36 -14.02 -44.31 -52.43
N LEU D 37 -13.79 -43.61 -53.53
CA LEU D 37 -13.17 -44.21 -54.71
C LEU D 37 -11.75 -44.71 -54.42
N ALA D 38 -11.05 -44.03 -53.50
CA ALA D 38 -9.71 -44.45 -53.07
C ALA D 38 -9.75 -45.71 -52.21
N LEU D 39 -10.73 -45.78 -51.30
CA LEU D 39 -10.91 -46.96 -50.43
C LEU D 39 -11.25 -48.21 -51.24
N ILE D 40 -12.03 -48.02 -52.31
CA ILE D 40 -12.39 -49.10 -53.23
C ILE D 40 -11.13 -49.71 -53.86
N MET D 41 -10.18 -48.85 -54.18
CA MET D 41 -8.93 -49.28 -54.79
C MET D 41 -8.08 -50.03 -53.77
N VAL D 42 -8.01 -49.50 -52.56
CA VAL D 42 -7.31 -50.18 -51.46
C VAL D 42 -7.81 -51.63 -51.33
N ASP D 43 -9.12 -51.81 -51.29
CA ASP D 43 -9.72 -53.14 -51.23
C ASP D 43 -9.37 -54.02 -52.44
N ALA D 44 -9.27 -53.40 -53.61
CA ALA D 44 -8.83 -54.11 -54.82
C ALA D 44 -7.40 -54.61 -54.68
N ILE D 45 -6.52 -53.76 -54.17
CA ILE D 45 -5.12 -54.13 -53.94
C ILE D 45 -5.03 -55.24 -52.89
N LYS D 46 -5.79 -55.09 -51.81
CA LYS D 46 -5.85 -56.10 -50.75
C LYS D 46 -6.25 -57.46 -51.30
N ALA D 47 -7.23 -57.47 -52.19
CA ALA D 47 -7.73 -58.72 -52.77
C ALA D 47 -6.64 -59.52 -53.47
N LYS D 48 -5.83 -58.83 -54.27
CA LYS D 48 -4.74 -59.47 -55.03
C LYS D 48 -3.53 -59.82 -54.16
N ALA D 49 -3.25 -58.97 -53.17
CA ALA D 49 -2.13 -59.19 -52.23
C ALA D 49 -2.37 -60.43 -51.36
N ASN D 50 -3.61 -60.58 -50.88
CA ASN D 50 -4.02 -61.79 -50.17
C ASN D 50 -3.70 -63.04 -50.99
N GLN D 51 -4.09 -63.03 -52.26
CA GLN D 51 -3.82 -64.14 -53.18
C GLN D 51 -2.31 -64.37 -53.35
N ALA D 52 -1.56 -63.29 -53.55
CA ALA D 52 -0.11 -63.34 -53.65
C ALA D 52 0.47 -64.02 -52.41
N ALA D 53 0.07 -63.53 -51.24
CA ALA D 53 0.46 -64.11 -49.97
C ALA D 53 0.21 -65.62 -49.92
N VAL D 54 -1.01 -66.03 -50.21
CA VAL D 54 -1.41 -67.45 -50.16
C VAL D 54 -0.61 -68.30 -51.15
N THR D 55 -0.40 -67.78 -52.36
CA THR D 55 0.39 -68.48 -53.38
C THR D 55 1.84 -68.61 -52.97
N ILE D 56 2.42 -67.53 -52.43
CA ILE D 56 3.80 -67.55 -51.95
C ILE D 56 3.99 -68.58 -50.85
N SER D 57 2.98 -68.77 -50.01
CA SER D 57 3.03 -69.78 -48.95
C SER D 57 3.04 -71.20 -49.50
N LYS D 58 2.22 -71.46 -50.54
CA LYS D 58 2.19 -72.78 -51.18
C LYS D 58 3.55 -73.17 -51.71
N LEU D 59 4.17 -72.24 -52.44
CA LEU D 59 5.43 -72.52 -53.11
C LEU D 59 6.55 -72.76 -52.12
N ARG D 60 6.52 -72.04 -50.99
CA ARG D 60 7.51 -72.23 -49.93
C ARG D 60 7.34 -73.55 -49.16
N HIS D 61 6.11 -74.04 -49.06
CA HIS D 61 5.84 -75.34 -48.43
C HIS D 61 5.78 -76.49 -49.45
N SER D 62 6.41 -76.30 -50.62
CA SER D 62 6.38 -77.29 -51.70
C SER D 62 7.76 -77.62 -52.25
N ASN D 63 8.80 -77.40 -51.44
CA ASN D 63 10.18 -77.68 -51.84
C ASN D 63 10.56 -76.90 -53.10
N PRO D 64 10.67 -75.58 -52.99
CA PRO D 64 11.01 -74.77 -54.15
C PRO D 64 12.46 -74.97 -54.58
N PRO D 65 12.78 -74.71 -55.86
CA PRO D 65 14.18 -74.73 -56.29
C PRO D 65 15.05 -73.77 -55.46
N ALA D 66 16.36 -74.00 -55.47
CA ALA D 66 17.27 -73.15 -54.71
C ALA D 66 17.14 -71.67 -55.09
N ALA D 67 16.92 -71.40 -56.38
CA ALA D 67 16.86 -70.03 -56.89
C ALA D 67 15.54 -69.31 -56.60
N TRP D 68 14.56 -70.02 -56.02
CA TRP D 68 13.29 -69.42 -55.60
C TRP D 68 13.22 -69.14 -54.10
N LYS D 69 13.90 -69.95 -53.29
CA LYS D 69 13.87 -69.81 -51.83
C LYS D 69 14.11 -68.38 -51.40
N GLY D 70 15.21 -67.81 -51.87
CA GLY D 70 15.53 -66.41 -51.59
C GLY D 70 14.37 -65.50 -51.93
N PRO D 71 14.05 -65.38 -53.23
CA PRO D 71 12.94 -64.54 -53.68
C PRO D 71 11.65 -64.75 -52.88
N LEU D 72 11.28 -65.99 -52.65
CA LEU D 72 10.04 -66.30 -51.94
C LEU D 72 9.99 -65.69 -50.54
N LYS D 73 11.08 -65.81 -49.77
CA LYS D 73 11.08 -65.27 -48.41
C LYS D 73 10.96 -63.74 -48.43
N ASN D 74 11.60 -63.09 -49.40
CA ASN D 74 11.51 -61.64 -49.58
C ASN D 74 10.10 -61.20 -50.00
N CYS D 75 9.48 -61.97 -50.88
CA CYS D 75 8.10 -61.71 -51.30
C CYS D 75 7.11 -61.90 -50.15
N ALA D 76 7.26 -62.99 -49.42
CA ALA D 76 6.42 -63.26 -48.23
C ALA D 76 6.43 -62.08 -47.27
N PHE D 77 7.60 -61.52 -47.02
CA PHE D 77 7.75 -60.39 -46.12
C PHE D 77 7.16 -59.11 -46.73
N SER D 78 7.37 -58.92 -48.02
CA SER D 78 6.82 -57.75 -48.72
C SER D 78 5.30 -57.69 -48.59
N TYR D 79 4.64 -58.82 -48.87
CA TYR D 79 3.18 -58.91 -48.80
C TYR D 79 2.64 -58.94 -47.36
N LYS D 80 3.45 -59.43 -46.43
CA LYS D 80 3.13 -59.30 -45.02
C LYS D 80 3.06 -57.82 -44.66
N VAL D 81 4.05 -57.05 -45.08
CA VAL D 81 4.08 -55.61 -44.80
C VAL D 81 2.95 -54.86 -45.52
N ILE D 82 2.69 -55.21 -46.78
CA ILE D 82 1.56 -54.60 -47.50
C ILE D 82 0.24 -54.83 -46.74
N LEU D 83 0.00 -56.07 -46.33
CA LEU D 83 -1.27 -56.45 -45.71
C LEU D 83 -1.36 -56.04 -44.24
N THR D 84 -0.24 -56.13 -43.53
CA THR D 84 -0.22 -55.81 -42.10
C THR D 84 -0.03 -54.32 -41.81
N ALA D 85 0.79 -53.64 -42.61
CA ALA D 85 1.13 -52.24 -42.33
C ALA D 85 0.51 -51.27 -43.34
N SER D 86 0.88 -51.40 -44.60
CA SER D 86 0.60 -50.40 -45.63
C SER D 86 -0.88 -50.14 -45.89
N LEU D 87 -1.63 -51.18 -46.25
CA LEU D 87 -3.05 -51.01 -46.60
C LEU D 87 -3.91 -50.62 -45.39
N PRO D 88 -3.63 -51.20 -44.21
CA PRO D 88 -4.30 -50.71 -43.00
C PRO D 88 -4.00 -49.23 -42.71
N GLU D 89 -2.74 -48.84 -42.86
CA GLU D 89 -2.35 -47.43 -42.74
C GLU D 89 -3.19 -46.59 -43.72
N ALA D 90 -3.24 -47.03 -44.97
CA ALA D 90 -3.97 -46.32 -46.01
C ALA D 90 -5.46 -46.14 -45.71
N ILE D 91 -6.11 -47.21 -45.24
CA ILE D 91 -7.51 -47.17 -44.84
C ILE D 91 -7.74 -46.15 -43.73
N GLU D 92 -6.89 -46.19 -42.70
CA GLU D 92 -6.99 -45.23 -41.59
C GLU D 92 -6.84 -43.80 -42.08
N ALA D 93 -5.80 -43.57 -42.89
CA ALA D 93 -5.47 -42.24 -43.39
C ALA D 93 -6.59 -41.70 -44.28
N LEU D 94 -7.11 -42.55 -45.16
CA LEU D 94 -8.25 -42.16 -45.98
C LEU D 94 -9.49 -41.86 -45.15
N THR D 95 -9.77 -42.71 -44.17
CA THR D 95 -10.98 -42.60 -43.36
C THR D 95 -10.95 -41.42 -42.38
N LYS D 96 -9.76 -41.09 -41.86
CA LYS D 96 -9.61 -40.03 -40.86
C LYS D 96 -9.17 -38.70 -41.49
N GLY D 97 -8.58 -38.74 -42.69
CA GLY D 97 -8.28 -37.53 -43.46
C GLY D 97 -6.85 -37.04 -43.36
N ASP D 98 -5.90 -37.93 -43.65
CA ASP D 98 -4.51 -37.54 -43.84
C ASP D 98 -3.97 -38.24 -45.09
N PRO D 99 -4.27 -37.69 -46.28
CA PRO D 99 -4.03 -38.36 -47.54
C PRO D 99 -2.59 -38.79 -47.84
N LYS D 100 -1.61 -38.02 -47.38
CA LYS D 100 -0.21 -38.33 -47.68
C LYS D 100 0.26 -39.67 -47.10
N PHE D 101 -0.36 -40.11 -45.99
CA PHE D 101 -0.03 -41.40 -45.41
C PHE D 101 -0.70 -42.55 -46.15
N ALA D 102 -1.85 -42.28 -46.77
CA ALA D 102 -2.46 -43.22 -47.72
C ALA D 102 -1.60 -43.33 -48.98
N GLU D 103 -1.05 -42.20 -49.42
CA GLU D 103 -0.14 -42.15 -50.55
C GLU D 103 1.14 -42.96 -50.29
N ASP D 104 1.69 -42.83 -49.08
CA ASP D 104 2.89 -43.59 -48.70
C ASP D 104 2.62 -45.08 -48.87
N GLY D 105 1.50 -45.54 -48.32
CA GLY D 105 1.09 -46.94 -48.43
C GLY D 105 0.99 -47.45 -49.87
N MET D 106 0.40 -46.63 -50.74
CA MET D 106 0.21 -47.01 -52.15
C MET D 106 1.54 -47.08 -52.89
N VAL D 107 2.42 -46.12 -52.61
CA VAL D 107 3.77 -46.13 -53.18
C VAL D 107 4.52 -47.35 -52.64
N GLY D 108 4.29 -47.67 -51.37
CA GLY D 108 4.86 -48.86 -50.75
C GLY D 108 4.50 -50.12 -51.52
N SER D 109 3.20 -50.39 -51.63
CA SER D 109 2.74 -51.61 -52.29
C SER D 109 3.07 -51.66 -53.78
N SER D 110 3.29 -50.51 -54.40
CA SER D 110 3.64 -50.46 -55.82
C SER D 110 5.07 -50.96 -56.06
N GLY D 111 6.00 -50.45 -55.25
CA GLY D 111 7.41 -50.84 -55.35
C GLY D 111 7.63 -52.28 -54.92
N ASP D 112 7.04 -52.65 -53.79
CA ASP D 112 7.11 -54.01 -53.26
C ASP D 112 6.75 -55.04 -54.34
N ALA D 113 5.59 -54.84 -54.97
CA ALA D 113 5.11 -55.73 -56.03
C ALA D 113 6.12 -55.87 -57.16
N GLN D 114 6.58 -54.74 -57.69
CA GLN D 114 7.62 -54.70 -58.75
C GLN D 114 8.91 -55.37 -58.29
N GLU D 115 9.36 -55.00 -57.10
CA GLU D 115 10.53 -55.60 -56.48
C GLU D 115 10.41 -57.13 -56.41
N CYS D 116 9.34 -57.60 -55.79
CA CYS D 116 9.10 -59.03 -55.62
C CYS D 116 9.10 -59.77 -56.96
N GLU D 117 8.48 -59.16 -57.98
CA GLU D 117 8.43 -59.76 -59.32
C GLU D 117 9.81 -59.87 -59.94
N GLU D 118 10.65 -58.85 -59.72
CA GLU D 118 11.96 -58.78 -60.36
C GLU D 118 13.02 -59.70 -59.73
N TYR D 119 12.74 -60.24 -58.54
CA TYR D 119 13.63 -61.22 -57.92
C TYR D 119 13.81 -62.47 -58.76
N PHE D 120 12.81 -62.79 -59.58
CA PHE D 120 12.83 -63.98 -60.42
C PHE D 120 13.55 -63.73 -61.74
N LYS D 121 14.55 -64.56 -62.02
CA LYS D 121 15.31 -64.48 -63.28
C LYS D 121 14.68 -65.41 -64.31
N GLY D 122 14.79 -65.02 -65.58
CA GLY D 122 13.89 -65.53 -66.62
C GLY D 122 12.74 -64.54 -66.71
N SER D 123 12.36 -64.01 -65.54
CA SER D 123 11.58 -62.77 -65.37
C SER D 123 10.06 -62.94 -65.48
N LYS D 124 9.60 -64.19 -65.41
CA LYS D 124 8.18 -64.49 -65.23
C LYS D 124 8.02 -65.41 -64.01
N SER D 125 7.62 -64.83 -62.89
CA SER D 125 7.44 -65.59 -61.65
C SER D 125 6.22 -66.50 -61.76
N PRO D 126 6.04 -67.41 -60.79
CA PRO D 126 4.85 -68.26 -60.82
C PRO D 126 3.54 -67.48 -60.59
N PHE D 127 3.65 -66.29 -60.00
CA PHE D 127 2.50 -65.45 -59.69
C PHE D 127 2.71 -64.02 -60.21
N SER D 128 3.20 -63.90 -61.44
CA SER D 128 3.49 -62.59 -62.04
C SER D 128 2.22 -61.78 -62.28
N ALA D 129 1.13 -62.46 -62.61
CA ALA D 129 -0.18 -61.82 -62.78
C ALA D 129 -0.54 -61.03 -61.53
N LEU D 130 -0.42 -61.69 -60.38
CA LEU D 130 -0.72 -61.07 -59.09
C LEU D 130 0.18 -59.87 -58.80
N ASN D 131 1.49 -60.04 -59.01
CA ASN D 131 2.48 -58.97 -58.82
C ASN D 131 2.16 -57.72 -59.65
N ILE D 132 1.80 -57.93 -60.91
CA ILE D 132 1.51 -56.83 -61.83
C ILE D 132 0.19 -56.15 -61.44
N ALA D 133 -0.83 -56.96 -61.17
CA ALA D 133 -2.11 -56.44 -60.67
C ALA D 133 -1.89 -55.53 -59.47
N VAL D 134 -1.16 -56.04 -58.48
CA VAL D 134 -0.86 -55.30 -57.26
C VAL D 134 -0.11 -54.01 -57.58
N HIS D 135 0.83 -54.09 -58.51
CA HIS D 135 1.65 -52.94 -58.93
C HIS D 135 0.82 -51.89 -59.65
N GLU D 136 -0.04 -52.33 -60.57
CA GLU D 136 -0.83 -51.42 -61.39
C GLU D 136 -1.95 -50.75 -60.60
N LEU D 137 -2.64 -51.54 -59.77
CA LEU D 137 -3.70 -51.02 -58.89
C LEU D 137 -3.16 -49.99 -57.90
N SER D 138 -1.97 -50.26 -57.36
CA SER D 138 -1.31 -49.31 -56.43
C SER D 138 -0.99 -47.98 -57.11
N ASP D 139 -0.51 -48.04 -58.35
CA ASP D 139 -0.24 -46.82 -59.12
C ASP D 139 -1.51 -46.05 -59.44
N VAL D 140 -2.61 -46.75 -59.70
CA VAL D 140 -3.91 -46.11 -59.87
C VAL D 140 -4.37 -45.46 -58.56
N GLY D 141 -4.26 -46.22 -57.47
CA GLY D 141 -4.58 -45.70 -56.14
C GLY D 141 -3.80 -44.45 -55.76
N ARG D 142 -2.52 -44.42 -56.13
CA ARG D 142 -1.68 -43.23 -55.92
C ARG D 142 -2.28 -42.02 -56.61
N ALA D 143 -2.60 -42.17 -57.89
CA ALA D 143 -3.16 -41.11 -58.71
C ALA D 143 -4.45 -40.56 -58.09
N ILE D 144 -5.34 -41.46 -57.67
CA ILE D 144 -6.61 -41.06 -57.05
C ILE D 144 -6.37 -40.25 -55.77
N VAL D 145 -5.41 -40.70 -54.95
CA VAL D 145 -5.13 -40.07 -53.66
C VAL D 145 -4.48 -38.68 -53.79
N ARG D 146 -3.67 -38.48 -54.84
CA ARG D 146 -3.10 -37.16 -55.15
C ARG D 146 -4.18 -36.09 -55.06
N ASN D 147 -5.34 -36.39 -55.68
CA ASN D 147 -6.48 -35.47 -55.71
C ASN D 147 -6.89 -34.90 -54.35
N LEU D 148 -6.62 -35.64 -53.27
CA LEU D 148 -6.97 -35.20 -51.92
C LEU D 148 -5.90 -34.33 -51.26
N LEU D 149 -4.72 -34.26 -51.88
CA LEU D 149 -3.61 -33.46 -51.34
C LEU D 149 -3.87 -31.97 -51.55
N ASN E 1 61.29 18.48 -22.65
CA ASN E 1 61.25 19.62 -23.61
C ASN E 1 59.83 19.96 -24.11
N GLN E 2 59.18 18.96 -24.69
CA GLN E 2 57.82 19.12 -25.23
C GLN E 2 56.96 17.97 -24.71
N PRO E 3 56.70 17.95 -23.39
CA PRO E 3 56.03 16.83 -22.76
C PRO E 3 54.55 16.69 -23.12
N TYR E 4 53.98 17.71 -23.77
CA TYR E 4 52.57 17.72 -24.13
C TYR E 4 52.31 17.42 -25.61
N ARG E 5 53.35 17.44 -26.44
CA ARG E 5 53.22 16.97 -27.82
C ARG E 5 52.88 15.48 -27.82
N THR E 6 52.00 15.09 -28.74
CA THR E 6 51.47 13.73 -28.77
C THR E 6 52.42 12.81 -29.54
N GLY E 7 52.31 11.52 -29.26
CA GLY E 7 53.10 10.50 -29.93
C GLY E 7 52.45 9.90 -31.16
N PHE E 8 51.12 9.87 -31.21
CA PHE E 8 50.40 9.27 -32.34
C PHE E 8 49.12 9.97 -32.82
N HIS E 9 48.84 11.16 -32.29
CA HIS E 9 47.76 11.97 -32.81
C HIS E 9 48.31 12.90 -33.87
N PHE E 10 47.47 13.28 -34.82
CA PHE E 10 47.90 14.15 -35.89
C PHE E 10 48.05 15.61 -35.43
N GLN E 11 49.24 16.15 -35.66
CA GLN E 11 49.51 17.57 -35.44
C GLN E 11 50.72 17.98 -36.24
N PRO E 12 50.76 19.25 -36.69
CA PRO E 12 51.92 19.71 -37.45
C PRO E 12 53.15 19.83 -36.56
N PRO E 13 54.34 20.03 -37.16
CA PRO E 13 55.57 20.20 -36.37
C PRO E 13 55.47 21.38 -35.41
N LYS E 14 54.78 22.44 -35.85
CA LYS E 14 54.62 23.63 -35.03
C LYS E 14 53.38 24.41 -35.42
N ASN E 15 53.11 25.45 -34.64
CA ASN E 15 52.10 26.47 -34.95
C ASN E 15 50.66 26.02 -34.78
N TRP E 16 49.74 26.96 -35.02
CA TRP E 16 48.32 26.77 -34.82
C TRP E 16 47.69 25.90 -35.89
N MET E 17 46.87 24.94 -35.46
CA MET E 17 46.00 24.18 -36.36
C MET E 17 44.57 24.26 -35.82
N ASN E 18 43.61 24.45 -36.72
CA ASN E 18 42.20 24.17 -36.38
C ASN E 18 41.59 23.11 -37.31
N ASP E 19 40.54 23.46 -38.05
CA ASP E 19 39.68 22.47 -38.73
C ASP E 19 40.41 21.49 -39.65
N PRO E 20 39.95 20.23 -39.68
CA PRO E 20 40.34 19.32 -40.75
C PRO E 20 39.62 19.74 -42.03
N ASN E 21 40.31 19.67 -43.17
CA ASN E 21 39.73 20.10 -44.43
C ASN E 21 39.91 19.05 -45.52
N GLY E 22 38.94 18.98 -46.42
CA GLY E 22 39.00 18.09 -47.58
C GLY E 22 39.52 16.67 -47.36
N PRO E 23 39.08 15.99 -46.28
CA PRO E 23 39.51 14.61 -46.14
C PRO E 23 38.98 13.77 -47.30
N MET E 24 39.84 12.94 -47.87
CA MET E 24 39.49 12.18 -49.06
C MET E 24 40.40 10.99 -49.28
N ILE E 25 39.96 10.09 -50.15
CA ILE E 25 40.76 8.98 -50.63
C ILE E 25 40.91 9.15 -52.14
N TYR E 26 42.06 8.79 -52.68
CA TYR E 26 42.29 8.87 -54.13
C TYR E 26 43.50 8.03 -54.52
N LYS E 27 43.32 7.14 -55.48
CA LYS E 27 44.35 6.16 -55.88
C LYS E 27 44.95 5.48 -54.64
N GLY E 28 44.09 5.08 -53.72
CA GLY E 28 44.50 4.37 -52.51
C GLY E 28 45.36 5.15 -51.54
N ILE E 29 45.33 6.48 -51.61
CA ILE E 29 46.05 7.31 -50.66
C ILE E 29 45.09 8.24 -49.94
N TYR E 30 45.22 8.32 -48.62
CA TYR E 30 44.41 9.19 -47.79
C TYR E 30 45.03 10.58 -47.72
N HIS E 31 44.18 11.60 -47.77
CA HIS E 31 44.61 12.98 -47.65
C HIS E 31 43.87 13.64 -46.49
N LEU E 32 44.62 14.33 -45.63
CA LEU E 32 44.04 15.27 -44.70
C LEU E 32 44.64 16.64 -44.96
N PHE E 33 43.81 17.59 -45.33
CA PHE E 33 44.21 18.99 -45.33
C PHE E 33 43.73 19.56 -43.99
N TYR E 34 44.27 20.70 -43.60
CA TYR E 34 43.86 21.33 -42.35
C TYR E 34 44.21 22.80 -42.31
N GLN E 35 43.43 23.56 -41.53
CA GLN E 35 43.63 25.00 -41.39
C GLN E 35 44.86 25.25 -40.54
N TRP E 36 45.86 25.92 -41.14
CA TRP E 36 47.16 26.12 -40.51
C TRP E 36 47.62 27.58 -40.59
N ASN E 37 48.14 28.10 -39.49
CA ASN E 37 48.81 29.40 -39.46
C ASN E 37 50.32 29.18 -39.62
N PRO E 38 50.88 29.54 -40.79
CA PRO E 38 52.30 29.28 -41.00
C PRO E 38 53.25 30.12 -40.13
N LYS E 39 52.74 31.10 -39.40
CA LYS E 39 53.61 31.96 -38.61
C LYS E 39 52.98 32.40 -37.29
N GLY E 40 52.50 31.44 -36.51
CA GLY E 40 51.94 31.73 -35.19
C GLY E 40 51.28 30.55 -34.48
N ALA E 41 51.16 30.66 -33.16
CA ALA E 41 50.50 29.64 -32.35
C ALA E 41 49.09 30.07 -31.94
N VAL E 42 48.55 31.06 -32.64
CA VAL E 42 47.13 31.40 -32.54
C VAL E 42 46.53 31.43 -33.92
N TRP E 43 45.21 31.49 -33.99
CA TRP E 43 44.49 31.55 -35.26
C TRP E 43 44.88 32.79 -36.07
N GLY E 44 45.05 32.61 -37.37
CA GLY E 44 45.36 33.69 -38.30
C GLY E 44 46.14 33.22 -39.52
N ASN E 45 46.26 34.09 -40.51
CA ASN E 45 47.01 33.79 -41.75
C ASN E 45 46.73 32.39 -42.26
N ILE E 46 45.47 31.96 -42.20
CA ILE E 46 45.15 30.55 -42.40
C ILE E 46 45.34 30.09 -43.86
N VAL E 47 46.10 29.01 -44.02
CA VAL E 47 46.19 28.29 -45.29
C VAL E 47 45.80 26.84 -45.06
N TRP E 48 45.55 26.13 -46.17
CA TRP E 48 45.34 24.68 -46.15
C TRP E 48 46.70 24.00 -46.14
N ALA E 49 47.08 23.40 -45.01
CA ALA E 49 48.24 22.53 -44.98
C ALA E 49 47.82 21.16 -45.50
N HIS E 50 48.79 20.26 -45.71
CA HIS E 50 48.52 19.00 -46.40
C HIS E 50 49.42 17.84 -45.96
N SER E 51 48.79 16.71 -45.62
CA SER E 51 49.51 15.46 -45.37
C SER E 51 48.81 14.29 -46.07
N THR E 52 49.59 13.29 -46.47
CA THR E 52 49.05 12.06 -47.07
C THR E 52 49.38 10.83 -46.22
N SER E 53 48.68 9.74 -46.47
CA SER E 53 48.80 8.53 -45.67
C SER E 53 48.16 7.35 -46.39
N THR E 54 48.66 6.15 -46.11
CA THR E 54 48.05 4.93 -46.63
C THR E 54 47.36 4.13 -45.53
N ASP E 55 47.34 4.66 -44.30
CA ASP E 55 46.75 3.95 -43.15
C ASP E 55 46.00 4.84 -42.14
N LEU E 56 45.89 6.13 -42.43
CA LEU E 56 45.26 7.12 -41.53
C LEU E 56 45.96 7.36 -40.17
N ILE E 57 47.15 6.80 -39.97
CA ILE E 57 47.87 6.92 -38.68
C ILE E 57 49.25 7.57 -38.85
N ASN E 58 50.01 7.09 -39.83
CA ASN E 58 51.31 7.68 -40.17
C ASN E 58 51.16 8.65 -41.35
N TRP E 59 51.71 9.86 -41.21
CA TRP E 59 51.47 10.94 -42.17
C TRP E 59 52.73 11.56 -42.75
N ASP E 60 52.73 11.76 -44.08
CA ASP E 60 53.84 12.39 -44.78
C ASP E 60 53.47 13.84 -45.09
N PRO E 61 54.36 14.80 -44.75
CA PRO E 61 54.04 16.21 -44.97
C PRO E 61 54.21 16.65 -46.42
N HIS E 62 53.36 17.57 -46.86
CA HIS E 62 53.51 18.18 -48.19
C HIS E 62 53.40 19.70 -48.04
N PRO E 63 53.76 20.45 -49.11
CA PRO E 63 53.61 21.91 -49.04
C PRO E 63 52.15 22.32 -48.93
N PRO E 64 51.88 23.52 -48.39
CA PRO E 64 50.50 24.00 -48.33
C PRO E 64 49.80 23.86 -49.68
N ALA E 65 48.61 23.26 -49.66
CA ALA E 65 47.87 22.94 -50.89
C ALA E 65 47.09 24.14 -51.43
N ILE E 66 46.45 24.89 -50.54
CA ILE E 66 45.59 26.00 -50.94
C ILE E 66 45.88 27.22 -50.06
N PHE E 67 46.35 28.29 -50.70
CA PHE E 67 46.78 29.50 -50.00
C PHE E 67 46.45 30.73 -50.86
N PRO E 68 46.34 31.91 -50.23
CA PRO E 68 46.04 33.14 -50.97
C PRO E 68 46.92 33.31 -52.20
N SER E 69 46.29 33.35 -53.38
CA SER E 69 47.01 33.49 -54.64
C SER E 69 46.19 34.17 -55.75
N ALA E 70 45.05 34.74 -55.38
CA ALA E 70 44.13 35.37 -56.33
C ALA E 70 43.18 36.25 -55.51
N PRO E 71 42.41 37.13 -56.19
CA PRO E 71 41.49 38.00 -55.44
C PRO E 71 40.43 37.25 -54.64
N PHE E 72 39.87 36.19 -55.22
CA PHE E 72 38.77 35.44 -54.59
C PHE E 72 39.14 34.70 -53.28
N ASP E 73 40.43 34.60 -52.97
CA ASP E 73 40.85 34.07 -51.67
C ASP E 73 42.10 34.79 -51.11
N ILE E 74 42.28 36.05 -51.49
CA ILE E 74 43.49 36.80 -51.16
C ILE E 74 43.66 37.01 -49.66
N ASN E 75 42.56 36.98 -48.91
CA ASN E 75 42.59 37.23 -47.47
C ASN E 75 42.42 35.98 -46.59
N GLY E 76 42.59 34.80 -47.18
CA GLY E 76 42.64 33.58 -46.40
C GLY E 76 41.94 32.41 -47.06
N CYS E 77 42.48 31.21 -46.87
CA CYS E 77 41.87 29.98 -47.39
C CYS E 77 41.21 29.19 -46.27
N TRP E 78 39.91 29.40 -46.11
CA TRP E 78 39.15 28.86 -44.99
C TRP E 78 38.60 27.47 -45.34
N SER E 79 37.79 26.89 -44.45
CA SER E 79 37.44 25.46 -44.54
C SER E 79 36.57 25.06 -45.72
N GLY E 80 36.54 23.76 -45.98
CA GLY E 80 35.84 23.20 -47.12
C GLY E 80 36.07 21.71 -47.25
N SER E 81 35.56 21.13 -48.33
CA SER E 81 35.49 19.68 -48.46
C SER E 81 35.86 19.20 -49.85
N ALA E 82 36.33 17.95 -49.93
CA ALA E 82 36.66 17.30 -51.19
C ALA E 82 35.47 16.49 -51.67
N THR E 83 35.20 16.58 -52.98
CA THR E 83 34.17 15.76 -53.62
C THR E 83 34.81 14.93 -54.72
N ILE E 84 34.60 13.62 -54.67
CA ILE E 84 35.07 12.72 -55.73
C ILE E 84 33.95 12.61 -56.76
N LEU E 85 34.23 13.03 -57.98
CA LEU E 85 33.24 13.03 -59.05
C LEU E 85 33.12 11.60 -59.62
N PRO E 86 32.03 11.31 -60.36
CA PRO E 86 31.83 9.96 -60.92
C PRO E 86 32.99 9.42 -61.76
N ASN E 87 33.65 10.29 -62.52
CA ASN E 87 34.85 9.91 -63.28
C ASN E 87 36.10 9.62 -62.41
N GLY E 88 35.99 9.81 -61.10
CA GLY E 88 37.09 9.55 -60.17
C GLY E 88 37.91 10.78 -59.80
N LYS E 89 37.79 11.85 -60.58
CA LYS E 89 38.54 13.07 -60.32
C LYS E 89 38.07 13.76 -59.05
N PRO E 90 39.00 14.06 -58.11
CA PRO E 90 38.64 14.84 -56.94
C PRO E 90 38.63 16.33 -57.23
N VAL E 91 37.71 17.04 -56.57
CA VAL E 91 37.69 18.50 -56.57
C VAL E 91 37.47 18.99 -55.14
N ILE E 92 37.96 20.18 -54.84
CA ILE E 92 37.78 20.81 -53.53
C ILE E 92 36.94 22.06 -53.65
N LEU E 93 35.91 22.18 -52.81
CA LEU E 93 35.18 23.44 -52.63
C LEU E 93 35.62 24.02 -51.29
N TYR E 94 35.91 25.31 -51.26
CA TYR E 94 36.40 25.95 -50.04
C TYR E 94 36.03 27.43 -49.93
N THR E 95 35.86 27.90 -48.70
CA THR E 95 35.59 29.30 -48.46
C THR E 95 36.86 30.11 -48.54
N GLY E 96 36.80 31.22 -49.26
CA GLY E 96 37.91 32.15 -49.35
C GLY E 96 37.43 33.51 -48.90
N ILE E 97 38.33 34.28 -48.30
CA ILE E 97 38.04 35.67 -47.93
C ILE E 97 38.48 36.56 -49.09
N ASP E 98 37.51 37.23 -49.72
CA ASP E 98 37.78 38.07 -50.89
C ASP E 98 38.36 39.43 -50.47
N PRO E 99 38.67 40.31 -51.45
CA PRO E 99 39.33 41.60 -51.16
C PRO E 99 38.54 42.54 -50.25
N LYS E 100 37.22 42.40 -50.22
CA LYS E 100 36.36 43.18 -49.30
C LYS E 100 36.07 42.40 -48.01
N ASN E 101 36.88 41.41 -47.71
CA ASN E 101 36.68 40.53 -46.55
C ASN E 101 35.30 39.85 -46.52
N GLN E 102 34.76 39.54 -47.69
CA GLN E 102 33.53 38.79 -47.80
C GLN E 102 33.84 37.30 -47.98
N GLN E 103 33.02 36.46 -47.36
CA GLN E 103 33.19 35.02 -47.45
C GLN E 103 32.53 34.50 -48.72
N VAL E 104 33.33 33.86 -49.56
CA VAL E 104 32.90 33.38 -50.87
C VAL E 104 33.34 31.93 -51.03
N GLN E 105 32.74 31.22 -51.98
CA GLN E 105 33.02 29.78 -52.19
C GLN E 105 33.74 29.54 -53.51
N ASN E 106 34.89 28.86 -53.42
CA ASN E 106 35.79 28.69 -54.54
C ASN E 106 36.03 27.20 -54.86
N ILE E 107 36.48 26.91 -56.09
CA ILE E 107 36.81 25.54 -56.48
C ILE E 107 38.30 25.40 -56.79
N ALA E 108 38.87 24.28 -56.37
CA ALA E 108 40.24 23.93 -56.72
C ALA E 108 40.29 22.48 -57.18
N GLU E 109 41.19 22.18 -58.10
CA GLU E 109 41.36 20.81 -58.60
C GLU E 109 42.85 20.50 -58.79
N PRO E 110 43.21 19.21 -58.76
CA PRO E 110 44.61 18.82 -58.88
C PRO E 110 45.27 19.31 -60.17
N LYS E 111 46.52 19.77 -60.06
CA LYS E 111 47.29 20.23 -61.21
C LYS E 111 47.76 19.06 -62.07
N ASN E 112 47.96 17.89 -61.43
CA ASN E 112 48.45 16.68 -62.10
C ASN E 112 47.85 15.44 -61.44
N LEU E 113 46.82 14.86 -62.08
CA LEU E 113 46.09 13.71 -61.52
C LEU E 113 46.92 12.43 -61.45
N SER E 114 48.07 12.39 -62.12
CA SER E 114 48.98 11.26 -62.01
C SER E 114 49.79 11.31 -60.72
N ASP E 115 49.88 12.48 -60.10
CA ASP E 115 50.54 12.63 -58.80
C ASP E 115 49.64 12.05 -57.71
N PRO E 116 50.06 10.93 -57.09
CA PRO E 116 49.21 10.31 -56.08
C PRO E 116 49.10 11.12 -54.79
N TYR E 117 50.08 12.00 -54.57
CA TYR E 117 50.09 12.88 -53.40
C TYR E 117 49.38 14.22 -53.64
N LEU E 118 48.93 14.47 -54.86
CA LEU E 118 48.18 15.70 -55.20
C LEU E 118 48.77 16.93 -54.51
N ARG E 119 50.05 17.17 -54.77
CA ARG E 119 50.78 18.22 -54.06
C ARG E 119 50.38 19.62 -54.51
N GLU E 120 50.11 19.79 -55.80
CA GLU E 120 49.78 21.11 -56.35
C GLU E 120 48.34 21.16 -56.85
N TRP E 121 47.64 22.25 -56.53
CA TRP E 121 46.26 22.43 -56.92
C TRP E 121 46.10 23.72 -57.70
N LYS E 122 45.21 23.69 -58.70
CA LYS E 122 44.92 24.88 -59.51
C LYS E 122 43.49 25.33 -59.24
N LYS E 123 43.23 26.60 -59.53
CA LYS E 123 41.98 27.25 -59.12
C LYS E 123 41.32 27.93 -60.31
N SER E 124 40.02 27.71 -60.47
CA SER E 124 39.30 28.17 -61.64
C SER E 124 39.28 29.69 -61.71
N PRO E 125 39.51 30.26 -62.92
CA PRO E 125 39.37 31.71 -63.10
C PRO E 125 37.93 32.19 -62.91
N LEU E 126 36.98 31.26 -62.93
CA LEU E 126 35.58 31.57 -62.73
C LEU E 126 35.22 31.82 -61.27
N ASN E 127 36.18 31.59 -60.36
CA ASN E 127 35.95 31.81 -58.93
C ASN E 127 35.68 33.28 -58.62
N PRO E 128 34.80 33.55 -57.64
CA PRO E 128 34.08 32.54 -56.86
C PRO E 128 32.91 31.90 -57.65
N LEU E 129 32.58 30.68 -57.29
CA LEU E 129 31.45 29.96 -57.89
C LEU E 129 30.13 30.34 -57.22
N MET E 130 30.19 30.56 -55.91
CA MET E 130 29.05 31.02 -55.14
C MET E 130 29.51 32.19 -54.26
N ALA E 131 28.75 33.28 -54.24
CA ALA E 131 29.12 34.45 -53.46
C ALA E 131 27.89 35.24 -53.00
N PRO E 132 28.01 35.96 -51.87
CA PRO E 132 26.90 36.79 -51.40
C PRO E 132 26.76 38.02 -52.28
N ASP E 133 25.52 38.42 -52.56
CA ASP E 133 25.27 39.63 -53.35
C ASP E 133 23.93 40.27 -53.02
N ALA E 134 23.57 41.32 -53.77
CA ALA E 134 22.35 42.07 -53.55
C ALA E 134 21.07 41.25 -53.74
N VAL E 135 21.10 40.28 -54.66
CA VAL E 135 19.89 39.51 -55.01
C VAL E 135 19.58 38.40 -53.98
N ASN E 136 20.57 37.59 -53.64
CA ASN E 136 20.36 36.48 -52.67
C ASN E 136 20.30 36.94 -51.22
N GLY E 137 20.88 38.10 -50.93
CA GLY E 137 20.83 38.70 -49.59
C GLY E 137 21.57 37.93 -48.52
N ILE E 138 22.52 37.09 -48.92
CA ILE E 138 23.27 36.27 -47.98
C ILE E 138 24.28 37.13 -47.23
N ASN E 139 24.43 36.85 -45.94
CA ASN E 139 25.34 37.62 -45.10
C ASN E 139 26.79 37.24 -45.38
N ALA E 140 27.55 38.22 -45.84
CA ALA E 140 28.92 38.00 -46.35
C ALA E 140 29.94 37.58 -45.29
N SER E 141 29.65 37.85 -44.02
CA SER E 141 30.53 37.42 -42.92
C SER E 141 30.08 36.11 -42.25
N SER E 142 28.94 35.57 -42.68
CA SER E 142 28.45 34.27 -42.20
C SER E 142 28.02 33.42 -43.40
N PHE E 143 29.00 33.01 -44.21
CA PHE E 143 28.72 32.22 -45.40
C PHE E 143 29.95 31.39 -45.79
N ARG E 144 30.15 30.28 -45.08
CA ARG E 144 31.36 29.48 -45.24
C ARG E 144 31.17 27.97 -45.03
N ASP E 145 32.23 27.22 -45.30
CA ASP E 145 32.35 25.78 -45.03
C ASP E 145 31.46 24.90 -45.93
N PRO E 146 31.78 24.83 -47.24
CA PRO E 146 31.07 23.97 -48.17
C PRO E 146 31.23 22.48 -47.86
N THR E 147 30.13 21.74 -47.93
CA THR E 147 30.18 20.28 -47.72
C THR E 147 30.69 19.57 -48.96
N THR E 148 30.92 18.26 -48.81
CA THR E 148 31.07 17.38 -49.96
C THR E 148 29.73 17.38 -50.72
N ALA E 149 29.80 17.41 -52.04
CA ALA E 149 28.61 17.49 -52.88
C ALA E 149 28.07 16.09 -53.17
N TRP E 150 26.75 16.00 -53.30
CA TRP E 150 26.10 14.75 -53.67
C TRP E 150 25.26 14.94 -54.92
N LEU E 151 25.35 13.96 -55.82
CA LEU E 151 24.66 14.02 -57.11
C LEU E 151 23.24 13.52 -56.93
N GLY E 152 22.27 14.29 -57.43
CA GLY E 152 20.86 13.94 -57.33
C GLY E 152 20.41 13.02 -58.44
N GLN E 153 19.30 12.32 -58.20
CA GLN E 153 18.58 11.52 -59.20
C GLN E 153 18.32 12.25 -60.53
N ASP E 154 18.12 13.58 -60.46
CA ASP E 154 17.88 14.39 -61.65
C ASP E 154 19.19 14.92 -62.29
N LYS E 155 20.32 14.31 -61.95
CA LYS E 155 21.62 14.62 -62.55
C LYS E 155 22.13 16.05 -62.25
N LYS E 156 21.61 16.64 -61.17
CA LYS E 156 22.10 17.91 -60.66
C LYS E 156 22.75 17.67 -59.30
N TRP E 157 23.90 18.31 -59.07
CA TRP E 157 24.60 18.23 -57.79
C TRP E 157 23.94 19.09 -56.73
N ARG E 158 24.11 18.70 -55.47
CA ARG E 158 23.73 19.53 -54.32
C ARG E 158 24.94 19.76 -53.43
N VAL E 159 25.10 20.98 -52.96
CA VAL E 159 26.07 21.30 -51.91
C VAL E 159 25.39 22.22 -50.90
N ILE E 160 25.77 22.10 -49.62
CA ILE E 160 25.31 23.03 -48.61
C ILE E 160 26.46 23.84 -48.02
N ILE E 161 26.14 25.06 -47.62
CA ILE E 161 27.11 26.01 -47.08
C ILE E 161 26.57 26.55 -45.76
N GLY E 162 27.44 26.61 -44.76
CA GLY E 162 27.07 27.11 -43.44
C GLY E 162 26.77 28.59 -43.48
N SER E 163 25.74 29.02 -42.77
CA SER E 163 25.37 30.44 -42.74
C SER E 163 24.47 30.75 -41.55
N LYS E 164 24.13 32.04 -41.42
CA LYS E 164 23.07 32.45 -40.51
C LYS E 164 22.41 33.76 -40.91
N ILE E 165 21.17 33.93 -40.46
CA ILE E 165 20.47 35.20 -40.52
C ILE E 165 20.05 35.52 -39.10
N HIS E 166 20.49 36.67 -38.58
CA HIS E 166 20.20 37.08 -37.21
C HIS E 166 20.59 35.98 -36.23
N ARG E 167 19.62 35.37 -35.55
CA ARG E 167 19.90 34.27 -34.62
C ARG E 167 19.64 32.90 -35.25
N ARG E 168 19.23 32.90 -36.52
CA ARG E 168 18.82 31.68 -37.20
C ARG E 168 19.98 31.04 -37.93
N GLY E 169 20.19 29.75 -37.69
CA GLY E 169 21.19 28.97 -38.44
C GLY E 169 20.61 28.47 -39.75
N LEU E 170 21.47 28.25 -40.73
CA LEU E 170 21.05 27.95 -42.08
C LEU E 170 21.98 26.98 -42.78
N ALA E 171 21.41 25.98 -43.45
CA ALA E 171 22.15 25.17 -44.41
C ALA E 171 21.70 25.60 -45.80
N ILE E 172 22.35 26.62 -46.33
CA ILE E 172 21.98 27.16 -47.64
C ILE E 172 22.39 26.15 -48.70
N THR E 173 21.50 25.92 -49.66
CA THR E 173 21.73 24.92 -50.69
C THR E 173 22.05 25.59 -52.02
N TYR E 174 22.94 24.97 -52.78
CA TYR E 174 23.16 25.32 -54.19
C TYR E 174 23.13 24.04 -55.02
N THR E 175 22.72 24.17 -56.27
CA THR E 175 22.66 23.04 -57.20
C THR E 175 23.32 23.38 -58.52
N SER E 176 23.89 22.38 -59.19
CA SER E 176 24.64 22.59 -60.43
C SER E 176 24.60 21.36 -61.35
N LYS E 177 24.58 21.60 -62.66
CA LYS E 177 24.61 20.53 -63.65
C LYS E 177 26.02 20.16 -64.11
N ASP E 178 26.94 21.13 -64.02
CA ASP E 178 28.33 20.96 -64.47
C ASP E 178 29.39 21.22 -63.39
N PHE E 179 28.95 21.46 -62.16
CA PHE E 179 29.85 21.71 -61.03
C PHE E 179 30.60 23.07 -61.13
N LEU E 180 30.25 23.89 -62.10
CA LEU E 180 30.86 25.21 -62.28
C LEU E 180 29.83 26.34 -62.24
N LYS E 181 28.65 26.09 -62.80
CA LYS E 181 27.51 27.00 -62.65
C LYS E 181 26.62 26.54 -61.50
N TRP E 182 26.69 27.25 -60.38
CA TRP E 182 25.87 26.94 -59.20
C TRP E 182 24.79 27.98 -59.04
N GLU E 183 23.57 27.53 -58.76
CA GLU E 183 22.41 28.40 -58.57
C GLU E 183 21.84 28.17 -57.17
N LYS E 184 21.47 29.25 -56.49
CA LYS E 184 20.96 29.15 -55.12
C LYS E 184 19.53 28.64 -55.09
N SER E 185 19.26 27.65 -54.22
CA SER E 185 17.90 27.18 -53.99
C SER E 185 17.14 28.21 -53.15
N PRO E 186 15.87 28.45 -53.50
CA PRO E 186 15.01 29.36 -52.70
C PRO E 186 14.98 29.03 -51.20
N GLU E 187 14.85 27.74 -50.87
CA GLU E 187 14.79 27.26 -49.49
C GLU E 187 16.05 26.49 -49.12
N PRO E 188 16.48 26.59 -47.85
CA PRO E 188 17.65 25.84 -47.38
C PRO E 188 17.31 24.39 -47.09
N LEU E 189 18.32 23.52 -47.15
CA LEU E 189 18.16 22.12 -46.80
C LEU E 189 17.47 21.99 -45.43
N HIS E 190 18.00 22.72 -44.45
CA HIS E 190 17.39 22.82 -43.12
C HIS E 190 17.80 24.13 -42.46
N TYR E 191 17.07 24.54 -41.42
CA TYR E 191 17.41 25.73 -40.64
C TYR E 191 16.96 25.58 -39.19
N ASP E 192 17.41 26.50 -38.34
CA ASP E 192 16.95 26.55 -36.95
C ASP E 192 17.01 27.98 -36.40
N ASP E 193 15.92 28.40 -35.77
CA ASP E 193 15.85 29.71 -35.10
C ASP E 193 16.48 29.61 -33.73
N GLY E 194 17.40 30.51 -33.43
CA GLY E 194 18.04 30.59 -32.10
C GLY E 194 19.40 29.94 -31.97
N SER E 195 19.74 29.01 -32.88
CA SER E 195 20.97 28.23 -32.76
C SER E 195 22.25 29.02 -33.06
N GLY E 196 22.12 30.12 -33.81
CA GLY E 196 23.28 30.90 -34.25
C GLY E 196 23.89 30.35 -35.53
N MET E 197 25.16 30.69 -35.74
CA MET E 197 25.88 30.29 -36.95
C MET E 197 26.07 28.79 -37.02
N TRP E 198 25.83 28.22 -38.19
CA TRP E 198 26.09 26.83 -38.46
C TRP E 198 27.41 26.72 -39.19
N GLU E 199 28.50 26.57 -38.43
CA GLU E 199 29.80 26.32 -39.01
C GLU E 199 29.91 24.85 -39.43
N CYS E 200 30.81 24.57 -40.37
CA CYS E 200 31.17 23.21 -40.75
C CYS E 200 30.00 22.24 -40.82
N PRO E 201 29.03 22.51 -41.71
CA PRO E 201 27.96 21.56 -41.90
C PRO E 201 28.47 20.28 -42.56
N ASP E 202 27.81 19.16 -42.25
CA ASP E 202 28.07 17.90 -42.95
C ASP E 202 26.73 17.22 -43.21
N PHE E 203 26.66 16.45 -44.29
CA PHE E 203 25.41 15.82 -44.69
C PHE E 203 25.69 14.54 -45.46
N PHE E 204 25.39 13.40 -44.83
CA PHE E 204 25.74 12.10 -45.39
C PHE E 204 24.75 11.01 -45.00
N PRO E 205 24.63 9.97 -45.84
CA PRO E 205 23.74 8.85 -45.54
C PRO E 205 24.39 7.84 -44.59
N VAL E 206 23.56 7.15 -43.81
CA VAL E 206 23.98 6.02 -43.01
C VAL E 206 22.99 4.87 -43.19
N THR E 207 23.48 3.64 -43.26
CA THR E 207 22.62 2.48 -43.46
C THR E 207 21.87 2.17 -42.17
N ARG E 208 20.59 1.82 -42.29
CA ARG E 208 19.75 1.61 -41.11
C ARG E 208 20.38 0.59 -40.16
N PHE E 209 20.82 -0.54 -40.69
CA PHE E 209 21.51 -1.54 -39.89
C PHE E 209 22.74 -2.10 -40.62
N GLY E 210 23.85 -2.15 -39.89
CA GLY E 210 25.16 -2.47 -40.46
C GLY E 210 26.14 -1.36 -40.11
N SER E 211 27.42 -1.71 -39.98
CA SER E 211 28.44 -0.75 -39.61
C SER E 211 29.18 -0.15 -40.81
N ASN E 212 28.80 -0.59 -42.01
CA ASN E 212 29.47 -0.12 -43.24
C ASN E 212 29.06 1.29 -43.63
N GLY E 213 29.96 2.01 -44.28
CA GLY E 213 29.69 3.36 -44.77
C GLY E 213 28.88 3.33 -46.06
N VAL E 214 28.15 4.41 -46.31
CA VAL E 214 27.35 4.56 -47.51
C VAL E 214 27.92 5.69 -48.36
N GLU E 215 28.08 5.45 -49.66
CA GLU E 215 28.55 6.49 -50.60
C GLU E 215 27.61 7.70 -50.48
N THR E 216 28.16 8.90 -50.55
CA THR E 216 27.42 10.12 -50.20
C THR E 216 26.17 10.37 -51.05
N SER E 217 26.24 10.02 -52.34
CA SER E 217 25.11 10.21 -53.26
C SER E 217 24.23 8.96 -53.41
N SER E 218 24.56 7.88 -52.70
CA SER E 218 23.88 6.59 -52.89
C SER E 218 22.42 6.65 -52.42
N PHE E 219 21.55 5.93 -53.13
CA PHE E 219 20.12 5.92 -52.86
C PHE E 219 19.69 4.70 -52.07
N GLY E 220 18.53 4.80 -51.44
CA GLY E 220 17.93 3.68 -50.70
C GLY E 220 17.11 2.79 -51.62
N GLU E 221 17.64 1.62 -51.95
CA GLU E 221 16.94 0.66 -52.81
C GLU E 221 15.70 0.13 -52.08
N PRO E 222 14.73 -0.47 -52.82
CA PRO E 222 13.57 -1.06 -52.15
C PRO E 222 13.95 -1.99 -50.99
N ASN E 223 15.14 -2.60 -51.07
CA ASN E 223 15.69 -3.46 -50.02
C ASN E 223 16.45 -2.70 -48.94
N GLU E 224 17.22 -1.69 -49.36
CA GLU E 224 18.15 -1.00 -48.48
C GLU E 224 17.48 0.22 -47.83
N ILE E 225 17.51 0.26 -46.49
CA ILE E 225 16.95 1.40 -45.73
C ILE E 225 18.07 2.33 -45.26
N LEU E 226 18.05 3.58 -45.74
CA LEU E 226 19.04 4.59 -45.35
C LEU E 226 18.41 5.68 -44.49
N LYS E 227 19.17 6.17 -43.53
CA LYS E 227 18.85 7.41 -42.82
C LYS E 227 19.94 8.42 -43.18
N HIS E 228 19.60 9.70 -43.13
CA HIS E 228 20.58 10.76 -43.38
C HIS E 228 20.96 11.48 -42.08
N VAL E 229 22.22 11.89 -42.00
CA VAL E 229 22.73 12.65 -40.87
C VAL E 229 23.02 14.07 -41.32
N LEU E 230 22.44 15.05 -40.62
CA LEU E 230 22.87 16.45 -40.73
C LEU E 230 23.70 16.78 -39.50
N LYS E 231 24.87 17.36 -39.71
CA LYS E 231 25.76 17.75 -38.62
C LYS E 231 26.12 19.22 -38.74
N ILE E 232 26.18 19.89 -37.59
CA ILE E 232 26.61 21.28 -37.52
C ILE E 232 27.53 21.53 -36.33
N SER E 233 28.51 22.41 -36.52
CA SER E 233 29.31 22.96 -35.45
C SER E 233 28.72 24.31 -35.12
N LEU E 234 28.32 24.51 -33.86
CA LEU E 234 27.71 25.76 -33.44
C LEU E 234 28.73 26.73 -32.80
N ASP E 235 28.85 27.91 -33.40
CA ASP E 235 29.57 29.07 -32.83
C ASP E 235 29.28 29.31 -31.36
N ASP E 236 27.99 29.21 -31.04
CA ASP E 236 27.44 29.61 -29.76
C ASP E 236 28.04 28.83 -28.59
N THR E 237 28.15 27.52 -28.74
CA THR E 237 28.53 26.61 -27.65
C THR E 237 29.89 25.94 -27.85
N LYS E 238 30.50 26.13 -29.02
CA LYS E 238 31.78 25.50 -29.38
C LYS E 238 31.72 23.96 -29.40
N HIS E 239 30.60 23.40 -29.83
CA HIS E 239 30.46 21.94 -29.90
C HIS E 239 29.92 21.50 -31.25
N ASP E 240 30.02 20.20 -31.54
CA ASP E 240 29.47 19.60 -32.76
C ASP E 240 28.23 18.80 -32.45
N TYR E 241 27.15 19.06 -33.20
CA TYR E 241 25.85 18.40 -33.02
C TYR E 241 25.43 17.68 -34.29
N TYR E 242 24.62 16.63 -34.12
CA TYR E 242 24.00 15.95 -35.26
C TYR E 242 22.56 15.57 -34.97
N THR E 243 21.75 15.49 -36.02
CA THR E 243 20.40 14.96 -35.93
C THR E 243 20.22 13.87 -37.00
N ILE E 244 19.52 12.80 -36.62
CA ILE E 244 19.24 11.70 -37.54
C ILE E 244 17.86 11.89 -38.13
N GLY E 245 17.75 11.74 -39.44
CA GLY E 245 16.47 11.92 -40.12
C GLY E 245 16.43 11.40 -41.55
N THR E 246 15.45 11.89 -42.31
CA THR E 246 15.24 11.46 -43.68
C THR E 246 15.37 12.66 -44.62
N TYR E 247 15.90 12.40 -45.82
CA TYR E 247 16.17 13.43 -46.80
C TYR E 247 15.08 13.43 -47.88
N ASP E 248 14.17 14.40 -47.79
CA ASP E 248 13.08 14.56 -48.74
C ASP E 248 13.63 15.15 -50.03
N ARG E 249 13.80 14.30 -51.05
CA ARG E 249 14.43 14.70 -52.30
C ARG E 249 13.50 15.51 -53.20
N VAL E 250 12.20 15.43 -52.94
CA VAL E 250 11.21 16.21 -53.69
C VAL E 250 11.29 17.68 -53.25
N LYS E 251 11.15 17.91 -51.95
CA LYS E 251 11.28 19.25 -51.37
C LYS E 251 12.74 19.71 -51.28
N ASP E 252 13.67 18.76 -51.36
CA ASP E 252 15.10 19.03 -51.16
C ASP E 252 15.33 19.61 -49.75
N LYS E 253 14.71 18.97 -48.76
CA LYS E 253 14.82 19.38 -47.36
C LYS E 253 15.17 18.19 -46.48
N PHE E 254 15.73 18.50 -45.31
CA PHE E 254 16.06 17.50 -44.31
C PHE E 254 15.04 17.56 -43.19
N VAL E 255 14.36 16.44 -42.94
CA VAL E 255 13.36 16.35 -41.89
C VAL E 255 13.90 15.43 -40.80
N PRO E 256 14.32 16.01 -39.64
CA PRO E 256 14.81 15.18 -38.54
C PRO E 256 13.72 14.27 -38.01
N ASP E 257 14.10 13.08 -37.55
CA ASP E 257 13.13 12.15 -36.95
C ASP E 257 12.51 12.80 -35.72
N ASN E 258 11.30 12.38 -35.38
CA ASN E 258 10.58 12.96 -34.26
C ASN E 258 11.44 12.94 -33.00
N GLY E 259 11.38 14.02 -32.23
CA GLY E 259 12.19 14.15 -31.03
C GLY E 259 13.49 14.92 -31.25
N PHE E 260 14.01 14.90 -32.48
CA PHE E 260 15.25 15.59 -32.82
C PHE E 260 15.02 17.04 -33.23
N LYS E 261 15.78 17.96 -32.65
CA LYS E 261 15.84 19.33 -33.10
C LYS E 261 17.29 19.68 -33.42
N MET E 262 17.53 20.30 -34.57
CA MET E 262 18.89 20.68 -34.96
C MET E 262 19.31 21.95 -34.23
N ASP E 263 19.76 21.79 -32.99
CA ASP E 263 20.26 22.91 -32.19
C ASP E 263 21.11 22.38 -31.02
N GLY E 264 21.22 23.16 -29.95
CA GLY E 264 22.01 22.78 -28.79
C GLY E 264 21.53 21.56 -28.03
N THR E 265 20.28 21.15 -28.26
CA THR E 265 19.72 19.96 -27.59
C THR E 265 20.01 18.65 -28.33
N ALA E 266 20.47 18.75 -29.59
CA ALA E 266 20.79 17.56 -30.39
C ALA E 266 21.90 16.75 -29.74
N PRO E 267 22.02 15.46 -30.10
CA PRO E 267 23.17 14.70 -29.59
C PRO E 267 24.46 15.17 -30.24
N ARG E 268 25.59 14.85 -29.61
CA ARG E 268 26.90 15.22 -30.14
C ARG E 268 27.68 13.99 -30.53
N TYR E 269 28.69 14.19 -31.37
CA TYR E 269 29.69 13.17 -31.63
C TYR E 269 30.49 12.92 -30.37
N ASP E 270 30.87 14.01 -29.72
CA ASP E 270 31.81 13.97 -28.62
C ASP E 270 31.40 15.00 -27.58
N TYR E 271 31.39 14.59 -26.31
CA TYR E 271 30.89 15.43 -25.23
C TYR E 271 32.00 16.09 -24.43
N GLY E 272 33.23 15.99 -24.94
CA GLY E 272 34.36 16.72 -24.38
C GLY E 272 34.78 17.84 -25.31
N LYS E 273 36.05 17.84 -25.70
CA LYS E 273 36.63 18.89 -26.53
C LYS E 273 36.79 18.39 -27.96
N TYR E 274 36.01 18.95 -28.87
CA TYR E 274 35.84 18.38 -30.21
C TYR E 274 35.04 19.34 -31.08
N TYR E 275 35.61 19.77 -32.22
CA TYR E 275 34.97 20.79 -33.06
C TYR E 275 35.29 20.66 -34.54
N ALA E 276 34.45 21.25 -35.38
CA ALA E 276 34.72 21.39 -36.80
C ALA E 276 34.88 20.04 -37.50
N SER E 277 34.18 19.03 -37.01
CA SER E 277 34.39 17.67 -37.49
C SER E 277 33.84 17.50 -38.90
N LYS E 278 34.48 16.62 -39.68
CA LYS E 278 34.09 16.36 -41.05
C LYS E 278 34.31 14.91 -41.39
N THR E 279 33.40 14.33 -42.16
CA THR E 279 33.53 12.94 -42.59
C THR E 279 33.84 12.85 -44.08
N PHE E 280 34.34 11.68 -44.47
CA PHE E 280 34.44 11.32 -45.87
C PHE E 280 34.16 9.83 -46.01
N PHE E 281 33.92 9.39 -47.23
CA PHE E 281 33.66 8.00 -47.50
C PHE E 281 34.93 7.29 -47.92
N ASP E 282 35.42 6.40 -47.05
CA ASP E 282 36.58 5.58 -47.36
C ASP E 282 36.12 4.40 -48.23
N SER E 283 36.22 4.59 -49.54
CA SER E 283 35.82 3.57 -50.51
C SER E 283 36.73 2.33 -50.50
N ALA E 284 37.97 2.49 -50.02
CA ALA E 284 38.94 1.39 -49.98
C ALA E 284 38.52 0.27 -49.01
N LYS E 285 37.96 0.64 -47.88
CA LYS E 285 37.53 -0.33 -46.86
C LYS E 285 36.04 -0.19 -46.50
N ASN E 286 35.29 0.52 -47.34
CA ASN E 286 33.85 0.75 -47.14
C ASN E 286 33.45 1.18 -45.73
N ARG E 287 33.84 2.41 -45.39
CA ARG E 287 33.53 2.98 -44.09
C ARG E 287 33.49 4.49 -44.19
N ARG E 288 32.58 5.11 -43.45
CA ARG E 288 32.58 6.56 -43.29
C ARG E 288 33.50 6.87 -42.12
N ILE E 289 34.39 7.82 -42.31
CA ILE E 289 35.39 8.16 -41.29
C ILE E 289 35.27 9.63 -40.89
N LEU E 290 35.33 9.87 -39.58
CA LEU E 290 35.10 11.19 -39.02
C LEU E 290 36.39 11.77 -38.45
N TRP E 291 36.78 12.94 -38.96
CA TRP E 291 37.91 13.70 -38.44
C TRP E 291 37.39 14.77 -37.49
N GLY E 292 38.14 15.06 -36.44
CA GLY E 292 37.70 16.04 -35.45
C GLY E 292 38.84 16.85 -34.86
N TRP E 293 38.64 18.17 -34.78
CA TRP E 293 39.65 19.10 -34.27
C TRP E 293 39.46 19.33 -32.77
N THR E 294 40.50 19.02 -31.99
CA THR E 294 40.52 19.29 -30.55
C THR E 294 41.56 20.37 -30.27
N ASN E 295 41.10 21.54 -29.83
CA ASN E 295 42.00 22.68 -29.55
C ASN E 295 42.66 22.50 -28.19
N GLU E 296 43.49 23.45 -27.80
CA GLU E 296 44.23 23.36 -26.55
C GLU E 296 43.36 23.77 -25.39
N SER E 297 43.55 23.13 -24.23
CA SER E 297 42.92 23.54 -22.98
C SER E 297 43.92 24.28 -22.06
N SER E 298 45.13 24.48 -22.57
CA SER E 298 46.13 25.30 -21.90
C SER E 298 45.89 26.77 -22.26
N SER E 299 46.54 27.67 -21.54
CA SER E 299 46.42 29.11 -21.81
C SER E 299 47.12 29.49 -23.11
N VAL E 300 46.72 30.63 -23.67
CA VAL E 300 47.35 31.17 -24.87
C VAL E 300 48.86 31.47 -24.65
N GLU E 301 49.24 31.82 -23.42
CA GLU E 301 50.65 32.00 -23.09
C GLU E 301 51.44 30.71 -23.23
N ASP E 302 50.88 29.62 -22.71
CA ASP E 302 51.50 28.31 -22.85
C ASP E 302 51.54 27.85 -24.31
N ASP E 303 50.54 28.23 -25.10
CA ASP E 303 50.50 27.89 -26.52
C ASP E 303 51.58 28.64 -27.31
N VAL E 304 51.68 29.93 -27.07
CA VAL E 304 52.72 30.73 -27.72
C VAL E 304 54.10 30.21 -27.31
N GLU E 305 54.25 29.93 -26.01
CA GLU E 305 55.54 29.49 -25.47
C GLU E 305 55.97 28.12 -26.00
N LYS E 306 55.04 27.16 -26.07
CA LYS E 306 55.38 25.83 -26.59
C LYS E 306 55.49 25.84 -28.12
N GLY E 307 54.88 26.84 -28.76
CA GLY E 307 55.08 27.10 -30.19
C GLY E 307 54.06 26.45 -31.10
N TRP E 308 53.06 25.80 -30.51
CA TRP E 308 52.04 25.10 -31.30
C TRP E 308 50.70 25.10 -30.57
N SER E 309 49.65 24.75 -31.31
CA SER E 309 48.28 24.73 -30.77
C SER E 309 47.33 23.94 -31.67
N GLY E 310 46.67 22.94 -31.07
CA GLY E 310 45.64 22.18 -31.75
C GLY E 310 46.11 20.84 -32.25
N ILE E 311 45.32 19.81 -32.01
CA ILE E 311 45.55 18.49 -32.59
C ILE E 311 44.25 17.99 -33.21
N GLN E 312 44.34 16.91 -33.98
CA GLN E 312 43.16 16.20 -34.43
C GLN E 312 43.04 14.98 -33.52
N THR E 313 41.82 14.53 -33.28
CA THR E 313 41.62 13.24 -32.62
C THR E 313 42.00 12.17 -33.60
N ILE E 314 42.19 10.94 -33.12
CA ILE E 314 42.40 9.81 -34.01
C ILE E 314 41.12 9.63 -34.82
N PRO E 315 41.24 9.46 -36.15
CA PRO E 315 40.06 9.31 -36.99
C PRO E 315 39.21 8.14 -36.53
N ARG E 316 37.89 8.34 -36.50
CA ARG E 316 37.01 7.26 -36.11
C ARG E 316 36.01 6.90 -37.20
N LYS E 317 35.86 5.60 -37.41
CA LYS E 317 34.80 5.04 -38.22
C LYS E 317 33.48 5.31 -37.49
N ILE E 318 32.43 5.63 -38.23
CA ILE E 318 31.13 5.89 -37.63
C ILE E 318 30.00 5.19 -38.38
N TRP E 319 28.94 4.89 -37.65
CA TRP E 319 27.76 4.23 -38.22
C TRP E 319 26.55 4.39 -37.30
N LEU E 320 25.38 4.06 -37.82
CA LEU E 320 24.14 4.15 -37.04
C LEU E 320 24.07 2.93 -36.12
N ASP E 321 23.62 3.13 -34.88
CA ASP E 321 23.49 1.99 -33.96
C ASP E 321 22.19 1.21 -34.21
N ARG E 322 22.12 0.00 -33.65
CA ARG E 322 20.95 -0.89 -33.80
C ARG E 322 19.61 -0.17 -33.62
N SER E 323 19.51 0.63 -32.56
CA SER E 323 18.26 1.29 -32.19
C SER E 323 17.90 2.47 -33.10
N GLY E 324 18.85 2.95 -33.89
CA GLY E 324 18.61 4.04 -34.83
C GLY E 324 18.45 5.42 -34.20
N LYS E 325 18.76 5.52 -32.90
CA LYS E 325 18.58 6.76 -32.15
C LYS E 325 19.86 7.60 -32.10
N GLN E 326 21.01 6.94 -32.24
CA GLN E 326 22.30 7.64 -32.20
C GLN E 326 23.30 6.99 -33.16
N LEU E 327 24.44 7.66 -33.33
CA LEU E 327 25.57 7.11 -34.07
C LEU E 327 26.52 6.42 -33.10
N ILE E 328 27.32 5.49 -33.62
CA ILE E 328 28.41 4.88 -32.87
C ILE E 328 29.69 5.36 -33.52
N GLN E 329 30.73 5.57 -32.71
CA GLN E 329 32.05 5.91 -33.23
C GLN E 329 33.10 5.04 -32.60
N TRP E 330 34.16 4.75 -33.37
CA TRP E 330 35.23 3.90 -32.89
C TRP E 330 36.52 4.24 -33.62
N PRO E 331 37.65 4.36 -32.90
CA PRO E 331 38.90 4.67 -33.59
C PRO E 331 39.19 3.69 -34.72
N VAL E 332 39.68 4.21 -35.85
CA VAL E 332 40.02 3.37 -37.00
C VAL E 332 40.94 2.24 -36.53
N ARG E 333 40.70 1.04 -37.03
CA ARG E 333 41.40 -0.16 -36.54
C ARG E 333 42.90 -0.13 -36.80
N GLU E 334 43.33 0.74 -37.73
CA GLU E 334 44.76 0.93 -38.00
C GLU E 334 45.52 1.47 -36.78
N VAL E 335 44.84 2.21 -35.91
CA VAL E 335 45.44 2.73 -34.68
C VAL E 335 46.03 1.62 -33.81
N GLU E 336 45.43 0.44 -33.89
CA GLU E 336 45.84 -0.71 -33.09
C GLU E 336 47.21 -1.24 -33.49
N ARG E 337 47.62 -0.97 -34.72
CA ARG E 337 48.95 -1.37 -35.20
C ARG E 337 50.10 -0.75 -34.38
N LEU E 338 49.82 0.35 -33.69
CA LEU E 338 50.80 0.97 -32.80
C LEU E 338 50.94 0.22 -31.48
N ARG E 339 49.93 -0.57 -31.12
CA ARG E 339 49.95 -1.33 -29.88
C ARG E 339 51.19 -2.20 -29.79
N THR E 340 51.88 -2.10 -28.65
CA THR E 340 53.08 -2.89 -28.40
C THR E 340 52.73 -4.36 -28.37
N LYS E 341 53.70 -5.20 -28.69
CA LYS E 341 53.47 -6.64 -28.88
C LYS E 341 53.06 -7.34 -27.57
N GLN E 342 53.50 -6.79 -26.45
CA GLN E 342 53.22 -7.36 -25.14
C GLN E 342 52.11 -6.57 -24.45
N VAL E 343 50.96 -7.22 -24.25
CA VAL E 343 49.82 -6.57 -23.57
C VAL E 343 49.87 -6.83 -22.07
N LYS E 344 49.47 -5.84 -21.28
CA LYS E 344 49.32 -6.00 -19.85
C LYS E 344 47.88 -6.37 -19.55
N ASN E 345 47.65 -7.58 -19.07
CA ASN E 345 46.31 -8.07 -18.81
C ASN E 345 46.02 -8.27 -17.33
N LEU E 346 44.84 -7.85 -16.90
CA LEU E 346 44.29 -8.19 -15.60
C LEU E 346 42.90 -8.78 -15.82
N ARG E 347 42.57 -9.84 -15.10
CA ARG E 347 41.25 -10.45 -15.22
C ARG E 347 40.72 -10.91 -13.87
N ASN E 348 39.40 -10.87 -13.74
CA ASN E 348 38.71 -11.35 -12.55
C ASN E 348 39.29 -10.76 -11.27
N LYS E 349 39.37 -9.43 -11.22
CA LYS E 349 39.78 -8.71 -10.03
C LYS E 349 38.53 -8.07 -9.42
N VAL E 350 38.53 -7.93 -8.10
CA VAL E 350 37.42 -7.30 -7.39
C VAL E 350 37.90 -5.99 -6.77
N LEU E 351 37.38 -4.88 -7.28
CA LEU E 351 37.65 -3.57 -6.69
C LEU E 351 36.65 -3.29 -5.57
N LYS E 352 37.09 -3.48 -4.32
CA LYS E 352 36.25 -3.16 -3.17
C LYS E 352 36.04 -1.66 -3.09
N SER E 353 35.09 -1.24 -2.26
CA SER E 353 34.84 0.18 -2.04
C SER E 353 36.09 0.90 -1.59
N GLY E 354 36.39 2.03 -2.24
CA GLY E 354 37.53 2.87 -1.88
C GLY E 354 38.87 2.36 -2.38
N SER E 355 38.87 1.37 -3.26
CA SER E 355 40.09 0.72 -3.71
C SER E 355 40.50 1.16 -5.10
N ARG E 356 41.81 1.15 -5.34
CA ARG E 356 42.36 1.33 -6.68
C ARG E 356 43.45 0.30 -6.94
N LEU E 357 43.49 -0.20 -8.17
CA LEU E 357 44.46 -1.19 -8.59
C LEU E 357 45.29 -0.59 -9.71
N GLU E 358 46.61 -0.54 -9.54
CA GLU E 358 47.50 0.01 -10.55
C GLU E 358 47.77 -1.01 -11.65
N VAL E 359 47.87 -0.53 -12.89
CA VAL E 359 48.27 -1.35 -14.03
C VAL E 359 49.77 -1.12 -14.29
N TYR E 360 50.57 -2.16 -14.07
CA TYR E 360 52.04 -2.07 -14.20
C TYR E 360 52.55 -2.46 -15.58
N GLY E 361 53.73 -1.95 -15.94
CA GLY E 361 54.43 -2.37 -17.16
C GLY E 361 53.86 -1.79 -18.44
N VAL E 362 53.37 -0.56 -18.38
CA VAL E 362 52.85 0.12 -19.57
C VAL E 362 53.40 1.55 -19.61
N THR E 363 53.65 2.06 -20.81
CA THR E 363 54.02 3.46 -20.99
C THR E 363 52.76 4.32 -20.77
N ALA E 364 52.52 4.66 -19.51
CA ALA E 364 51.23 5.22 -19.05
C ALA E 364 50.80 6.56 -19.67
N ALA E 365 51.74 7.31 -20.23
CA ALA E 365 51.39 8.58 -20.91
C ALA E 365 51.08 8.36 -22.40
N GLN E 366 51.45 7.20 -22.93
CA GLN E 366 51.26 6.88 -24.34
C GLN E 366 50.78 5.42 -24.45
N ALA E 367 49.49 5.21 -24.23
CA ALA E 367 48.92 3.86 -24.15
C ALA E 367 47.46 3.79 -24.60
N ASP E 368 47.03 2.57 -24.90
CA ASP E 368 45.63 2.26 -25.20
C ASP E 368 45.17 1.25 -24.15
N VAL E 369 44.01 1.49 -23.55
CA VAL E 369 43.50 0.63 -22.48
C VAL E 369 42.01 0.29 -22.68
N GLU E 370 41.67 -0.99 -22.54
CA GLU E 370 40.29 -1.48 -22.74
C GLU E 370 39.84 -2.37 -21.57
N VAL E 371 38.83 -1.91 -20.83
CA VAL E 371 38.38 -2.59 -19.62
C VAL E 371 36.89 -2.95 -19.67
N LEU E 372 36.55 -4.09 -19.06
CA LEU E 372 35.15 -4.53 -18.90
C LEU E 372 34.81 -4.60 -17.41
N PHE E 373 33.84 -3.81 -16.99
CA PHE E 373 33.39 -3.83 -15.62
C PHE E 373 32.10 -4.64 -15.51
N LYS E 374 31.96 -5.39 -14.42
CA LYS E 374 30.71 -6.11 -14.13
C LYS E 374 30.23 -5.74 -12.73
N VAL E 375 29.01 -5.20 -12.68
CA VAL E 375 28.35 -4.89 -11.42
C VAL E 375 27.57 -6.11 -10.98
N ARG E 376 27.56 -6.35 -9.66
CA ARG E 376 26.96 -7.55 -9.08
C ARG E 376 25.56 -7.28 -8.55
N ASP E 377 25.39 -6.16 -7.87
CA ASP E 377 24.12 -5.75 -7.30
C ASP E 377 23.60 -4.50 -8.00
N LEU E 378 22.81 -4.70 -9.06
CA LEU E 378 22.18 -3.59 -9.78
C LEU E 378 21.09 -2.93 -8.95
N GLU E 379 20.40 -3.71 -8.13
CA GLU E 379 19.28 -3.20 -7.33
C GLU E 379 19.72 -2.27 -6.19
N LYS E 380 20.99 -2.34 -5.80
CA LYS E 380 21.57 -1.39 -4.84
C LYS E 380 21.85 0.01 -5.44
N ALA E 381 21.61 0.19 -6.73
CA ALA E 381 21.81 1.49 -7.39
C ALA E 381 20.85 2.55 -6.85
N ASP E 382 21.33 3.79 -6.76
CA ASP E 382 20.52 4.90 -6.26
C ASP E 382 19.49 5.32 -7.31
N VAL E 383 18.33 5.78 -6.84
CA VAL E 383 17.34 6.39 -7.72
C VAL E 383 17.87 7.76 -8.12
N ILE E 384 17.87 8.06 -9.41
CA ILE E 384 18.34 9.36 -9.88
C ILE E 384 17.23 10.40 -9.69
N GLU E 385 17.63 11.63 -9.36
CA GLU E 385 16.69 12.73 -9.25
C GLU E 385 16.15 13.07 -10.64
N PRO E 386 14.80 13.20 -10.78
CA PRO E 386 14.20 13.50 -12.09
C PRO E 386 14.71 14.78 -12.76
N SER E 387 15.12 15.77 -11.95
CA SER E 387 15.63 17.04 -12.47
C SER E 387 17.04 16.96 -13.05
N TRP E 388 17.78 15.89 -12.73
CA TRP E 388 19.16 15.74 -13.17
C TRP E 388 19.25 15.30 -14.63
N THR E 389 19.01 16.24 -15.54
CA THR E 389 18.97 15.96 -16.97
C THR E 389 20.29 16.26 -17.70
N ASP E 390 21.15 17.09 -17.08
CA ASP E 390 22.43 17.49 -17.70
C ASP E 390 23.59 16.63 -17.19
N PRO E 391 24.09 15.70 -18.02
CA PRO E 391 25.13 14.79 -17.53
C PRO E 391 26.44 15.49 -17.15
N GLN E 392 26.79 16.58 -17.82
CA GLN E 392 28.01 17.32 -17.49
C GLN E 392 27.94 17.94 -16.09
N LEU E 393 26.81 18.57 -15.78
CA LEU E 393 26.60 19.21 -14.48
C LEU E 393 26.57 18.17 -13.34
N ILE E 394 26.10 16.97 -13.63
CA ILE E 394 26.19 15.89 -12.64
C ILE E 394 27.65 15.59 -12.31
N CYS E 395 28.45 15.35 -13.35
CA CYS E 395 29.88 15.07 -13.16
C CYS E 395 30.62 16.20 -12.47
N SER E 396 30.24 17.44 -12.77
CA SER E 396 30.85 18.62 -12.16
C SER E 396 30.54 18.73 -10.67
N LYS E 397 29.34 18.33 -10.27
CA LYS E 397 28.89 18.50 -8.88
C LYS E 397 29.07 17.26 -8.00
N MET E 398 29.10 16.08 -8.62
CA MET E 398 29.42 14.83 -7.92
C MET E 398 30.80 14.34 -8.35
N ASN E 399 31.84 14.93 -7.76
CA ASN E 399 33.22 14.54 -8.08
C ASN E 399 33.56 13.16 -7.52
N VAL E 400 34.74 12.64 -7.87
CA VAL E 400 35.09 11.25 -7.53
C VAL E 400 35.08 10.95 -6.02
N SER E 401 35.19 11.98 -5.19
CA SER E 401 35.17 11.81 -3.74
C SER E 401 33.76 11.68 -3.17
N VAL E 402 32.75 11.92 -4.01
CA VAL E 402 31.35 11.75 -3.62
C VAL E 402 30.90 10.34 -3.97
N LYS E 403 30.62 9.55 -2.94
CA LYS E 403 30.25 8.14 -3.13
C LYS E 403 28.79 8.01 -3.54
N SER E 404 28.53 7.02 -4.38
CA SER E 404 27.16 6.57 -4.65
C SER E 404 27.15 5.03 -4.61
N GLY E 405 25.98 4.43 -4.73
CA GLY E 405 25.82 2.97 -4.66
C GLY E 405 26.78 2.27 -5.61
N LEU E 406 26.51 2.41 -6.90
CA LEU E 406 27.42 1.96 -7.95
C LEU E 406 28.11 3.18 -8.54
N GLY E 407 29.43 3.27 -8.35
CA GLY E 407 30.23 4.37 -8.89
C GLY E 407 30.63 5.36 -7.81
N PRO E 408 31.69 6.14 -8.06
CA PRO E 408 32.46 6.19 -9.29
C PRO E 408 33.46 5.04 -9.43
N PHE E 409 33.42 4.35 -10.58
CA PHE E 409 34.42 3.35 -10.90
C PHE E 409 34.85 3.49 -12.35
N GLY E 410 36.13 3.28 -12.60
CA GLY E 410 36.70 3.47 -13.93
C GLY E 410 38.21 3.49 -13.89
N LEU E 411 38.81 4.43 -14.62
CA LEU E 411 40.27 4.52 -14.75
C LEU E 411 40.80 5.88 -14.29
N MET E 412 42.02 5.87 -13.77
CA MET E 412 42.75 7.09 -13.48
C MET E 412 43.98 7.15 -14.37
N VAL E 413 43.89 7.97 -15.42
CA VAL E 413 44.90 8.05 -16.45
C VAL E 413 45.72 9.33 -16.28
N LEU E 414 46.97 9.29 -16.76
CA LEU E 414 47.91 10.40 -16.63
C LEU E 414 48.00 10.82 -15.17
N ALA E 415 48.15 9.81 -14.31
CA ALA E 415 48.21 10.01 -12.86
C ALA E 415 49.66 10.09 -12.40
N SER E 416 49.89 10.85 -11.32
CA SER E 416 51.19 10.86 -10.67
C SER E 416 51.24 9.72 -9.65
N LYS E 417 52.44 9.40 -9.18
CA LYS E 417 52.66 8.25 -8.28
C LYS E 417 51.76 8.31 -7.05
N ASN E 418 51.71 9.47 -6.42
CA ASN E 418 50.93 9.67 -5.20
C ASN E 418 49.59 10.37 -5.46
N LEU E 419 49.14 10.34 -6.71
CA LEU E 419 47.86 10.93 -7.11
C LEU E 419 47.72 12.41 -6.72
N GLU E 420 48.82 13.15 -6.83
CA GLU E 420 48.77 14.60 -6.73
C GLU E 420 47.98 15.09 -7.95
N GLU E 421 48.33 14.53 -9.11
CA GLU E 421 47.61 14.78 -10.36
C GLU E 421 46.99 13.50 -10.88
N TYR E 422 45.83 13.61 -11.53
CA TYR E 422 45.21 12.48 -12.25
C TYR E 422 43.99 12.94 -13.04
N THR E 423 43.56 12.12 -14.00
CA THR E 423 42.34 12.35 -14.76
C THR E 423 41.40 11.15 -14.61
N SER E 424 40.22 11.39 -14.08
CA SER E 424 39.26 10.31 -13.81
C SER E 424 38.30 10.13 -14.99
N VAL E 425 38.31 8.92 -15.56
CA VAL E 425 37.33 8.54 -16.58
C VAL E 425 36.54 7.38 -16.02
N TYR E 426 35.32 7.65 -15.57
CA TYR E 426 34.56 6.67 -14.78
C TYR E 426 33.06 6.63 -15.08
N PHE E 427 32.39 5.65 -14.47
CA PHE E 427 30.94 5.48 -14.56
C PHE E 427 30.24 5.69 -13.22
N ARG E 428 29.00 6.18 -13.29
CA ARG E 428 28.02 6.03 -12.22
C ARG E 428 26.82 5.30 -12.80
N ILE E 429 26.20 4.44 -12.00
CA ILE E 429 24.96 3.78 -12.38
C ILE E 429 23.87 4.23 -11.42
N PHE E 430 22.79 4.78 -11.96
CA PHE E 430 21.60 5.12 -11.18
C PHE E 430 20.42 4.25 -11.60
N LYS E 431 19.40 4.21 -10.75
CA LYS E 431 18.12 3.58 -11.08
C LYS E 431 17.23 4.66 -11.66
N ALA E 432 16.62 4.40 -12.82
CA ALA E 432 15.85 5.40 -13.54
C ALA E 432 14.72 5.98 -12.69
N ARG E 433 14.00 5.10 -12.00
CA ARG E 433 12.86 5.50 -11.18
C ARG E 433 12.65 4.47 -10.06
N GLN E 434 12.05 4.91 -8.96
CA GLN E 434 11.95 4.07 -7.75
C GLN E 434 11.35 2.69 -8.06
N ASN E 435 12.07 1.64 -7.63
CA ASN E 435 11.71 0.24 -7.89
C ASN E 435 11.58 -0.12 -9.39
N SER E 436 12.39 0.54 -10.24
CA SER E 436 12.39 0.26 -11.68
C SER E 436 13.46 -0.76 -12.05
N ASN E 437 13.29 -1.35 -13.24
CA ASN E 437 14.29 -2.25 -13.82
C ASN E 437 15.14 -1.53 -14.90
N LYS E 438 14.79 -0.28 -15.19
CA LYS E 438 15.56 0.57 -16.10
C LYS E 438 16.65 1.31 -15.31
N TYR E 439 17.81 1.53 -15.94
CA TYR E 439 18.96 2.16 -15.29
C TYR E 439 19.62 3.22 -16.16
N VAL E 440 20.19 4.24 -15.51
CA VAL E 440 20.87 5.33 -16.19
C VAL E 440 22.37 5.22 -15.92
N VAL E 441 23.16 5.16 -17.00
CA VAL E 441 24.61 5.00 -16.91
C VAL E 441 25.30 6.30 -17.32
N LEU E 442 25.90 6.98 -16.34
CA LEU E 442 26.62 8.24 -16.56
C LEU E 442 28.10 7.96 -16.82
N MET E 443 28.67 8.66 -17.79
CA MET E 443 30.11 8.60 -18.07
C MET E 443 30.72 9.99 -17.84
N CYS E 444 31.72 10.06 -16.97
CA CYS E 444 32.42 11.32 -16.68
C CYS E 444 33.90 11.27 -17.10
N SER E 445 34.36 12.36 -17.71
CA SER E 445 35.78 12.64 -17.85
C SER E 445 36.09 13.86 -16.98
N ASP E 446 36.72 13.62 -15.83
CA ASP E 446 36.93 14.67 -14.83
C ASP E 446 38.40 15.07 -14.80
N GLN E 447 38.68 16.30 -15.22
CA GLN E 447 40.06 16.80 -15.26
C GLN E 447 40.30 17.97 -14.29
N SER E 448 39.56 17.97 -13.18
CA SER E 448 39.69 19.00 -12.16
C SER E 448 41.01 18.92 -11.38
N ARG E 449 41.59 17.72 -11.32
CA ARG E 449 42.90 17.54 -10.67
C ARG E 449 43.93 16.98 -11.65
N SER E 450 43.74 17.27 -12.92
CA SER E 450 44.58 16.73 -13.98
C SER E 450 45.96 17.41 -14.04
N SER E 451 46.02 18.67 -13.63
CA SER E 451 47.29 19.41 -13.59
C SER E 451 47.37 20.32 -12.37
N LEU E 452 48.55 20.40 -11.76
CA LEU E 452 48.78 21.30 -10.63
C LEU E 452 48.84 22.77 -11.08
N LYS E 453 49.04 22.99 -12.38
CA LYS E 453 48.95 24.33 -12.95
C LYS E 453 47.49 24.72 -13.13
N GLU E 454 47.07 25.79 -12.46
CA GLU E 454 45.67 26.21 -12.45
C GLU E 454 45.23 26.95 -13.72
N ASP E 455 46.20 27.45 -14.49
CA ASP E 455 45.91 28.17 -15.74
C ASP E 455 45.21 27.31 -16.78
N ASN E 456 45.39 25.99 -16.69
CA ASN E 456 44.74 25.05 -17.60
C ASN E 456 43.23 25.04 -17.41
N ASP E 457 42.50 24.98 -18.52
CA ASP E 457 41.05 24.80 -18.50
C ASP E 457 40.77 23.38 -18.01
N LYS E 458 40.22 23.26 -16.81
CA LYS E 458 40.01 21.96 -16.18
C LYS E 458 38.52 21.58 -16.11
N THR E 459 37.78 21.98 -17.15
CA THR E 459 36.35 21.70 -17.23
C THR E 459 36.09 20.19 -17.30
N THR E 460 35.17 19.72 -16.47
CA THR E 460 34.79 18.31 -16.46
C THR E 460 33.72 18.05 -17.50
N TYR E 461 33.78 16.87 -18.12
CA TYR E 461 32.83 16.48 -19.16
C TYR E 461 31.95 15.33 -18.72
N GLY E 462 30.84 15.14 -19.42
CA GLY E 462 29.83 14.15 -19.03
C GLY E 462 28.90 13.73 -20.15
N ALA E 463 28.33 12.55 -20.00
CA ALA E 463 27.36 12.03 -20.96
C ALA E 463 26.61 10.86 -20.33
N PHE E 464 25.38 10.63 -20.81
CA PHE E 464 24.70 9.38 -20.51
C PHE E 464 25.04 8.39 -21.61
N VAL E 465 25.06 7.10 -21.26
CA VAL E 465 25.45 6.05 -22.20
C VAL E 465 24.31 5.05 -22.29
N ASP E 466 23.90 4.73 -23.52
CA ASP E 466 22.77 3.86 -23.74
C ASP E 466 23.22 2.40 -23.76
N ILE E 467 23.52 1.87 -22.58
CA ILE E 467 23.89 0.47 -22.43
C ILE E 467 23.20 -0.15 -21.23
N ASN E 468 23.04 -1.47 -21.28
CA ASN E 468 22.41 -2.22 -20.20
C ASN E 468 23.47 -2.62 -19.16
N PRO E 469 23.35 -2.13 -17.91
CA PRO E 469 24.33 -2.50 -16.89
C PRO E 469 24.20 -3.95 -16.38
N HIS E 470 23.10 -4.62 -16.70
CA HIS E 470 22.99 -6.07 -16.51
C HIS E 470 24.12 -6.79 -17.23
N GLN E 471 24.51 -6.25 -18.38
CA GLN E 471 25.68 -6.73 -19.12
C GLN E 471 26.93 -5.96 -18.68
N PRO E 472 28.13 -6.49 -18.98
CA PRO E 472 29.35 -5.78 -18.59
C PRO E 472 29.49 -4.41 -19.27
N LEU E 473 30.07 -3.45 -18.56
CA LEU E 473 30.27 -2.09 -19.08
C LEU E 473 31.65 -1.94 -19.72
N SER E 474 31.68 -1.58 -21.00
CA SER E 474 32.93 -1.40 -21.74
C SER E 474 33.47 0.02 -21.61
N LEU E 475 34.77 0.15 -21.50
CA LEU E 475 35.43 1.45 -21.48
C LEU E 475 36.78 1.36 -22.21
N ARG E 476 37.03 2.31 -23.10
CA ARG E 476 38.32 2.42 -23.78
C ARG E 476 38.86 3.84 -23.69
N ALA E 477 40.16 3.94 -23.42
CA ALA E 477 40.84 5.22 -23.29
C ALA E 477 42.14 5.19 -24.07
N LEU E 478 42.24 6.04 -25.08
CA LEU E 478 43.50 6.31 -25.75
C LEU E 478 44.17 7.47 -25.03
N ILE E 479 45.36 7.22 -24.48
CA ILE E 479 46.11 8.21 -23.68
C ILE E 479 47.36 8.64 -24.46
N ASP E 480 47.51 9.94 -24.70
CA ASP E 480 48.62 10.44 -25.52
C ASP E 480 49.13 11.78 -24.99
N HIS E 481 49.81 11.71 -23.85
CA HIS E 481 50.56 12.84 -23.27
C HIS E 481 49.70 13.99 -22.77
N SER E 482 49.03 14.70 -23.68
CA SER E 482 48.14 15.80 -23.30
C SER E 482 46.70 15.63 -23.80
N VAL E 483 46.36 14.43 -24.28
CA VAL E 483 45.02 14.14 -24.79
C VAL E 483 44.54 12.79 -24.28
N VAL E 484 43.27 12.72 -23.90
CA VAL E 484 42.63 11.47 -23.52
C VAL E 484 41.32 11.31 -24.28
N GLU E 485 41.23 10.27 -25.12
CA GLU E 485 39.98 9.97 -25.83
C GLU E 485 39.32 8.79 -25.18
N SER E 486 38.17 9.02 -24.56
CA SER E 486 37.45 7.99 -23.83
C SER E 486 36.22 7.56 -24.60
N PHE E 487 36.02 6.24 -24.72
CA PHE E 487 34.87 5.69 -25.43
C PHE E 487 34.10 4.77 -24.49
N GLY E 488 32.86 5.15 -24.19
CA GLY E 488 31.98 4.35 -23.34
C GLY E 488 31.00 3.54 -24.18
N GLY E 489 30.72 2.32 -23.72
CA GLY E 489 29.71 1.47 -24.35
C GLY E 489 30.02 1.07 -25.78
N LYS E 490 31.28 0.72 -26.04
CA LYS E 490 31.73 0.31 -27.37
C LYS E 490 31.37 1.38 -28.43
N GLY E 491 31.55 2.65 -28.06
CA GLY E 491 31.39 3.77 -28.99
C GLY E 491 30.12 4.61 -28.87
N ARG E 492 29.27 4.32 -27.90
CA ARG E 492 28.01 5.05 -27.73
C ARG E 492 28.15 6.40 -27.01
N ALA E 493 29.24 6.57 -26.27
CA ALA E 493 29.53 7.83 -25.58
C ALA E 493 31.02 8.14 -25.66
N CYS E 494 31.36 9.24 -26.35
CA CYS E 494 32.75 9.64 -26.57
C CYS E 494 33.06 10.99 -25.90
N ILE E 495 34.18 11.04 -25.16
CA ILE E 495 34.64 12.27 -24.52
C ILE E 495 36.15 12.43 -24.73
N THR E 496 36.51 13.42 -25.55
CA THR E 496 37.90 13.82 -25.74
C THR E 496 38.23 14.91 -24.74
N SER E 497 39.37 14.81 -24.06
CA SER E 497 39.79 15.85 -23.13
C SER E 497 41.27 16.20 -23.31
N ARG E 498 41.64 17.43 -22.95
CA ARG E 498 43.03 17.88 -22.98
C ARG E 498 43.51 18.21 -21.57
N VAL E 499 44.67 17.69 -21.20
CA VAL E 499 45.26 17.94 -19.88
C VAL E 499 46.77 18.13 -20.01
N TYR E 500 47.37 18.82 -19.05
CA TYR E 500 48.77 19.20 -19.14
C TYR E 500 49.44 19.05 -17.77
N PRO E 501 49.61 17.79 -17.32
CA PRO E 501 50.14 17.55 -15.97
C PRO E 501 51.57 18.05 -15.80
N LYS E 502 51.90 18.44 -14.57
CA LYS E 502 53.26 18.85 -14.21
C LYS E 502 54.13 17.66 -13.84
N LEU E 503 53.56 16.72 -13.09
CA LEU E 503 54.30 15.55 -12.60
C LEU E 503 54.11 14.33 -13.49
N ALA E 504 52.85 14.02 -13.84
CA ALA E 504 52.53 12.85 -14.65
C ALA E 504 53.00 12.99 -16.10
N ILE E 505 54.31 12.94 -16.30
CA ILE E 505 54.92 13.05 -17.64
C ILE E 505 55.81 11.84 -17.90
N GLY E 506 55.82 11.38 -19.16
CA GLY E 506 56.65 10.27 -19.59
C GLY E 506 56.65 9.09 -18.63
N LYS E 507 57.81 8.79 -18.06
CA LYS E 507 57.98 7.66 -17.16
C LYS E 507 57.30 7.87 -15.82
N SER E 508 57.06 9.13 -15.46
CA SER E 508 56.48 9.47 -14.16
C SER E 508 54.95 9.38 -14.12
N SER E 509 54.32 9.15 -15.27
CA SER E 509 52.86 8.99 -15.28
C SER E 509 52.51 7.53 -14.96
N HIS E 510 51.31 7.33 -14.41
CA HIS E 510 50.83 6.01 -14.02
C HIS E 510 49.40 5.82 -14.50
N LEU E 511 48.93 4.58 -14.44
CA LEU E 511 47.55 4.23 -14.79
C LEU E 511 46.95 3.37 -13.67
N PHE E 512 45.73 3.69 -13.26
CA PHE E 512 45.02 2.93 -12.23
C PHE E 512 43.60 2.58 -12.67
N ALA E 513 43.12 1.43 -12.22
CA ALA E 513 41.69 1.13 -12.19
C ALA E 513 41.24 1.48 -10.78
N PHE E 514 40.02 2.01 -10.62
CA PHE E 514 39.53 2.38 -9.29
C PHE E 514 38.02 2.20 -9.13
N ASN E 515 37.58 2.30 -7.88
CA ASN E 515 36.18 2.20 -7.51
C ASN E 515 35.96 2.84 -6.14
N TYR E 516 35.34 4.01 -6.11
CA TYR E 516 35.09 4.73 -4.85
C TYR E 516 33.62 4.75 -4.44
N GLY E 517 32.77 3.98 -5.13
CA GLY E 517 31.37 3.84 -4.73
C GLY E 517 31.25 2.97 -3.48
N TYR E 518 30.01 2.67 -3.09
CA TYR E 518 29.77 1.86 -1.88
C TYR E 518 29.90 0.37 -2.16
N GLN E 519 29.21 -0.09 -3.21
CA GLN E 519 29.28 -1.49 -3.62
C GLN E 519 30.60 -1.74 -4.33
N SER E 520 31.03 -2.99 -4.35
CA SER E 520 32.26 -3.35 -5.06
C SER E 520 31.93 -3.76 -6.50
N VAL E 521 32.84 -3.42 -7.42
CA VAL E 521 32.70 -3.78 -8.83
C VAL E 521 33.78 -4.76 -9.25
N ASP E 522 33.49 -5.54 -10.29
CA ASP E 522 34.44 -6.53 -10.81
C ASP E 522 35.07 -6.05 -12.12
N VAL E 523 36.40 -6.16 -12.21
CA VAL E 523 37.11 -5.99 -13.47
C VAL E 523 37.25 -7.37 -14.13
N LEU E 524 36.32 -7.71 -15.03
CA LEU E 524 36.35 -9.00 -15.74
C LEU E 524 37.61 -9.12 -16.56
N ASN E 525 37.93 -8.06 -17.30
CA ASN E 525 39.09 -8.03 -18.17
C ASN E 525 39.57 -6.59 -18.37
N LEU E 526 40.87 -6.36 -18.16
CA LEU E 526 41.50 -5.08 -18.45
C LEU E 526 42.75 -5.33 -19.27
N ASN E 527 42.80 -4.76 -20.47
CA ASN E 527 43.97 -4.82 -21.33
C ASN E 527 44.58 -3.43 -21.47
N ALA E 528 45.91 -3.35 -21.34
CA ALA E 528 46.61 -2.08 -21.46
C ALA E 528 47.84 -2.27 -22.35
N TRP E 529 47.79 -1.68 -23.54
CA TRP E 529 48.90 -1.72 -24.49
C TRP E 529 49.66 -0.41 -24.49
N SER E 530 50.98 -0.50 -24.41
CA SER E 530 51.84 0.64 -24.70
C SER E 530 51.70 0.94 -26.18
N MET E 531 51.56 2.22 -26.52
CA MET E 531 51.42 2.63 -27.91
C MET E 531 52.74 3.18 -28.44
N ASN E 532 53.19 2.62 -29.56
CA ASN E 532 54.33 3.15 -30.28
C ASN E 532 53.98 4.50 -30.91
N SER E 533 55.00 5.31 -31.18
CA SER E 533 54.79 6.58 -31.82
C SER E 533 54.44 6.38 -33.28
N ALA E 534 53.65 7.29 -33.83
CA ALA E 534 53.40 7.35 -35.27
C ALA E 534 54.43 8.28 -35.91
N GLN E 535 54.74 8.04 -37.18
CA GLN E 535 55.59 8.95 -37.94
C GLN E 535 54.68 9.96 -38.63
N ILE E 536 54.61 11.17 -38.06
CA ILE E 536 53.62 12.17 -38.46
C ILE E 536 54.27 13.46 -38.93
N SER E 537 53.80 13.95 -40.08
CA SER E 537 54.20 15.25 -40.67
C SER E 537 55.32 15.97 -39.92
N ASN F 4 20.64 54.01 -31.35
CA ASN F 4 20.90 53.47 -29.98
C ASN F 4 21.33 52.00 -29.99
N LEU F 5 22.00 51.59 -31.07
CA LEU F 5 22.62 50.27 -31.13
C LEU F 5 23.71 50.15 -30.05
N VAL F 6 24.33 51.28 -29.71
CA VAL F 6 25.33 51.35 -28.63
C VAL F 6 24.69 51.16 -27.26
N GLU F 7 23.52 51.77 -27.06
CA GLU F 7 22.80 51.67 -25.79
C GLU F 7 22.41 50.22 -25.48
N THR F 8 21.73 49.60 -26.44
CA THR F 8 21.25 48.23 -26.28
C THR F 8 22.38 47.19 -26.22
N THR F 9 23.47 47.46 -26.94
CA THR F 9 24.66 46.60 -26.88
C THR F 9 25.29 46.62 -25.50
N CYS F 10 25.56 47.81 -24.98
CA CYS F 10 26.24 47.96 -23.68
C CYS F 10 25.41 47.45 -22.52
N LYS F 11 24.08 47.54 -22.66
CA LYS F 11 23.15 46.93 -21.70
C LYS F 11 23.44 45.44 -21.47
N ASN F 12 23.87 44.74 -22.53
CA ASN F 12 24.23 43.33 -22.41
C ASN F 12 25.74 43.13 -22.27
N THR F 13 26.33 43.77 -21.27
CA THR F 13 27.74 43.58 -20.91
C THR F 13 27.87 43.62 -19.40
N PRO F 14 29.01 43.18 -18.85
CA PRO F 14 29.22 43.30 -17.39
C PRO F 14 29.62 44.69 -16.87
N ASN F 15 29.63 45.72 -17.73
CA ASN F 15 29.83 47.11 -17.28
C ASN F 15 29.29 48.11 -18.30
N TYR F 16 28.08 48.60 -18.05
CA TYR F 16 27.39 49.49 -18.98
C TYR F 16 28.16 50.80 -19.23
N GLN F 17 28.66 51.43 -18.16
CA GLN F 17 29.31 52.75 -18.29
C GLN F 17 30.63 52.70 -19.03
N LEU F 18 31.52 51.81 -18.57
CA LEU F 18 32.82 51.60 -19.20
C LEU F 18 32.64 51.30 -20.68
N CYS F 19 31.66 50.46 -20.97
CA CYS F 19 31.29 50.12 -22.34
C CYS F 19 30.83 51.37 -23.09
N LEU F 20 30.00 52.19 -22.45
CA LEU F 20 29.48 53.40 -23.07
C LEU F 20 30.56 54.46 -23.28
N LYS F 21 31.33 54.77 -22.24
CA LYS F 21 32.45 55.72 -22.34
C LYS F 21 33.39 55.38 -23.49
N THR F 22 33.70 54.09 -23.63
CA THR F 22 34.66 53.61 -24.62
C THR F 22 34.13 53.76 -26.04
N LEU F 23 32.88 53.35 -26.27
CA LEU F 23 32.30 53.36 -27.61
C LEU F 23 32.00 54.78 -28.10
N LEU F 24 31.65 55.67 -27.19
CA LEU F 24 31.33 57.06 -27.56
C LEU F 24 32.59 57.89 -27.85
N SER F 25 33.74 57.43 -27.37
CA SER F 25 35.02 58.12 -27.62
C SER F 25 35.54 57.88 -29.03
N ASP F 26 34.95 56.91 -29.73
CA ASP F 26 35.34 56.56 -31.09
C ASP F 26 34.19 56.95 -32.03
N LYS F 27 34.46 57.85 -32.98
CA LYS F 27 33.45 58.29 -33.95
C LYS F 27 32.83 57.16 -34.76
N ARG F 28 33.58 56.05 -34.93
CA ARG F 28 33.11 54.88 -35.68
C ARG F 28 31.80 54.30 -35.12
N SER F 29 31.56 54.52 -33.83
CA SER F 29 30.37 54.01 -33.16
C SER F 29 29.08 54.76 -33.51
N ALA F 30 29.21 55.92 -34.16
CA ALA F 30 28.03 56.72 -34.51
C ALA F 30 27.14 55.96 -35.49
N THR F 31 27.76 55.35 -36.49
CA THR F 31 27.07 54.64 -37.56
C THR F 31 27.48 53.17 -37.68
N GLY F 32 28.35 52.72 -36.78
CA GLY F 32 28.94 51.39 -36.87
C GLY F 32 28.04 50.29 -36.34
N ASP F 33 28.10 49.12 -36.97
CA ASP F 33 27.36 47.94 -36.52
C ASP F 33 28.08 47.27 -35.34
N ILE F 34 27.63 46.08 -34.95
CA ILE F 34 28.19 45.37 -33.78
C ILE F 34 29.65 44.96 -33.97
N THR F 35 30.02 44.55 -35.18
CA THR F 35 31.41 44.21 -35.49
C THR F 35 32.31 45.41 -35.20
N THR F 36 31.92 46.57 -35.73
CA THR F 36 32.64 47.82 -35.49
C THR F 36 32.73 48.13 -34.00
N LEU F 37 31.65 47.90 -33.26
CA LEU F 37 31.65 48.15 -31.82
C LEU F 37 32.63 47.23 -31.08
N ALA F 38 32.80 46.02 -31.59
CA ALA F 38 33.79 45.09 -31.04
C ALA F 38 35.21 45.52 -31.38
N LEU F 39 35.40 46.01 -32.61
CA LEU F 39 36.70 46.53 -33.05
C LEU F 39 37.16 47.72 -32.20
N ILE F 40 36.20 48.55 -31.79
CA ILE F 40 36.48 49.71 -30.94
C ILE F 40 36.96 49.26 -29.56
N MET F 41 36.31 48.22 -29.05
CA MET F 41 36.68 47.67 -27.75
C MET F 41 38.07 47.02 -27.76
N VAL F 42 38.44 46.37 -28.87
CA VAL F 42 39.77 45.77 -29.00
C VAL F 42 40.86 46.85 -29.02
N ASP F 43 40.56 47.99 -29.64
CA ASP F 43 41.44 49.15 -29.61
C ASP F 43 41.58 49.71 -28.19
N ALA F 44 40.48 49.70 -27.44
CA ALA F 44 40.50 50.18 -26.05
C ALA F 44 41.32 49.25 -25.14
N ILE F 45 41.29 47.96 -25.45
CA ILE F 45 42.12 47.00 -24.71
C ILE F 45 43.60 47.22 -25.07
N LYS F 46 43.87 47.37 -26.36
CA LYS F 46 45.23 47.63 -26.86
C LYS F 46 45.85 48.86 -26.19
N ALA F 47 45.05 49.93 -26.11
CA ALA F 47 45.49 51.18 -25.50
C ALA F 47 46.01 50.98 -24.07
N LYS F 48 45.22 50.30 -23.25
CA LYS F 48 45.58 50.04 -21.85
C LYS F 48 46.69 49.00 -21.73
N ALA F 49 46.64 47.96 -22.55
CA ALA F 49 47.67 46.93 -22.59
C ALA F 49 49.04 47.53 -22.90
N ASN F 50 49.09 48.43 -23.90
CA ASN F 50 50.32 49.12 -24.27
C ASN F 50 50.94 49.86 -23.09
N GLN F 51 50.12 50.57 -22.34
CA GLN F 51 50.58 51.30 -21.15
C GLN F 51 51.09 50.36 -20.08
N ALA F 52 50.44 49.21 -19.94
CA ALA F 52 50.86 48.19 -18.99
C ALA F 52 52.23 47.65 -19.38
N ALA F 53 52.35 47.26 -20.65
CA ALA F 53 53.61 46.78 -21.20
C ALA F 53 54.77 47.73 -20.93
N VAL F 54 54.57 49.02 -21.16
CA VAL F 54 55.61 50.04 -20.96
C VAL F 54 55.93 50.24 -19.49
N THR F 55 54.89 50.33 -18.66
CA THR F 55 55.06 50.47 -17.21
C THR F 55 55.81 49.27 -16.62
N ILE F 56 55.49 48.07 -17.08
CA ILE F 56 56.19 46.86 -16.64
C ILE F 56 57.69 46.94 -16.98
N SER F 57 58.02 47.47 -18.14
CA SER F 57 59.42 47.57 -18.57
C SER F 57 60.20 48.62 -17.77
N LYS F 58 59.54 49.71 -17.38
CA LYS F 58 60.16 50.69 -16.47
C LYS F 58 60.66 50.02 -15.20
N LEU F 59 59.75 49.30 -14.56
CA LEU F 59 60.00 48.69 -13.26
C LEU F 59 61.12 47.66 -13.33
N ARG F 60 61.10 46.85 -14.38
CA ARG F 60 62.13 45.83 -14.62
C ARG F 60 63.52 46.43 -14.86
N HIS F 61 63.57 47.60 -15.49
CA HIS F 61 64.83 48.32 -15.70
C HIS F 61 65.13 49.30 -14.56
N SER F 62 64.48 49.11 -13.40
CA SER F 62 64.64 50.02 -12.26
C SER F 62 64.94 49.28 -10.95
N ASN F 63 65.63 48.16 -11.04
CA ASN F 63 66.01 47.36 -9.86
C ASN F 63 64.82 47.07 -8.95
N PRO F 64 63.91 46.18 -9.39
CA PRO F 64 62.74 45.89 -8.57
C PRO F 64 63.08 45.07 -7.31
N PRO F 65 62.22 45.14 -6.29
CA PRO F 65 62.31 44.26 -5.14
C PRO F 65 62.29 42.79 -5.55
N ALA F 66 62.92 41.93 -4.76
CA ALA F 66 62.95 40.49 -5.00
C ALA F 66 61.55 39.93 -5.28
N ALA F 67 60.58 40.37 -4.49
CA ALA F 67 59.20 39.89 -4.62
C ALA F 67 58.48 40.36 -5.87
N TRP F 68 59.10 41.27 -6.64
CA TRP F 68 58.49 41.84 -7.85
C TRP F 68 59.04 41.27 -9.16
N LYS F 69 60.28 40.79 -9.14
CA LYS F 69 60.92 40.26 -10.35
C LYS F 69 60.09 39.14 -11.00
N GLY F 70 59.70 38.14 -10.21
CA GLY F 70 58.94 37.01 -10.70
C GLY F 70 57.65 37.42 -11.39
N PRO F 71 56.80 38.17 -10.68
CA PRO F 71 55.59 38.74 -11.29
C PRO F 71 55.89 39.57 -12.55
N LEU F 72 56.83 40.52 -12.44
CA LEU F 72 57.16 41.41 -13.56
C LEU F 72 57.48 40.66 -14.84
N LYS F 73 58.39 39.69 -14.77
CA LYS F 73 58.76 38.92 -15.97
C LYS F 73 57.56 38.18 -16.55
N ASN F 74 56.67 37.69 -15.68
CA ASN F 74 55.44 37.00 -16.11
C ASN F 74 54.46 37.96 -16.78
N CYS F 75 54.23 39.09 -16.12
CA CYS F 75 53.37 40.14 -16.66
C CYS F 75 53.88 40.63 -18.01
N ALA F 76 55.19 40.86 -18.11
CA ALA F 76 55.82 41.28 -19.36
C ALA F 76 55.47 40.33 -20.50
N PHE F 77 55.56 39.02 -20.23
CA PHE F 77 55.18 38.01 -21.22
C PHE F 77 53.67 38.02 -21.48
N SER F 78 52.87 38.09 -20.42
CA SER F 78 51.41 38.11 -20.55
C SER F 78 50.95 39.21 -21.49
N TYR F 79 51.48 40.41 -21.29
CA TYR F 79 51.11 41.56 -22.13
C TYR F 79 51.73 41.51 -23.54
N LYS F 80 52.88 40.86 -23.66
CA LYS F 80 53.46 40.59 -24.97
C LYS F 80 52.53 39.67 -25.77
N VAL F 81 51.95 38.67 -25.10
CA VAL F 81 51.05 37.74 -25.78
C VAL F 81 49.75 38.43 -26.20
N ILE F 82 49.20 39.25 -25.30
CA ILE F 82 48.01 40.04 -25.60
C ILE F 82 48.24 40.96 -26.82
N LEU F 83 49.33 41.73 -26.80
CA LEU F 83 49.60 42.70 -27.86
C LEU F 83 50.10 42.06 -29.16
N THR F 84 50.80 40.93 -29.06
CA THR F 84 51.39 40.23 -30.22
C THR F 84 50.44 39.20 -30.84
N ALA F 85 49.75 38.43 -30.00
CA ALA F 85 48.95 37.30 -30.48
C ALA F 85 47.44 37.58 -30.40
N SER F 86 46.95 37.78 -29.18
CA SER F 86 45.51 37.82 -28.91
C SER F 86 44.74 38.96 -29.58
N LEU F 87 45.28 40.18 -29.54
CA LEU F 87 44.55 41.34 -30.08
C LEU F 87 44.60 41.41 -31.61
N PRO F 88 45.78 41.19 -32.23
CA PRO F 88 45.80 41.09 -33.69
C PRO F 88 44.94 39.95 -34.24
N GLU F 89 44.88 38.85 -33.49
CA GLU F 89 43.96 37.75 -33.80
C GLU F 89 42.51 38.27 -33.80
N ALA F 90 42.12 38.94 -32.72
CA ALA F 90 40.75 39.46 -32.58
C ALA F 90 40.37 40.39 -33.72
N ILE F 91 41.25 41.33 -34.06
CA ILE F 91 41.04 42.24 -35.18
C ILE F 91 40.86 41.49 -36.51
N GLU F 92 41.70 40.49 -36.76
CA GLU F 92 41.58 39.68 -37.99
C GLU F 92 40.28 38.87 -38.04
N ALA F 93 39.89 38.31 -36.89
CA ALA F 93 38.69 37.48 -36.79
C ALA F 93 37.42 38.30 -36.99
N LEU F 94 37.38 39.47 -36.40
CA LEU F 94 36.23 40.38 -36.52
C LEU F 94 36.11 40.95 -37.93
N THR F 95 37.25 41.28 -38.54
CA THR F 95 37.26 41.85 -39.88
C THR F 95 36.82 40.84 -40.94
N LYS F 96 37.31 39.61 -40.81
CA LYS F 96 37.05 38.56 -41.82
C LYS F 96 35.82 37.69 -41.50
N GLY F 97 35.31 37.77 -40.28
CA GLY F 97 34.05 37.12 -39.93
C GLY F 97 34.18 35.72 -39.34
N ASP F 98 34.93 35.62 -38.23
CA ASP F 98 35.01 34.39 -37.45
C ASP F 98 35.06 34.71 -35.96
N PRO F 99 33.91 35.17 -35.41
CA PRO F 99 33.79 35.80 -34.09
C PRO F 99 34.40 35.07 -32.91
N LYS F 100 34.35 33.73 -32.92
CA LYS F 100 34.77 32.94 -31.76
C LYS F 100 36.25 33.11 -31.48
N PHE F 101 37.04 33.35 -32.53
CA PHE F 101 38.47 33.58 -32.38
C PHE F 101 38.77 34.95 -31.78
N ALA F 102 37.90 35.93 -32.03
CA ALA F 102 37.96 37.19 -31.28
C ALA F 102 37.56 36.95 -29.83
N GLU F 103 36.56 36.10 -29.61
CA GLU F 103 36.14 35.72 -28.26
C GLU F 103 37.27 35.02 -27.50
N ASP F 104 37.99 34.13 -28.18
CA ASP F 104 39.17 33.49 -27.59
C ASP F 104 40.22 34.53 -27.15
N GLY F 105 40.48 35.50 -28.03
CA GLY F 105 41.41 36.59 -27.72
C GLY F 105 41.01 37.39 -26.49
N MET F 106 39.72 37.67 -26.36
CA MET F 106 39.20 38.50 -25.27
C MET F 106 39.30 37.76 -23.93
N VAL F 107 38.87 36.50 -23.94
CA VAL F 107 38.92 35.66 -22.75
C VAL F 107 40.37 35.52 -22.29
N GLY F 108 41.27 35.35 -23.25
CA GLY F 108 42.71 35.28 -22.99
C GLY F 108 43.28 36.51 -22.31
N SER F 109 43.02 37.69 -22.88
CA SER F 109 43.52 38.93 -22.30
C SER F 109 42.86 39.25 -20.94
N SER F 110 41.57 38.93 -20.81
CA SER F 110 40.87 39.10 -19.54
C SER F 110 41.57 38.33 -18.42
N GLY F 111 41.87 37.07 -18.69
CA GLY F 111 42.50 36.18 -17.72
C GLY F 111 43.92 36.61 -17.38
N ASP F 112 44.69 36.96 -18.42
CA ASP F 112 46.06 37.45 -18.23
C ASP F 112 46.11 38.66 -17.31
N ALA F 113 45.29 39.67 -17.60
CA ALA F 113 45.22 40.89 -16.79
C ALA F 113 44.98 40.57 -15.30
N GLN F 114 43.95 39.77 -15.04
CA GLN F 114 43.64 39.31 -13.67
C GLN F 114 44.76 38.49 -13.05
N GLU F 115 45.34 37.59 -13.84
CA GLU F 115 46.46 36.76 -13.41
C GLU F 115 47.65 37.63 -13.02
N CYS F 116 48.05 38.51 -13.94
CA CYS F 116 49.16 39.43 -13.70
C CYS F 116 48.93 40.31 -12.46
N GLU F 117 47.71 40.78 -12.26
CA GLU F 117 47.38 41.58 -11.08
C GLU F 117 47.52 40.76 -9.79
N GLU F 118 47.04 39.52 -9.83
CA GLU F 118 47.03 38.68 -8.63
C GLU F 118 48.40 38.10 -8.26
N TYR F 119 49.39 38.21 -9.13
CA TYR F 119 50.77 37.84 -8.76
C TYR F 119 51.24 38.63 -7.53
N PHE F 120 50.86 39.91 -7.50
CA PHE F 120 51.29 40.81 -6.44
C PHE F 120 50.52 40.56 -5.15
N LYS F 121 51.24 40.38 -4.04
CA LYS F 121 50.64 40.23 -2.70
C LYS F 121 50.68 41.60 -2.02
N GLY F 122 49.81 41.77 -1.02
CA GLY F 122 49.40 43.12 -0.60
C GLY F 122 48.28 43.53 -1.53
N SER F 123 48.43 43.12 -2.80
CA SER F 123 47.35 42.96 -3.79
C SER F 123 47.00 44.26 -4.54
N LYS F 124 47.81 45.29 -4.34
CA LYS F 124 47.77 46.48 -5.21
C LYS F 124 49.13 46.64 -5.90
N SER F 125 49.19 46.25 -7.17
CA SER F 125 50.40 46.39 -7.98
C SER F 125 50.70 47.87 -8.23
N PRO F 126 51.88 48.17 -8.78
CA PRO F 126 52.15 49.55 -9.22
C PRO F 126 51.23 50.03 -10.35
N PHE F 127 50.75 49.08 -11.17
CA PHE F 127 49.88 49.40 -12.31
C PHE F 127 48.55 48.65 -12.22
N SER F 128 47.94 48.64 -11.03
CA SER F 128 46.69 47.91 -10.81
C SER F 128 45.54 48.45 -11.65
N ALA F 129 45.46 49.78 -11.77
CA ALA F 129 44.44 50.43 -12.59
C ALA F 129 44.44 49.87 -14.01
N LEU F 130 45.63 49.72 -14.59
CA LEU F 130 45.80 49.20 -15.94
C LEU F 130 45.38 47.73 -16.04
N ASN F 131 45.75 46.92 -15.05
CA ASN F 131 45.34 45.52 -14.98
C ASN F 131 43.83 45.35 -14.87
N ILE F 132 43.22 46.16 -14.01
CA ILE F 132 41.77 46.17 -13.86
C ILE F 132 41.11 46.65 -15.15
N ALA F 133 41.63 47.75 -15.70
CA ALA F 133 41.13 48.29 -16.97
C ALA F 133 41.18 47.22 -18.08
N VAL F 134 42.33 46.57 -18.23
CA VAL F 134 42.51 45.53 -19.24
C VAL F 134 41.56 44.35 -18.99
N HIS F 135 41.33 44.04 -17.73
CA HIS F 135 40.43 42.96 -17.36
C HIS F 135 38.97 43.31 -17.67
N GLU F 136 38.53 44.51 -17.28
CA GLU F 136 37.13 44.91 -17.45
C GLU F 136 36.78 45.15 -18.90
N LEU F 137 37.65 45.81 -19.64
CA LEU F 137 37.45 46.04 -21.08
C LEU F 137 37.36 44.72 -21.83
N SER F 138 38.22 43.77 -21.47
CA SER F 138 38.23 42.44 -22.08
C SER F 138 36.89 41.70 -21.88
N ASP F 139 36.33 41.80 -20.68
CA ASP F 139 35.05 41.17 -20.39
C ASP F 139 33.91 41.84 -21.15
N VAL F 140 33.87 43.17 -21.14
CA VAL F 140 32.94 43.91 -21.99
C VAL F 140 33.04 43.40 -23.43
N GLY F 141 34.26 43.31 -23.94
CA GLY F 141 34.53 42.88 -25.31
C GLY F 141 33.97 41.52 -25.65
N ARG F 142 34.17 40.56 -24.75
CA ARG F 142 33.59 39.22 -24.89
C ARG F 142 32.10 39.30 -25.14
N ALA F 143 31.41 40.06 -24.27
CA ALA F 143 29.95 40.21 -24.33
C ALA F 143 29.50 40.80 -25.65
N ILE F 144 30.22 41.81 -26.13
CA ILE F 144 29.91 42.42 -27.43
C ILE F 144 30.06 41.39 -28.56
N VAL F 145 31.10 40.57 -28.48
CA VAL F 145 31.37 39.55 -29.51
C VAL F 145 30.34 38.41 -29.50
N ARG F 146 29.81 38.07 -28.32
CA ARG F 146 28.80 36.99 -28.20
C ARG F 146 27.65 37.21 -29.18
N ASN F 147 27.26 38.46 -29.36
CA ASN F 147 26.19 38.82 -30.28
C ASN F 147 26.42 38.36 -31.71
N LEU F 148 27.69 38.20 -32.09
CA LEU F 148 28.08 37.80 -33.45
C LEU F 148 28.13 36.29 -33.66
N LEU F 149 27.98 35.51 -32.60
CA LEU F 149 28.01 34.05 -32.70
C LEU F 149 26.71 33.51 -33.31
N ASN G 1 -76.49 -19.08 -11.83
CA ASN G 1 -75.95 -20.46 -11.96
C ASN G 1 -74.66 -20.62 -11.13
N GLN G 2 -73.60 -19.94 -11.55
CA GLN G 2 -72.31 -20.01 -10.87
C GLN G 2 -71.85 -18.61 -10.45
N PRO G 3 -72.63 -17.94 -9.58
CA PRO G 3 -72.36 -16.54 -9.22
C PRO G 3 -71.01 -16.31 -8.55
N TYR G 4 -70.43 -17.36 -7.94
CA TYR G 4 -69.21 -17.21 -7.14
C TYR G 4 -67.92 -17.57 -7.89
N ARG G 5 -68.04 -18.11 -9.10
CA ARG G 5 -66.88 -18.33 -9.96
C ARG G 5 -66.31 -17.00 -10.40
N THR G 6 -65.00 -16.87 -10.31
CA THR G 6 -64.33 -15.60 -10.59
C THR G 6 -64.25 -15.32 -12.09
N GLY G 7 -64.09 -14.04 -12.42
CA GLY G 7 -64.02 -13.58 -13.82
C GLY G 7 -62.61 -13.46 -14.34
N PHE G 8 -61.66 -13.16 -13.46
CA PHE G 8 -60.26 -13.00 -13.89
C PHE G 8 -59.19 -13.64 -12.99
N HIS G 9 -59.59 -14.28 -11.89
CA HIS G 9 -58.65 -15.06 -11.09
C HIS G 9 -58.45 -16.44 -11.70
N PHE G 10 -57.30 -17.05 -11.41
CA PHE G 10 -57.00 -18.38 -11.94
C PHE G 10 -57.72 -19.46 -11.16
N GLN G 11 -58.49 -20.28 -11.88
CA GLN G 11 -59.12 -21.47 -11.31
C GLN G 11 -59.49 -22.40 -12.44
N PRO G 12 -59.53 -23.73 -12.17
CA PRO G 12 -59.86 -24.68 -13.22
C PRO G 12 -61.35 -24.65 -13.53
N PRO G 13 -61.76 -25.21 -14.69
CA PRO G 13 -63.18 -25.29 -15.05
C PRO G 13 -64.06 -25.93 -13.98
N LYS G 14 -63.50 -26.91 -13.26
CA LYS G 14 -64.23 -27.56 -12.17
C LYS G 14 -63.27 -28.22 -11.16
N ASN G 15 -63.86 -28.76 -10.09
CA ASN G 15 -63.17 -29.59 -9.10
C ASN G 15 -62.21 -28.84 -8.18
N TRP G 16 -61.57 -29.60 -7.28
CA TRP G 16 -60.71 -29.05 -6.24
C TRP G 16 -59.33 -28.69 -6.78
N MET G 17 -58.85 -27.51 -6.37
CA MET G 17 -57.47 -27.09 -6.57
C MET G 17 -56.86 -26.58 -5.27
N ASN G 18 -55.64 -26.99 -4.96
CA ASN G 18 -54.86 -26.32 -3.91
C ASN G 18 -53.53 -25.74 -4.42
N ASP G 19 -52.39 -26.20 -3.91
CA ASP G 19 -51.10 -25.51 -4.10
C ASP G 19 -50.78 -25.16 -5.56
N PRO G 20 -50.17 -23.97 -5.77
CA PRO G 20 -49.53 -23.72 -7.06
C PRO G 20 -48.21 -24.48 -7.09
N ASN G 21 -47.90 -25.07 -8.24
CA ASN G 21 -46.73 -25.92 -8.39
C ASN G 21 -45.88 -25.45 -9.56
N GLY G 22 -44.57 -25.62 -9.44
CA GLY G 22 -43.63 -25.36 -10.53
C GLY G 22 -43.87 -24.13 -11.39
N PRO G 23 -44.14 -22.96 -10.75
CA PRO G 23 -44.26 -21.77 -11.58
C PRO G 23 -42.94 -21.45 -12.25
N MET G 24 -42.97 -21.16 -13.55
CA MET G 24 -41.75 -20.94 -14.29
C MET G 24 -41.98 -20.13 -15.56
N ILE G 25 -40.88 -19.68 -16.16
CA ILE G 25 -40.88 -19.04 -17.47
C ILE G 25 -39.98 -19.88 -18.36
N TYR G 26 -40.39 -20.10 -19.61
CA TYR G 26 -39.54 -20.83 -20.55
C TYR G 26 -39.88 -20.43 -21.97
N LYS G 27 -38.85 -20.14 -22.77
CA LYS G 27 -39.00 -19.64 -24.13
C LYS G 27 -40.08 -18.56 -24.22
N GLY G 28 -40.09 -17.64 -23.24
CA GLY G 28 -41.05 -16.55 -23.20
C GLY G 28 -42.48 -16.92 -22.80
N ILE G 29 -42.71 -18.17 -22.42
CA ILE G 29 -44.03 -18.63 -22.02
C ILE G 29 -44.06 -18.98 -20.53
N TYR G 30 -45.08 -18.48 -19.83
CA TYR G 30 -45.26 -18.73 -18.40
C TYR G 30 -46.04 -20.02 -18.20
N HIS G 31 -45.66 -20.77 -17.16
CA HIS G 31 -46.33 -22.02 -16.82
C HIS G 31 -46.82 -21.99 -15.39
N LEU G 32 -48.05 -22.45 -15.18
CA LEU G 32 -48.57 -22.70 -13.84
C LEU G 32 -49.08 -24.12 -13.74
N PHE G 33 -48.40 -24.92 -12.95
CA PHE G 33 -48.92 -26.21 -12.55
C PHE G 33 -49.62 -25.97 -11.21
N TYR G 34 -50.57 -26.84 -10.88
CA TYR G 34 -51.28 -26.78 -9.60
C TYR G 34 -51.81 -28.14 -9.15
N GLN G 35 -51.93 -28.30 -7.84
CA GLN G 35 -52.52 -29.48 -7.26
C GLN G 35 -54.00 -29.53 -7.65
N TRP G 36 -54.42 -30.60 -8.32
CA TRP G 36 -55.79 -30.73 -8.81
C TRP G 36 -56.35 -32.12 -8.56
N ASN G 37 -57.61 -32.17 -8.12
CA ASN G 37 -58.35 -33.42 -8.00
C ASN G 37 -59.16 -33.62 -9.28
N PRO G 38 -58.81 -34.64 -10.10
CA PRO G 38 -59.53 -34.84 -11.35
C PRO G 38 -60.99 -35.29 -11.23
N LYS G 39 -61.44 -35.71 -10.04
CA LYS G 39 -62.80 -36.22 -9.92
C LYS G 39 -63.50 -35.89 -8.60
N GLY G 40 -63.28 -34.67 -8.09
CA GLY G 40 -63.95 -34.21 -6.88
C GLY G 40 -63.69 -32.75 -6.50
N ALA G 41 -64.56 -32.23 -5.62
CA ALA G 41 -64.48 -30.86 -5.14
C ALA G 41 -63.91 -30.81 -3.72
N VAL G 42 -63.20 -31.86 -3.34
CA VAL G 42 -62.44 -31.90 -2.09
C VAL G 42 -61.04 -32.44 -2.40
N TRP G 43 -60.13 -32.31 -1.44
CA TRP G 43 -58.76 -32.77 -1.64
C TRP G 43 -58.72 -34.29 -1.78
N GLY G 44 -57.93 -34.76 -2.74
CA GLY G 44 -57.81 -36.18 -3.03
C GLY G 44 -57.33 -36.42 -4.44
N ASN G 45 -56.90 -37.65 -4.71
CA ASN G 45 -56.52 -38.08 -6.07
C ASN G 45 -55.65 -37.04 -6.79
N ILE G 46 -54.70 -36.47 -6.05
CA ILE G 46 -54.04 -35.24 -6.48
C ILE G 46 -53.04 -35.46 -7.62
N VAL G 47 -53.15 -34.62 -8.65
CA VAL G 47 -52.19 -34.59 -9.76
C VAL G 47 -51.76 -33.14 -10.03
N TRP G 48 -50.81 -32.98 -10.94
CA TRP G 48 -50.42 -31.66 -11.42
C TRP G 48 -51.20 -31.32 -12.69
N ALA G 49 -52.22 -30.47 -12.54
CA ALA G 49 -52.83 -29.83 -13.69
C ALA G 49 -51.85 -28.78 -14.20
N HIS G 50 -52.08 -28.24 -15.39
CA HIS G 50 -51.11 -27.41 -16.08
C HIS G 50 -51.77 -26.41 -17.03
N SER G 51 -51.43 -25.13 -16.89
CA SER G 51 -51.85 -24.09 -17.84
C SER G 51 -50.66 -23.23 -18.25
N THR G 52 -50.73 -22.62 -19.42
CA THR G 52 -49.69 -21.71 -19.90
C THR G 52 -50.24 -20.32 -20.24
N SER G 53 -49.35 -19.33 -20.23
CA SER G 53 -49.71 -17.94 -20.46
C SER G 53 -48.54 -17.15 -21.01
N THR G 54 -48.83 -16.04 -21.69
CA THR G 54 -47.80 -15.08 -22.09
C THR G 54 -47.95 -13.74 -21.36
N ASP G 55 -48.91 -13.67 -20.43
CA ASP G 55 -49.16 -12.45 -19.64
C ASP G 55 -49.48 -12.68 -18.16
N LEU G 56 -49.45 -13.93 -17.70
CA LEU G 56 -49.81 -14.31 -16.32
C LEU G 56 -51.27 -14.02 -15.93
N ILE G 57 -52.15 -13.82 -16.92
CA ILE G 57 -53.55 -13.42 -16.67
C ILE G 57 -54.52 -14.28 -17.49
N ASN G 58 -54.27 -14.36 -18.80
CA ASN G 58 -55.04 -15.22 -19.69
C ASN G 58 -54.33 -16.56 -19.83
N TRP G 59 -55.06 -17.65 -19.59
CA TRP G 59 -54.48 -18.98 -19.46
C TRP G 59 -55.09 -20.01 -20.41
N ASP G 60 -54.23 -20.74 -21.13
CA ASP G 60 -54.65 -21.85 -21.97
C ASP G 60 -54.43 -23.14 -21.17
N PRO G 61 -55.45 -24.01 -21.09
CA PRO G 61 -55.29 -25.26 -20.34
C PRO G 61 -54.54 -26.30 -21.15
N HIS G 62 -53.89 -27.24 -20.46
CA HIS G 62 -53.23 -28.37 -21.10
C HIS G 62 -53.59 -29.64 -20.32
N PRO G 63 -53.20 -30.81 -20.82
CA PRO G 63 -53.45 -32.02 -20.03
C PRO G 63 -52.65 -32.03 -18.72
N PRO G 64 -52.99 -32.95 -17.79
CA PRO G 64 -52.17 -33.10 -16.59
C PRO G 64 -50.71 -33.40 -16.93
N ALA G 65 -49.80 -32.70 -16.24
CA ALA G 65 -48.38 -32.78 -16.53
C ALA G 65 -47.72 -33.92 -15.78
N ILE G 66 -48.02 -34.02 -14.48
CA ILE G 66 -47.37 -34.99 -13.59
C ILE G 66 -48.44 -35.74 -12.80
N PHE G 67 -48.53 -37.04 -13.06
CA PHE G 67 -49.58 -37.89 -12.47
C PHE G 67 -49.03 -39.28 -12.22
N PRO G 68 -49.65 -40.05 -11.29
CA PRO G 68 -49.14 -41.38 -10.97
C PRO G 68 -48.91 -42.27 -12.18
N SER G 69 -47.65 -42.64 -12.42
CA SER G 69 -47.29 -43.49 -13.55
C SER G 69 -46.04 -44.35 -13.29
N ALA G 70 -45.70 -44.51 -12.02
CA ALA G 70 -44.54 -45.32 -11.63
C ALA G 70 -44.59 -45.53 -10.13
N PRO G 71 -43.89 -46.57 -9.62
CA PRO G 71 -43.92 -46.84 -8.18
C PRO G 71 -43.72 -45.58 -7.33
N PHE G 72 -42.69 -44.80 -7.66
CA PHE G 72 -42.27 -43.65 -6.85
C PHE G 72 -43.26 -42.49 -6.74
N ASP G 73 -44.34 -42.52 -7.53
CA ASP G 73 -45.43 -41.57 -7.34
C ASP G 73 -46.80 -42.22 -7.57
N ILE G 74 -46.88 -43.53 -7.35
CA ILE G 74 -48.08 -44.30 -7.68
C ILE G 74 -49.31 -43.87 -6.88
N ASN G 75 -49.08 -43.35 -5.67
CA ASN G 75 -50.16 -42.97 -4.77
C ASN G 75 -50.37 -41.46 -4.64
N GLY G 76 -49.87 -40.68 -5.60
CA GLY G 76 -50.08 -39.23 -5.59
C GLY G 76 -48.88 -38.40 -5.98
N CYS G 77 -49.14 -37.35 -6.77
CA CYS G 77 -48.11 -36.40 -7.20
C CYS G 77 -48.29 -35.08 -6.47
N TRP G 78 -47.57 -34.92 -5.37
CA TRP G 78 -47.73 -33.75 -4.51
C TRP G 78 -46.81 -32.60 -4.92
N SER G 79 -46.82 -31.51 -4.15
CA SER G 79 -46.23 -30.24 -4.58
C SER G 79 -44.72 -30.27 -4.84
N GLY G 80 -44.28 -29.26 -5.58
CA GLY G 80 -42.88 -29.11 -5.93
C GLY G 80 -42.62 -27.83 -6.70
N SER G 81 -41.40 -27.72 -7.24
CA SER G 81 -40.92 -26.47 -7.82
C SER G 81 -40.13 -26.71 -9.11
N ALA G 82 -40.07 -25.68 -9.95
CA ALA G 82 -39.31 -25.72 -11.18
C ALA G 82 -37.97 -25.01 -10.96
N THR G 83 -36.91 -25.61 -11.49
CA THR G 83 -35.58 -24.99 -11.52
C THR G 83 -35.11 -24.92 -12.97
N ILE G 84 -34.74 -23.72 -13.41
CA ILE G 84 -34.11 -23.52 -14.71
C ILE G 84 -32.61 -23.76 -14.53
N LEU G 85 -32.07 -24.72 -15.28
CA LEU G 85 -30.64 -25.02 -15.22
C LEU G 85 -29.86 -23.98 -16.04
N PRO G 86 -28.55 -23.84 -15.79
CA PRO G 86 -27.71 -22.88 -16.51
C PRO G 86 -27.77 -22.98 -18.03
N ASN G 87 -27.96 -24.18 -18.56
CA ASN G 87 -28.11 -24.36 -20.01
C ASN G 87 -29.48 -23.87 -20.54
N GLY G 88 -30.37 -23.51 -19.63
CA GLY G 88 -31.73 -23.07 -19.97
C GLY G 88 -32.79 -24.15 -19.82
N LYS G 89 -32.37 -25.39 -19.56
CA LYS G 89 -33.30 -26.52 -19.51
C LYS G 89 -34.04 -26.56 -18.16
N PRO G 90 -35.38 -26.62 -18.20
CA PRO G 90 -36.17 -26.66 -16.96
C PRO G 90 -36.38 -28.09 -16.44
N VAL G 91 -36.23 -28.26 -15.13
CA VAL G 91 -36.52 -29.54 -14.49
C VAL G 91 -37.48 -29.28 -13.34
N ILE G 92 -38.30 -30.29 -13.01
CA ILE G 92 -39.22 -30.19 -11.88
C ILE G 92 -38.80 -31.18 -10.80
N LEU G 93 -38.78 -30.72 -9.55
CA LEU G 93 -38.63 -31.61 -8.41
C LEU G 93 -39.97 -31.59 -7.67
N TYR G 94 -40.52 -32.77 -7.42
CA TYR G 94 -41.82 -32.88 -6.75
C TYR G 94 -41.87 -34.04 -5.79
N THR G 95 -42.79 -33.97 -4.82
CA THR G 95 -43.01 -35.07 -3.88
C THR G 95 -43.96 -36.11 -4.46
N GLY G 96 -43.52 -37.36 -4.48
CA GLY G 96 -44.38 -38.48 -4.85
C GLY G 96 -44.75 -39.26 -3.60
N ILE G 97 -45.94 -39.85 -3.61
CA ILE G 97 -46.32 -40.81 -2.57
C ILE G 97 -46.06 -42.21 -3.12
N ASP G 98 -45.09 -42.90 -2.54
CA ASP G 98 -44.62 -44.21 -3.04
C ASP G 98 -45.55 -45.35 -2.61
N PRO G 99 -45.21 -46.62 -2.96
CA PRO G 99 -46.14 -47.73 -2.68
C PRO G 99 -46.39 -48.07 -1.22
N LYS G 100 -45.51 -47.60 -0.32
CA LYS G 100 -45.73 -47.74 1.13
C LYS G 100 -46.25 -46.45 1.75
N ASN G 101 -46.81 -45.56 0.92
CA ASN G 101 -47.34 -44.28 1.38
C ASN G 101 -46.28 -43.43 2.10
N GLN G 102 -45.02 -43.57 1.68
CA GLN G 102 -43.94 -42.74 2.18
C GLN G 102 -43.71 -41.59 1.21
N GLN G 103 -43.47 -40.39 1.75
CA GLN G 103 -43.23 -39.21 0.92
C GLN G 103 -41.79 -39.16 0.41
N VAL G 104 -41.64 -39.13 -0.92
CA VAL G 104 -40.32 -39.18 -1.58
C VAL G 104 -40.19 -38.07 -2.62
N GLN G 105 -38.96 -37.67 -2.93
CA GLN G 105 -38.73 -36.56 -3.87
C GLN G 105 -38.22 -37.07 -5.22
N ASN G 106 -38.99 -36.77 -6.28
CA ASN G 106 -38.72 -37.24 -7.64
C ASN G 106 -38.34 -36.10 -8.60
N ILE G 107 -37.71 -36.45 -9.71
CA ILE G 107 -37.38 -35.47 -10.76
C ILE G 107 -38.18 -35.74 -12.04
N ALA G 108 -38.63 -34.65 -12.66
CA ALA G 108 -39.32 -34.70 -13.94
C ALA G 108 -38.68 -33.69 -14.89
N GLU G 109 -38.67 -34.02 -16.18
CA GLU G 109 -38.15 -33.10 -17.19
C GLU G 109 -38.98 -33.22 -18.48
N PRO G 110 -38.97 -32.15 -19.31
CA PRO G 110 -39.80 -32.14 -20.51
C PRO G 110 -39.43 -33.21 -21.54
N LYS G 111 -40.44 -33.83 -22.13
CA LYS G 111 -40.26 -34.85 -23.15
C LYS G 111 -39.81 -34.24 -24.48
N ASN G 112 -40.14 -32.98 -24.69
CA ASN G 112 -39.82 -32.28 -25.93
C ASN G 112 -39.55 -30.81 -25.63
N LEU G 113 -38.27 -30.44 -25.57
CA LEU G 113 -37.88 -29.06 -25.26
C LEU G 113 -38.23 -28.07 -26.36
N SER G 114 -38.54 -28.57 -27.56
CA SER G 114 -39.00 -27.72 -28.67
C SER G 114 -40.48 -27.37 -28.56
N ASP G 115 -41.20 -28.04 -27.67
CA ASP G 115 -42.61 -27.72 -27.42
C ASP G 115 -42.68 -26.56 -26.43
N PRO G 116 -43.19 -25.39 -26.88
CA PRO G 116 -43.21 -24.24 -25.99
C PRO G 116 -44.20 -24.38 -24.83
N TYR G 117 -45.18 -25.27 -24.98
CA TYR G 117 -46.19 -25.51 -23.95
C TYR G 117 -45.79 -26.62 -22.99
N LEU G 118 -44.69 -27.30 -23.26
CA LEU G 118 -44.18 -28.36 -22.37
C LEU G 118 -45.33 -29.21 -21.82
N ARG G 119 -46.10 -29.79 -22.73
CA ARG G 119 -47.29 -30.56 -22.37
C ARG G 119 -46.96 -31.90 -21.72
N GLU G 120 -45.93 -32.58 -22.21
CA GLU G 120 -45.59 -33.92 -21.74
C GLU G 120 -44.23 -33.96 -21.04
N TRP G 121 -44.23 -34.55 -19.84
CA TRP G 121 -43.02 -34.65 -19.04
C TRP G 121 -42.65 -36.11 -18.85
N LYS G 122 -41.37 -36.37 -18.69
CA LYS G 122 -40.87 -37.72 -18.47
C LYS G 122 -40.11 -37.72 -17.16
N LYS G 123 -40.03 -38.89 -16.54
CA LYS G 123 -39.53 -39.01 -15.18
C LYS G 123 -38.44 -40.06 -15.11
N SER G 124 -37.42 -39.79 -14.31
CA SER G 124 -36.21 -40.60 -14.29
C SER G 124 -36.48 -41.97 -13.66
N PRO G 125 -35.92 -43.04 -14.25
CA PRO G 125 -35.95 -44.35 -13.59
C PRO G 125 -35.19 -44.35 -12.26
N LEU G 126 -34.31 -43.37 -12.05
CA LEU G 126 -33.59 -43.23 -10.79
C LEU G 126 -34.47 -42.77 -9.62
N ASN G 127 -35.65 -42.23 -9.92
CA ASN G 127 -36.56 -41.78 -8.86
C ASN G 127 -36.90 -42.88 -7.87
N PRO G 128 -37.00 -42.54 -6.56
CA PRO G 128 -36.81 -41.21 -6.00
C PRO G 128 -35.34 -40.86 -5.80
N LEU G 129 -34.99 -39.62 -6.13
CA LEU G 129 -33.63 -39.10 -5.90
C LEU G 129 -33.35 -38.92 -4.42
N MET G 130 -34.38 -38.50 -3.68
CA MET G 130 -34.26 -38.27 -2.24
C MET G 130 -35.41 -38.98 -1.52
N ALA G 131 -35.07 -39.77 -0.50
CA ALA G 131 -36.07 -40.58 0.20
C ALA G 131 -35.70 -40.82 1.67
N PRO G 132 -36.73 -40.98 2.52
CA PRO G 132 -36.48 -41.38 3.92
C PRO G 132 -35.94 -42.81 4.00
N ASP G 133 -35.06 -43.06 4.95
CA ASP G 133 -34.52 -44.40 5.19
C ASP G 133 -33.96 -44.51 6.61
N ALA G 134 -33.47 -45.70 6.95
CA ALA G 134 -32.95 -45.97 8.30
C ALA G 134 -31.75 -45.08 8.66
N VAL G 135 -30.92 -44.76 7.68
CA VAL G 135 -29.71 -43.96 7.93
C VAL G 135 -30.01 -42.48 8.20
N ASN G 136 -30.79 -41.85 7.32
CA ASN G 136 -31.09 -40.42 7.47
C ASN G 136 -32.08 -40.16 8.60
N GLY G 137 -32.99 -41.10 8.82
CA GLY G 137 -33.95 -41.03 9.93
C GLY G 137 -35.05 -40.02 9.71
N ILE G 138 -35.27 -39.63 8.46
CA ILE G 138 -36.29 -38.65 8.12
C ILE G 138 -37.67 -39.29 8.28
N ASN G 139 -38.62 -38.48 8.76
CA ASN G 139 -39.98 -38.94 8.97
C ASN G 139 -40.74 -39.03 7.66
N ALA G 140 -41.14 -40.24 7.29
CA ALA G 140 -41.65 -40.54 5.95
C ALA G 140 -42.95 -39.82 5.61
N SER G 141 -43.72 -39.42 6.63
CA SER G 141 -44.98 -38.70 6.43
C SER G 141 -44.84 -37.18 6.54
N SER G 142 -43.68 -36.70 6.97
CA SER G 142 -43.40 -35.27 7.06
C SER G 142 -42.13 -34.95 6.27
N PHE G 143 -42.22 -35.01 4.94
CA PHE G 143 -41.04 -34.87 4.09
C PHE G 143 -41.44 -34.57 2.66
N ARG G 144 -41.78 -33.31 2.40
CA ARG G 144 -42.32 -32.92 1.10
C ARG G 144 -42.03 -31.47 0.72
N ASP G 145 -42.40 -31.15 -0.51
CA ASP G 145 -42.38 -29.78 -1.05
C ASP G 145 -40.95 -29.28 -1.34
N PRO G 146 -40.30 -29.85 -2.36
CA PRO G 146 -38.97 -29.38 -2.77
C PRO G 146 -39.01 -27.98 -3.36
N THR G 147 -38.06 -27.14 -2.95
CA THR G 147 -37.96 -25.79 -3.49
C THR G 147 -37.29 -25.80 -4.86
N THR G 148 -37.31 -24.64 -5.51
CA THR G 148 -36.41 -24.35 -6.62
C THR G 148 -34.98 -24.44 -6.07
N ALA G 149 -34.11 -25.14 -6.79
CA ALA G 149 -32.74 -25.33 -6.34
C ALA G 149 -31.90 -24.13 -6.73
N TRP G 150 -30.83 -23.88 -5.98
CA TRP G 150 -29.86 -22.83 -6.32
C TRP G 150 -28.45 -23.40 -6.34
N LEU G 151 -27.60 -22.85 -7.21
CA LEU G 151 -26.24 -23.36 -7.43
C LEU G 151 -25.21 -22.57 -6.64
N GLY G 152 -24.45 -23.25 -5.80
CA GLY G 152 -23.47 -22.61 -4.94
C GLY G 152 -22.14 -22.32 -5.62
N GLN G 153 -21.39 -21.39 -5.02
CA GLN G 153 -20.03 -21.03 -5.44
C GLN G 153 -19.07 -22.21 -5.66
N ASP G 154 -19.28 -23.28 -4.91
CA ASP G 154 -18.53 -24.54 -5.07
C ASP G 154 -19.14 -25.47 -6.13
N LYS G 155 -20.04 -24.93 -6.96
CA LYS G 155 -20.64 -25.65 -8.08
C LYS G 155 -21.52 -26.85 -7.66
N LYS G 156 -21.92 -26.88 -6.40
CA LYS G 156 -22.85 -27.91 -5.91
C LYS G 156 -24.21 -27.28 -5.69
N TRP G 157 -25.23 -27.85 -6.32
CA TRP G 157 -26.62 -27.42 -6.13
C TRP G 157 -27.09 -27.64 -4.71
N ARG G 158 -27.90 -26.72 -4.22
CA ARG G 158 -28.64 -26.92 -2.97
C ARG G 158 -30.13 -26.97 -3.28
N VAL G 159 -30.86 -27.73 -2.47
CA VAL G 159 -32.31 -27.68 -2.46
C VAL G 159 -32.74 -27.91 -1.03
N ILE G 160 -33.89 -27.37 -0.63
CA ILE G 160 -34.47 -27.68 0.68
C ILE G 160 -35.84 -28.30 0.52
N ILE G 161 -36.19 -29.13 1.50
CA ILE G 161 -37.46 -29.87 1.54
C ILE G 161 -38.05 -29.70 2.93
N GLY G 162 -39.34 -29.40 2.99
CA GLY G 162 -40.03 -29.24 4.26
C GLY G 162 -40.09 -30.55 5.03
N SER G 163 -39.97 -30.47 6.35
CA SER G 163 -40.11 -31.65 7.20
C SER G 163 -40.42 -31.28 8.65
N LYS G 164 -40.52 -32.28 9.51
CA LYS G 164 -40.56 -32.05 10.96
C LYS G 164 -40.17 -33.26 11.81
N ILE G 165 -39.64 -32.96 12.99
CA ILE G 165 -39.24 -33.96 13.99
C ILE G 165 -39.91 -33.56 15.30
N HIS G 166 -40.98 -34.25 15.65
CA HIS G 166 -41.80 -33.91 16.83
C HIS G 166 -42.48 -32.56 16.61
N ARG G 167 -42.21 -31.55 17.45
CA ARG G 167 -42.81 -30.23 17.27
C ARG G 167 -41.91 -29.27 16.47
N ARG G 168 -40.79 -29.77 15.97
CA ARG G 168 -39.78 -28.94 15.33
C ARG G 168 -39.90 -28.89 13.81
N GLY G 169 -40.12 -27.70 13.27
CA GLY G 169 -40.14 -27.49 11.83
C GLY G 169 -38.72 -27.53 11.28
N LEU G 170 -38.59 -28.04 10.05
CA LEU G 170 -37.27 -28.26 9.45
C LEU G 170 -37.24 -27.84 7.99
N ALA G 171 -36.06 -27.39 7.57
CA ALA G 171 -35.74 -27.18 6.17
C ALA G 171 -34.54 -28.07 5.85
N ILE G 172 -34.83 -29.31 5.48
CA ILE G 172 -33.79 -30.32 5.25
C ILE G 172 -33.07 -30.04 3.94
N THR G 173 -31.76 -29.86 4.02
CA THR G 173 -30.94 -29.51 2.86
C THR G 173 -30.31 -30.73 2.20
N TYR G 174 -30.37 -30.76 0.87
CA TYR G 174 -29.65 -31.74 0.06
C TYR G 174 -28.76 -31.00 -0.94
N THR G 175 -27.61 -31.58 -1.25
CA THR G 175 -26.68 -31.01 -2.21
C THR G 175 -26.33 -32.01 -3.32
N SER G 176 -26.00 -31.49 -4.50
CA SER G 176 -25.74 -32.33 -5.66
C SER G 176 -24.83 -31.65 -6.68
N LYS G 177 -24.00 -32.45 -7.34
CA LYS G 177 -23.10 -31.96 -8.38
C LYS G 177 -23.77 -32.01 -9.76
N ASP G 178 -24.40 -33.14 -10.06
CA ASP G 178 -25.00 -33.40 -11.37
C ASP G 178 -26.54 -33.27 -11.40
N PHE G 179 -27.15 -32.92 -10.28
CA PHE G 179 -28.62 -32.78 -10.16
C PHE G 179 -29.37 -34.12 -10.20
N LEU G 180 -28.65 -35.23 -10.03
CA LEU G 180 -29.23 -36.57 -10.00
C LEU G 180 -28.83 -37.31 -8.72
N LYS G 181 -27.55 -37.23 -8.36
CA LYS G 181 -27.09 -37.71 -7.06
C LYS G 181 -27.26 -36.61 -6.03
N TRP G 182 -28.21 -36.78 -5.12
CA TRP G 182 -28.43 -35.84 -4.02
C TRP G 182 -28.00 -36.50 -2.71
N GLU G 183 -27.44 -35.69 -1.82
CA GLU G 183 -26.86 -36.17 -0.57
C GLU G 183 -27.31 -35.24 0.56
N LYS G 184 -27.89 -35.83 1.60
CA LYS G 184 -28.43 -35.06 2.70
C LYS G 184 -27.31 -34.36 3.45
N SER G 185 -27.52 -33.09 3.79
CA SER G 185 -26.56 -32.35 4.62
C SER G 185 -26.81 -32.68 6.09
N PRO G 186 -25.74 -32.77 6.90
CA PRO G 186 -25.88 -33.08 8.33
C PRO G 186 -26.86 -32.15 9.03
N GLU G 187 -26.71 -30.84 8.82
CA GLU G 187 -27.58 -29.83 9.42
C GLU G 187 -28.56 -29.26 8.39
N PRO G 188 -29.74 -28.81 8.84
CA PRO G 188 -30.70 -28.15 7.96
C PRO G 188 -30.40 -26.66 7.77
N LEU G 189 -30.87 -26.10 6.64
CA LEU G 189 -30.72 -24.68 6.36
C LEU G 189 -31.24 -23.83 7.52
N HIS G 190 -32.34 -24.27 8.11
CA HIS G 190 -32.87 -23.64 9.33
C HIS G 190 -33.92 -24.58 9.95
N TYR G 191 -34.27 -24.31 11.21
CA TYR G 191 -35.31 -25.06 11.91
C TYR G 191 -35.95 -24.20 12.98
N ASP G 192 -37.01 -24.72 13.60
CA ASP G 192 -37.68 -24.02 14.70
C ASP G 192 -38.40 -25.01 15.61
N ASP G 193 -38.08 -24.98 16.90
CA ASP G 193 -38.77 -25.79 17.89
C ASP G 193 -40.14 -25.20 18.20
N GLY G 194 -41.19 -25.99 18.01
CA GLY G 194 -42.56 -25.56 18.35
C GLY G 194 -43.44 -25.21 17.16
N SER G 195 -42.84 -24.88 16.01
CA SER G 195 -43.60 -24.43 14.85
C SER G 195 -44.49 -25.50 14.22
N GLY G 196 -44.06 -26.76 14.30
CA GLY G 196 -44.75 -27.83 13.60
C GLY G 196 -44.23 -27.95 12.17
N MET G 197 -44.95 -28.70 11.34
CA MET G 197 -44.51 -28.99 9.97
C MET G 197 -44.37 -27.71 9.14
N TRP G 198 -43.24 -27.63 8.42
CA TRP G 198 -42.99 -26.57 7.46
C TRP G 198 -43.35 -27.05 6.07
N GLU G 199 -44.60 -26.85 5.68
CA GLU G 199 -45.05 -27.13 4.31
C GLU G 199 -44.52 -26.06 3.37
N CYS G 200 -44.42 -26.40 2.08
CA CYS G 200 -44.10 -25.44 1.02
C CYS G 200 -43.07 -24.38 1.39
N PRO G 201 -41.82 -24.80 1.62
CA PRO G 201 -40.77 -23.83 1.88
C PRO G 201 -40.41 -23.06 0.61
N ASP G 202 -39.88 -21.86 0.78
CA ASP G 202 -39.30 -21.11 -0.32
C ASP G 202 -38.06 -20.40 0.19
N PHE G 203 -37.05 -20.30 -0.67
CA PHE G 203 -35.77 -19.70 -0.30
C PHE G 203 -35.18 -18.97 -1.50
N PHE G 204 -35.24 -17.64 -1.47
CA PHE G 204 -34.79 -16.82 -2.58
C PHE G 204 -34.07 -15.56 -2.08
N PRO G 205 -33.28 -14.92 -2.96
CA PRO G 205 -32.65 -13.64 -2.62
C PRO G 205 -33.51 -12.43 -3.01
N VAL G 206 -33.27 -11.31 -2.34
CA VAL G 206 -33.89 -10.03 -2.70
C VAL G 206 -32.85 -8.91 -2.60
N THR G 207 -32.88 -7.98 -3.56
CA THR G 207 -31.96 -6.84 -3.53
C THR G 207 -32.35 -5.87 -2.42
N ARG G 208 -31.33 -5.36 -1.71
CA ARG G 208 -31.55 -4.58 -0.49
C ARG G 208 -32.34 -3.30 -0.76
N PHE G 209 -32.16 -2.75 -1.95
CA PHE G 209 -32.88 -1.54 -2.34
C PHE G 209 -33.14 -1.62 -3.85
N GLY G 210 -34.35 -1.24 -4.25
CA GLY G 210 -34.85 -1.52 -5.61
C GLY G 210 -36.02 -2.49 -5.54
N SER G 211 -36.74 -2.63 -6.64
CA SER G 211 -37.92 -3.49 -6.71
C SER G 211 -37.75 -4.70 -7.65
N ASN G 212 -36.58 -4.79 -8.31
CA ASN G 212 -36.33 -5.86 -9.26
C ASN G 212 -36.05 -7.20 -8.58
N GLY G 213 -36.41 -8.27 -9.27
CA GLY G 213 -36.18 -9.62 -8.78
C GLY G 213 -34.73 -9.97 -8.94
N VAL G 214 -34.26 -10.88 -8.11
CA VAL G 214 -32.88 -11.36 -8.15
C VAL G 214 -32.88 -12.83 -8.51
N GLU G 215 -32.01 -13.21 -9.44
CA GLU G 215 -31.89 -14.62 -9.85
C GLU G 215 -31.58 -15.47 -8.60
N THR G 216 -32.25 -16.61 -8.48
CA THR G 216 -32.21 -17.41 -7.25
C THR G 216 -30.79 -17.81 -6.80
N SER G 217 -29.89 -18.04 -7.76
CA SER G 217 -28.51 -18.43 -7.44
C SER G 217 -27.57 -17.23 -7.27
N SER G 218 -28.05 -16.03 -7.64
CA SER G 218 -27.19 -14.84 -7.75
C SER G 218 -26.44 -14.48 -6.45
N PHE G 219 -25.18 -14.05 -6.62
CA PHE G 219 -24.34 -13.65 -5.50
C PHE G 219 -24.36 -12.13 -5.33
N GLY G 220 -24.13 -11.70 -4.09
CA GLY G 220 -24.02 -10.28 -3.77
C GLY G 220 -22.62 -9.79 -4.08
N GLU G 221 -22.48 -9.00 -5.14
CA GLU G 221 -21.18 -8.43 -5.53
C GLU G 221 -20.70 -7.45 -4.45
N PRO G 222 -19.46 -6.92 -4.58
CA PRO G 222 -19.02 -5.85 -3.67
C PRO G 222 -19.75 -4.50 -3.82
N ASN G 223 -20.67 -4.41 -4.79
CA ASN G 223 -21.49 -3.20 -5.01
C ASN G 223 -22.99 -3.43 -4.86
N GLU G 224 -23.37 -4.69 -4.65
CA GLU G 224 -24.77 -5.07 -4.60
C GLU G 224 -25.03 -5.77 -3.26
N ILE G 225 -26.02 -5.28 -2.51
CA ILE G 225 -26.37 -5.86 -1.20
C ILE G 225 -27.66 -6.67 -1.30
N LEU G 226 -27.52 -7.99 -1.15
CA LEU G 226 -28.67 -8.90 -1.18
C LEU G 226 -29.00 -9.37 0.23
N LYS G 227 -30.29 -9.57 0.47
CA LYS G 227 -30.76 -10.30 1.65
C LYS G 227 -31.48 -11.55 1.15
N HIS G 228 -31.73 -12.49 2.05
CA HIS G 228 -32.43 -13.73 1.70
C HIS G 228 -33.74 -13.86 2.48
N VAL G 229 -34.77 -14.36 1.80
CA VAL G 229 -36.05 -14.66 2.44
C VAL G 229 -36.24 -16.16 2.56
N LEU G 230 -36.52 -16.61 3.78
CA LEU G 230 -36.99 -17.96 4.00
C LEU G 230 -38.48 -17.89 4.30
N LYS G 231 -39.28 -18.56 3.46
CA LYS G 231 -40.73 -18.65 3.65
C LYS G 231 -41.13 -20.10 3.96
N ILE G 232 -42.11 -20.26 4.83
CA ILE G 232 -42.66 -21.58 5.18
C ILE G 232 -44.18 -21.48 5.36
N SER G 233 -44.88 -22.54 4.98
CA SER G 233 -46.33 -22.65 5.23
C SER G 233 -46.52 -23.55 6.43
N LEU G 234 -47.26 -23.08 7.43
CA LEU G 234 -47.44 -23.84 8.67
C LEU G 234 -48.76 -24.59 8.73
N ASP G 235 -48.66 -25.93 8.72
CA ASP G 235 -49.72 -26.86 9.16
C ASP G 235 -50.54 -26.36 10.34
N ASP G 236 -49.85 -25.77 11.31
CA ASP G 236 -50.44 -25.43 12.60
C ASP G 236 -51.52 -24.35 12.51
N THR G 237 -51.20 -23.29 11.79
CA THR G 237 -52.05 -22.09 11.76
C THR G 237 -52.71 -21.85 10.41
N LYS G 238 -52.34 -22.64 9.40
CA LYS G 238 -52.86 -22.50 8.03
C LYS G 238 -52.51 -21.14 7.41
N HIS G 239 -51.31 -20.62 7.72
CA HIS G 239 -50.84 -19.36 7.15
C HIS G 239 -49.44 -19.49 6.59
N ASP G 240 -49.07 -18.57 5.69
CA ASP G 240 -47.71 -18.47 5.17
C ASP G 240 -46.94 -17.38 5.90
N TYR G 241 -45.73 -17.73 6.35
CA TYR G 241 -44.84 -16.79 7.03
C TYR G 241 -43.52 -16.67 6.29
N TYR G 242 -42.83 -15.55 6.49
CA TYR G 242 -41.46 -15.39 6.02
C TYR G 242 -40.62 -14.66 7.04
N THR G 243 -39.32 -14.88 6.99
CA THR G 243 -38.37 -14.09 7.74
C THR G 243 -37.32 -13.57 6.76
N ILE G 244 -36.80 -12.38 7.03
CA ILE G 244 -35.74 -11.80 6.23
C ILE G 244 -34.44 -12.01 7.00
N GLY G 245 -33.39 -12.43 6.29
CA GLY G 245 -32.10 -12.64 6.94
C GLY G 245 -30.97 -12.72 5.94
N THR G 246 -29.84 -13.22 6.41
CA THR G 246 -28.67 -13.44 5.57
C THR G 246 -28.37 -14.92 5.45
N TYR G 247 -27.83 -15.31 4.30
CA TYR G 247 -27.52 -16.69 3.99
C TYR G 247 -26.04 -16.91 4.20
N ASP G 248 -25.69 -17.56 5.31
CA ASP G 248 -24.31 -17.92 5.62
C ASP G 248 -23.90 -19.09 4.74
N ARG G 249 -23.16 -18.79 3.68
CA ARG G 249 -22.78 -19.80 2.69
C ARG G 249 -21.68 -20.74 3.18
N VAL G 250 -20.97 -20.34 4.24
CA VAL G 250 -19.90 -21.18 4.79
C VAL G 250 -20.51 -22.36 5.53
N LYS G 251 -21.34 -22.04 6.52
CA LYS G 251 -22.08 -23.04 7.29
C LYS G 251 -23.25 -23.65 6.51
N ASP G 252 -23.66 -23.00 5.42
CA ASP G 252 -24.83 -23.42 4.63
C ASP G 252 -26.12 -23.35 5.48
N LYS G 253 -26.25 -22.26 6.24
CA LYS G 253 -27.38 -22.04 7.13
C LYS G 253 -28.04 -20.69 6.86
N PHE G 254 -29.28 -20.53 7.30
CA PHE G 254 -29.98 -19.25 7.23
C PHE G 254 -30.10 -18.66 8.63
N VAL G 255 -29.69 -17.41 8.76
CA VAL G 255 -29.74 -16.69 10.04
C VAL G 255 -30.66 -15.47 9.87
N PRO G 256 -31.87 -15.52 10.44
CA PRO G 256 -32.79 -14.38 10.33
C PRO G 256 -32.22 -13.14 10.99
N ASP G 257 -32.52 -11.97 10.41
CA ASP G 257 -32.12 -10.69 11.02
C ASP G 257 -32.63 -10.61 12.45
N ASN G 258 -31.93 -9.85 13.28
CA ASN G 258 -32.27 -9.74 14.70
C ASN G 258 -33.73 -9.30 14.89
N GLY G 259 -34.43 -10.02 15.77
CA GLY G 259 -35.85 -9.75 16.01
C GLY G 259 -36.75 -10.78 15.36
N PHE G 260 -36.33 -11.31 14.21
CA PHE G 260 -37.12 -12.30 13.49
C PHE G 260 -36.97 -13.68 14.11
N LYS G 261 -38.08 -14.42 14.12
CA LYS G 261 -38.06 -15.84 14.43
C LYS G 261 -38.94 -16.54 13.40
N MET G 262 -38.47 -17.67 12.88
CA MET G 262 -39.17 -18.37 11.81
C MET G 262 -40.27 -19.27 12.37
N ASP G 263 -41.33 -18.62 12.89
CA ASP G 263 -42.48 -19.33 13.46
C ASP G 263 -43.76 -18.49 13.27
N GLY G 264 -44.78 -18.77 14.06
CA GLY G 264 -46.05 -18.04 14.00
C GLY G 264 -45.96 -16.54 14.25
N THR G 265 -44.89 -16.09 14.90
CA THR G 265 -44.69 -14.66 15.20
C THR G 265 -44.05 -13.88 14.06
N ALA G 266 -43.68 -14.58 12.98
CA ALA G 266 -43.06 -13.94 11.82
C ALA G 266 -44.10 -13.19 11.01
N PRO G 267 -43.67 -12.26 10.13
CA PRO G 267 -44.64 -11.59 9.26
C PRO G 267 -45.21 -12.53 8.20
N ARG G 268 -46.28 -12.11 7.54
CA ARG G 268 -46.90 -12.90 6.48
C ARG G 268 -46.91 -12.14 5.18
N TYR G 269 -46.97 -12.86 4.06
CA TYR G 269 -47.32 -12.26 2.79
C TYR G 269 -48.71 -11.64 2.87
N ASP G 270 -49.65 -12.43 3.40
CA ASP G 270 -51.06 -12.08 3.40
C ASP G 270 -51.67 -12.45 4.75
N TYR G 271 -52.53 -11.57 5.25
CA TYR G 271 -53.09 -11.71 6.60
C TYR G 271 -54.55 -12.17 6.57
N GLY G 272 -55.01 -12.58 5.38
CA GLY G 272 -56.33 -13.18 5.21
C GLY G 272 -56.18 -14.64 4.79
N LYS G 273 -56.84 -15.02 3.70
CA LYS G 273 -56.86 -16.40 3.26
C LYS G 273 -55.86 -16.64 2.14
N TYR G 274 -54.78 -17.36 2.46
CA TYR G 274 -53.61 -17.41 1.60
C TYR G 274 -52.65 -18.49 2.12
N TYR G 275 -52.32 -19.46 1.28
CA TYR G 275 -51.50 -20.60 1.71
C TYR G 275 -50.71 -21.23 0.56
N ALA G 276 -49.66 -21.97 0.91
CA ALA G 276 -48.88 -22.74 -0.06
C ALA G 276 -48.27 -21.89 -1.16
N SER G 277 -47.91 -20.66 -0.82
CA SER G 277 -47.45 -19.71 -1.84
C SER G 277 -46.03 -20.03 -2.29
N LYS G 278 -45.77 -19.82 -3.58
CA LYS G 278 -44.47 -20.10 -4.17
C LYS G 278 -44.09 -19.01 -5.16
N THR G 279 -42.81 -18.66 -5.19
CA THR G 279 -42.30 -17.64 -6.10
C THR G 279 -41.48 -18.26 -7.23
N PHE G 280 -41.28 -17.48 -8.28
CA PHE G 280 -40.36 -17.84 -9.37
C PHE G 280 -39.76 -16.59 -9.99
N PHE G 281 -38.57 -16.75 -10.55
CA PHE G 281 -37.86 -15.63 -11.17
C PHE G 281 -38.36 -15.40 -12.60
N ASP G 282 -39.03 -14.27 -12.81
CA ASP G 282 -39.42 -13.85 -14.15
C ASP G 282 -38.23 -13.17 -14.81
N SER G 283 -37.45 -13.95 -15.55
CA SER G 283 -36.28 -13.45 -16.28
C SER G 283 -36.67 -12.54 -17.46
N ALA G 284 -37.92 -12.66 -17.92
CA ALA G 284 -38.40 -11.84 -19.04
C ALA G 284 -38.48 -10.36 -18.70
N LYS G 285 -38.95 -10.07 -17.50
CA LYS G 285 -39.15 -8.69 -17.03
C LYS G 285 -38.46 -8.42 -15.70
N ASN G 286 -37.50 -9.28 -15.33
CA ASN G 286 -36.69 -9.11 -14.11
C ASN G 286 -37.48 -8.81 -12.83
N ARG G 287 -38.33 -9.75 -12.45
CA ARG G 287 -39.14 -9.61 -11.24
C ARG G 287 -39.36 -10.98 -10.62
N ARG G 288 -39.44 -11.02 -9.28
CA ARG G 288 -39.82 -12.23 -8.58
C ARG G 288 -41.32 -12.21 -8.38
N ILE G 289 -42.00 -13.24 -8.88
CA ILE G 289 -43.47 -13.27 -8.84
C ILE G 289 -43.95 -14.33 -7.85
N LEU G 290 -45.07 -14.02 -7.18
CA LEU G 290 -45.59 -14.81 -6.07
C LEU G 290 -46.99 -15.37 -6.38
N TRP G 291 -47.10 -16.70 -6.40
CA TRP G 291 -48.38 -17.39 -6.55
C TRP G 291 -48.86 -17.84 -5.17
N GLY G 292 -50.17 -17.83 -4.96
CA GLY G 292 -50.76 -18.16 -3.67
C GLY G 292 -52.14 -18.78 -3.79
N TRP G 293 -52.38 -19.83 -3.01
CA TRP G 293 -53.63 -20.58 -3.06
C TRP G 293 -54.63 -20.07 -2.03
N THR G 294 -55.80 -19.65 -2.49
CA THR G 294 -56.89 -19.21 -1.61
C THR G 294 -58.03 -20.21 -1.71
N ASN G 295 -58.27 -20.93 -0.62
CA ASN G 295 -59.33 -21.93 -0.58
C ASN G 295 -60.67 -21.28 -0.29
N GLU G 296 -61.73 -22.07 -0.42
CA GLU G 296 -63.07 -21.59 -0.21
C GLU G 296 -63.30 -21.25 1.26
N SER G 297 -64.09 -20.21 1.51
CA SER G 297 -64.58 -19.93 2.85
C SER G 297 -66.01 -20.42 3.00
N SER G 298 -66.56 -21.02 1.93
CA SER G 298 -67.89 -21.63 1.97
C SER G 298 -67.81 -23.03 2.58
N SER G 299 -68.97 -23.62 2.83
CA SER G 299 -69.03 -24.96 3.40
C SER G 299 -68.59 -26.00 2.37
N VAL G 300 -68.19 -27.16 2.86
CA VAL G 300 -67.87 -28.29 1.99
C VAL G 300 -69.11 -28.72 1.18
N GLU G 301 -70.30 -28.66 1.78
CA GLU G 301 -71.53 -28.94 1.05
C GLU G 301 -71.72 -28.03 -0.16
N ASP G 302 -71.46 -26.74 0.02
CA ASP G 302 -71.57 -25.79 -1.07
C ASP G 302 -70.53 -26.08 -2.15
N ASP G 303 -69.30 -26.41 -1.73
CA ASP G 303 -68.24 -26.85 -2.65
C ASP G 303 -68.69 -28.04 -3.49
N VAL G 304 -69.15 -29.09 -2.82
CA VAL G 304 -69.62 -30.29 -3.49
C VAL G 304 -70.79 -29.97 -4.43
N GLU G 305 -71.70 -29.11 -3.97
CA GLU G 305 -72.87 -28.71 -4.76
C GLU G 305 -72.48 -27.86 -5.97
N LYS G 306 -71.62 -26.87 -5.76
CA LYS G 306 -71.22 -25.98 -6.86
C LYS G 306 -70.22 -26.62 -7.83
N GLY G 307 -69.54 -27.69 -7.39
CA GLY G 307 -68.70 -28.50 -8.28
C GLY G 307 -67.25 -28.09 -8.42
N TRP G 308 -66.78 -27.23 -7.52
CA TRP G 308 -65.38 -26.77 -7.55
C TRP G 308 -65.02 -26.15 -6.21
N SER G 309 -63.72 -25.98 -5.98
CA SER G 309 -63.23 -25.41 -4.72
C SER G 309 -61.76 -25.00 -4.87
N GLY G 310 -61.49 -23.71 -4.63
CA GLY G 310 -60.12 -23.19 -4.64
C GLY G 310 -59.82 -22.30 -5.84
N ILE G 311 -59.09 -21.21 -5.58
CA ILE G 311 -58.56 -20.33 -6.62
C ILE G 311 -57.13 -19.94 -6.27
N GLN G 312 -56.43 -19.36 -7.25
CA GLN G 312 -55.17 -18.69 -6.98
C GLN G 312 -55.48 -17.21 -6.94
N THR G 313 -54.82 -16.49 -6.04
CA THR G 313 -54.89 -15.03 -6.06
C THR G 313 -54.18 -14.55 -7.32
N ILE G 314 -54.44 -13.30 -7.71
CA ILE G 314 -53.72 -12.71 -8.82
C ILE G 314 -52.24 -12.71 -8.46
N PRO G 315 -51.37 -13.14 -9.39
CA PRO G 315 -49.93 -13.17 -9.11
C PRO G 315 -49.41 -11.79 -8.79
N ARG G 316 -48.48 -11.71 -7.85
CA ARG G 316 -47.94 -10.42 -7.46
C ARG G 316 -46.43 -10.37 -7.50
N LYS G 317 -45.92 -9.29 -8.07
CA LYS G 317 -44.50 -8.99 -8.07
C LYS G 317 -44.14 -8.60 -6.64
N ILE G 318 -43.03 -9.13 -6.13
CA ILE G 318 -42.63 -8.85 -4.76
C ILE G 318 -41.20 -8.33 -4.67
N TRP G 319 -40.93 -7.57 -3.62
CA TRP G 319 -39.60 -7.03 -3.36
C TRP G 319 -39.47 -6.57 -1.91
N LEU G 320 -38.27 -6.13 -1.52
CA LEU G 320 -37.98 -5.66 -0.17
C LEU G 320 -38.31 -4.18 -0.10
N ASP G 321 -38.92 -3.73 1.00
CA ASP G 321 -39.24 -2.30 1.14
C ASP G 321 -38.02 -1.51 1.59
N ARG G 322 -38.02 -0.21 1.31
CA ARG G 322 -36.90 0.70 1.66
C ARG G 322 -36.32 0.41 3.04
N SER G 323 -37.21 0.25 4.03
CA SER G 323 -36.77 0.07 5.42
C SER G 323 -36.05 -1.25 5.69
N GLY G 324 -36.20 -2.24 4.81
CA GLY G 324 -35.54 -3.52 4.97
C GLY G 324 -36.21 -4.44 6.00
N LYS G 325 -37.38 -4.03 6.48
CA LYS G 325 -38.06 -4.72 7.57
C LYS G 325 -39.16 -5.67 7.09
N GLN G 326 -39.57 -5.53 5.83
CA GLN G 326 -40.63 -6.37 5.28
C GLN G 326 -40.59 -6.41 3.76
N LEU G 327 -41.40 -7.31 3.18
CA LEU G 327 -41.56 -7.39 1.74
C LEU G 327 -42.77 -6.57 1.31
N ILE G 328 -42.73 -6.07 0.08
CA ILE G 328 -43.85 -5.39 -0.55
C ILE G 328 -44.35 -6.27 -1.67
N GLN G 329 -45.67 -6.34 -1.83
CA GLN G 329 -46.27 -7.10 -2.91
C GLN G 329 -47.26 -6.22 -3.67
N TRP G 330 -47.46 -6.56 -4.93
CA TRP G 330 -48.35 -5.79 -5.79
C TRP G 330 -48.75 -6.67 -6.96
N PRO G 331 -50.06 -6.69 -7.30
CA PRO G 331 -50.48 -7.45 -8.48
C PRO G 331 -49.62 -7.15 -9.70
N VAL G 332 -49.35 -8.16 -10.50
CA VAL G 332 -48.59 -7.97 -11.73
C VAL G 332 -49.30 -6.93 -12.59
N ARG G 333 -48.52 -6.10 -13.27
CA ARG G 333 -49.07 -4.96 -14.01
C ARG G 333 -49.92 -5.41 -15.21
N GLU G 334 -49.75 -6.65 -15.64
CA GLU G 334 -50.58 -7.22 -16.72
C GLU G 334 -52.07 -7.31 -16.36
N VAL G 335 -52.39 -7.33 -15.07
CA VAL G 335 -53.80 -7.36 -14.62
C VAL G 335 -54.51 -6.05 -14.91
N GLU G 336 -53.74 -4.96 -15.04
CA GLU G 336 -54.30 -3.66 -15.35
C GLU G 336 -54.79 -3.56 -16.80
N ARG G 337 -54.41 -4.53 -17.63
CA ARG G 337 -54.91 -4.63 -19.01
C ARG G 337 -56.38 -5.04 -19.08
N LEU G 338 -56.89 -5.65 -18.00
CA LEU G 338 -58.30 -6.03 -17.92
C LEU G 338 -59.18 -4.84 -17.56
N ARG G 339 -58.57 -3.74 -17.13
CA ARG G 339 -59.32 -2.55 -16.73
C ARG G 339 -60.04 -1.97 -17.92
N THR G 340 -61.30 -1.59 -17.71
CA THR G 340 -62.13 -1.03 -18.76
C THR G 340 -61.61 0.37 -19.12
N LYS G 341 -61.80 0.71 -20.40
CA LYS G 341 -61.33 1.99 -20.94
C LYS G 341 -61.89 3.20 -20.18
N GLN G 342 -63.16 3.12 -19.79
CA GLN G 342 -63.82 4.22 -19.08
C GLN G 342 -63.76 4.05 -17.57
N VAL G 343 -62.86 4.79 -16.94
CA VAL G 343 -62.70 4.77 -15.48
C VAL G 343 -63.83 5.55 -14.82
N LYS G 344 -64.09 5.26 -13.55
CA LYS G 344 -64.98 6.05 -12.72
C LYS G 344 -64.13 6.77 -11.67
N ASN G 345 -64.08 8.10 -11.76
CA ASN G 345 -63.22 8.88 -10.87
C ASN G 345 -64.04 9.73 -9.89
N LEU G 346 -63.56 9.79 -8.65
CA LEU G 346 -64.04 10.78 -7.68
C LEU G 346 -62.81 11.47 -7.09
N ARG G 347 -62.90 12.77 -6.83
CA ARG G 347 -61.77 13.51 -6.25
C ARG G 347 -62.22 14.62 -5.31
N ASN G 348 -61.45 14.79 -4.23
CA ASN G 348 -61.67 15.87 -3.26
C ASN G 348 -63.06 15.87 -2.63
N LYS G 349 -63.56 14.68 -2.34
CA LYS G 349 -64.83 14.51 -1.63
C LYS G 349 -64.58 14.41 -0.13
N VAL G 350 -65.53 14.90 0.66
CA VAL G 350 -65.40 14.88 2.13
C VAL G 350 -66.39 13.90 2.73
N LEU G 351 -65.89 12.79 3.25
CA LEU G 351 -66.71 11.84 3.99
C LEU G 351 -66.79 12.29 5.46
N LYS G 352 -67.89 12.96 5.81
CA LYS G 352 -68.13 13.38 7.19
C LYS G 352 -68.43 12.14 8.04
N SER G 353 -68.45 12.32 9.37
CA SER G 353 -68.77 11.23 10.28
C SER G 353 -70.09 10.54 9.92
N GLY G 354 -70.05 9.22 9.79
CA GLY G 354 -71.24 8.41 9.52
C GLY G 354 -71.75 8.51 8.09
N SER G 355 -70.88 8.87 7.15
CA SER G 355 -71.28 9.10 5.76
C SER G 355 -70.72 8.03 4.84
N ARG G 356 -71.50 7.65 3.82
CA ARG G 356 -70.99 6.82 2.74
C ARG G 356 -71.28 7.42 1.38
N LEU G 357 -70.40 7.11 0.42
CA LEU G 357 -70.48 7.64 -0.93
C LEU G 357 -70.42 6.47 -1.92
N GLU G 358 -71.49 6.29 -2.69
CA GLU G 358 -71.54 5.21 -3.67
C GLU G 358 -70.75 5.57 -4.93
N VAL G 359 -70.11 4.57 -5.52
CA VAL G 359 -69.40 4.73 -6.79
C VAL G 359 -70.25 4.12 -7.92
N TYR G 360 -70.78 4.98 -8.80
CA TYR G 360 -71.71 4.56 -9.84
C TYR G 360 -71.01 4.17 -11.13
N GLY G 361 -71.68 3.35 -11.95
CA GLY G 361 -71.24 3.06 -13.31
C GLY G 361 -70.06 2.12 -13.44
N VAL G 362 -69.92 1.18 -12.51
CA VAL G 362 -68.85 0.20 -12.55
C VAL G 362 -69.45 -1.18 -12.32
N THR G 363 -68.92 -2.20 -13.01
CA THR G 363 -69.33 -3.58 -12.72
C THR G 363 -68.80 -3.94 -11.33
N ALA G 364 -69.64 -3.71 -10.32
CA ALA G 364 -69.23 -3.74 -8.91
C ALA G 364 -68.81 -5.11 -8.36
N ALA G 365 -69.19 -6.19 -9.04
CA ALA G 365 -68.80 -7.54 -8.62
C ALA G 365 -67.53 -8.01 -9.33
N GLN G 366 -67.02 -7.19 -10.25
CA GLN G 366 -65.81 -7.54 -10.99
C GLN G 366 -65.08 -6.24 -11.36
N ALA G 367 -64.33 -5.72 -10.39
CA ALA G 367 -63.69 -4.41 -10.56
C ALA G 367 -62.37 -4.28 -9.83
N ASP G 368 -61.65 -3.21 -10.16
CA ASP G 368 -60.44 -2.82 -9.48
C ASP G 368 -60.65 -1.39 -9.01
N VAL G 369 -60.38 -1.13 -7.74
CA VAL G 369 -60.56 0.21 -7.17
C VAL G 369 -59.35 0.60 -6.35
N GLU G 370 -58.79 1.78 -6.66
CA GLU G 370 -57.68 2.38 -5.91
C GLU G 370 -58.16 3.71 -5.36
N VAL G 371 -57.88 3.96 -4.08
CA VAL G 371 -58.32 5.19 -3.42
C VAL G 371 -57.22 5.78 -2.54
N LEU G 372 -57.22 7.10 -2.40
CA LEU G 372 -56.31 7.82 -1.51
C LEU G 372 -57.10 8.58 -0.46
N PHE G 373 -56.84 8.28 0.81
CA PHE G 373 -57.45 9.01 1.92
C PHE G 373 -56.44 9.97 2.53
N LYS G 374 -56.91 11.16 2.94
CA LYS G 374 -56.10 12.10 3.71
C LYS G 374 -56.87 12.50 4.97
N VAL G 375 -56.22 12.35 6.12
CA VAL G 375 -56.82 12.77 7.38
C VAL G 375 -56.35 14.17 7.73
N ARG G 376 -57.25 14.99 8.27
CA ARG G 376 -56.96 16.38 8.58
C ARG G 376 -56.36 16.55 9.97
N ASP G 377 -56.96 15.89 10.97
CA ASP G 377 -56.56 16.05 12.37
C ASP G 377 -55.99 14.75 12.93
N LEU G 378 -54.70 14.53 12.71
CA LEU G 378 -53.99 13.38 13.28
C LEU G 378 -53.97 13.44 14.82
N GLU G 379 -53.86 14.64 15.38
CA GLU G 379 -53.80 14.80 16.84
C GLU G 379 -55.07 14.31 17.57
N LYS G 380 -56.19 14.27 16.85
CA LYS G 380 -57.47 13.77 17.41
C LYS G 380 -57.55 12.24 17.46
N ALA G 381 -56.53 11.54 16.96
CA ALA G 381 -56.50 10.08 17.00
C ALA G 381 -56.37 9.55 18.42
N ASP G 382 -57.08 8.48 18.73
CA ASP G 382 -57.07 7.90 20.08
C ASP G 382 -55.73 7.23 20.33
N VAL G 383 -55.30 7.21 21.59
CA VAL G 383 -54.12 6.46 21.96
C VAL G 383 -54.50 4.97 22.02
N ILE G 384 -53.65 4.12 21.47
CA ILE G 384 -53.90 2.68 21.44
C ILE G 384 -53.59 2.06 22.79
N GLU G 385 -54.35 1.01 23.15
CA GLU G 385 -54.06 0.21 24.34
C GLU G 385 -52.75 -0.57 24.10
N PRO G 386 -51.82 -0.53 25.07
CA PRO G 386 -50.52 -1.19 24.87
C PRO G 386 -50.60 -2.72 24.75
N SER G 387 -51.63 -3.33 25.32
CA SER G 387 -51.83 -4.79 25.24
C SER G 387 -52.32 -5.24 23.86
N TRP G 388 -52.91 -4.32 23.10
CA TRP G 388 -53.50 -4.64 21.80
C TRP G 388 -52.41 -4.84 20.73
N THR G 389 -51.88 -6.06 20.66
CA THR G 389 -50.79 -6.37 19.71
C THR G 389 -51.23 -7.18 18.48
N ASP G 390 -52.34 -7.91 18.58
CA ASP G 390 -52.82 -8.77 17.50
C ASP G 390 -53.83 -8.01 16.65
N PRO G 391 -53.46 -7.63 15.43
CA PRO G 391 -54.32 -6.76 14.64
C PRO G 391 -55.67 -7.40 14.30
N GLN G 392 -55.66 -8.71 14.02
CA GLN G 392 -56.89 -9.44 13.71
C GLN G 392 -57.91 -9.33 14.85
N LEU G 393 -57.45 -9.54 16.08
CA LEU G 393 -58.33 -9.47 17.24
C LEU G 393 -58.89 -8.06 17.48
N ILE G 394 -58.13 -7.03 17.11
CA ILE G 394 -58.63 -5.65 17.23
C ILE G 394 -59.78 -5.43 16.26
N CYS G 395 -59.60 -5.90 15.02
CA CYS G 395 -60.65 -5.78 14.00
C CYS G 395 -61.92 -6.54 14.36
N SER G 396 -61.75 -7.69 15.02
CA SER G 396 -62.88 -8.54 15.42
C SER G 396 -63.75 -7.88 16.48
N LYS G 397 -63.12 -7.32 17.51
CA LYS G 397 -63.84 -6.68 18.63
C LYS G 397 -64.30 -5.26 18.32
N MET G 398 -63.53 -4.54 17.51
CA MET G 398 -63.94 -3.21 17.02
C MET G 398 -64.50 -3.29 15.60
N ASN G 399 -65.80 -3.49 15.50
CA ASN G 399 -66.50 -3.60 14.22
C ASN G 399 -66.80 -2.22 13.64
N VAL G 400 -67.31 -2.18 12.42
CA VAL G 400 -67.56 -0.91 11.72
C VAL G 400 -68.53 0.01 12.46
N SER G 401 -69.40 -0.56 13.30
CA SER G 401 -70.32 0.27 14.09
C SER G 401 -69.67 0.82 15.36
N VAL G 402 -68.41 0.46 15.62
CA VAL G 402 -67.64 1.05 16.72
C VAL G 402 -66.83 2.25 16.23
N LYS G 403 -67.27 3.45 16.61
CA LYS G 403 -66.64 4.70 16.20
C LYS G 403 -65.32 4.93 16.92
N SER G 404 -64.32 5.45 16.20
CA SER G 404 -63.09 5.95 16.80
C SER G 404 -62.73 7.32 16.21
N GLY G 405 -61.71 7.96 16.78
CA GLY G 405 -61.28 9.28 16.35
C GLY G 405 -61.07 9.32 14.84
N LEU G 406 -60.16 8.47 14.36
CA LEU G 406 -59.91 8.31 12.93
C LEU G 406 -60.24 6.87 12.54
N GLY G 407 -61.36 6.70 11.82
CA GLY G 407 -61.81 5.39 11.38
C GLY G 407 -63.01 4.89 12.19
N PRO G 408 -63.73 3.88 11.65
CA PRO G 408 -63.39 3.17 10.43
C PRO G 408 -63.74 3.92 9.16
N PHE G 409 -62.75 4.08 8.28
CA PHE G 409 -62.99 4.60 6.95
C PHE G 409 -62.30 3.71 5.91
N GLY G 410 -62.96 3.52 4.77
CA GLY G 410 -62.41 2.72 3.69
C GLY G 410 -63.46 2.44 2.63
N LEU G 411 -63.49 1.20 2.14
CA LEU G 411 -64.43 0.79 1.10
C LEU G 411 -65.41 -0.25 1.63
N MET G 412 -66.60 -0.27 1.05
CA MET G 412 -67.55 -1.35 1.26
C MET G 412 -67.80 -2.00 -0.09
N VAL G 413 -67.31 -3.23 -0.23
CA VAL G 413 -67.30 -3.94 -1.51
C VAL G 413 -68.29 -5.09 -1.49
N LEU G 414 -68.68 -5.54 -2.69
CA LEU G 414 -69.68 -6.60 -2.85
C LEU G 414 -70.91 -6.36 -1.96
N ALA G 415 -71.38 -5.10 -1.97
CA ALA G 415 -72.45 -4.66 -1.09
C ALA G 415 -73.79 -4.67 -1.81
N SER G 416 -74.87 -4.88 -1.06
CA SER G 416 -76.23 -4.82 -1.60
C SER G 416 -76.77 -3.40 -1.49
N LYS G 417 -77.71 -3.06 -2.38
CA LYS G 417 -78.26 -1.68 -2.48
C LYS G 417 -78.63 -1.08 -1.13
N ASN G 418 -79.25 -1.90 -0.29
CA ASN G 418 -79.67 -1.48 1.04
C ASN G 418 -78.73 -1.98 2.16
N LEU G 419 -77.54 -2.41 1.76
CA LEU G 419 -76.50 -2.84 2.69
C LEU G 419 -76.92 -3.95 3.67
N GLU G 420 -77.75 -4.88 3.20
CA GLU G 420 -78.03 -6.10 3.94
C GLU G 420 -76.74 -6.91 3.99
N GLU G 421 -76.01 -6.89 2.88
CA GLU G 421 -74.70 -7.53 2.78
C GLU G 421 -73.62 -6.51 2.40
N TYR G 422 -72.43 -6.68 2.95
CA TYR G 422 -71.25 -5.90 2.55
C TYR G 422 -69.96 -6.44 3.16
N THR G 423 -68.86 -6.27 2.43
CA THR G 423 -67.53 -6.54 2.96
C THR G 423 -66.80 -5.22 3.16
N SER G 424 -66.38 -4.96 4.39
CA SER G 424 -65.74 -3.70 4.76
C SER G 424 -64.22 -3.82 4.78
N VAL G 425 -63.55 -3.06 3.92
CA VAL G 425 -62.10 -2.98 3.91
C VAL G 425 -61.73 -1.55 4.32
N TYR G 426 -61.24 -1.37 5.54
CA TYR G 426 -61.07 -0.05 6.12
C TYR G 426 -59.82 0.11 6.98
N PHE G 427 -59.56 1.36 7.36
CA PHE G 427 -58.44 1.73 8.24
C PHE G 427 -58.90 2.23 9.60
N ARG G 428 -58.00 2.13 10.58
CA ARG G 428 -58.15 2.82 11.86
C ARG G 428 -56.79 3.39 12.26
N ILE G 429 -56.74 4.69 12.54
CA ILE G 429 -55.51 5.34 12.96
C ILE G 429 -55.52 5.52 14.47
N PHE G 430 -54.46 5.03 15.13
CA PHE G 430 -54.26 5.26 16.55
C PHE G 430 -52.99 6.05 16.78
N LYS G 431 -52.92 6.71 17.94
CA LYS G 431 -51.68 7.33 18.40
C LYS G 431 -50.86 6.24 19.10
N ALA G 432 -49.57 6.18 18.82
CA ALA G 432 -48.70 5.14 19.38
C ALA G 432 -48.70 5.16 20.91
N ARG G 433 -48.66 6.36 21.48
CA ARG G 433 -48.50 6.53 22.93
C ARG G 433 -48.96 7.95 23.27
N GLN G 434 -49.40 8.16 24.52
CA GLN G 434 -49.98 9.45 24.93
C GLN G 434 -49.07 10.63 24.57
N ASN G 435 -49.64 11.63 23.87
CA ASN G 435 -48.92 12.82 23.38
C ASN G 435 -47.76 12.53 22.40
N SER G 436 -47.79 11.38 21.73
CA SER G 436 -46.74 11.02 20.77
C SER G 436 -47.05 11.55 19.37
N ASN G 437 -46.02 11.64 18.53
CA ASN G 437 -46.17 11.93 17.10
C ASN G 437 -46.11 10.67 16.24
N LYS G 438 -45.84 9.53 16.88
CA LYS G 438 -45.86 8.24 16.20
C LYS G 438 -47.30 7.74 16.16
N TYR G 439 -47.66 7.05 15.08
CA TYR G 439 -49.02 6.56 14.90
C TYR G 439 -49.06 5.10 14.44
N VAL G 440 -50.14 4.40 14.80
CA VAL G 440 -50.34 3.00 14.43
C VAL G 440 -51.53 2.89 13.50
N VAL G 441 -51.30 2.43 12.27
CA VAL G 441 -52.38 2.26 11.29
C VAL G 441 -52.81 0.80 11.23
N LEU G 442 -54.12 0.57 11.39
CA LEU G 442 -54.70 -0.76 11.32
C LEU G 442 -55.52 -0.92 10.04
N MET G 443 -55.36 -2.05 9.36
CA MET G 443 -56.15 -2.39 8.19
C MET G 443 -57.01 -3.61 8.52
N CYS G 444 -58.31 -3.51 8.26
CA CYS G 444 -59.23 -4.64 8.49
C CYS G 444 -59.95 -5.06 7.21
N SER G 445 -60.11 -6.37 7.06
CA SER G 445 -61.05 -6.94 6.11
C SER G 445 -62.13 -7.62 6.94
N ASP G 446 -63.33 -7.04 6.95
CA ASP G 446 -64.43 -7.53 7.76
C ASP G 446 -65.51 -8.11 6.88
N GLN G 447 -65.75 -9.42 7.01
CA GLN G 447 -66.78 -10.10 6.23
C GLN G 447 -67.89 -10.67 7.13
N SER G 448 -68.03 -10.11 8.32
CA SER G 448 -69.04 -10.54 9.28
C SER G 448 -70.47 -10.33 8.78
N ARG G 449 -70.65 -9.41 7.84
CA ARG G 449 -71.94 -9.22 7.17
C ARG G 449 -71.80 -9.31 5.65
N SER G 450 -70.88 -10.17 5.18
CA SER G 450 -70.62 -10.31 3.75
C SER G 450 -71.64 -11.19 3.06
N SER G 451 -72.36 -12.00 3.83
CA SER G 451 -73.39 -12.89 3.29
C SER G 451 -74.52 -13.13 4.27
N LEU G 452 -75.74 -13.27 3.76
CA LEU G 452 -76.89 -13.60 4.60
C LEU G 452 -76.86 -15.07 5.04
N LYS G 453 -76.13 -15.92 4.29
CA LYS G 453 -75.97 -17.33 4.65
C LYS G 453 -74.92 -17.48 5.75
N GLU G 454 -75.28 -18.17 6.82
CA GLU G 454 -74.42 -18.27 8.01
C GLU G 454 -73.35 -19.36 7.87
N ASP G 455 -73.56 -20.30 6.95
CA ASP G 455 -72.63 -21.41 6.75
C ASP G 455 -71.24 -20.94 6.35
N ASN G 456 -71.18 -19.82 5.64
CA ASN G 456 -69.91 -19.26 5.16
C ASN G 456 -69.01 -18.87 6.34
N ASP G 457 -67.73 -19.17 6.20
CA ASP G 457 -66.72 -18.76 7.17
C ASP G 457 -66.52 -17.25 7.07
N LYS G 458 -67.09 -16.52 8.02
CA LYS G 458 -67.07 -15.05 7.99
C LYS G 458 -66.02 -14.43 8.93
N THR G 459 -64.91 -15.13 9.11
CA THR G 459 -63.82 -14.64 9.95
C THR G 459 -63.27 -13.32 9.40
N THR G 460 -63.02 -12.37 10.29
CA THR G 460 -62.47 -11.07 9.92
C THR G 460 -60.95 -11.14 10.02
N TYR G 461 -60.28 -10.35 9.20
CA TYR G 461 -58.82 -10.28 9.19
C TYR G 461 -58.34 -8.88 9.50
N GLY G 462 -57.13 -8.80 10.05
CA GLY G 462 -56.52 -7.52 10.38
C GLY G 462 -55.02 -7.56 10.19
N ALA G 463 -54.44 -6.37 10.00
CA ALA G 463 -52.99 -6.23 9.87
C ALA G 463 -52.59 -4.78 10.12
N PHE G 464 -51.43 -4.60 10.72
CA PHE G 464 -50.86 -3.25 10.88
C PHE G 464 -50.15 -2.85 9.58
N VAL G 465 -50.29 -1.58 9.21
CA VAL G 465 -49.65 -1.05 8.00
C VAL G 465 -48.54 -0.09 8.38
N ASP G 466 -47.34 -0.35 7.89
CA ASP G 466 -46.18 0.48 8.19
C ASP G 466 -46.10 1.69 7.25
N ILE G 467 -47.00 2.65 7.48
CA ILE G 467 -47.04 3.89 6.69
C ILE G 467 -47.31 5.09 7.59
N ASN G 468 -46.80 6.25 7.17
CA ASN G 468 -46.96 7.49 7.91
C ASN G 468 -48.30 8.14 7.54
N PRO G 469 -49.22 8.31 8.51
CA PRO G 469 -50.53 8.91 8.22
C PRO G 469 -50.51 10.43 7.96
N HIS G 470 -49.37 11.08 8.18
CA HIS G 470 -49.17 12.45 7.73
C HIS G 470 -49.30 12.57 6.22
N GLN G 471 -48.95 11.50 5.52
CA GLN G 471 -49.14 11.40 4.08
C GLN G 471 -50.47 10.71 3.79
N PRO G 472 -50.96 10.82 2.54
CA PRO G 472 -52.22 10.16 2.19
C PRO G 472 -52.13 8.64 2.24
N LEU G 473 -53.20 7.98 2.69
CA LEU G 473 -53.23 6.52 2.87
C LEU G 473 -53.76 5.81 1.61
N SER G 474 -52.91 4.97 1.00
CA SER G 474 -53.29 4.20 -0.18
C SER G 474 -54.14 2.99 0.19
N LEU G 475 -55.07 2.64 -0.69
CA LEU G 475 -55.82 1.41 -0.58
C LEU G 475 -56.23 0.92 -1.95
N ARG G 476 -55.91 -0.32 -2.26
CA ARG G 476 -56.40 -0.97 -3.47
C ARG G 476 -57.29 -2.15 -3.08
N ALA G 477 -58.23 -2.48 -3.96
CA ALA G 477 -59.10 -3.63 -3.76
C ALA G 477 -59.47 -4.25 -5.09
N LEU G 478 -58.98 -5.47 -5.32
CA LEU G 478 -59.45 -6.29 -6.44
C LEU G 478 -60.70 -7.04 -5.99
N ILE G 479 -61.78 -6.89 -6.76
CA ILE G 479 -63.07 -7.49 -6.44
C ILE G 479 -63.47 -8.38 -7.60
N ASP G 480 -63.79 -9.64 -7.30
CA ASP G 480 -64.05 -10.62 -8.35
C ASP G 480 -65.04 -11.67 -7.86
N HIS G 481 -66.30 -11.22 -7.69
CA HIS G 481 -67.43 -12.08 -7.32
C HIS G 481 -67.35 -12.68 -5.92
N SER G 482 -66.43 -13.62 -5.70
CA SER G 482 -66.31 -14.27 -4.40
C SER G 482 -64.94 -14.10 -3.74
N VAL G 483 -64.08 -13.29 -4.34
CA VAL G 483 -62.76 -12.99 -3.77
C VAL G 483 -62.56 -11.49 -3.71
N VAL G 484 -61.94 -11.03 -2.64
CA VAL G 484 -61.54 -9.64 -2.49
C VAL G 484 -60.10 -9.61 -2.03
N GLU G 485 -59.21 -9.07 -2.88
CA GLU G 485 -57.80 -8.88 -2.52
C GLU G 485 -57.57 -7.40 -2.23
N SER G 486 -57.18 -7.11 -1.00
CA SER G 486 -57.03 -5.74 -0.54
C SER G 486 -55.54 -5.44 -0.28
N PHE G 487 -55.10 -4.26 -0.68
CA PHE G 487 -53.70 -3.86 -0.52
C PHE G 487 -53.61 -2.48 0.10
N GLY G 488 -53.12 -2.42 1.33
CA GLY G 488 -52.96 -1.16 2.06
C GLY G 488 -51.52 -0.71 2.06
N GLY G 489 -51.31 0.59 1.83
CA GLY G 489 -49.97 1.17 1.85
C GLY G 489 -49.15 0.73 0.65
N LYS G 490 -49.76 0.74 -0.53
CA LYS G 490 -49.10 0.32 -1.77
C LYS G 490 -48.40 -1.04 -1.60
N GLY G 491 -49.11 -1.98 -0.97
CA GLY G 491 -48.63 -3.36 -0.86
C GLY G 491 -47.84 -3.72 0.40
N ARG G 492 -47.95 -2.90 1.44
CA ARG G 492 -47.31 -3.20 2.72
C ARG G 492 -48.20 -4.09 3.59
N ALA G 493 -49.51 -3.99 3.39
CA ALA G 493 -50.48 -4.89 4.02
C ALA G 493 -51.38 -5.48 2.95
N CYS G 494 -51.41 -6.82 2.86
CA CYS G 494 -52.31 -7.53 1.95
C CYS G 494 -53.26 -8.44 2.73
N ILE G 495 -54.53 -8.41 2.35
CA ILE G 495 -55.56 -9.26 2.95
C ILE G 495 -56.47 -9.83 1.86
N THR G 496 -56.39 -11.14 1.65
CA THR G 496 -57.30 -11.83 0.74
C THR G 496 -58.45 -12.42 1.54
N SER G 497 -59.68 -12.27 1.05
CA SER G 497 -60.84 -12.86 1.71
C SER G 497 -61.78 -13.47 0.68
N ARG G 498 -62.60 -14.41 1.13
CA ARG G 498 -63.59 -15.06 0.27
C ARG G 498 -64.97 -14.88 0.87
N VAL G 499 -65.90 -14.40 0.06
CA VAL G 499 -67.27 -14.13 0.49
C VAL G 499 -68.25 -14.62 -0.54
N TYR G 500 -69.46 -14.95 -0.10
CA TYR G 500 -70.46 -15.58 -0.95
C TYR G 500 -71.82 -14.95 -0.70
N PRO G 501 -72.00 -13.70 -1.16
CA PRO G 501 -73.23 -12.96 -0.89
C PRO G 501 -74.42 -13.57 -1.61
N LYS G 502 -75.60 -13.49 -0.98
CA LYS G 502 -76.84 -13.95 -1.61
C LYS G 502 -77.47 -12.88 -2.49
N LEU G 503 -77.36 -11.61 -2.07
CA LEU G 503 -77.97 -10.50 -2.81
C LEU G 503 -76.97 -9.78 -3.72
N ALA G 504 -75.77 -9.50 -3.21
CA ALA G 504 -74.76 -8.76 -3.97
C ALA G 504 -74.07 -9.64 -5.02
N ILE G 505 -74.78 -9.83 -6.14
CA ILE G 505 -74.32 -10.68 -7.23
C ILE G 505 -74.52 -9.98 -8.57
N GLY G 506 -73.49 -10.02 -9.42
CA GLY G 506 -73.55 -9.40 -10.74
C GLY G 506 -73.96 -7.94 -10.70
N LYS G 507 -75.08 -7.62 -11.34
CA LYS G 507 -75.56 -6.24 -11.44
C LYS G 507 -76.08 -5.69 -10.11
N SER G 508 -76.42 -6.59 -9.18
CA SER G 508 -77.02 -6.18 -7.90
C SER G 508 -75.97 -5.84 -6.84
N SER G 509 -74.69 -5.96 -7.17
CA SER G 509 -73.62 -5.58 -6.24
C SER G 509 -73.30 -4.10 -6.39
N HIS G 510 -72.93 -3.47 -5.28
CA HIS G 510 -72.61 -2.05 -5.25
C HIS G 510 -71.27 -1.82 -4.53
N LEU G 511 -70.69 -0.65 -4.76
CA LEU G 511 -69.41 -0.26 -4.18
C LEU G 511 -69.57 1.11 -3.50
N PHE G 512 -69.12 1.20 -2.24
CA PHE G 512 -69.20 2.44 -1.47
C PHE G 512 -67.86 2.78 -0.85
N ALA G 513 -67.57 4.08 -0.78
CA ALA G 513 -66.56 4.59 0.13
C ALA G 513 -67.30 5.02 1.40
N PHE G 514 -66.69 4.90 2.56
CA PHE G 514 -67.37 5.23 3.82
C PHE G 514 -66.44 5.72 4.93
N ASN G 515 -66.99 6.48 5.86
CA ASN G 515 -66.27 6.94 7.05
C ASN G 515 -67.20 7.03 8.26
N TYR G 516 -67.05 6.09 9.19
CA TYR G 516 -67.87 6.06 10.40
C TYR G 516 -67.08 6.50 11.64
N GLY G 517 -65.97 7.20 11.44
CA GLY G 517 -65.20 7.76 12.55
C GLY G 517 -65.80 9.07 13.03
N TYR G 518 -65.29 9.59 14.14
CA TYR G 518 -65.74 10.89 14.66
C TYR G 518 -65.25 12.03 13.78
N GLN G 519 -63.95 11.99 13.44
CA GLN G 519 -63.37 12.98 12.54
C GLN G 519 -63.74 12.63 11.10
N SER G 520 -63.72 13.64 10.24
CA SER G 520 -64.01 13.45 8.83
C SER G 520 -62.72 13.24 8.05
N VAL G 521 -62.81 12.48 6.96
CA VAL G 521 -61.66 12.18 6.11
C VAL G 521 -61.91 12.63 4.68
N ASP G 522 -60.84 12.99 3.97
CA ASP G 522 -60.93 13.43 2.58
C ASP G 522 -60.61 12.28 1.64
N VAL G 523 -61.43 12.10 0.62
CA VAL G 523 -61.05 11.24 -0.51
C VAL G 523 -60.39 12.12 -1.55
N LEU G 524 -59.05 12.14 -1.55
CA LEU G 524 -58.28 12.92 -2.51
C LEU G 524 -58.56 12.43 -3.93
N ASN G 525 -58.60 11.11 -4.08
CA ASN G 525 -58.84 10.49 -5.38
C ASN G 525 -59.36 9.07 -5.20
N LEU G 526 -60.26 8.66 -6.09
CA LEU G 526 -60.77 7.28 -6.11
C LEU G 526 -61.04 6.88 -7.55
N ASN G 527 -60.27 5.91 -8.03
CA ASN G 527 -60.46 5.34 -9.36
C ASN G 527 -60.99 3.91 -9.27
N ALA G 528 -62.18 3.68 -9.83
CA ALA G 528 -62.79 2.37 -9.89
C ALA G 528 -62.96 1.97 -11.35
N TRP G 529 -62.22 0.93 -11.76
CA TRP G 529 -62.33 0.38 -13.11
C TRP G 529 -63.15 -0.90 -13.09
N SER G 530 -64.12 -1.00 -14.01
CA SER G 530 -64.73 -2.29 -14.31
C SER G 530 -63.66 -3.19 -14.91
N MET G 531 -63.70 -4.48 -14.58
CA MET G 531 -62.68 -5.42 -15.02
C MET G 531 -63.25 -6.47 -15.96
N ASN G 532 -62.74 -6.49 -17.19
CA ASN G 532 -63.14 -7.51 -18.17
C ASN G 532 -62.66 -8.88 -17.73
N SER G 533 -63.37 -9.91 -18.16
CA SER G 533 -63.05 -11.29 -17.81
C SER G 533 -61.77 -11.75 -18.50
N ALA G 534 -61.02 -12.63 -17.84
CA ALA G 534 -59.83 -13.23 -18.42
C ALA G 534 -60.26 -14.53 -19.09
N GLN G 535 -59.65 -14.86 -20.23
CA GLN G 535 -59.86 -16.18 -20.82
C GLN G 535 -58.94 -17.13 -20.09
N ILE G 536 -59.52 -17.98 -19.25
CA ILE G 536 -58.76 -18.81 -18.34
C ILE G 536 -59.10 -20.29 -18.50
N SER G 537 -58.04 -21.10 -18.62
CA SER G 537 -58.10 -22.57 -18.59
C SER G 537 -59.53 -23.14 -18.64
N ASN H 4 -49.40 -46.23 27.25
CA ASN H 4 -50.46 -45.19 27.44
C ASN H 4 -50.30 -44.01 26.49
N LEU H 5 -50.04 -44.33 25.22
CA LEU H 5 -50.21 -43.38 24.13
C LEU H 5 -51.70 -43.08 24.00
N VAL H 6 -52.52 -44.10 24.19
CA VAL H 6 -53.98 -43.98 24.11
C VAL H 6 -54.50 -43.05 25.21
N GLU H 7 -54.03 -43.25 26.42
CA GLU H 7 -54.46 -42.46 27.58
C GLU H 7 -54.17 -40.98 27.38
N THR H 8 -52.92 -40.68 27.05
CA THR H 8 -52.48 -39.29 26.90
C THR H 8 -53.07 -38.61 25.67
N THR H 9 -53.28 -39.37 24.60
CA THR H 9 -53.97 -38.84 23.41
C THR H 9 -55.41 -38.46 23.73
N CYS H 10 -56.10 -39.32 24.49
CA CYS H 10 -57.48 -39.08 24.86
C CYS H 10 -57.65 -37.99 25.91
N LYS H 11 -56.63 -37.77 26.75
CA LYS H 11 -56.64 -36.66 27.69
C LYS H 11 -56.71 -35.31 26.97
N ASN H 12 -56.07 -35.24 25.80
CA ASN H 12 -56.10 -34.04 24.96
C ASN H 12 -57.20 -34.07 23.90
N THR H 13 -58.41 -34.43 24.32
CA THR H 13 -59.60 -34.35 23.47
C THR H 13 -60.73 -33.70 24.27
N PRO H 14 -61.84 -33.33 23.61
CA PRO H 14 -62.99 -32.79 24.36
C PRO H 14 -63.75 -33.82 25.20
N ASN H 15 -63.51 -35.11 24.96
CA ASN H 15 -64.28 -36.16 25.63
C ASN H 15 -63.42 -37.39 25.86
N TYR H 16 -62.83 -37.46 27.04
CA TYR H 16 -61.85 -38.50 27.38
C TYR H 16 -62.44 -39.91 27.35
N GLN H 17 -63.67 -40.07 27.85
CA GLN H 17 -64.29 -41.38 27.92
C GLN H 17 -64.72 -41.93 26.56
N LEU H 18 -65.34 -41.08 25.74
CA LEU H 18 -65.76 -41.48 24.40
C LEU H 18 -64.52 -41.91 23.62
N CYS H 19 -63.48 -41.08 23.72
CA CYS H 19 -62.20 -41.35 23.09
C CYS H 19 -61.63 -42.69 23.52
N LEU H 20 -61.68 -42.96 24.83
CA LEU H 20 -61.14 -44.21 25.37
C LEU H 20 -61.96 -45.41 24.92
N LYS H 21 -63.29 -45.32 25.05
CA LYS H 21 -64.20 -46.37 24.56
C LYS H 21 -63.89 -46.69 23.09
N THR H 22 -63.89 -45.63 22.28
CA THR H 22 -63.75 -45.77 20.83
C THR H 22 -62.46 -46.49 20.43
N LEU H 23 -61.34 -46.09 21.04
CA LEU H 23 -60.03 -46.59 20.65
C LEU H 23 -59.75 -47.99 21.16
N LEU H 24 -60.26 -48.34 22.34
CA LEU H 24 -60.09 -49.68 22.89
C LEU H 24 -60.89 -50.75 22.13
N SER H 25 -61.99 -50.35 21.49
CA SER H 25 -62.85 -51.30 20.74
C SER H 25 -62.15 -51.84 19.50
N ASP H 26 -61.17 -51.10 18.99
CA ASP H 26 -60.42 -51.47 17.80
C ASP H 26 -59.04 -51.95 18.21
N LYS H 27 -58.68 -53.16 17.80
CA LYS H 27 -57.43 -53.81 18.21
C LYS H 27 -56.16 -53.14 17.69
N ARG H 28 -56.28 -52.35 16.62
CA ARG H 28 -55.14 -51.61 16.07
C ARG H 28 -54.49 -50.67 17.10
N SER H 29 -55.25 -50.27 18.12
CA SER H 29 -54.80 -49.34 19.15
C SER H 29 -53.74 -49.92 20.08
N ALA H 30 -53.72 -51.24 20.23
CA ALA H 30 -52.77 -51.91 21.12
C ALA H 30 -51.35 -51.39 20.90
N THR H 31 -50.92 -51.35 19.64
CA THR H 31 -49.59 -50.89 19.27
C THR H 31 -49.57 -49.68 18.32
N GLY H 32 -50.74 -49.22 17.88
CA GLY H 32 -50.82 -48.14 16.89
C GLY H 32 -50.27 -46.80 17.36
N ASP H 33 -49.81 -45.99 16.41
CA ASP H 33 -49.35 -44.62 16.70
C ASP H 33 -50.53 -43.63 16.58
N ILE H 34 -50.26 -42.34 16.61
CA ILE H 34 -51.32 -41.34 16.63
C ILE H 34 -52.14 -41.34 15.33
N THR H 35 -51.48 -41.55 14.20
CA THR H 35 -52.17 -41.70 12.92
C THR H 35 -53.16 -42.86 12.97
N THR H 36 -52.71 -44.00 13.48
CA THR H 36 -53.57 -45.17 13.60
C THR H 36 -54.76 -44.88 14.52
N LEU H 37 -54.51 -44.15 15.60
CA LEU H 37 -55.58 -43.72 16.50
C LEU H 37 -56.57 -42.80 15.80
N ALA H 38 -56.07 -41.94 14.91
CA ALA H 38 -56.92 -41.05 14.12
C ALA H 38 -57.78 -41.84 13.12
N LEU H 39 -57.20 -42.85 12.47
CA LEU H 39 -57.93 -43.69 11.52
C LEU H 39 -59.03 -44.50 12.20
N ILE H 40 -58.78 -44.93 13.43
CA ILE H 40 -59.76 -45.66 14.22
C ILE H 40 -60.95 -44.76 14.53
N MET H 41 -60.68 -43.48 14.75
CA MET H 41 -61.72 -42.52 15.07
C MET H 41 -62.56 -42.25 13.83
N VAL H 42 -61.90 -42.10 12.67
CA VAL H 42 -62.59 -41.91 11.40
C VAL H 42 -63.54 -43.08 11.10
N ASP H 43 -63.07 -44.31 11.35
CA ASP H 43 -63.91 -45.51 11.23
C ASP H 43 -65.13 -45.48 12.17
N ALA H 44 -64.90 -45.00 13.39
CA ALA H 44 -65.97 -44.88 14.39
C ALA H 44 -67.02 -43.86 13.95
N ILE H 45 -66.56 -42.76 13.34
CA ILE H 45 -67.46 -41.74 12.78
C ILE H 45 -68.23 -42.31 11.59
N LYS H 46 -67.53 -43.04 10.72
CA LYS H 46 -68.13 -43.66 9.54
C LYS H 46 -69.23 -44.66 9.91
N ALA H 47 -69.02 -45.39 11.01
CA ALA H 47 -69.99 -46.35 11.52
C ALA H 47 -71.30 -45.69 11.94
N LYS H 48 -71.19 -44.52 12.57
CA LYS H 48 -72.36 -43.75 13.00
C LYS H 48 -73.01 -43.01 11.86
N ALA H 49 -72.20 -42.45 10.96
CA ALA H 49 -72.70 -41.72 9.80
C ALA H 49 -73.50 -42.65 8.89
N ASN H 50 -73.03 -43.89 8.73
CA ASN H 50 -73.75 -44.89 7.95
C ASN H 50 -75.16 -45.12 8.49
N GLN H 51 -75.29 -45.22 9.82
CA GLN H 51 -76.59 -45.42 10.46
C GLN H 51 -77.50 -44.20 10.31
N ALA H 52 -76.94 -43.02 10.49
CA ALA H 52 -77.68 -41.79 10.25
C ALA H 52 -78.24 -41.81 8.83
N ALA H 53 -77.37 -42.12 7.87
CA ALA H 53 -77.73 -42.19 6.45
C ALA H 53 -78.90 -43.14 6.19
N VAL H 54 -78.82 -44.36 6.73
CA VAL H 54 -79.86 -45.37 6.54
C VAL H 54 -81.18 -44.99 7.24
N THR H 55 -81.08 -44.40 8.42
CA THR H 55 -82.26 -43.94 9.16
C THR H 55 -82.95 -42.78 8.46
N ILE H 56 -82.16 -41.77 8.06
CA ILE H 56 -82.67 -40.64 7.28
C ILE H 56 -83.50 -41.11 6.09
N SER H 57 -83.00 -42.13 5.41
CA SER H 57 -83.66 -42.65 4.21
C SER H 57 -85.04 -43.27 4.50
N LYS H 58 -85.19 -43.95 5.64
CA LYS H 58 -86.50 -44.47 6.06
C LYS H 58 -87.53 -43.37 6.17
N LEU H 59 -87.17 -42.34 6.94
CA LEU H 59 -88.10 -41.27 7.30
C LEU H 59 -88.55 -40.49 6.07
N ARG H 60 -87.68 -40.37 5.07
CA ARG H 60 -88.03 -39.75 3.79
C ARG H 60 -89.01 -40.61 3.00
N HIS H 61 -88.80 -41.93 3.04
CA HIS H 61 -89.67 -42.90 2.38
C HIS H 61 -90.79 -43.38 3.33
N SER H 62 -91.36 -42.47 4.13
CA SER H 62 -92.47 -42.82 5.03
C SER H 62 -93.39 -41.63 5.35
N ASN H 63 -93.54 -40.72 4.38
CA ASN H 63 -94.41 -39.55 4.52
C ASN H 63 -94.09 -38.69 5.74
N PRO H 64 -93.09 -37.80 5.62
CA PRO H 64 -92.80 -36.92 6.76
C PRO H 64 -93.84 -35.80 6.91
N PRO H 65 -93.87 -35.16 8.08
CA PRO H 65 -94.56 -33.87 8.20
C PRO H 65 -93.90 -32.82 7.31
N ALA H 66 -94.64 -31.80 6.92
CA ALA H 66 -94.10 -30.70 6.10
C ALA H 66 -92.84 -30.10 6.74
N ALA H 67 -92.91 -29.92 8.07
CA ALA H 67 -91.79 -29.35 8.85
C ALA H 67 -90.50 -30.18 8.77
N TRP H 68 -90.64 -31.47 8.50
CA TRP H 68 -89.51 -32.41 8.43
C TRP H 68 -88.86 -32.54 7.05
N LYS H 69 -89.67 -32.50 5.99
CA LYS H 69 -89.19 -32.66 4.62
C LYS H 69 -87.91 -31.87 4.38
N GLY H 70 -87.97 -30.56 4.60
CA GLY H 70 -86.82 -29.67 4.43
C GLY H 70 -85.58 -30.14 5.17
N PRO H 71 -85.69 -30.32 6.50
CA PRO H 71 -84.62 -30.93 7.30
C PRO H 71 -84.12 -32.28 6.77
N LEU H 72 -85.05 -33.16 6.39
CA LEU H 72 -84.67 -34.52 5.94
C LEU H 72 -83.93 -34.55 4.60
N LYS H 73 -84.27 -33.65 3.68
CA LYS H 73 -83.54 -33.56 2.41
C LYS H 73 -82.12 -33.02 2.67
N ASN H 74 -82.02 -32.04 3.59
CA ASN H 74 -80.73 -31.44 3.95
C ASN H 74 -79.84 -32.40 4.72
N CYS H 75 -80.41 -33.12 5.69
CA CYS H 75 -79.65 -34.10 6.48
C CYS H 75 -79.10 -35.19 5.59
N ALA H 76 -79.91 -35.63 4.62
CA ALA H 76 -79.50 -36.65 3.67
C ALA H 76 -78.27 -36.22 2.88
N PHE H 77 -78.23 -34.95 2.45
CA PHE H 77 -77.09 -34.42 1.71
C PHE H 77 -75.87 -34.29 2.60
N SER H 78 -76.07 -33.70 3.79
CA SER H 78 -75.01 -33.58 4.81
C SER H 78 -74.27 -34.90 5.00
N TYR H 79 -75.02 -35.97 5.20
CA TYR H 79 -74.43 -37.28 5.47
C TYR H 79 -73.89 -37.98 4.23
N LYS H 80 -74.42 -37.61 3.07
CA LYS H 80 -73.85 -38.05 1.81
C LYS H 80 -72.47 -37.41 1.67
N VAL H 81 -72.39 -36.10 1.86
CA VAL H 81 -71.13 -35.37 1.78
C VAL H 81 -70.10 -35.88 2.80
N ILE H 82 -70.56 -36.27 3.99
CA ILE H 82 -69.68 -36.87 5.01
C ILE H 82 -69.12 -38.21 4.54
N LEU H 83 -70.01 -39.12 4.14
CA LEU H 83 -69.61 -40.49 3.80
C LEU H 83 -68.87 -40.57 2.46
N THR H 84 -69.19 -39.65 1.55
CA THR H 84 -68.65 -39.65 0.19
C THR H 84 -67.40 -38.78 0.04
N ALA H 85 -67.41 -37.61 0.68
CA ALA H 85 -66.35 -36.63 0.47
C ALA H 85 -65.43 -36.53 1.68
N SER H 86 -65.99 -36.18 2.83
CA SER H 86 -65.22 -35.85 4.02
C SER H 86 -64.40 -37.01 4.59
N LEU H 87 -65.06 -38.11 4.95
CA LEU H 87 -64.37 -39.22 5.61
C LEU H 87 -63.39 -39.97 4.69
N PRO H 88 -63.75 -40.16 3.42
CA PRO H 88 -62.73 -40.70 2.51
C PRO H 88 -61.50 -39.78 2.37
N GLU H 89 -61.72 -38.47 2.42
CA GLU H 89 -60.63 -37.51 2.39
C GLU H 89 -59.73 -37.68 3.60
N ALA H 90 -60.33 -37.78 4.78
CA ALA H 90 -59.60 -37.95 6.02
C ALA H 90 -58.77 -39.23 6.03
N ILE H 91 -59.34 -40.31 5.50
CA ILE H 91 -58.62 -41.58 5.39
C ILE H 91 -57.41 -41.45 4.47
N GLU H 92 -57.60 -40.80 3.32
CA GLU H 92 -56.47 -40.56 2.41
C GLU H 92 -55.41 -39.65 3.02
N ALA H 93 -55.85 -38.59 3.71
CA ALA H 93 -54.93 -37.61 4.28
C ALA H 93 -54.09 -38.23 5.39
N LEU H 94 -54.73 -39.01 6.26
CA LEU H 94 -54.01 -39.65 7.36
C LEU H 94 -53.05 -40.74 6.86
N THR H 95 -53.42 -41.44 5.80
CA THR H 95 -52.59 -42.52 5.28
C THR H 95 -51.36 -41.99 4.54
N LYS H 96 -51.58 -41.02 3.66
CA LYS H 96 -50.51 -40.47 2.84
C LYS H 96 -49.74 -39.37 3.58
N GLY H 97 -50.36 -38.78 4.60
CA GLY H 97 -49.66 -37.86 5.51
C GLY H 97 -49.78 -36.40 5.18
N ASP H 98 -51.01 -35.89 5.21
CA ASP H 98 -51.26 -34.44 5.09
C ASP H 98 -52.37 -34.08 6.06
N PRO H 99 -52.04 -34.05 7.36
CA PRO H 99 -53.00 -33.95 8.46
C PRO H 99 -54.10 -32.89 8.33
N LYS H 100 -53.77 -31.72 7.77
CA LYS H 100 -54.71 -30.60 7.75
C LYS H 100 -55.96 -30.91 6.93
N PHE H 101 -55.82 -31.78 5.93
CA PHE H 101 -56.97 -32.20 5.13
C PHE H 101 -57.84 -33.22 5.87
N ALA H 102 -57.24 -33.99 6.78
CA ALA H 102 -58.02 -34.82 7.69
C ALA H 102 -58.73 -33.95 8.73
N GLU H 103 -58.03 -32.92 9.21
CA GLU H 103 -58.65 -31.93 10.09
C GLU H 103 -59.90 -31.31 9.45
N ASP H 104 -59.77 -30.94 8.18
CA ASP H 104 -60.89 -30.36 7.41
C ASP H 104 -62.08 -31.30 7.38
N GLY H 105 -61.83 -32.57 7.06
CA GLY H 105 -62.87 -33.59 7.01
C GLY H 105 -63.60 -33.81 8.33
N MET H 106 -62.89 -33.63 9.44
CA MET H 106 -63.47 -33.82 10.77
C MET H 106 -64.25 -32.57 11.24
N VAL H 107 -63.73 -31.39 10.91
CA VAL H 107 -64.46 -30.14 11.19
C VAL H 107 -65.74 -30.11 10.36
N GLY H 108 -65.62 -30.55 9.12
CA GLY H 108 -66.77 -30.66 8.21
C GLY H 108 -67.88 -31.52 8.76
N SER H 109 -67.56 -32.73 9.22
CA SER H 109 -68.58 -33.67 9.70
C SER H 109 -69.09 -33.28 11.08
N SER H 110 -68.27 -32.56 11.84
CA SER H 110 -68.69 -32.04 13.13
C SER H 110 -69.85 -31.08 12.94
N GLY H 111 -69.68 -30.10 12.05
CA GLY H 111 -70.70 -29.08 11.79
C GLY H 111 -71.96 -29.64 11.16
N ASP H 112 -71.79 -30.48 10.15
CA ASP H 112 -72.91 -31.11 9.45
C ASP H 112 -73.81 -31.93 10.39
N ALA H 113 -73.21 -32.61 11.36
CA ALA H 113 -73.95 -33.36 12.38
C ALA H 113 -74.82 -32.43 13.23
N GLN H 114 -74.23 -31.32 13.71
CA GLN H 114 -74.99 -30.32 14.47
C GLN H 114 -76.03 -29.65 13.59
N GLU H 115 -75.58 -29.18 12.43
CA GLU H 115 -76.44 -28.53 11.44
C GLU H 115 -77.68 -29.36 11.18
N CYS H 116 -77.47 -30.65 10.90
CA CYS H 116 -78.56 -31.60 10.66
C CYS H 116 -79.50 -31.69 11.85
N GLU H 117 -78.93 -31.73 13.06
CA GLU H 117 -79.72 -31.82 14.28
C GLU H 117 -80.54 -30.54 14.52
N GLU H 118 -79.90 -29.39 14.34
CA GLU H 118 -80.53 -28.11 14.63
C GLU H 118 -81.65 -27.75 13.64
N TYR H 119 -81.72 -28.43 12.51
CA TYR H 119 -82.81 -28.23 11.54
C TYR H 119 -84.19 -28.52 12.15
N PHE H 120 -84.22 -29.38 13.16
CA PHE H 120 -85.47 -29.77 13.82
C PHE H 120 -85.84 -28.80 14.93
N LYS H 121 -87.01 -28.15 14.78
CA LYS H 121 -87.56 -27.26 15.81
C LYS H 121 -88.24 -28.11 16.87
N GLY H 122 -88.34 -27.55 18.08
CA GLY H 122 -88.66 -28.35 19.27
C GLY H 122 -87.35 -28.90 19.81
N SER H 123 -86.49 -29.31 18.87
CA SER H 123 -85.04 -29.54 19.07
C SER H 123 -84.67 -30.91 19.67
N LYS H 124 -85.33 -31.97 19.17
CA LYS H 124 -84.86 -33.35 19.36
C LYS H 124 -85.27 -34.22 18.18
N SER H 125 -84.32 -34.42 17.26
CA SER H 125 -84.59 -35.13 16.02
C SER H 125 -84.87 -36.61 16.27
N PRO H 126 -85.44 -37.33 15.28
CA PRO H 126 -85.70 -38.76 15.42
C PRO H 126 -84.43 -39.59 15.60
N PHE H 127 -83.29 -39.09 15.11
CA PHE H 127 -82.01 -39.80 15.20
C PHE H 127 -80.94 -38.91 15.86
N SER H 128 -81.32 -38.22 16.93
CA SER H 128 -80.44 -37.26 17.59
C SER H 128 -79.20 -37.93 18.18
N ALA H 129 -79.37 -39.13 18.75
CA ALA H 129 -78.26 -39.88 19.33
C ALA H 129 -77.15 -40.16 18.32
N LEU H 130 -77.52 -40.30 17.04
CA LEU H 130 -76.53 -40.48 15.98
C LEU H 130 -75.86 -39.14 15.64
N ASN H 131 -76.65 -38.07 15.55
CA ASN H 131 -76.10 -36.74 15.27
C ASN H 131 -75.12 -36.31 16.37
N ILE H 132 -75.50 -36.59 17.62
CA ILE H 132 -74.64 -36.29 18.78
C ILE H 132 -73.36 -37.11 18.73
N ALA H 133 -73.51 -38.41 18.45
CA ALA H 133 -72.37 -39.32 18.39
C ALA H 133 -71.39 -38.93 17.30
N VAL H 134 -71.89 -38.56 16.13
CA VAL H 134 -71.04 -38.16 15.02
C VAL H 134 -70.41 -36.80 15.31
N HIS H 135 -71.17 -35.88 15.89
CA HIS H 135 -70.64 -34.57 16.29
C HIS H 135 -69.51 -34.77 17.29
N GLU H 136 -69.79 -35.48 18.37
CA GLU H 136 -68.83 -35.68 19.45
C GLU H 136 -67.58 -36.47 19.06
N LEU H 137 -67.76 -37.48 18.20
CA LEU H 137 -66.63 -38.30 17.73
C LEU H 137 -65.73 -37.49 16.80
N SER H 138 -66.36 -36.67 15.95
CA SER H 138 -65.62 -35.79 15.06
C SER H 138 -64.77 -34.79 15.82
N ASP H 139 -65.29 -34.25 16.92
CA ASP H 139 -64.54 -33.31 17.76
C ASP H 139 -63.38 -34.00 18.46
N VAL H 140 -63.60 -35.21 18.95
CA VAL H 140 -62.50 -36.03 19.47
C VAL H 140 -61.44 -36.26 18.38
N GLY H 141 -61.91 -36.55 17.17
CA GLY H 141 -61.02 -36.81 16.04
C GLY H 141 -60.19 -35.63 15.61
N ARG H 142 -60.81 -34.44 15.57
CA ARG H 142 -60.08 -33.19 15.33
C ARG H 142 -58.92 -33.10 16.30
N ALA H 143 -59.23 -33.25 17.59
CA ALA H 143 -58.24 -33.09 18.66
C ALA H 143 -57.06 -34.04 18.48
N ILE H 144 -57.35 -35.32 18.19
CA ILE H 144 -56.30 -36.30 17.93
C ILE H 144 -55.42 -35.87 16.74
N VAL H 145 -56.05 -35.41 15.66
CA VAL H 145 -55.34 -35.00 14.46
C VAL H 145 -54.51 -33.72 14.65
N ARG H 146 -54.93 -32.83 15.57
CA ARG H 146 -54.14 -31.63 15.91
C ARG H 146 -52.70 -32.02 16.24
N ASN H 147 -52.54 -33.15 16.94
CA ASN H 147 -51.22 -33.71 17.28
C ASN H 147 -50.28 -33.92 16.09
N LEU H 148 -50.85 -34.21 14.92
CA LEU H 148 -50.05 -34.52 13.73
C LEU H 148 -49.55 -33.29 12.98
N LEU H 149 -50.01 -32.11 13.38
CA LEU H 149 -49.72 -30.88 12.65
C LEU H 149 -48.34 -30.33 13.01
N ASN I 1 -8.51 -1.97 62.91
CA ASN I 1 -7.18 -1.77 62.27
C ASN I 1 -7.11 -2.47 60.90
N GLN I 2 -7.11 -3.80 60.91
CA GLN I 2 -7.01 -4.59 59.68
C GLN I 2 -8.21 -5.53 59.56
N PRO I 3 -9.41 -4.95 59.38
CA PRO I 3 -10.62 -5.77 59.35
C PRO I 3 -10.71 -6.76 58.19
N TYR I 4 -9.93 -6.53 57.12
CA TYR I 4 -10.02 -7.33 55.90
C TYR I 4 -8.92 -8.38 55.77
N ARG I 5 -8.00 -8.41 56.75
CA ARG I 5 -7.01 -9.50 56.82
C ARG I 5 -7.66 -10.78 57.31
N THR I 6 -7.30 -11.90 56.67
CA THR I 6 -7.98 -13.18 56.89
C THR I 6 -7.42 -13.91 58.10
N GLY I 7 -8.29 -14.66 58.78
CA GLY I 7 -7.92 -15.40 59.97
C GLY I 7 -7.28 -16.75 59.70
N PHE I 8 -7.59 -17.35 58.56
CA PHE I 8 -7.08 -18.69 58.24
C PHE I 8 -6.74 -18.95 56.76
N HIS I 9 -6.78 -17.91 55.92
CA HIS I 9 -6.31 -18.05 54.55
C HIS I 9 -4.84 -17.65 54.47
N PHE I 10 -4.12 -18.26 53.54
CA PHE I 10 -2.70 -17.97 53.42
C PHE I 10 -2.49 -16.57 52.85
N GLN I 11 -1.66 -15.79 53.54
CA GLN I 11 -1.19 -14.51 53.03
C GLN I 11 0.02 -14.08 53.83
N PRO I 12 0.94 -13.32 53.20
CA PRO I 12 2.12 -12.88 53.93
C PRO I 12 1.76 -11.78 54.92
N PRO I 13 2.67 -11.50 55.88
CA PRO I 13 2.46 -10.41 56.86
C PRO I 13 2.11 -9.07 56.22
N LYS I 14 2.72 -8.78 55.07
CA LYS I 14 2.46 -7.54 54.35
C LYS I 14 2.77 -7.72 52.88
N ASN I 15 2.46 -6.68 52.10
CA ASN I 15 2.88 -6.56 50.70
C ASN I 15 2.17 -7.49 49.71
N TRP I 16 2.50 -7.30 48.44
CA TRP I 16 1.82 -7.95 47.33
C TRP I 16 2.21 -9.41 47.17
N MET I 17 1.20 -10.25 46.91
CA MET I 17 1.42 -11.64 46.55
C MET I 17 0.52 -12.00 45.37
N ASN I 18 1.08 -12.70 44.38
CA ASN I 18 0.26 -13.35 43.38
C ASN I 18 0.48 -14.88 43.37
N ASP I 19 1.01 -15.42 42.27
CA ASP I 19 0.91 -16.85 41.97
C ASP I 19 1.49 -17.76 43.05
N PRO I 20 0.83 -18.91 43.31
CA PRO I 20 1.47 -19.94 44.13
C PRO I 20 2.53 -20.61 43.29
N ASN I 21 3.69 -20.87 43.89
CA ASN I 21 4.82 -21.44 43.17
C ASN I 21 5.31 -22.73 43.83
N GLY I 22 5.73 -23.68 42.99
CA GLY I 22 6.37 -24.91 43.44
C GLY I 22 5.76 -25.65 44.62
N PRO I 23 4.42 -25.77 44.67
CA PRO I 23 3.89 -26.52 45.80
C PRO I 23 4.36 -27.98 45.75
N MET I 24 4.78 -28.50 46.89
CA MET I 24 5.41 -29.81 46.95
C MET I 24 5.38 -30.41 48.35
N ILE I 25 5.52 -31.72 48.40
CA ILE I 25 5.71 -32.45 49.65
C ILE I 25 7.14 -32.99 49.63
N TYR I 26 7.86 -32.82 50.74
CA TYR I 26 9.18 -33.42 50.89
C TYR I 26 9.45 -33.76 52.34
N LYS I 27 9.89 -35.00 52.58
CA LYS I 27 10.10 -35.53 53.92
C LYS I 27 8.94 -35.19 54.85
N GLY I 28 7.71 -35.43 54.38
CA GLY I 28 6.52 -35.24 55.20
C GLY I 28 6.13 -33.79 55.47
N ILE I 29 6.84 -32.84 54.86
CA ILE I 29 6.56 -31.42 55.04
C ILE I 29 6.06 -30.80 53.73
N TYR I 30 4.96 -30.03 53.82
CA TYR I 30 4.43 -29.31 52.68
C TYR I 30 5.12 -27.96 52.54
N HIS I 31 5.42 -27.59 51.30
CA HIS I 31 6.00 -26.28 51.01
C HIS I 31 5.05 -25.48 50.12
N LEU I 32 4.97 -24.17 50.39
CA LEU I 32 4.36 -23.25 49.44
C LEU I 32 5.33 -22.11 49.18
N PHE I 33 5.68 -21.94 47.91
CA PHE I 33 6.37 -20.74 47.48
C PHE I 33 5.32 -19.84 46.84
N TYR I 34 5.64 -18.57 46.73
CA TYR I 34 4.72 -17.64 46.09
C TYR I 34 5.39 -16.37 45.63
N GLN I 35 4.88 -15.84 44.52
CA GLN I 35 5.34 -14.59 43.96
C GLN I 35 5.06 -13.49 44.97
N TRP I 36 6.11 -12.77 45.36
CA TRP I 36 6.02 -11.77 46.41
C TRP I 36 6.80 -10.53 46.03
N ASN I 37 6.20 -9.37 46.25
CA ASN I 37 6.91 -8.09 46.16
C ASN I 37 7.42 -7.79 47.57
N PRO I 38 8.75 -7.74 47.76
CA PRO I 38 9.26 -7.47 49.11
C PRO I 38 9.16 -6.02 49.58
N LYS I 39 8.75 -5.11 48.70
CA LYS I 39 8.74 -3.69 49.06
C LYS I 39 7.60 -2.89 48.45
N GLY I 40 6.41 -3.47 48.40
CA GLY I 40 5.24 -2.76 47.88
C GLY I 40 3.95 -3.57 47.90
N ALA I 41 2.83 -2.88 47.71
CA ALA I 41 1.50 -3.49 47.73
C ALA I 41 0.92 -3.69 46.33
N VAL I 42 1.74 -3.47 45.30
CA VAL I 42 1.40 -3.82 43.92
C VAL I 42 2.43 -4.80 43.37
N TRP I 43 2.17 -5.32 42.18
CA TRP I 43 3.11 -6.25 41.54
C TRP I 43 4.41 -5.55 41.17
N GLY I 44 5.52 -6.29 41.26
CA GLY I 44 6.85 -5.79 40.94
C GLY I 44 7.91 -6.40 41.86
N ASN I 45 9.17 -6.28 41.46
CA ASN I 45 10.31 -6.71 42.28
C ASN I 45 10.14 -8.13 42.79
N ILE I 46 9.61 -8.99 41.93
CA ILE I 46 8.98 -10.22 42.36
C ILE I 46 10.03 -11.29 42.70
N VAL I 47 9.86 -11.93 43.85
CA VAL I 47 10.74 -13.01 44.32
C VAL I 47 9.90 -14.18 44.78
N TRP I 48 10.55 -15.32 45.01
CA TRP I 48 9.88 -16.50 45.60
C TRP I 48 9.95 -16.45 47.13
N ALA I 49 8.86 -16.03 47.76
CA ALA I 49 8.70 -16.20 49.21
C ALA I 49 8.48 -17.68 49.49
N HIS I 50 8.53 -18.06 50.77
CA HIS I 50 8.53 -19.46 51.15
C HIS I 50 7.96 -19.71 52.55
N SER I 51 7.00 -20.63 52.64
CA SER I 51 6.49 -21.12 53.93
C SER I 51 6.41 -22.64 53.91
N THR I 52 6.48 -23.27 55.08
CA THR I 52 6.28 -24.72 55.23
C THR I 52 5.13 -25.04 56.18
N SER I 53 4.67 -26.29 56.14
CA SER I 53 3.53 -26.74 56.92
C SER I 53 3.48 -28.26 57.00
N THR I 54 2.84 -28.76 58.05
CA THR I 54 2.58 -30.19 58.18
C THR I 54 1.10 -30.52 58.00
N ASP I 55 0.27 -29.49 57.73
CA ASP I 55 -1.18 -29.69 57.60
C ASP I 55 -1.85 -28.87 56.48
N LEU I 56 -1.07 -28.06 55.75
CA LEU I 56 -1.57 -27.15 54.70
C LEU I 56 -2.40 -25.94 55.19
N ILE I 57 -2.41 -25.70 56.50
CA ILE I 57 -3.27 -24.67 57.11
C ILE I 57 -2.47 -23.73 58.02
N ASN I 58 -1.60 -24.31 58.85
CA ASN I 58 -0.71 -23.54 59.71
C ASN I 58 0.68 -23.49 59.09
N TRP I 59 1.18 -22.28 58.89
CA TRP I 59 2.35 -22.03 58.05
C TRP I 59 3.46 -21.30 58.80
N ASP I 60 4.70 -21.76 58.59
CA ASP I 60 5.88 -21.16 59.18
C ASP I 60 6.65 -20.41 58.09
N PRO I 61 7.03 -19.15 58.36
CA PRO I 61 7.74 -18.35 57.36
C PRO I 61 9.23 -18.69 57.24
N HIS I 62 9.77 -18.54 56.05
CA HIS I 62 11.19 -18.73 55.81
C HIS I 62 11.69 -17.59 54.93
N PRO I 63 13.03 -17.39 54.90
CA PRO I 63 13.58 -16.39 53.98
C PRO I 63 13.16 -16.66 52.53
N PRO I 64 13.20 -15.63 51.67
CA PRO I 64 12.96 -15.84 50.26
C PRO I 64 13.85 -16.97 49.71
N ALA I 65 13.23 -17.89 48.97
CA ALA I 65 13.91 -19.10 48.49
C ALA I 65 14.70 -18.81 47.22
N ILE I 66 14.05 -18.16 46.27
CA ILE I 66 14.62 -17.85 44.97
C ILE I 66 14.46 -16.36 44.69
N PHE I 67 15.58 -15.69 44.46
CA PHE I 67 15.59 -14.26 44.17
C PHE I 67 16.74 -13.91 43.24
N PRO I 68 16.67 -12.76 42.54
CA PRO I 68 17.67 -12.43 41.54
C PRO I 68 19.10 -12.46 42.07
N SER I 69 19.90 -13.40 41.58
CA SER I 69 21.28 -13.58 42.07
C SER I 69 22.27 -14.04 40.98
N ALA I 70 21.88 -13.87 39.71
CA ALA I 70 22.69 -14.31 38.57
C ALA I 70 22.08 -13.69 37.33
N PRO I 71 22.84 -13.64 36.23
CA PRO I 71 22.32 -13.05 34.99
C PRO I 71 20.98 -13.63 34.53
N PHE I 72 20.84 -14.95 34.62
CA PHE I 72 19.64 -15.63 34.10
C PHE I 72 18.34 -15.34 34.85
N ASP I 73 18.42 -14.69 36.01
CA ASP I 73 17.21 -14.21 36.70
C ASP I 73 17.40 -12.83 37.33
N ILE I 74 18.31 -12.02 36.78
CA ILE I 74 18.70 -10.76 37.42
C ILE I 74 17.54 -9.75 37.49
N ASN I 75 16.55 -9.90 36.63
CA ASN I 75 15.41 -8.97 36.60
C ASN I 75 14.10 -9.52 37.19
N GLY I 76 14.17 -10.68 37.85
CA GLY I 76 12.98 -11.23 38.53
C GLY I 76 12.88 -12.74 38.48
N CYS I 77 12.33 -13.32 39.54
CA CYS I 77 12.10 -14.76 39.62
C CYS I 77 10.60 -15.03 39.54
N TRP I 78 10.14 -15.31 38.33
CA TRP I 78 8.72 -15.48 38.07
C TRP I 78 8.33 -16.94 38.28
N SER I 79 7.08 -17.28 37.96
CA SER I 79 6.46 -18.54 38.40
C SER I 79 7.12 -19.82 37.90
N GLY I 80 6.77 -20.92 38.54
CA GLY I 80 7.33 -22.22 38.21
C GLY I 80 6.83 -23.29 39.16
N SER I 81 7.41 -24.49 39.06
CA SER I 81 6.86 -25.68 39.72
C SER I 81 7.95 -26.61 40.24
N ALA I 82 7.58 -27.43 41.22
CA ALA I 82 8.47 -28.44 41.76
C ALA I 82 8.22 -29.76 41.04
N THR I 83 9.29 -30.50 40.79
CA THR I 83 9.21 -31.89 40.34
C THR I 83 9.98 -32.73 41.35
N ILE I 84 9.37 -33.81 41.82
CA ILE I 84 10.03 -34.76 42.69
C ILE I 84 10.61 -35.86 41.82
N LEU I 85 11.94 -35.95 41.77
CA LEU I 85 12.62 -36.95 40.93
C LEU I 85 12.47 -38.36 41.55
N PRO I 86 12.65 -39.42 40.73
CA PRO I 86 12.50 -40.79 41.21
C PRO I 86 13.28 -41.11 42.50
N ASN I 87 14.51 -40.59 42.59
CA ASN I 87 15.32 -40.74 43.80
C ASN I 87 14.78 -40.01 45.04
N GLY I 88 13.76 -39.18 44.85
CA GLY I 88 13.13 -38.43 45.94
C GLY I 88 13.54 -36.96 45.98
N LYS I 89 14.59 -36.60 45.25
CA LYS I 89 15.10 -35.23 45.29
C LYS I 89 14.15 -34.23 44.60
N PRO I 90 13.81 -33.14 45.30
CA PRO I 90 13.02 -32.10 44.67
C PRO I 90 13.89 -31.15 43.86
N VAL I 91 13.40 -30.76 42.68
CA VAL I 91 14.00 -29.67 41.92
C VAL I 91 12.90 -28.70 41.49
N ILE I 92 13.27 -27.43 41.39
CA ILE I 92 12.35 -26.39 40.93
C ILE I 92 12.76 -25.92 39.55
N LEU I 93 11.80 -25.89 38.62
CA LEU I 93 11.94 -25.13 37.38
C LEU I 93 11.16 -23.84 37.54
N TYR I 94 11.74 -22.71 37.11
CA TYR I 94 11.07 -21.42 37.21
C TYR I 94 11.51 -20.49 36.10
N THR I 95 10.66 -19.50 35.80
CA THR I 95 10.95 -18.46 34.81
C THR I 95 11.75 -17.31 35.44
N GLY I 96 12.93 -17.03 34.90
CA GLY I 96 13.70 -15.86 35.29
C GLY I 96 13.66 -14.83 34.18
N ILE I 97 13.80 -13.55 34.54
CA ILE I 97 13.92 -12.48 33.55
C ILE I 97 15.41 -12.12 33.42
N ASP I 98 15.96 -12.33 32.22
CA ASP I 98 17.41 -12.23 32.00
C ASP I 98 17.84 -10.77 31.72
N PRO I 99 19.15 -10.54 31.50
CA PRO I 99 19.62 -9.14 31.44
C PRO I 99 19.03 -8.31 30.29
N LYS I 100 18.56 -8.98 29.24
CA LYS I 100 17.85 -8.34 28.13
C LYS I 100 16.33 -8.29 28.32
N ASN I 101 15.86 -8.63 29.53
CA ASN I 101 14.43 -8.70 29.86
C ASN I 101 13.67 -9.79 29.09
N GLN I 102 14.39 -10.83 28.70
CA GLN I 102 13.80 -11.98 28.03
C GLN I 102 13.45 -13.05 29.05
N GLN I 103 12.33 -13.73 28.84
CA GLN I 103 11.85 -14.73 29.75
C GLN I 103 12.50 -16.08 29.45
N VAL I 104 13.16 -16.63 30.47
CA VAL I 104 13.94 -17.86 30.31
C VAL I 104 13.65 -18.82 31.48
N GLN I 105 13.86 -20.11 31.23
CA GLN I 105 13.54 -21.15 32.20
C GLN I 105 14.80 -21.67 32.88
N ASN I 106 14.83 -21.53 34.21
CA ASN I 106 15.99 -21.87 35.02
C ASN I 106 15.66 -22.98 35.99
N ILE I 107 16.68 -23.74 36.39
CA ILE I 107 16.51 -24.76 37.42
C ILE I 107 17.17 -24.32 38.73
N ALA I 108 16.56 -24.72 39.84
CA ALA I 108 17.15 -24.60 41.17
C ALA I 108 16.95 -25.90 41.93
N GLU I 109 17.84 -26.19 42.87
CA GLU I 109 17.70 -27.37 43.72
C GLU I 109 18.16 -27.04 45.14
N PRO I 110 17.73 -27.85 46.13
CA PRO I 110 18.09 -27.55 47.51
C PRO I 110 19.59 -27.62 47.76
N LYS I 111 20.08 -26.74 48.61
CA LYS I 111 21.50 -26.69 48.98
C LYS I 111 21.84 -27.75 50.03
N ASN I 112 20.82 -28.18 50.78
CA ASN I 112 20.98 -29.16 51.85
C ASN I 112 19.71 -30.02 51.95
N LEU I 113 19.77 -31.23 51.39
CA LEU I 113 18.61 -32.11 51.35
C LEU I 113 18.20 -32.63 52.72
N SER I 114 19.12 -32.61 53.68
CA SER I 114 18.81 -32.98 55.06
C SER I 114 18.01 -31.90 55.81
N ASP I 115 17.99 -30.67 55.29
CA ASP I 115 17.15 -29.61 55.84
C ASP I 115 15.70 -29.84 55.41
N PRO I 116 14.82 -30.23 56.36
CA PRO I 116 13.43 -30.53 55.98
C PRO I 116 12.64 -29.31 55.51
N TYR I 117 13.10 -28.12 55.90
CA TYR I 117 12.49 -26.86 55.50
C TYR I 117 13.09 -26.32 54.20
N LEU I 118 14.11 -26.98 53.68
CA LEU I 118 14.71 -26.62 52.39
C LEU I 118 14.78 -25.10 52.23
N ARG I 119 15.48 -24.45 53.17
CA ARG I 119 15.49 -22.99 53.25
C ARG I 119 16.39 -22.30 52.23
N GLU I 120 17.47 -22.96 51.82
CA GLU I 120 18.43 -22.37 50.87
C GLU I 120 18.53 -23.20 49.59
N TRP I 121 18.36 -22.53 48.45
CA TRP I 121 18.35 -23.18 47.15
C TRP I 121 19.48 -22.65 46.29
N LYS I 122 20.18 -23.56 45.60
CA LYS I 122 21.25 -23.19 44.70
C LYS I 122 20.76 -23.36 43.27
N LYS I 123 21.48 -22.73 42.34
CA LYS I 123 21.03 -22.65 40.96
C LYS I 123 22.15 -23.02 39.99
N SER I 124 21.82 -23.81 38.97
CA SER I 124 22.82 -24.38 38.06
C SER I 124 23.57 -23.30 37.29
N PRO I 125 24.89 -23.46 37.13
CA PRO I 125 25.66 -22.56 36.27
C PRO I 125 25.30 -22.67 34.79
N LEU I 126 24.60 -23.74 34.41
CA LEU I 126 24.14 -23.95 33.04
C LEU I 126 22.90 -23.13 32.69
N ASN I 127 22.26 -22.50 33.68
CA ASN I 127 21.05 -21.72 33.45
C ASN I 127 21.26 -20.56 32.47
N PRO I 128 20.26 -20.27 31.61
CA PRO I 128 18.97 -20.95 31.50
C PRO I 128 19.03 -22.27 30.74
N LEU I 129 18.22 -23.23 31.17
CA LEU I 129 18.16 -24.56 30.54
C LEU I 129 17.37 -24.52 29.25
N MET I 130 16.34 -23.69 29.20
CA MET I 130 15.49 -23.50 28.03
C MET I 130 15.24 -22.02 27.81
N ALA I 131 15.48 -21.54 26.59
CA ALA I 131 15.41 -20.11 26.31
C ALA I 131 15.02 -19.80 24.88
N PRO I 132 14.37 -18.64 24.65
CA PRO I 132 14.09 -18.21 23.29
C PRO I 132 15.36 -17.85 22.54
N ASP I 133 15.44 -18.23 21.27
CA ASP I 133 16.54 -17.82 20.40
C ASP I 133 16.06 -17.67 18.96
N ALA I 134 17.00 -17.44 18.04
CA ALA I 134 16.68 -17.24 16.63
C ALA I 134 16.20 -18.52 15.95
N VAL I 135 16.57 -19.68 16.50
CA VAL I 135 16.22 -20.96 15.90
C VAL I 135 14.79 -21.37 16.21
N ASN I 136 14.48 -21.51 17.51
CA ASN I 136 13.12 -21.90 17.93
C ASN I 136 12.08 -20.83 17.62
N GLY I 137 12.51 -19.57 17.57
CA GLY I 137 11.61 -18.45 17.25
C GLY I 137 10.52 -18.26 18.29
N ILE I 138 10.80 -18.67 19.52
CA ILE I 138 9.90 -18.46 20.64
C ILE I 138 9.91 -16.97 20.98
N ASN I 139 8.75 -16.46 21.33
CA ASN I 139 8.56 -15.06 21.68
C ASN I 139 9.03 -14.77 23.11
N ALA I 140 10.16 -14.07 23.21
CA ALA I 140 10.88 -13.86 24.47
C ALA I 140 10.04 -13.21 25.57
N SER I 141 9.04 -12.41 25.19
CA SER I 141 8.15 -11.76 26.16
C SER I 141 6.91 -12.58 26.48
N SER I 142 6.78 -13.76 25.88
CA SER I 142 5.66 -14.67 26.14
C SER I 142 6.14 -16.11 26.21
N PHE I 143 6.85 -16.44 27.28
CA PHE I 143 7.49 -17.76 27.41
C PHE I 143 7.83 -18.04 28.88
N ARG I 144 6.84 -18.49 29.64
CA ARG I 144 7.00 -18.60 31.08
C ARG I 144 6.12 -19.67 31.73
N ASP I 145 6.39 -19.90 33.02
CA ASP I 145 5.58 -20.77 33.88
C ASP I 145 5.76 -22.27 33.56
N PRO I 146 6.94 -22.83 33.87
CA PRO I 146 7.19 -24.26 33.68
C PRO I 146 6.37 -25.14 34.63
N THR I 147 5.81 -26.23 34.10
CA THR I 147 5.03 -27.16 34.91
C THR I 147 5.95 -28.12 35.63
N THR I 148 5.36 -28.89 36.54
CA THR I 148 5.99 -30.09 37.07
C THR I 148 6.22 -31.05 35.90
N ALA I 149 7.43 -31.58 35.79
CA ALA I 149 7.78 -32.48 34.69
C ALA I 149 7.26 -33.89 34.94
N TRP I 150 7.15 -34.67 33.87
CA TRP I 150 6.72 -36.07 33.96
C TRP I 150 7.58 -36.96 33.08
N LEU I 151 7.81 -38.18 33.56
CA LEU I 151 8.76 -39.10 32.94
C LEU I 151 8.04 -40.10 32.04
N GLY I 152 8.31 -40.03 30.75
CA GLY I 152 7.66 -40.90 29.78
C GLY I 152 8.14 -42.35 29.84
N GLN I 153 7.35 -43.22 29.24
CA GLN I 153 7.69 -44.65 29.05
C GLN I 153 9.05 -44.88 28.35
N ASP I 154 9.48 -43.90 27.56
CA ASP I 154 10.78 -43.94 26.88
C ASP I 154 11.91 -43.34 27.74
N LYS I 155 11.67 -43.23 29.04
CA LYS I 155 12.67 -42.73 30.01
C LYS I 155 13.17 -41.31 29.72
N LYS I 156 12.35 -40.52 29.02
CA LYS I 156 12.65 -39.12 28.73
C LYS I 156 11.60 -38.23 29.39
N TRP I 157 12.06 -37.20 30.11
CA TRP I 157 11.17 -36.27 30.79
C TRP I 157 10.44 -35.37 29.79
N ARG I 158 9.23 -34.95 30.16
CA ARG I 158 8.53 -33.88 29.46
C ARG I 158 8.22 -32.77 30.45
N VAL I 159 8.22 -31.53 29.95
CA VAL I 159 7.72 -30.38 30.69
C VAL I 159 7.11 -29.43 29.68
N ILE I 160 6.12 -28.65 30.09
CA ILE I 160 5.53 -27.64 29.22
C ILE I 160 5.60 -26.25 29.81
N ILE I 161 5.82 -25.28 28.93
CA ILE I 161 5.96 -23.89 29.30
C ILE I 161 4.89 -23.08 28.57
N GLY I 162 4.26 -22.15 29.27
CA GLY I 162 3.25 -21.29 28.67
C GLY I 162 3.83 -20.34 27.62
N SER I 163 3.05 -20.03 26.60
CA SER I 163 3.50 -19.13 25.55
C SER I 163 2.37 -18.67 24.63
N LYS I 164 2.72 -17.76 23.70
CA LYS I 164 1.84 -17.46 22.57
C LYS I 164 2.57 -16.92 21.35
N ILE I 165 2.01 -17.24 20.18
CA ILE I 165 2.37 -16.64 18.91
C ILE I 165 1.12 -15.92 18.43
N HIS I 166 1.23 -14.62 18.17
CA HIS I 166 0.09 -13.83 17.72
C HIS I 166 -1.09 -14.05 18.68
N ARG I 167 -2.26 -14.43 18.17
CA ARG I 167 -3.43 -14.69 19.04
C ARG I 167 -3.55 -16.16 19.51
N ARG I 168 -2.52 -16.97 19.25
CA ARG I 168 -2.56 -18.41 19.51
C ARG I 168 -1.87 -18.78 20.82
N GLY I 169 -2.61 -19.36 21.76
CA GLY I 169 -2.03 -19.90 22.99
C GLY I 169 -1.31 -21.21 22.74
N LEU I 170 -0.21 -21.43 23.47
CA LEU I 170 0.67 -22.60 23.26
C LEU I 170 1.11 -23.25 24.57
N ALA I 171 1.20 -24.58 24.54
CA ALA I 171 1.86 -25.36 25.59
C ALA I 171 3.10 -25.96 24.96
N ILE I 172 4.21 -25.24 25.04
CA ILE I 172 5.47 -25.63 24.41
C ILE I 172 6.15 -26.75 25.18
N THR I 173 6.39 -27.88 24.50
CA THR I 173 6.98 -29.06 25.12
C THR I 173 8.50 -29.13 24.93
N TYR I 174 9.23 -29.28 26.03
CA TYR I 174 10.64 -29.67 25.99
C TYR I 174 10.79 -31.06 26.58
N THR I 175 11.79 -31.80 26.10
CA THR I 175 12.09 -33.13 26.62
C THR I 175 13.55 -33.22 27.05
N SER I 176 13.82 -34.09 28.02
CA SER I 176 15.18 -34.27 28.52
C SER I 176 15.42 -35.69 29.01
N LYS I 177 16.69 -36.11 28.94
CA LYS I 177 17.11 -37.40 29.47
C LYS I 177 17.69 -37.27 30.88
N ASP I 178 18.43 -36.19 31.12
CA ASP I 178 19.15 -36.00 32.39
C ASP I 178 18.60 -34.83 33.23
N PHE I 179 17.52 -34.20 32.75
CA PHE I 179 16.92 -33.04 33.42
C PHE I 179 17.80 -31.77 33.37
N LEU I 180 18.85 -31.79 32.55
CA LEU I 180 19.76 -30.64 32.41
C LEU I 180 19.81 -30.18 30.95
N LYS I 181 19.97 -31.13 30.03
CA LYS I 181 19.82 -30.86 28.60
C LYS I 181 18.36 -31.02 28.18
N TRP I 182 17.72 -29.91 27.83
CA TRP I 182 16.34 -29.92 27.36
C TRP I 182 16.30 -29.55 25.88
N GLU I 183 15.54 -30.32 25.11
CA GLU I 183 15.37 -30.08 23.67
C GLU I 183 13.90 -29.78 23.42
N LYS I 184 13.63 -28.77 22.59
CA LYS I 184 12.27 -28.38 22.25
C LYS I 184 11.66 -29.37 21.26
N SER I 185 10.38 -29.69 21.46
CA SER I 185 9.65 -30.54 20.51
C SER I 185 9.24 -29.71 19.30
N PRO I 186 9.14 -30.35 18.11
CA PRO I 186 8.63 -29.68 16.92
C PRO I 186 7.22 -29.12 17.13
N GLU I 187 6.36 -29.92 17.75
CA GLU I 187 4.97 -29.55 18.00
C GLU I 187 4.70 -29.37 19.50
N PRO I 188 3.75 -28.49 19.86
CA PRO I 188 3.39 -28.29 21.27
C PRO I 188 2.39 -29.34 21.74
N LEU I 189 2.36 -29.62 23.04
CA LEU I 189 1.41 -30.59 23.60
C LEU I 189 -0.01 -30.28 23.14
N HIS I 190 -0.33 -28.99 23.10
CA HIS I 190 -1.61 -28.53 22.57
C HIS I 190 -1.50 -27.02 22.31
N TYR I 191 -2.47 -26.46 21.59
CA TYR I 191 -2.51 -25.03 21.29
C TYR I 191 -3.95 -24.60 21.04
N ASP I 192 -4.15 -23.30 20.77
CA ASP I 192 -5.48 -22.79 20.44
C ASP I 192 -5.45 -21.41 19.79
N ASP I 193 -6.06 -21.30 18.62
CA ASP I 193 -6.12 -20.03 17.90
C ASP I 193 -7.22 -19.14 18.46
N GLY I 194 -6.83 -17.96 18.94
CA GLY I 194 -7.78 -16.96 19.42
C GLY I 194 -7.88 -16.84 20.93
N SER I 195 -7.19 -17.72 21.67
CA SER I 195 -7.28 -17.72 23.13
C SER I 195 -6.39 -16.67 23.79
N GLY I 196 -5.27 -16.33 23.14
CA GLY I 196 -4.28 -15.42 23.71
C GLY I 196 -3.22 -16.19 24.46
N MET I 197 -2.50 -15.50 25.34
CA MET I 197 -1.43 -16.13 26.14
C MET I 197 -1.97 -17.20 27.10
N TRP I 198 -1.25 -18.32 27.19
CA TRP I 198 -1.52 -19.37 28.18
C TRP I 198 -0.54 -19.23 29.33
N GLU I 199 -0.98 -18.62 30.42
CA GLU I 199 -0.15 -18.51 31.61
C GLU I 199 -0.35 -19.75 32.51
N CYS I 200 0.62 -19.99 33.39
CA CYS I 200 0.57 -21.05 34.40
C CYS I 200 -0.10 -22.35 33.94
N PRO I 201 0.48 -22.99 32.92
CA PRO I 201 -0.10 -24.27 32.48
C PRO I 201 0.05 -25.36 33.54
N ASP I 202 -0.83 -26.35 33.47
CA ASP I 202 -0.77 -27.50 34.36
C ASP I 202 -1.21 -28.72 33.59
N PHE I 203 -0.55 -29.84 33.84
CA PHE I 203 -0.84 -31.07 33.12
C PHE I 203 -0.65 -32.26 34.06
N PHE I 204 -1.76 -32.88 34.44
CA PHE I 204 -1.75 -33.99 35.39
C PHE I 204 -2.81 -35.04 35.08
N PRO I 205 -2.58 -36.27 35.56
CA PRO I 205 -3.56 -37.35 35.41
C PRO I 205 -4.60 -37.38 36.52
N VAL I 206 -5.78 -37.89 36.20
CA VAL I 206 -6.84 -38.12 37.17
C VAL I 206 -7.48 -39.48 36.90
N THR I 207 -7.78 -40.25 37.95
CA THR I 207 -8.41 -41.55 37.78
C THR I 207 -9.84 -41.38 37.27
N ARG I 208 -10.32 -42.35 36.50
CA ARG I 208 -11.62 -42.25 35.86
C ARG I 208 -12.75 -42.32 36.87
N PHE I 209 -12.56 -43.10 37.92
CA PHE I 209 -13.52 -43.16 39.01
C PHE I 209 -12.82 -43.40 40.35
N GLY I 210 -13.09 -42.51 41.30
CA GLY I 210 -12.40 -42.46 42.58
C GLY I 210 -12.00 -41.03 42.87
N SER I 211 -11.66 -40.74 44.13
CA SER I 211 -11.27 -39.39 44.53
C SER I 211 -9.78 -39.25 44.85
N ASN I 212 -9.02 -40.34 44.71
CA ASN I 212 -7.58 -40.30 44.97
C ASN I 212 -6.81 -39.65 43.83
N GLY I 213 -5.72 -38.98 44.18
CA GLY I 213 -4.86 -38.35 43.20
C GLY I 213 -4.00 -39.40 42.54
N VAL I 214 -3.60 -39.15 41.30
CA VAL I 214 -2.68 -40.02 40.58
C VAL I 214 -1.34 -39.32 40.47
N GLU I 215 -0.25 -40.03 40.74
CA GLU I 215 1.11 -39.51 40.55
C GLU I 215 1.22 -38.96 39.11
N THR I 216 1.91 -37.84 38.95
CA THR I 216 1.96 -37.14 37.66
C THR I 216 2.42 -38.02 36.50
N SER I 217 3.43 -38.86 36.74
CA SER I 217 3.99 -39.76 35.71
C SER I 217 3.32 -41.13 35.58
N SER I 218 2.34 -41.43 36.45
CA SER I 218 1.74 -42.76 36.51
C SER I 218 0.95 -43.13 35.25
N PHE I 219 1.18 -44.35 34.75
CA PHE I 219 0.51 -44.84 33.54
C PHE I 219 -0.79 -45.55 33.86
N GLY I 220 -1.60 -45.74 32.82
CA GLY I 220 -2.89 -46.41 32.94
C GLY I 220 -2.75 -47.90 32.68
N GLU I 221 -2.90 -48.69 33.74
CA GLU I 221 -2.78 -50.14 33.63
C GLU I 221 -3.97 -50.72 32.84
N PRO I 222 -3.88 -51.98 32.40
CA PRO I 222 -5.03 -52.61 31.72
C PRO I 222 -6.28 -52.76 32.59
N ASN I 223 -6.22 -52.31 33.85
CA ASN I 223 -7.37 -52.24 34.74
C ASN I 223 -7.76 -50.79 35.05
N GLU I 224 -6.77 -49.94 35.24
CA GLU I 224 -6.96 -48.55 35.61
C GLU I 224 -7.21 -47.67 34.38
N ILE I 225 -8.32 -46.93 34.39
CA ILE I 225 -8.59 -45.93 33.36
C ILE I 225 -8.22 -44.54 33.90
N LEU I 226 -7.30 -43.87 33.21
CA LEU I 226 -6.92 -42.50 33.54
C LEU I 226 -7.38 -41.55 32.45
N LYS I 227 -7.70 -40.33 32.83
CA LYS I 227 -7.85 -39.22 31.91
C LYS I 227 -6.81 -38.19 32.31
N HIS I 228 -6.48 -37.29 31.39
CA HIS I 228 -5.52 -36.21 31.67
C HIS I 228 -6.21 -34.85 31.66
N VAL I 229 -5.73 -33.95 32.53
CA VAL I 229 -6.27 -32.60 32.63
C VAL I 229 -5.22 -31.59 32.16
N LEU I 230 -5.59 -30.76 31.17
CA LEU I 230 -4.77 -29.62 30.76
C LEU I 230 -5.41 -28.35 31.29
N LYS I 231 -4.68 -27.62 32.13
CA LYS I 231 -5.15 -26.35 32.69
C LYS I 231 -4.29 -25.18 32.19
N ILE I 232 -4.95 -24.07 31.88
CA ILE I 232 -4.27 -22.83 31.50
C ILE I 232 -4.92 -21.64 32.18
N SER I 233 -4.10 -20.66 32.58
CA SER I 233 -4.59 -19.35 32.96
C SER I 233 -4.56 -18.47 31.71
N LEU I 234 -5.59 -17.66 31.52
CA LEU I 234 -5.73 -16.81 30.33
C LEU I 234 -5.63 -15.31 30.66
N ASP I 235 -4.50 -14.71 30.26
CA ASP I 235 -4.32 -13.24 30.13
C ASP I 235 -5.57 -12.46 29.74
N ASP I 236 -6.27 -12.98 28.73
CA ASP I 236 -7.39 -12.30 28.11
C ASP I 236 -8.54 -12.03 29.08
N THR I 237 -8.93 -13.04 29.86
CA THR I 237 -10.14 -12.97 30.67
C THR I 237 -9.90 -13.00 32.17
N LYS I 238 -8.65 -13.17 32.58
CA LYS I 238 -8.27 -13.26 34.01
C LYS I 238 -8.93 -14.43 34.75
N HIS I 239 -9.14 -15.55 34.06
CA HIS I 239 -9.70 -16.76 34.68
C HIS I 239 -8.84 -17.98 34.40
N ASP I 240 -9.08 -19.04 35.16
CA ASP I 240 -8.42 -20.33 34.94
C ASP I 240 -9.40 -21.30 34.31
N TYR I 241 -8.93 -22.04 33.31
CA TYR I 241 -9.76 -22.99 32.56
C TYR I 241 -9.08 -24.35 32.50
N TYR I 242 -9.89 -25.40 32.43
CA TYR I 242 -9.36 -26.74 32.23
C TYR I 242 -10.20 -27.50 31.21
N THR I 243 -9.59 -28.50 30.59
CA THR I 243 -10.33 -29.43 29.74
C THR I 243 -9.87 -30.85 30.05
N ILE I 244 -10.84 -31.76 30.12
CA ILE I 244 -10.57 -33.18 30.31
C ILE I 244 -10.37 -33.83 28.96
N GLY I 245 -9.35 -34.68 28.86
CA GLY I 245 -9.02 -35.36 27.60
C GLY I 245 -8.06 -36.51 27.79
N THR I 246 -7.57 -37.04 26.68
CA THR I 246 -6.58 -38.12 26.71
C THR I 246 -5.23 -37.59 26.24
N TYR I 247 -4.16 -38.23 26.72
CA TYR I 247 -2.79 -37.84 26.41
C TYR I 247 -2.16 -38.83 25.44
N ASP I 248 -2.23 -38.51 24.14
CA ASP I 248 -1.62 -39.35 23.12
C ASP I 248 -0.10 -39.34 23.26
N ARG I 249 0.44 -40.39 23.87
CA ARG I 249 1.88 -40.47 24.15
C ARG I 249 2.71 -40.65 22.89
N VAL I 250 2.15 -41.35 21.89
CA VAL I 250 2.84 -41.59 20.63
C VAL I 250 3.19 -40.27 19.95
N LYS I 251 2.17 -39.46 19.70
CA LYS I 251 2.36 -38.13 19.11
C LYS I 251 2.91 -37.13 20.14
N ASP I 252 2.72 -37.44 21.42
CA ASP I 252 3.08 -36.56 22.52
C ASP I 252 2.20 -35.30 22.47
N LYS I 253 0.89 -35.54 22.35
CA LYS I 253 -0.11 -34.48 22.23
C LYS I 253 -1.31 -34.73 23.15
N PHE I 254 -1.97 -33.65 23.56
CA PHE I 254 -3.19 -33.73 24.37
C PHE I 254 -4.41 -33.54 23.49
N VAL I 255 -5.36 -34.46 23.59
CA VAL I 255 -6.58 -34.42 22.80
C VAL I 255 -7.79 -34.29 23.73
N PRO I 256 -8.36 -33.08 23.82
CA PRO I 256 -9.57 -32.89 24.63
C PRO I 256 -10.70 -33.81 24.18
N ASP I 257 -11.44 -34.35 25.14
CA ASP I 257 -12.60 -35.18 24.81
C ASP I 257 -13.59 -34.39 23.96
N ASN I 258 -14.39 -35.10 23.17
CA ASN I 258 -15.35 -34.47 22.27
C ASN I 258 -16.24 -33.49 23.04
N GLY I 259 -16.34 -32.26 22.52
CA GLY I 259 -17.13 -31.21 23.18
C GLY I 259 -16.31 -30.23 23.98
N PHE I 260 -15.06 -30.58 24.29
CA PHE I 260 -14.15 -29.67 24.97
C PHE I 260 -13.28 -28.92 23.96
N LYS I 261 -13.10 -27.63 24.20
CA LYS I 261 -12.13 -26.81 23.48
C LYS I 261 -11.32 -26.01 24.51
N MET I 262 -10.00 -25.97 24.34
CA MET I 262 -9.10 -25.37 25.36
C MET I 262 -8.96 -23.85 25.16
N ASP I 263 -10.04 -23.14 25.50
CA ASP I 263 -10.09 -21.69 25.36
C ASP I 263 -11.08 -21.13 26.40
N GLY I 264 -11.64 -19.95 26.14
CA GLY I 264 -12.59 -19.33 27.06
C GLY I 264 -13.93 -20.03 27.23
N THR I 265 -14.23 -21.00 26.37
CA THR I 265 -15.49 -21.76 26.47
C THR I 265 -15.34 -22.96 27.41
N ALA I 266 -14.11 -23.27 27.82
CA ALA I 266 -13.84 -24.42 28.68
C ALA I 266 -14.37 -24.19 30.10
N PRO I 267 -14.48 -25.28 30.88
CA PRO I 267 -14.87 -25.12 32.27
C PRO I 267 -13.77 -24.48 33.12
N ARG I 268 -14.15 -24.01 34.29
CA ARG I 268 -13.22 -23.42 35.25
C ARG I 268 -13.20 -24.21 36.55
N TYR I 269 -12.11 -24.06 37.30
CA TYR I 269 -12.05 -24.53 38.68
C TYR I 269 -13.01 -23.71 39.54
N ASP I 270 -12.91 -22.40 39.37
CA ASP I 270 -13.67 -21.45 40.18
C ASP I 270 -14.30 -20.42 39.25
N TYR I 271 -15.56 -20.08 39.49
CA TYR I 271 -16.29 -19.12 38.65
C TYR I 271 -16.34 -17.72 39.25
N GLY I 272 -15.36 -17.41 40.10
CA GLY I 272 -15.24 -16.07 40.69
C GLY I 272 -13.81 -15.59 40.59
N LYS I 273 -13.25 -15.13 41.71
CA LYS I 273 -11.89 -14.61 41.72
C LYS I 273 -10.87 -15.69 42.02
N TYR I 274 -10.12 -16.08 41.00
CA TYR I 274 -9.25 -17.25 41.05
C TYR I 274 -8.32 -17.27 39.85
N TYR I 275 -7.02 -17.39 40.09
CA TYR I 275 -6.04 -17.30 38.99
C TYR I 275 -4.69 -17.93 39.30
N ALA I 276 -3.98 -18.32 38.24
CA ALA I 276 -2.62 -18.86 38.36
C ALA I 276 -2.56 -20.11 39.20
N SER I 277 -3.62 -20.91 39.14
CA SER I 277 -3.74 -22.06 40.02
C SER I 277 -2.80 -23.17 39.58
N LYS I 278 -2.34 -23.95 40.55
CA LYS I 278 -1.37 -25.01 40.30
C LYS I 278 -1.65 -26.16 41.26
N THR I 279 -1.42 -27.38 40.79
CA THR I 279 -1.64 -28.57 41.62
C THR I 279 -0.31 -29.24 41.96
N PHE I 280 -0.35 -30.11 42.96
CA PHE I 280 0.76 -31.01 43.22
C PHE I 280 0.22 -32.32 43.79
N PHE I 281 1.04 -33.37 43.71
CA PHE I 281 0.64 -34.68 44.19
C PHE I 281 1.07 -34.86 45.63
N ASP I 282 0.11 -34.82 46.55
CA ASP I 282 0.36 -35.13 47.95
C ASP I 282 0.51 -36.63 48.10
N SER I 283 1.76 -37.09 48.10
CA SER I 283 2.07 -38.51 48.24
C SER I 283 1.83 -39.03 49.67
N ALA I 284 1.73 -38.12 50.64
CA ALA I 284 1.50 -38.49 52.04
C ALA I 284 0.08 -39.01 52.29
N LYS I 285 -0.91 -38.44 51.59
CA LYS I 285 -2.31 -38.86 51.75
C LYS I 285 -3.02 -39.19 50.42
N ASN I 286 -2.23 -39.48 49.38
CA ASN I 286 -2.76 -39.90 48.06
C ASN I 286 -3.85 -38.99 47.48
N ARG I 287 -3.53 -37.71 47.35
CA ARG I 287 -4.48 -36.74 46.84
C ARG I 287 -3.76 -35.68 46.01
N ARG I 288 -4.40 -35.27 44.92
CA ARG I 288 -3.95 -34.10 44.18
C ARG I 288 -4.59 -32.90 44.86
N ILE I 289 -3.76 -31.88 45.12
CA ILE I 289 -4.20 -30.67 45.83
C ILE I 289 -3.94 -29.42 44.99
N LEU I 290 -4.95 -28.55 44.92
CA LEU I 290 -4.96 -27.38 44.05
C LEU I 290 -4.77 -26.08 44.86
N TRP I 291 -3.80 -25.27 44.44
CA TRP I 291 -3.56 -23.95 45.04
C TRP I 291 -4.06 -22.88 44.09
N GLY I 292 -4.55 -21.77 44.62
CA GLY I 292 -5.10 -20.71 43.79
C GLY I 292 -4.94 -19.33 44.36
N TRP I 293 -4.53 -18.38 43.51
CA TRP I 293 -4.34 -16.98 43.91
C TRP I 293 -5.62 -16.18 43.68
N THR I 294 -6.11 -15.52 44.73
CA THR I 294 -7.25 -14.62 44.64
C THR I 294 -6.79 -13.22 45.01
N ASN I 295 -6.75 -12.34 44.01
CA ASN I 295 -6.34 -10.95 44.22
C ASN I 295 -7.45 -10.15 44.90
N GLU I 296 -7.13 -8.90 45.22
CA GLU I 296 -8.07 -8.02 45.91
C GLU I 296 -9.13 -7.52 44.95
N SER I 297 -10.35 -7.31 45.47
CA SER I 297 -11.41 -6.64 44.71
C SER I 297 -11.57 -5.19 45.16
N SER I 298 -10.69 -4.75 46.05
CA SER I 298 -10.63 -3.37 46.49
C SER I 298 -9.74 -2.56 45.54
N SER I 299 -9.86 -1.23 45.62
CA SER I 299 -9.06 -0.33 44.80
C SER I 299 -7.58 -0.45 45.13
N VAL I 300 -6.74 -0.01 44.21
CA VAL I 300 -5.29 0.02 44.43
C VAL I 300 -4.93 0.96 45.58
N GLU I 301 -5.69 2.03 45.76
CA GLU I 301 -5.48 2.98 46.86
C GLU I 301 -5.65 2.31 48.22
N ASP I 302 -6.68 1.48 48.35
CA ASP I 302 -6.91 0.71 49.57
C ASP I 302 -5.80 -0.33 49.79
N ASP I 303 -5.31 -0.93 48.72
CA ASP I 303 -4.19 -1.88 48.81
C ASP I 303 -2.94 -1.20 49.35
N VAL I 304 -2.58 -0.07 48.74
CA VAL I 304 -1.43 0.70 49.17
C VAL I 304 -1.59 1.13 50.63
N GLU I 305 -2.79 1.61 50.96
CA GLU I 305 -3.08 2.13 52.29
C GLU I 305 -3.00 1.03 53.35
N LYS I 306 -3.64 -0.11 53.10
CA LYS I 306 -3.67 -1.21 54.07
C LYS I 306 -2.35 -1.99 54.09
N GLY I 307 -1.54 -1.85 53.05
CA GLY I 307 -0.17 -2.36 53.02
C GLY I 307 -0.01 -3.82 52.62
N TRP I 308 -0.97 -4.34 51.87
CA TRP I 308 -0.87 -5.71 51.34
C TRP I 308 -1.89 -5.91 50.24
N SER I 309 -1.72 -6.98 49.47
CA SER I 309 -2.61 -7.30 48.37
C SER I 309 -2.46 -8.77 48.01
N GLY I 310 -3.56 -9.52 48.05
CA GLY I 310 -3.60 -10.89 47.54
C GLY I 310 -3.54 -11.98 48.60
N ILE I 311 -4.37 -13.00 48.42
CA ILE I 311 -4.39 -14.20 49.28
C ILE I 311 -4.36 -15.46 48.43
N GLN I 312 -4.13 -16.60 49.07
CA GLN I 312 -4.42 -17.88 48.44
C GLN I 312 -5.75 -18.36 49.00
N THR I 313 -6.49 -19.10 48.21
CA THR I 313 -7.68 -19.78 48.72
C THR I 313 -7.22 -20.95 49.61
N ILE I 314 -8.14 -21.50 50.39
CA ILE I 314 -7.84 -22.71 51.13
C ILE I 314 -7.59 -23.81 50.10
N PRO I 315 -6.43 -24.51 50.20
CA PRO I 315 -6.11 -25.56 49.25
C PRO I 315 -7.22 -26.58 49.13
N ARG I 316 -7.47 -27.05 47.92
CA ARG I 316 -8.54 -28.01 47.70
C ARG I 316 -8.07 -29.30 47.03
N LYS I 317 -8.50 -30.42 47.59
CA LYS I 317 -8.33 -31.72 46.97
C LYS I 317 -9.24 -31.75 45.75
N ILE I 318 -8.72 -32.19 44.61
CA ILE I 318 -9.54 -32.28 43.39
C ILE I 318 -9.49 -33.67 42.76
N TRP I 319 -10.54 -34.00 42.02
CA TRP I 319 -10.64 -35.29 41.35
C TRP I 319 -11.70 -35.25 40.25
N LEU I 320 -11.86 -36.36 39.53
CA LEU I 320 -12.83 -36.48 38.43
C LEU I 320 -14.17 -36.96 38.98
N ASP I 321 -15.26 -36.28 38.62
CA ASP I 321 -16.59 -36.67 39.10
C ASP I 321 -17.08 -37.90 38.35
N ARG I 322 -18.08 -38.57 38.92
CA ARG I 322 -18.61 -39.84 38.39
C ARG I 322 -18.81 -39.82 36.86
N SER I 323 -19.39 -38.75 36.35
CA SER I 323 -19.75 -38.65 34.93
C SER I 323 -18.57 -38.34 34.00
N GLY I 324 -17.43 -37.95 34.56
CA GLY I 324 -16.23 -37.69 33.76
C GLY I 324 -16.25 -36.39 32.98
N LYS I 325 -17.27 -35.57 33.19
CA LYS I 325 -17.48 -34.34 32.42
C LYS I 325 -16.90 -33.11 33.12
N GLN I 326 -16.55 -33.26 34.40
CA GLN I 326 -15.96 -32.16 35.17
C GLN I 326 -15.14 -32.66 36.35
N LEU I 327 -14.42 -31.73 36.96
CA LEU I 327 -13.65 -32.02 38.17
C LEU I 327 -14.45 -31.59 39.38
N ILE I 328 -14.19 -32.26 40.51
CA ILE I 328 -14.77 -31.90 41.80
C ILE I 328 -13.65 -31.33 42.65
N GLN I 329 -13.96 -30.28 43.40
CA GLN I 329 -13.00 -29.67 44.31
C GLN I 329 -13.63 -29.55 45.69
N TRP I 330 -12.83 -29.78 46.72
CA TRP I 330 -13.31 -29.68 48.09
C TRP I 330 -12.16 -29.18 48.94
N PRO I 331 -12.44 -28.25 49.87
CA PRO I 331 -11.38 -27.81 50.77
C PRO I 331 -10.74 -28.99 51.47
N VAL I 332 -9.42 -29.00 51.55
CA VAL I 332 -8.71 -30.07 52.24
C VAL I 332 -9.28 -30.20 53.65
N ARG I 333 -9.40 -31.44 54.12
CA ARG I 333 -10.12 -31.71 55.36
C ARG I 333 -9.42 -31.15 56.60
N GLU I 334 -8.13 -30.89 56.50
CA GLU I 334 -7.37 -30.28 57.61
C GLU I 334 -7.99 -28.96 58.07
N VAL I 335 -8.55 -28.20 57.14
CA VAL I 335 -9.23 -26.95 57.47
C VAL I 335 -10.33 -27.14 58.51
N GLU I 336 -10.98 -28.32 58.50
CA GLU I 336 -12.04 -28.63 59.46
C GLU I 336 -11.55 -28.71 60.91
N ARG I 337 -10.25 -28.89 61.11
CA ARG I 337 -9.67 -28.87 62.46
C ARG I 337 -9.80 -27.50 63.11
N LEU I 338 -9.88 -26.45 62.29
CA LEU I 338 -10.07 -25.08 62.80
C LEU I 338 -11.46 -24.86 63.37
N ARG I 339 -12.42 -25.71 62.98
CA ARG I 339 -13.81 -25.57 63.43
C ARG I 339 -13.89 -25.60 64.95
N THR I 340 -14.66 -24.66 65.49
CA THR I 340 -14.89 -24.62 66.92
C THR I 340 -15.61 -25.89 67.37
N LYS I 341 -15.34 -26.29 68.59
CA LYS I 341 -15.91 -27.51 69.18
C LYS I 341 -17.45 -27.50 69.14
N GLN I 342 -18.05 -26.37 69.50
CA GLN I 342 -19.50 -26.23 69.52
C GLN I 342 -20.04 -25.78 68.15
N VAL I 343 -20.77 -26.68 67.49
CA VAL I 343 -21.44 -26.36 66.22
C VAL I 343 -22.81 -25.72 66.47
N LYS I 344 -23.25 -24.87 65.55
CA LYS I 344 -24.60 -24.30 65.57
C LYS I 344 -25.48 -25.01 64.55
N ASN I 345 -26.50 -25.73 65.03
CA ASN I 345 -27.35 -26.54 64.17
C ASN I 345 -28.78 -26.02 64.04
N LEU I 346 -29.29 -26.03 62.81
CA LEU I 346 -30.70 -25.79 62.53
C LEU I 346 -31.18 -26.88 61.57
N ARG I 347 -32.24 -27.59 61.96
CA ARG I 347 -32.77 -28.66 61.14
C ARG I 347 -34.28 -28.53 60.94
N ASN I 348 -34.74 -28.97 59.77
CA ASN I 348 -36.17 -29.03 59.45
C ASN I 348 -36.92 -27.70 59.60
N LYS I 349 -36.26 -26.61 59.20
CA LYS I 349 -36.88 -25.29 59.19
C LYS I 349 -37.47 -25.01 57.81
N VAL I 350 -38.64 -24.37 57.78
CA VAL I 350 -39.28 -24.01 56.52
C VAL I 350 -39.14 -22.52 56.29
N LEU I 351 -38.47 -22.17 55.19
CA LEU I 351 -38.37 -20.78 54.75
C LEU I 351 -39.48 -20.50 53.75
N LYS I 352 -40.52 -19.79 54.19
CA LYS I 352 -41.60 -19.36 53.29
C LYS I 352 -41.07 -18.29 52.33
N SER I 353 -41.92 -17.88 51.39
CA SER I 353 -41.58 -16.84 50.44
C SER I 353 -41.23 -15.53 51.14
N GLY I 354 -40.06 -14.98 50.83
CA GLY I 354 -39.63 -13.68 51.36
C GLY I 354 -39.03 -13.72 52.75
N SER I 355 -38.77 -14.91 53.28
CA SER I 355 -38.29 -15.07 54.65
C SER I 355 -36.77 -15.24 54.76
N ARG I 356 -36.23 -14.83 55.89
CA ARG I 356 -34.85 -15.15 56.25
C ARG I 356 -34.77 -15.62 57.70
N LEU I 357 -33.72 -16.37 58.01
CA LEU I 357 -33.53 -16.94 59.33
C LEU I 357 -32.09 -16.71 59.76
N GLU I 358 -31.89 -15.99 60.86
CA GLU I 358 -30.55 -15.66 61.33
C GLU I 358 -29.94 -16.85 62.07
N VAL I 359 -28.67 -17.13 61.75
CA VAL I 359 -27.91 -18.17 62.42
C VAL I 359 -27.14 -17.54 63.58
N TYR I 360 -27.56 -17.82 64.81
CA TYR I 360 -26.99 -17.21 66.01
C TYR I 360 -25.82 -18.00 66.58
N GLY I 361 -25.03 -17.35 67.45
CA GLY I 361 -24.00 -18.01 68.24
C GLY I 361 -22.67 -18.26 67.56
N VAL I 362 -22.51 -17.77 66.33
CA VAL I 362 -21.30 -18.01 65.54
C VAL I 362 -20.51 -16.72 65.29
N THR I 363 -19.19 -16.83 65.12
CA THR I 363 -18.35 -15.71 64.71
C THR I 363 -18.52 -15.54 63.20
N ALA I 364 -19.46 -14.69 62.81
CA ALA I 364 -20.00 -14.67 61.45
C ALA I 364 -19.04 -14.11 60.38
N ALA I 365 -17.98 -13.42 60.81
CA ALA I 365 -16.93 -12.95 59.89
C ALA I 365 -15.75 -13.93 59.77
N GLN I 366 -15.86 -15.08 60.43
CA GLN I 366 -14.82 -16.11 60.38
C GLN I 366 -15.42 -17.48 60.67
N ALA I 367 -16.09 -18.05 59.67
CA ALA I 367 -16.91 -19.23 59.88
C ALA I 367 -16.93 -20.20 58.70
N ASP I 368 -17.27 -21.45 59.00
CA ASP I 368 -17.57 -22.44 57.99
C ASP I 368 -19.04 -22.81 58.16
N VAL I 369 -19.80 -22.78 57.07
CA VAL I 369 -21.22 -23.10 57.12
C VAL I 369 -21.61 -24.04 55.99
N GLU I 370 -22.15 -25.20 56.36
CA GLU I 370 -22.70 -26.16 55.41
C GLU I 370 -24.22 -26.19 55.56
N VAL I 371 -24.93 -26.40 54.45
CA VAL I 371 -26.39 -26.39 54.47
C VAL I 371 -26.98 -27.26 53.36
N LEU I 372 -28.04 -27.99 53.70
CA LEU I 372 -28.84 -28.74 52.74
C LEU I 372 -30.18 -28.03 52.55
N PHE I 373 -30.59 -27.87 51.30
CA PHE I 373 -31.90 -27.35 50.95
C PHE I 373 -32.70 -28.46 50.26
N LYS I 374 -34.00 -28.52 50.54
CA LYS I 374 -34.90 -29.41 49.80
C LYS I 374 -36.08 -28.60 49.26
N VAL I 375 -36.26 -28.65 47.94
CA VAL I 375 -37.43 -28.09 47.29
C VAL I 375 -38.53 -29.14 47.24
N ARG I 376 -39.78 -28.71 47.40
CA ARG I 376 -40.94 -29.61 47.44
C ARG I 376 -41.61 -29.71 46.07
N ASP I 377 -41.86 -28.54 45.46
CA ASP I 377 -42.58 -28.46 44.20
C ASP I 377 -41.64 -28.11 43.05
N LEU I 378 -40.97 -29.14 42.51
CA LEU I 378 -40.07 -28.95 41.37
C LEU I 378 -40.81 -28.58 40.09
N GLU I 379 -42.01 -29.14 39.91
CA GLU I 379 -42.82 -28.86 38.73
C GLU I 379 -43.29 -27.39 38.64
N LYS I 380 -43.24 -26.67 39.76
CA LYS I 380 -43.55 -25.22 39.75
C LYS I 380 -42.44 -24.35 39.15
N ALA I 381 -41.24 -24.92 38.98
CA ALA I 381 -40.07 -24.17 38.50
C ALA I 381 -40.29 -23.55 37.12
N ASP I 382 -39.70 -22.38 36.90
CA ASP I 382 -39.91 -21.63 35.65
C ASP I 382 -39.07 -22.23 34.53
N VAL I 383 -39.66 -22.26 33.32
CA VAL I 383 -38.94 -22.69 32.13
C VAL I 383 -37.89 -21.64 31.79
N ILE I 384 -36.62 -22.05 31.73
CA ILE I 384 -35.54 -21.12 31.42
C ILE I 384 -35.58 -20.70 29.94
N GLU I 385 -35.23 -19.44 29.69
CA GLU I 385 -35.08 -18.96 28.31
C GLU I 385 -33.93 -19.74 27.64
N PRO I 386 -34.14 -20.21 26.39
CA PRO I 386 -33.07 -20.91 25.69
C PRO I 386 -31.81 -20.05 25.48
N SER I 387 -32.00 -18.75 25.24
CA SER I 387 -30.89 -17.82 24.96
C SER I 387 -30.09 -17.43 26.20
N TRP I 388 -30.56 -17.82 27.38
CA TRP I 388 -29.82 -17.61 28.63
C TRP I 388 -28.80 -18.73 28.81
N THR I 389 -27.62 -18.53 28.24
CA THR I 389 -26.56 -19.52 28.26
C THR I 389 -25.39 -19.14 29.17
N ASP I 390 -25.32 -17.87 29.58
CA ASP I 390 -24.24 -17.38 30.45
C ASP I 390 -24.70 -17.26 31.90
N PRO I 391 -24.25 -18.17 32.78
CA PRO I 391 -24.74 -18.14 34.17
C PRO I 391 -24.43 -16.85 34.93
N GLN I 392 -23.26 -16.27 34.70
CA GLN I 392 -22.89 -15.02 35.37
C GLN I 392 -23.87 -13.90 35.03
N LEU I 393 -24.18 -13.75 33.75
CA LEU I 393 -25.06 -12.68 33.29
C LEU I 393 -26.51 -12.86 33.75
N ILE I 394 -26.91 -14.09 34.05
CA ILE I 394 -28.25 -14.34 34.59
C ILE I 394 -28.27 -13.77 36.00
N CYS I 395 -27.31 -14.17 36.82
CA CYS I 395 -27.17 -13.61 38.16
C CYS I 395 -27.07 -12.08 38.16
N SER I 396 -26.40 -11.52 37.15
CA SER I 396 -26.27 -10.07 37.02
C SER I 396 -27.60 -9.37 36.80
N LYS I 397 -28.48 -9.97 36.00
CA LYS I 397 -29.77 -9.35 35.65
C LYS I 397 -30.91 -9.79 36.55
N MET I 398 -30.84 -11.02 37.07
CA MET I 398 -31.78 -11.49 38.09
C MET I 398 -31.14 -11.38 39.49
N ASN I 399 -31.18 -10.18 40.06
CA ASN I 399 -30.69 -9.95 41.43
C ASN I 399 -31.65 -10.55 42.46
N VAL I 400 -31.22 -10.58 43.73
CA VAL I 400 -31.97 -11.25 44.81
C VAL I 400 -33.40 -10.75 44.98
N SER I 401 -33.66 -9.49 44.63
CA SER I 401 -35.00 -8.92 44.73
C SER I 401 -35.95 -9.37 43.61
N VAL I 402 -35.39 -9.98 42.56
CA VAL I 402 -36.19 -10.52 41.47
C VAL I 402 -36.60 -11.96 41.80
N LYS I 403 -37.89 -12.15 42.08
CA LYS I 403 -38.41 -13.45 42.48
C LYS I 403 -38.49 -14.41 41.29
N SER I 404 -38.33 -15.69 41.56
CA SER I 404 -38.65 -16.75 40.61
C SER I 404 -39.30 -17.91 41.36
N GLY I 405 -39.83 -18.88 40.62
CA GLY I 405 -40.54 -20.01 41.20
C GLY I 405 -39.78 -20.62 42.37
N LEU I 406 -38.65 -21.23 42.07
CA LEU I 406 -37.71 -21.71 43.07
C LEU I 406 -36.50 -20.79 43.07
N GLY I 407 -36.39 -19.96 44.10
CA GLY I 407 -35.23 -19.11 44.29
C GLY I 407 -35.56 -17.64 44.08
N PRO I 408 -34.68 -16.74 44.54
CA PRO I 408 -33.37 -17.00 45.14
C PRO I 408 -33.44 -17.48 46.58
N PHE I 409 -32.88 -18.65 46.83
CA PHE I 409 -32.71 -19.15 48.20
C PHE I 409 -31.26 -19.57 48.42
N GLY I 410 -30.72 -19.24 49.58
CA GLY I 410 -29.35 -19.58 49.91
C GLY I 410 -28.91 -19.03 51.24
N LEU I 411 -27.71 -18.44 51.27
CA LEU I 411 -27.17 -17.82 52.47
C LEU I 411 -26.92 -16.34 52.22
N MET I 412 -26.98 -15.55 53.28
CA MET I 412 -26.47 -14.19 53.26
C MET I 412 -25.34 -14.07 54.25
N VAL I 413 -24.12 -13.94 53.72
CA VAL I 413 -22.90 -13.91 54.54
C VAL I 413 -22.35 -12.49 54.67
N LEU I 414 -21.45 -12.31 55.64
CA LEU I 414 -20.87 -11.01 55.96
C LEU I 414 -21.95 -9.92 55.88
N ALA I 415 -23.04 -10.14 56.59
CA ALA I 415 -24.20 -9.24 56.57
C ALA I 415 -24.20 -8.35 57.80
N SER I 416 -24.61 -7.10 57.62
CA SER I 416 -24.79 -6.19 58.73
C SER I 416 -26.13 -6.52 59.37
N LYS I 417 -26.35 -6.05 60.59
CA LYS I 417 -27.54 -6.39 61.38
C LYS I 417 -28.82 -6.16 60.59
N ASN I 418 -28.94 -4.97 60.01
CA ASN I 418 -30.14 -4.56 59.29
C ASN I 418 -30.01 -4.76 57.77
N LEU I 419 -29.07 -5.62 57.37
CA LEU I 419 -28.79 -5.92 55.96
C LEU I 419 -28.53 -4.68 55.09
N GLU I 420 -27.82 -3.70 55.64
CA GLU I 420 -27.34 -2.55 54.86
C GLU I 420 -26.26 -3.05 53.90
N GLU I 421 -25.53 -4.06 54.36
CA GLU I 421 -24.54 -4.76 53.56
C GLU I 421 -24.78 -6.26 53.70
N TYR I 422 -24.58 -7.00 52.60
CA TYR I 422 -24.61 -8.46 52.63
C TYR I 422 -24.06 -9.05 51.33
N THR I 423 -23.63 -10.31 51.40
CA THR I 423 -23.22 -11.05 50.23
C THR I 423 -24.09 -12.30 50.12
N SER I 424 -24.80 -12.42 49.00
CA SER I 424 -25.75 -13.51 48.79
C SER I 424 -25.11 -14.64 48.00
N VAL I 425 -25.08 -15.83 48.58
CA VAL I 425 -24.73 -17.05 47.87
C VAL I 425 -26.01 -17.90 47.82
N TYR I 426 -26.59 -18.01 46.64
CA TYR I 426 -27.91 -18.60 46.51
C TYR I 426 -28.12 -19.39 45.23
N PHE I 427 -29.24 -20.10 45.19
CA PHE I 427 -29.63 -20.95 44.07
C PHE I 427 -30.89 -20.45 43.38
N ARG I 428 -30.98 -20.72 42.07
CA ARG I 428 -32.23 -20.62 41.32
C ARG I 428 -32.41 -21.93 40.55
N ILE I 429 -33.61 -22.50 40.62
CA ILE I 429 -33.92 -23.72 39.86
C ILE I 429 -34.87 -23.41 38.71
N PHE I 430 -34.44 -23.72 37.49
CA PHE I 430 -35.28 -23.58 36.32
C PHE I 430 -35.62 -24.95 35.76
N LYS I 431 -36.63 -24.98 34.89
CA LYS I 431 -36.98 -26.20 34.17
C LYS I 431 -36.27 -26.11 32.82
N ALA I 432 -35.60 -27.21 32.44
CA ALA I 432 -34.80 -27.25 31.22
C ALA I 432 -35.59 -26.82 29.98
N ARG I 433 -36.82 -27.30 29.90
CA ARG I 433 -37.67 -27.11 28.73
C ARG I 433 -39.13 -27.30 29.16
N GLN I 434 -40.06 -26.71 28.42
CA GLN I 434 -41.47 -26.74 28.82
C GLN I 434 -41.95 -28.19 28.97
N ASN I 435 -42.57 -28.47 30.13
CA ASN I 435 -43.05 -29.82 30.48
C ASN I 435 -41.98 -30.90 30.48
N SER I 436 -40.77 -30.54 30.90
CA SER I 436 -39.66 -31.50 30.98
C SER I 436 -39.50 -32.01 32.42
N ASN I 437 -38.69 -33.06 32.58
CA ASN I 437 -38.27 -33.53 33.90
C ASN I 437 -36.80 -33.18 34.16
N LYS I 438 -36.17 -32.48 33.20
CA LYS I 438 -34.82 -32.00 33.34
C LYS I 438 -34.84 -30.57 33.89
N TYR I 439 -33.87 -30.25 34.74
CA TYR I 439 -33.83 -28.95 35.44
C TYR I 439 -32.45 -28.30 35.35
N VAL I 440 -32.40 -26.98 35.56
CA VAL I 440 -31.17 -26.21 35.48
C VAL I 440 -30.94 -25.45 36.80
N VAL I 441 -29.91 -25.86 37.53
CA VAL I 441 -29.59 -25.27 38.84
C VAL I 441 -28.51 -24.19 38.70
N LEU I 442 -28.91 -22.93 38.94
CA LEU I 442 -27.99 -21.81 38.86
C LEU I 442 -27.47 -21.46 40.26
N MET I 443 -26.16 -21.26 40.36
CA MET I 443 -25.54 -20.82 41.60
C MET I 443 -25.01 -19.40 41.37
N CYS I 444 -25.36 -18.48 42.26
CA CYS I 444 -24.85 -17.10 42.19
C CYS I 444 -24.14 -16.71 43.48
N SER I 445 -23.07 -15.93 43.33
CA SER I 445 -22.46 -15.20 44.44
C SER I 445 -22.56 -13.72 44.12
N ASP I 446 -23.51 -13.04 44.76
CA ASP I 446 -23.85 -11.65 44.45
C ASP I 446 -23.26 -10.73 45.49
N GLN I 447 -22.30 -9.90 45.08
CA GLN I 447 -21.66 -8.96 46.01
C GLN I 447 -21.92 -7.52 45.60
N SER I 448 -23.10 -7.27 45.05
CA SER I 448 -23.53 -5.92 44.66
C SER I 448 -23.75 -5.02 45.86
N ARG I 449 -24.27 -5.59 46.95
CA ARG I 449 -24.49 -4.85 48.18
C ARG I 449 -23.57 -5.34 49.32
N SER I 450 -22.41 -5.87 48.94
CA SER I 450 -21.47 -6.44 49.90
C SER I 450 -20.75 -5.39 50.74
N SER I 451 -20.66 -4.17 50.22
CA SER I 451 -20.03 -3.06 50.93
C SER I 451 -20.63 -1.72 50.54
N LEU I 452 -20.72 -0.81 51.50
CA LEU I 452 -21.23 0.54 51.24
C LEU I 452 -20.24 1.40 50.47
N LYS I 453 -18.97 1.03 50.52
CA LYS I 453 -17.94 1.71 49.74
C LYS I 453 -18.03 1.23 48.28
N GLU I 454 -18.22 2.18 47.37
CA GLU I 454 -18.52 1.87 45.96
C GLU I 454 -17.26 1.63 45.14
N ASP I 455 -16.11 2.09 45.65
CA ASP I 455 -14.81 1.83 45.01
C ASP I 455 -14.57 0.34 44.77
N ASN I 456 -15.04 -0.49 45.69
CA ASN I 456 -14.80 -1.93 45.62
C ASN I 456 -15.39 -2.54 44.36
N ASP I 457 -14.66 -3.48 43.77
CA ASP I 457 -15.15 -4.23 42.62
C ASP I 457 -16.22 -5.18 43.14
N LYS I 458 -17.46 -4.93 42.72
CA LYS I 458 -18.61 -5.65 43.26
C LYS I 458 -19.31 -6.51 42.20
N THR I 459 -18.55 -6.94 41.19
CA THR I 459 -19.05 -7.86 40.18
C THR I 459 -19.68 -9.10 40.79
N THR I 460 -20.79 -9.55 40.21
CA THR I 460 -21.48 -10.76 40.64
C THR I 460 -20.99 -11.94 39.80
N TYR I 461 -20.90 -13.10 40.44
CA TYR I 461 -20.47 -14.33 39.79
C TYR I 461 -21.61 -15.34 39.73
N GLY I 462 -21.51 -16.29 38.81
CA GLY I 462 -22.53 -17.30 38.63
C GLY I 462 -22.02 -18.55 37.95
N ALA I 463 -22.65 -19.68 38.24
CA ALA I 463 -22.29 -20.94 37.62
C ALA I 463 -23.42 -21.96 37.67
N PHE I 464 -23.63 -22.69 36.57
CA PHE I 464 -24.57 -23.80 36.58
C PHE I 464 -23.96 -24.92 37.39
N VAL I 465 -24.80 -25.70 38.07
CA VAL I 465 -24.33 -26.80 38.91
C VAL I 465 -24.99 -28.09 38.46
N ASP I 466 -24.18 -29.10 38.17
CA ASP I 466 -24.68 -30.37 37.67
C ASP I 466 -25.13 -31.27 38.82
N ILE I 467 -26.32 -30.97 39.35
CA ILE I 467 -26.94 -31.80 40.39
C ILE I 467 -28.44 -31.96 40.11
N ASN I 468 -28.98 -33.08 40.56
CA ASN I 468 -30.41 -33.35 40.44
C ASN I 468 -31.14 -32.65 41.59
N PRO I 469 -32.03 -31.68 41.28
CA PRO I 469 -32.72 -30.97 42.35
C PRO I 469 -33.80 -31.79 43.06
N HIS I 470 -34.12 -32.97 42.53
CA HIS I 470 -34.97 -33.94 43.24
C HIS I 470 -34.32 -34.31 44.57
N GLN I 471 -33.01 -34.51 44.55
CA GLN I 471 -32.24 -34.74 45.76
C GLN I 471 -31.97 -33.39 46.43
N PRO I 472 -31.58 -33.40 47.72
CA PRO I 472 -31.31 -32.12 48.41
C PRO I 472 -30.09 -31.37 47.87
N LEU I 473 -30.14 -30.05 47.94
CA LEU I 473 -29.07 -29.20 47.39
C LEU I 473 -28.03 -28.81 48.46
N SER I 474 -26.79 -29.24 48.27
CA SER I 474 -25.69 -28.89 49.16
C SER I 474 -25.08 -27.51 48.85
N LEU I 475 -24.79 -26.77 49.92
CA LEU I 475 -24.07 -25.52 49.81
C LEU I 475 -23.15 -25.37 51.02
N ARG I 476 -21.87 -25.14 50.75
CA ARG I 476 -20.89 -24.80 51.79
C ARG I 476 -20.38 -23.40 51.52
N ALA I 477 -20.02 -22.68 52.58
CA ALA I 477 -19.40 -21.37 52.46
C ALA I 477 -18.32 -21.19 53.52
N LEU I 478 -17.08 -20.97 53.07
CA LEU I 478 -16.00 -20.57 53.96
C LEU I 478 -15.97 -19.05 54.00
N ILE I 479 -16.19 -18.50 55.18
CA ILE I 479 -16.23 -17.05 55.39
C ILE I 479 -15.00 -16.64 56.19
N ASP I 480 -14.31 -15.61 55.74
CA ASP I 480 -13.08 -15.16 56.39
C ASP I 480 -12.79 -13.67 56.13
N HIS I 481 -13.59 -12.81 56.75
CA HIS I 481 -13.41 -11.35 56.78
C HIS I 481 -13.56 -10.65 55.42
N SER I 482 -12.62 -10.86 54.51
CA SER I 482 -12.71 -10.27 53.18
C SER I 482 -12.75 -11.30 52.05
N VAL I 483 -12.88 -12.58 52.37
CA VAL I 483 -13.03 -13.62 51.35
C VAL I 483 -14.20 -14.55 51.67
N VAL I 484 -14.92 -14.94 50.62
CA VAL I 484 -15.97 -15.94 50.71
C VAL I 484 -15.73 -16.99 49.64
N GLU I 485 -15.59 -18.25 50.05
CA GLU I 485 -15.46 -19.38 49.12
C GLU I 485 -16.70 -20.25 49.22
N SER I 486 -17.49 -20.29 48.15
CA SER I 486 -18.76 -21.02 48.14
C SER I 486 -18.68 -22.25 47.25
N PHE I 487 -19.12 -23.39 47.80
CA PHE I 487 -19.12 -24.66 47.09
C PHE I 487 -20.54 -25.21 46.98
N GLY I 488 -21.06 -25.28 45.75
CA GLY I 488 -22.38 -25.85 45.47
C GLY I 488 -22.26 -27.27 44.95
N GLY I 489 -23.20 -28.12 45.35
CA GLY I 489 -23.22 -29.51 44.92
C GLY I 489 -21.99 -30.30 45.33
N LYS I 490 -21.58 -30.14 46.58
CA LYS I 490 -20.44 -30.88 47.13
C LYS I 490 -19.24 -30.74 46.19
N GLY I 491 -18.87 -29.48 45.90
CA GLY I 491 -17.68 -29.18 45.10
C GLY I 491 -17.82 -29.19 43.59
N ARG I 492 -19.06 -29.24 43.09
CA ARG I 492 -19.30 -29.23 41.64
C ARG I 492 -19.32 -27.82 41.05
N ALA I 493 -19.53 -26.83 41.91
CA ALA I 493 -19.53 -25.43 41.52
C ALA I 493 -18.84 -24.62 42.61
N CYS I 494 -17.69 -24.02 42.28
CA CYS I 494 -16.92 -23.19 43.23
C CYS I 494 -16.90 -21.72 42.79
N ILE I 495 -17.18 -20.82 43.74
CA ILE I 495 -17.15 -19.38 43.49
C ILE I 495 -16.45 -18.66 44.65
N THR I 496 -15.24 -18.17 44.40
CA THR I 496 -14.53 -17.35 45.37
C THR I 496 -14.82 -15.88 45.08
N SER I 497 -15.19 -15.12 46.11
CA SER I 497 -15.42 -13.69 45.99
C SER I 497 -14.64 -12.93 47.06
N ARG I 498 -14.33 -11.67 46.78
CA ARG I 498 -13.66 -10.79 47.72
C ARG I 498 -14.55 -9.56 47.98
N VAL I 499 -14.83 -9.30 49.25
CA VAL I 499 -15.70 -8.20 49.64
C VAL I 499 -15.09 -7.49 50.83
N TYR I 500 -15.47 -6.23 51.03
CA TYR I 500 -14.84 -5.35 52.01
C TYR I 500 -15.89 -4.49 52.72
N PRO I 501 -16.74 -5.12 53.55
CA PRO I 501 -17.83 -4.40 54.20
C PRO I 501 -17.35 -3.35 55.20
N LYS I 502 -18.15 -2.30 55.36
CA LYS I 502 -17.88 -1.25 56.34
C LYS I 502 -18.51 -1.56 57.70
N LEU I 503 -19.72 -2.12 57.67
CA LEU I 503 -20.45 -2.42 58.90
C LEU I 503 -20.25 -3.87 59.35
N ALA I 504 -20.32 -4.81 58.42
CA ALA I 504 -20.20 -6.24 58.75
C ALA I 504 -18.74 -6.64 59.00
N ILE I 505 -18.21 -6.22 60.14
CA ILE I 505 -16.84 -6.49 60.56
C ILE I 505 -16.81 -7.06 61.98
N GLY I 506 -16.08 -8.17 62.14
CA GLY I 506 -15.87 -8.77 63.46
C GLY I 506 -17.17 -9.21 64.11
N LYS I 507 -17.48 -8.59 65.25
CA LYS I 507 -18.70 -8.88 66.00
C LYS I 507 -19.98 -8.38 65.30
N SER I 508 -19.84 -7.40 64.41
CA SER I 508 -21.01 -6.77 63.78
C SER I 508 -21.48 -7.46 62.50
N SER I 509 -20.77 -8.50 62.07
CA SER I 509 -21.20 -9.29 60.92
C SER I 509 -22.24 -10.33 61.36
N HIS I 510 -23.16 -10.66 60.46
CA HIS I 510 -24.20 -11.64 60.73
C HIS I 510 -24.33 -12.63 59.57
N LEU I 511 -24.96 -13.77 59.85
CA LEU I 511 -25.17 -14.83 58.87
C LEU I 511 -26.65 -15.19 58.84
N PHE I 512 -27.24 -15.20 57.65
CA PHE I 512 -28.64 -15.57 57.48
C PHE I 512 -28.80 -16.65 56.40
N ALA I 513 -29.78 -17.52 56.60
CA ALA I 513 -30.35 -18.33 55.52
C ALA I 513 -31.54 -17.54 55.02
N PHE I 514 -31.90 -17.70 53.75
CA PHE I 514 -33.00 -16.92 53.17
C PHE I 514 -33.66 -17.58 51.96
N ASN I 515 -34.86 -17.09 51.65
CA ASN I 515 -35.64 -17.57 50.51
C ASN I 515 -36.58 -16.46 50.06
N TYR I 516 -36.29 -15.86 48.90
CA TYR I 516 -37.14 -14.83 48.33
C TYR I 516 -37.93 -15.32 47.10
N GLY I 517 -37.88 -16.62 46.83
CA GLY I 517 -38.67 -17.22 45.76
C GLY I 517 -40.15 -17.28 46.11
N TYR I 518 -40.97 -17.59 45.11
CA TYR I 518 -42.40 -17.73 45.31
C TYR I 518 -42.76 -19.00 46.10
N GLN I 519 -42.06 -20.09 45.82
CA GLN I 519 -42.27 -21.34 46.55
C GLN I 519 -41.43 -21.37 47.80
N SER I 520 -41.93 -22.06 48.83
CA SER I 520 -41.20 -22.19 50.09
C SER I 520 -40.22 -23.35 50.00
N VAL I 521 -39.07 -23.21 50.66
CA VAL I 521 -38.03 -24.22 50.64
C VAL I 521 -37.67 -24.66 52.06
N ASP I 522 -37.28 -25.91 52.19
CA ASP I 522 -36.92 -26.48 53.49
C ASP I 522 -35.41 -26.42 53.69
N VAL I 523 -35.00 -26.08 54.91
CA VAL I 523 -33.62 -26.24 55.34
C VAL I 523 -33.57 -27.55 56.11
N LEU I 524 -33.22 -28.63 55.41
CA LEU I 524 -33.12 -29.94 56.06
C LEU I 524 -32.12 -29.88 57.20
N ASN I 525 -30.94 -29.35 56.91
CA ASN I 525 -29.91 -29.20 57.93
C ASN I 525 -28.98 -28.04 57.58
N LEU I 526 -28.62 -27.27 58.61
CA LEU I 526 -27.63 -26.21 58.47
C LEU I 526 -26.68 -26.26 59.66
N ASN I 527 -25.40 -26.42 59.36
CA ASN I 527 -24.35 -26.43 60.38
C ASN I 527 -23.45 -25.22 60.21
N ALA I 528 -23.27 -24.45 61.28
CA ALA I 528 -22.39 -23.30 61.26
C ALA I 528 -21.32 -23.45 62.35
N TRP I 529 -20.06 -23.47 61.91
CA TRP I 529 -18.93 -23.55 62.82
C TRP I 529 -18.15 -22.23 62.81
N SER I 530 -17.90 -21.70 64.01
CA SER I 530 -16.93 -20.60 64.17
C SER I 530 -15.55 -21.18 63.92
N MET I 531 -14.75 -20.45 63.14
CA MET I 531 -13.42 -20.93 62.76
C MET I 531 -12.34 -20.26 63.58
N ASN I 532 -11.45 -21.08 64.14
CA ASN I 532 -10.28 -20.58 64.82
C ASN I 532 -9.30 -20.09 63.78
N SER I 533 -8.53 -19.08 64.15
CA SER I 533 -7.50 -18.56 63.28
C SER I 533 -6.38 -19.59 63.16
N ALA I 534 -5.74 -19.62 62.00
CA ALA I 534 -4.54 -20.43 61.83
C ALA I 534 -3.35 -19.55 62.19
N GLN I 535 -2.22 -20.16 62.52
CA GLN I 535 -0.98 -19.41 62.74
C GLN I 535 -0.22 -19.40 61.43
N ILE I 536 -0.26 -18.26 60.73
CA ILE I 536 0.19 -18.18 59.33
C ILE I 536 1.28 -17.13 59.07
N SER I 537 2.37 -17.60 58.48
CA SER I 537 3.51 -16.76 58.05
C SER I 537 3.35 -15.28 58.31
N ASN J 4 2.36 1.93 9.40
CA ASN J 4 1.06 2.30 10.04
C ASN J 4 0.64 1.29 11.11
N LEU J 5 1.63 0.78 11.87
CA LEU J 5 1.34 0.02 13.08
C LEU J 5 0.65 0.92 14.08
N VAL J 6 1.06 2.19 14.11
CA VAL J 6 0.46 3.19 14.98
C VAL J 6 -1.00 3.35 14.61
N GLU J 7 -1.23 3.51 13.32
CA GLU J 7 -2.55 3.75 12.79
C GLU J 7 -3.53 2.60 13.08
N THR J 8 -3.09 1.37 12.89
CA THR J 8 -3.93 0.22 13.17
C THR J 8 -4.07 -0.04 14.67
N THR J 9 -3.06 0.32 15.45
CA THR J 9 -3.15 0.24 16.91
C THR J 9 -4.15 1.26 17.45
N CYS J 10 -4.08 2.49 16.94
CA CYS J 10 -4.94 3.58 17.43
C CYS J 10 -6.39 3.41 17.01
N LYS J 11 -6.62 2.83 15.83
CA LYS J 11 -7.97 2.40 15.40
C LYS J 11 -8.72 1.68 16.52
N ASN J 12 -8.02 0.80 17.23
CA ASN J 12 -8.61 0.01 18.31
C ASN J 12 -8.41 0.61 19.69
N THR J 13 -8.73 1.89 19.82
CA THR J 13 -8.76 2.58 21.11
C THR J 13 -10.03 3.42 21.16
N PRO J 14 -10.42 3.90 22.36
CA PRO J 14 -11.60 4.78 22.46
C PRO J 14 -11.41 6.22 21.93
N ASN J 15 -10.19 6.57 21.50
CA ASN J 15 -9.91 7.90 20.99
C ASN J 15 -8.75 7.86 20.00
N TYR J 16 -9.10 7.71 18.73
CA TYR J 16 -8.11 7.60 17.66
C TYR J 16 -7.14 8.77 17.58
N GLN J 17 -7.66 10.00 17.55
CA GLN J 17 -6.83 11.19 17.38
C GLN J 17 -5.87 11.38 18.55
N LEU J 18 -6.40 11.28 19.77
CA LEU J 18 -5.59 11.40 20.98
C LEU J 18 -4.44 10.40 20.97
N CYS J 19 -4.77 9.16 20.62
CA CYS J 19 -3.78 8.10 20.50
C CYS J 19 -2.71 8.49 19.49
N LEU J 20 -3.16 9.12 18.41
CA LEU J 20 -2.25 9.57 17.34
C LEU J 20 -1.35 10.71 17.82
N LYS J 21 -1.94 11.77 18.40
CA LYS J 21 -1.18 12.88 18.98
C LYS J 21 -0.06 12.35 19.86
N THR J 22 -0.46 11.53 20.82
CA THR J 22 0.45 11.04 21.85
C THR J 22 1.60 10.23 21.28
N LEU J 23 1.28 9.23 20.48
CA LEU J 23 2.30 8.31 19.95
C LEU J 23 3.27 8.98 18.98
N LEU J 24 2.77 9.90 18.15
CA LEU J 24 3.62 10.62 17.18
C LEU J 24 4.47 11.72 17.82
N SER J 25 4.21 12.06 19.08
CA SER J 25 5.05 13.01 19.81
C SER J 25 6.30 12.36 20.39
N ASP J 26 6.38 11.03 20.25
CA ASP J 26 7.53 10.26 20.71
C ASP J 26 8.18 9.57 19.51
N LYS J 27 9.46 9.83 19.29
CA LYS J 27 10.20 9.26 18.17
C LYS J 27 10.30 7.72 18.26
N ARG J 28 10.17 7.16 19.46
CA ARG J 28 10.17 5.69 19.64
C ARG J 28 9.09 4.98 18.80
N SER J 29 8.00 5.68 18.52
CA SER J 29 6.88 5.12 17.76
C SER J 29 7.17 4.90 16.27
N ALA J 30 8.21 5.54 15.74
CA ALA J 30 8.55 5.41 14.32
C ALA J 30 8.84 3.96 13.95
N THR J 31 9.63 3.28 14.77
CA THR J 31 9.96 1.86 14.56
C THR J 31 9.54 0.95 15.73
N GLY J 32 8.93 1.53 16.76
CA GLY J 32 8.56 0.76 17.96
C GLY J 32 7.46 -0.24 17.71
N ASP J 33 7.42 -1.30 18.52
CA ASP J 33 6.35 -2.30 18.48
C ASP J 33 5.25 -1.95 19.49
N ILE J 34 4.21 -2.79 19.58
CA ILE J 34 3.04 -2.46 20.40
C ILE J 34 3.40 -2.26 21.87
N THR J 35 4.39 -2.99 22.36
CA THR J 35 4.89 -2.79 23.73
C THR J 35 5.51 -1.40 23.86
N THR J 36 6.30 -0.99 22.88
CA THR J 36 6.89 0.35 22.89
C THR J 36 5.79 1.40 22.82
N LEU J 37 4.77 1.16 22.01
CA LEU J 37 3.66 2.10 21.89
C LEU J 37 2.92 2.23 23.24
N ALA J 38 2.75 1.12 23.94
CA ALA J 38 2.18 1.12 25.29
C ALA J 38 3.04 1.88 26.31
N LEU J 39 4.37 1.72 26.22
CA LEU J 39 5.31 2.46 27.07
C LEU J 39 5.25 3.96 26.86
N ILE J 40 5.01 4.38 25.63
CA ILE J 40 4.88 5.80 25.30
C ILE J 40 3.62 6.34 25.97
N MET J 41 2.55 5.56 25.91
CA MET J 41 1.26 5.97 26.48
C MET J 41 1.30 6.06 28.02
N VAL J 42 2.16 5.27 28.64
CA VAL J 42 2.42 5.36 30.08
C VAL J 42 3.18 6.65 30.42
N ASP J 43 4.15 7.01 29.57
CA ASP J 43 4.87 8.28 29.69
C ASP J 43 3.94 9.49 29.54
N ALA J 44 2.92 9.33 28.71
CA ALA J 44 1.91 10.37 28.49
C ALA J 44 1.08 10.60 29.73
N ILE J 45 0.70 9.52 30.40
CA ILE J 45 -0.13 9.58 31.62
C ILE J 45 0.70 10.14 32.78
N LYS J 46 1.98 9.74 32.84
CA LYS J 46 2.89 10.24 33.86
C LYS J 46 3.06 11.74 33.76
N ALA J 47 3.16 12.24 32.54
CA ALA J 47 3.35 13.67 32.28
C ALA J 47 2.18 14.52 32.78
N LYS J 48 0.96 14.01 32.60
CA LYS J 48 -0.26 14.71 33.05
C LYS J 48 -0.49 14.54 34.55
N ALA J 49 -0.23 13.33 35.04
CA ALA J 49 -0.36 13.01 36.45
C ALA J 49 0.63 13.83 37.30
N ASN J 50 1.83 14.04 36.77
CA ASN J 50 2.81 14.91 37.44
C ASN J 50 2.26 16.33 37.61
N GLN J 51 1.61 16.83 36.57
CA GLN J 51 1.01 18.17 36.59
C GLN J 51 -0.17 18.26 37.55
N ALA J 52 -1.02 17.24 37.57
CA ALA J 52 -2.15 17.19 38.50
C ALA J 52 -1.64 17.16 39.93
N ALA J 53 -0.64 16.32 40.18
CA ALA J 53 0.03 16.24 41.47
C ALA J 53 0.46 17.61 41.98
N VAL J 54 1.24 18.32 41.16
CA VAL J 54 1.79 19.63 41.54
C VAL J 54 0.69 20.68 41.73
N THR J 55 -0.30 20.67 40.85
CA THR J 55 -1.44 21.59 40.93
C THR J 55 -2.33 21.33 42.15
N ILE J 56 -2.43 20.07 42.56
CA ILE J 56 -3.14 19.71 43.78
C ILE J 56 -2.40 20.19 45.02
N SER J 57 -1.07 20.11 44.99
CA SER J 57 -0.25 20.55 46.11
C SER J 57 -0.40 22.06 46.33
N LYS J 58 -0.35 22.82 45.24
CA LYS J 58 -0.58 24.28 45.30
C LYS J 58 -1.84 24.62 46.06
N LEU J 59 -2.96 24.08 45.61
CA LEU J 59 -4.28 24.41 46.15
C LEU J 59 -4.41 24.02 47.63
N ARG J 60 -3.77 22.93 48.03
CA ARG J 60 -3.73 22.51 49.43
C ARG J 60 -2.90 23.48 50.28
N HIS J 61 -1.74 23.89 49.76
CA HIS J 61 -0.92 24.91 50.41
C HIS J 61 -1.39 26.33 50.05
N SER J 62 -2.71 26.55 50.00
CA SER J 62 -3.28 27.86 49.64
C SER J 62 -4.68 28.12 50.21
N ASN J 63 -4.94 27.62 51.41
CA ASN J 63 -6.22 27.84 52.10
C ASN J 63 -7.43 27.50 51.22
N PRO J 64 -7.64 26.20 50.93
CA PRO J 64 -8.78 25.79 50.11
C PRO J 64 -10.11 25.85 50.87
N PRO J 65 -11.22 26.17 50.15
CA PRO J 65 -12.58 26.14 50.69
C PRO J 65 -12.94 24.81 51.35
N ALA J 66 -13.81 24.86 52.35
CA ALA J 66 -14.24 23.67 53.08
C ALA J 66 -14.58 22.52 52.13
N ALA J 67 -15.31 22.83 51.06
CA ALA J 67 -15.77 21.84 50.09
C ALA J 67 -14.66 21.27 49.19
N TRP J 68 -13.44 21.79 49.33
CA TRP J 68 -12.29 21.33 48.54
C TRP J 68 -11.31 20.50 49.36
N LYS J 69 -11.18 20.78 50.65
CA LYS J 69 -10.21 20.09 51.50
C LYS J 69 -10.29 18.56 51.32
N GLY J 70 -11.50 18.03 51.44
CA GLY J 70 -11.73 16.58 51.34
C GLY J 70 -11.35 16.00 49.99
N PRO J 71 -11.90 16.56 48.89
CA PRO J 71 -11.50 16.20 47.53
C PRO J 71 -10.00 16.35 47.27
N LEU J 72 -9.41 17.45 47.71
CA LEU J 72 -7.99 17.71 47.48
C LEU J 72 -7.11 16.64 48.10
N LYS J 73 -7.35 16.29 49.36
CA LYS J 73 -6.51 15.27 50.03
C LYS J 73 -6.67 13.91 49.35
N ASN J 74 -7.90 13.57 48.97
CA ASN J 74 -8.20 12.32 48.25
C ASN J 74 -7.55 12.26 46.86
N CYS J 75 -7.54 13.40 46.17
CA CYS J 75 -6.91 13.52 44.86
C CYS J 75 -5.39 13.40 44.96
N ALA J 76 -4.79 14.04 45.94
CA ALA J 76 -3.35 13.93 46.18
C ALA J 76 -2.94 12.46 46.31
N PHE J 77 -3.68 11.71 47.13
CA PHE J 77 -3.39 10.28 47.33
C PHE J 77 -3.63 9.46 46.05
N SER J 78 -4.65 9.82 45.28
CA SER J 78 -4.91 9.13 44.02
C SER J 78 -3.73 9.28 43.07
N TYR J 79 -3.23 10.50 42.95
CA TYR J 79 -2.07 10.77 42.10
C TYR J 79 -0.75 10.29 42.71
N LYS J 80 -0.65 10.26 44.03
CA LYS J 80 0.51 9.67 44.68
C LYS J 80 0.59 8.17 44.33
N VAL J 81 -0.54 7.48 44.37
CA VAL J 81 -0.58 6.04 44.05
C VAL J 81 -0.34 5.77 42.56
N ILE J 82 -0.89 6.62 41.69
CA ILE J 82 -0.65 6.50 40.26
C ILE J 82 0.84 6.67 39.95
N LEU J 83 1.45 7.70 40.51
CA LEU J 83 2.86 8.02 40.23
C LEU J 83 3.85 7.10 40.95
N THR J 84 3.51 6.69 42.17
CA THR J 84 4.40 5.85 42.97
C THR J 84 4.18 4.34 42.75
N ALA J 85 2.96 3.94 42.44
CA ALA J 85 2.63 2.51 42.30
C ALA J 85 2.26 2.10 40.88
N SER J 86 1.15 2.64 40.37
CA SER J 86 0.54 2.14 39.13
C SER J 86 1.43 2.25 37.91
N LEU J 87 1.93 3.46 37.63
CA LEU J 87 2.72 3.68 36.41
C LEU J 87 4.08 2.97 36.42
N PRO J 88 4.80 3.00 37.56
CA PRO J 88 6.03 2.20 37.63
C PRO J 88 5.77 0.70 37.49
N GLU J 89 4.65 0.23 38.02
CA GLU J 89 4.22 -1.17 37.81
C GLU J 89 4.03 -1.45 36.32
N ALA J 90 3.36 -0.53 35.62
CA ALA J 90 3.08 -0.71 34.19
C ALA J 90 4.37 -0.79 33.37
N ILE J 91 5.31 0.09 33.66
CA ILE J 91 6.60 0.11 32.97
C ILE J 91 7.34 -1.21 33.19
N GLU J 92 7.32 -1.70 34.42
CA GLU J 92 7.94 -3.00 34.72
C GLU J 92 7.21 -4.15 34.01
N ALA J 93 5.88 -4.13 34.05
CA ALA J 93 5.07 -5.16 33.38
C ALA J 93 5.33 -5.20 31.87
N LEU J 94 5.30 -4.03 31.25
CA LEU J 94 5.50 -3.94 29.80
C LEU J 94 6.92 -4.32 29.40
N THR J 95 7.91 -3.80 30.12
CA THR J 95 9.32 -4.07 29.81
C THR J 95 9.68 -5.55 29.98
N LYS J 96 9.16 -6.18 31.04
CA LYS J 96 9.51 -7.55 31.38
C LYS J 96 8.55 -8.59 30.80
N GLY J 97 7.34 -8.16 30.40
CA GLY J 97 6.43 -9.00 29.62
C GLY J 97 5.35 -9.70 30.42
N ASP J 98 4.62 -8.94 31.22
CA ASP J 98 3.42 -9.43 31.89
C ASP J 98 2.32 -8.38 31.75
N PRO J 99 1.69 -8.31 30.56
CA PRO J 99 0.82 -7.19 30.19
C PRO J 99 -0.37 -6.92 31.11
N LYS J 100 -0.92 -7.96 31.77
CA LYS J 100 -2.13 -7.78 32.57
C LYS J 100 -1.91 -6.88 33.79
N PHE J 101 -0.68 -6.82 34.28
CA PHE J 101 -0.37 -5.94 35.39
C PHE J 101 -0.21 -4.49 34.92
N ALA J 102 0.18 -4.32 33.66
CA ALA J 102 0.16 -3.01 33.00
C ALA J 102 -1.29 -2.55 32.83
N GLU J 103 -2.12 -3.47 32.36
CA GLU J 103 -3.56 -3.23 32.26
C GLU J 103 -4.18 -2.78 33.58
N ASP J 104 -3.80 -3.42 34.69
CA ASP J 104 -4.29 -3.04 36.02
C ASP J 104 -3.94 -1.58 36.34
N GLY J 105 -2.70 -1.20 36.10
CA GLY J 105 -2.25 0.17 36.29
C GLY J 105 -3.10 1.18 35.52
N MET J 106 -3.41 0.84 34.28
CA MET J 106 -4.16 1.73 33.40
C MET J 106 -5.63 1.86 33.82
N VAL J 107 -6.24 0.74 34.23
CA VAL J 107 -7.61 0.75 34.76
C VAL J 107 -7.66 1.58 36.04
N GLY J 108 -6.67 1.37 36.91
CA GLY J 108 -6.58 2.12 38.15
C GLY J 108 -6.56 3.62 37.93
N SER J 109 -5.62 4.08 37.11
CA SER J 109 -5.43 5.51 36.88
C SER J 109 -6.58 6.12 36.07
N SER J 110 -7.26 5.27 35.28
CA SER J 110 -8.42 5.70 34.52
C SER J 110 -9.60 6.04 35.43
N GLY J 111 -9.76 5.23 36.49
CA GLY J 111 -10.84 5.41 37.45
C GLY J 111 -10.55 6.49 38.48
N ASP J 112 -9.30 6.54 38.97
CA ASP J 112 -8.86 7.60 39.89
C ASP J 112 -9.11 8.98 39.27
N ALA J 113 -8.61 9.19 38.05
CA ALA J 113 -8.80 10.47 37.36
C ALA J 113 -10.26 10.90 37.34
N GLN J 114 -11.14 9.96 37.02
CA GLN J 114 -12.59 10.20 37.05
C GLN J 114 -13.13 10.40 38.47
N GLU J 115 -12.66 9.56 39.39
CA GLU J 115 -12.99 9.64 40.81
C GLU J 115 -12.61 11.02 41.34
N CYS J 116 -11.34 11.38 41.18
CA CYS J 116 -10.80 12.65 41.67
C CYS J 116 -11.60 13.84 41.11
N GLU J 117 -11.93 13.78 39.83
CA GLU J 117 -12.71 14.84 39.19
C GLU J 117 -14.13 14.92 39.77
N GLU J 118 -14.78 13.77 39.92
CA GLU J 118 -16.18 13.74 40.37
C GLU J 118 -16.37 14.19 41.83
N TYR J 119 -15.32 14.14 42.65
CA TYR J 119 -15.39 14.67 44.01
C TYR J 119 -15.92 16.11 44.01
N PHE J 120 -15.51 16.89 43.02
CA PHE J 120 -15.89 18.29 42.94
C PHE J 120 -17.35 18.46 42.56
N LYS J 121 -18.13 19.07 43.46
CA LYS J 121 -19.53 19.44 43.20
C LYS J 121 -19.56 20.81 42.53
N GLY J 122 -20.58 21.05 41.73
CA GLY J 122 -20.55 22.13 40.73
C GLY J 122 -20.00 21.50 39.46
N SER J 123 -18.99 20.64 39.65
CA SER J 123 -18.57 19.60 38.68
C SER J 123 -17.59 20.11 37.62
N LYS J 124 -16.72 21.03 38.03
CA LYS J 124 -15.53 21.39 37.25
C LYS J 124 -14.42 21.81 38.22
N SER J 125 -13.43 20.94 38.35
CA SER J 125 -12.33 21.17 39.29
C SER J 125 -11.41 22.28 38.75
N PRO J 126 -10.49 22.77 39.61
CA PRO J 126 -9.46 23.71 39.14
C PRO J 126 -8.45 23.08 38.18
N PHE J 127 -8.47 21.75 38.03
CA PHE J 127 -7.57 21.02 37.14
C PHE J 127 -8.33 19.92 36.38
N SER J 128 -9.50 20.28 35.85
CA SER J 128 -10.37 19.32 35.17
C SER J 128 -9.76 18.78 33.88
N ALA J 129 -9.10 19.65 33.12
CA ALA J 129 -8.42 19.24 31.89
C ALA J 129 -7.37 18.17 32.15
N LEU J 130 -6.69 18.27 33.29
CA LEU J 130 -5.68 17.29 33.66
C LEU J 130 -6.31 15.94 34.02
N ASN J 131 -7.37 15.95 34.82
CA ASN J 131 -8.10 14.72 35.17
C ASN J 131 -8.64 14.02 33.91
N ILE J 132 -9.25 14.81 33.02
CA ILE J 132 -9.77 14.30 31.76
C ILE J 132 -8.67 13.70 30.89
N ALA J 133 -7.54 14.40 30.81
CA ALA J 133 -6.39 13.93 30.05
C ALA J 133 -5.86 12.62 30.60
N VAL J 134 -5.71 12.54 31.92
CA VAL J 134 -5.22 11.32 32.56
C VAL J 134 -6.24 10.19 32.40
N HIS J 135 -7.52 10.52 32.45
CA HIS J 135 -8.58 9.54 32.29
C HIS J 135 -8.64 9.00 30.85
N GLU J 136 -8.53 9.90 29.88
CA GLU J 136 -8.65 9.54 28.47
C GLU J 136 -7.41 8.82 27.93
N LEU J 137 -6.22 9.27 28.36
CA LEU J 137 -4.96 8.63 27.99
C LEU J 137 -4.87 7.23 28.60
N SER J 138 -5.40 7.08 29.81
CA SER J 138 -5.40 5.79 30.50
C SER J 138 -6.30 4.78 29.79
N ASP J 139 -7.42 5.22 29.25
CA ASP J 139 -8.31 4.35 28.48
C ASP J 139 -7.72 3.94 27.13
N VAL J 140 -7.01 4.87 26.48
CA VAL J 140 -6.30 4.56 25.25
C VAL J 140 -5.24 3.50 25.54
N GLY J 141 -4.47 3.73 26.60
CA GLY J 141 -3.44 2.79 27.04
C GLY J 141 -3.94 1.40 27.34
N ARG J 142 -5.12 1.30 27.98
CA ARG J 142 -5.74 -0.01 28.26
C ARG J 142 -6.00 -0.77 26.98
N ALA J 143 -6.61 -0.10 26.02
CA ALA J 143 -6.91 -0.68 24.71
C ALA J 143 -5.64 -1.11 23.98
N ILE J 144 -4.57 -0.33 24.08
CA ILE J 144 -3.31 -0.71 23.45
C ILE J 144 -2.75 -1.99 24.09
N VAL J 145 -2.84 -2.06 25.42
CA VAL J 145 -2.31 -3.20 26.17
C VAL J 145 -3.17 -4.46 26.00
N ARG J 146 -4.46 -4.29 25.70
CA ARG J 146 -5.33 -5.44 25.34
C ARG J 146 -4.66 -6.30 24.28
N ASN J 147 -4.11 -5.67 23.24
CA ASN J 147 -3.41 -6.34 22.15
C ASN J 147 -2.29 -7.30 22.57
N LEU J 148 -1.68 -7.04 23.72
CA LEU J 148 -0.56 -7.86 24.22
C LEU J 148 -1.00 -9.08 25.03
N LEU J 149 -2.29 -9.15 25.35
CA LEU J 149 -2.82 -10.26 26.14
C LEU J 149 -3.04 -11.49 25.26
N ASN K 1 19.13 16.50 67.26
CA ASN K 1 18.20 15.83 66.30
C ASN K 1 18.71 15.91 64.87
N GLN K 2 18.95 17.13 64.39
CA GLN K 2 19.59 17.37 63.09
C GLN K 2 20.77 18.32 63.31
N PRO K 3 21.82 17.84 64.00
CA PRO K 3 22.94 18.68 64.39
C PRO K 3 23.76 19.27 63.24
N TYR K 4 23.62 18.69 62.04
CA TYR K 4 24.44 19.08 60.90
C TYR K 4 23.72 19.91 59.84
N ARG K 5 22.42 20.16 60.04
CA ARG K 5 21.68 21.07 59.18
C ARG K 5 22.13 22.50 59.47
N THR K 6 22.23 23.31 58.43
CA THR K 6 22.79 24.66 58.56
C THR K 6 21.73 25.65 59.01
N GLY K 7 22.16 26.70 59.68
CA GLY K 7 21.28 27.76 60.14
C GLY K 7 21.03 28.86 59.11
N PHE K 8 22.00 29.14 58.25
CA PHE K 8 21.85 30.23 57.26
C PHE K 8 22.27 29.90 55.82
N HIS K 9 22.68 28.66 55.55
CA HIS K 9 22.94 28.26 54.16
C HIS K 9 21.67 27.75 53.49
N PHE K 10 21.61 27.90 52.18
CA PHE K 10 20.46 27.42 51.43
C PHE K 10 20.47 25.90 51.33
N GLN K 11 19.36 25.29 51.72
CA GLN K 11 19.14 23.86 51.55
C GLN K 11 17.66 23.57 51.74
N PRO K 12 17.12 22.56 51.02
CA PRO K 12 15.68 22.27 51.15
C PRO K 12 15.32 21.65 52.49
N PRO K 13 14.01 21.57 52.80
CA PRO K 13 13.57 20.95 54.06
C PRO K 13 14.04 19.49 54.21
N LYS K 14 14.15 18.78 53.10
CA LYS K 14 14.64 17.41 53.10
C LYS K 14 15.19 17.02 51.72
N ASN K 15 15.74 15.80 51.66
CA ASN K 15 16.10 15.15 50.41
C ASN K 15 17.35 15.68 49.71
N TRP K 16 17.69 15.02 48.60
CA TRP K 16 18.87 15.35 47.81
C TRP K 16 18.71 16.64 47.00
N MET K 17 19.75 17.47 47.06
CA MET K 17 19.90 18.61 46.14
C MET K 17 21.29 18.59 45.51
N ASN K 18 21.38 18.93 44.23
CA ASN K 18 22.68 19.29 43.62
C ASN K 18 22.64 20.67 42.93
N ASP K 19 23.02 20.75 41.65
CA ASP K 19 23.29 22.03 40.98
C ASP K 19 22.28 23.14 41.22
N PRO K 20 22.77 24.37 41.40
CA PRO K 20 21.88 25.53 41.32
C PRO K 20 21.52 25.78 39.86
N ASN K 21 20.22 25.96 39.59
CA ASN K 21 19.73 26.16 38.22
C ASN K 21 19.02 27.50 38.10
N GLY K 22 19.31 28.20 37.00
CA GLY K 22 18.55 29.38 36.61
C GLY K 22 18.51 30.49 37.64
N PRO K 23 19.66 30.81 38.26
CA PRO K 23 19.64 31.98 39.12
C PRO K 23 19.35 33.23 38.29
N MET K 24 18.47 34.09 38.80
CA MET K 24 18.08 35.29 38.09
C MET K 24 17.49 36.34 39.01
N ILE K 25 17.31 37.53 38.46
CA ILE K 25 16.55 38.60 39.09
C ILE K 25 15.40 38.98 38.14
N TYR K 26 14.21 39.20 38.71
CA TYR K 26 13.08 39.68 37.94
C TYR K 26 12.08 40.39 38.86
N LYS K 27 11.70 41.62 38.47
CA LYS K 27 10.84 42.49 39.26
C LYS K 27 11.32 42.67 40.69
N GLY K 28 12.63 42.81 40.86
CA GLY K 28 13.24 43.04 42.17
C GLY K 28 13.31 41.85 43.08
N ILE K 29 13.00 40.66 42.55
CA ILE K 29 12.99 39.43 43.34
C ILE K 29 14.01 38.45 42.77
N TYR K 30 14.84 37.89 43.65
CA TYR K 30 15.86 36.92 43.24
C TYR K 30 15.27 35.51 43.23
N HIS K 31 15.63 34.73 42.21
CA HIS K 31 15.19 33.35 42.07
C HIS K 31 16.36 32.38 42.11
N LEU K 32 16.21 31.32 42.90
CA LEU K 32 17.11 30.16 42.83
C LEU K 32 16.25 28.93 42.55
N PHE K 33 16.48 28.30 41.40
CA PHE K 33 15.99 26.94 41.19
C PHE K 33 17.18 26.03 41.46
N TYR K 34 16.90 24.77 41.73
CA TYR K 34 17.95 23.79 41.97
C TYR K 34 17.52 22.37 41.61
N GLN K 35 18.50 21.54 41.31
CA GLN K 35 18.27 20.13 41.03
C GLN K 35 17.90 19.43 42.33
N TRP K 36 16.70 18.84 42.36
CA TRP K 36 16.14 18.23 43.59
C TRP K 36 15.50 16.86 43.33
N ASN K 37 15.80 15.89 44.18
CA ASN K 37 15.13 14.58 44.17
C ASN K 37 13.94 14.62 45.12
N PRO K 38 12.71 14.53 44.57
CA PRO K 38 11.53 14.66 45.45
C PRO K 38 11.29 13.50 46.41
N LYS K 39 11.92 12.34 46.22
CA LYS K 39 11.68 11.20 47.10
C LYS K 39 12.93 10.39 47.47
N GLY K 40 14.03 11.08 47.76
CA GLY K 40 15.25 10.42 48.20
C GLY K 40 16.36 11.36 48.63
N ALA K 41 17.34 10.82 49.33
CA ALA K 41 18.52 11.58 49.76
C ALA K 41 19.75 11.25 48.91
N VAL K 42 19.53 10.60 47.77
CA VAL K 42 20.57 10.40 46.77
C VAL K 42 20.07 10.98 45.45
N TRP K 43 21.00 11.28 44.54
CA TRP K 43 20.62 11.80 43.21
C TRP K 43 19.63 10.87 42.52
N GLY K 44 18.66 11.46 41.83
CA GLY K 44 17.63 10.70 41.09
C GLY K 44 16.32 11.46 40.98
N ASN K 45 15.48 11.06 40.04
CA ASN K 45 14.14 11.65 39.85
C ASN K 45 14.19 13.17 39.79
N ILE K 46 15.23 13.70 39.16
CA ILE K 46 15.63 15.08 39.33
C ILE K 46 14.59 16.06 38.75
N VAL K 47 14.26 17.08 39.53
CA VAL K 47 13.38 18.17 39.11
C VAL K 47 13.96 19.51 39.56
N TRP K 48 13.49 20.59 38.94
CA TRP K 48 13.85 21.94 39.33
C TRP K 48 12.96 22.39 40.48
N ALA K 49 13.48 22.37 41.70
CA ALA K 49 12.79 22.99 42.82
C ALA K 49 13.02 24.49 42.69
N HIS K 50 12.32 25.30 43.49
CA HIS K 50 12.28 26.75 43.28
C HIS K 50 12.07 27.53 44.57
N SER K 51 12.93 28.52 44.80
CA SER K 51 12.75 29.45 45.92
C SER K 51 12.99 30.89 45.47
N THR K 52 12.42 31.84 46.21
CA THR K 52 12.58 33.27 45.91
C THR K 52 13.03 34.07 47.13
N SER K 53 13.61 35.25 46.87
CA SER K 53 14.16 36.08 47.92
C SER K 53 14.37 37.54 47.46
N THR K 54 14.39 38.45 48.43
CA THR K 54 14.71 39.86 48.18
C THR K 54 16.12 40.24 48.65
N ASP K 55 16.80 39.34 49.36
CA ASP K 55 18.11 39.63 49.96
C ASP K 55 19.19 38.55 49.73
N LEU K 56 18.84 37.48 49.00
CA LEU K 56 19.74 36.34 48.72
C LEU K 56 20.11 35.51 49.97
N ILE K 57 19.34 35.67 51.05
CA ILE K 57 19.67 35.02 52.32
C ILE K 57 18.45 34.32 52.94
N ASN K 58 17.31 35.00 52.93
CA ASN K 58 16.06 34.43 53.40
C ASN K 58 15.23 33.98 52.20
N TRP K 59 14.79 32.73 52.21
CA TRP K 59 14.17 32.12 51.03
C TRP K 59 12.76 31.57 51.28
N ASP K 60 11.83 31.95 50.41
CA ASP K 60 10.44 31.49 50.47
C ASP K 60 10.24 30.35 49.46
N PRO K 61 9.64 29.22 49.89
CA PRO K 61 9.54 28.07 49.01
C PRO K 61 8.39 28.20 48.03
N HIS K 62 8.50 27.48 46.92
CA HIS K 62 7.45 27.43 45.91
C HIS K 62 7.38 26.00 45.39
N PRO K 63 6.33 25.69 44.60
CA PRO K 63 6.27 24.37 43.98
C PRO K 63 7.40 24.16 42.96
N PRO K 64 7.69 22.88 42.63
CA PRO K 64 8.66 22.59 41.58
C PRO K 64 8.30 23.30 40.27
N ALA K 65 9.23 24.08 39.75
CA ALA K 65 8.95 24.91 38.58
C ALA K 65 8.97 24.09 37.30
N ILE K 66 9.97 23.21 37.17
CA ILE K 66 10.19 22.45 35.94
C ILE K 66 10.38 20.97 36.25
N PHE K 67 9.41 20.16 35.82
CA PHE K 67 9.41 18.72 36.08
C PHE K 67 8.91 17.99 34.84
N PRO K 68 9.11 16.66 34.76
CA PRO K 68 8.69 15.91 33.58
C PRO K 68 7.19 16.01 33.25
N SER K 69 6.89 16.62 32.11
CA SER K 69 5.50 16.82 31.70
C SER K 69 5.32 16.79 30.18
N ALA K 70 6.31 16.24 29.47
CA ALA K 70 6.28 16.15 28.00
C ALA K 70 7.35 15.17 27.55
N PRO K 71 7.23 14.66 26.31
CA PRO K 71 8.24 13.73 25.81
C PRO K 71 9.66 14.26 25.97
N PHE K 72 9.87 15.51 25.61
CA PHE K 72 11.21 16.12 25.56
C PHE K 72 11.91 16.28 26.91
N ASP K 73 11.23 15.99 28.01
CA ASP K 73 11.88 15.91 29.33
C ASP K 73 11.22 14.87 30.23
N ILE K 74 10.69 13.81 29.62
CA ILE K 74 9.90 12.83 30.36
C ILE K 74 10.74 12.04 31.36
N ASN K 75 12.03 11.90 31.09
CA ASN K 75 12.94 11.18 31.99
C ASN K 75 13.82 12.07 32.88
N GLY K 76 13.50 13.36 32.97
CA GLY K 76 14.20 14.25 33.90
C GLY K 76 14.47 15.66 33.37
N CYS K 77 14.31 16.65 34.24
CA CYS K 77 14.63 18.05 33.93
C CYS K 77 15.96 18.43 34.57
N TRP K 78 17.03 18.37 33.79
CA TRP K 78 18.39 18.57 34.30
C TRP K 78 18.80 20.05 34.27
N SER K 79 20.07 20.35 34.49
CA SER K 79 20.51 21.72 34.74
C SER K 79 20.39 22.68 33.56
N GLY K 80 20.36 23.96 33.88
CA GLY K 80 20.18 25.01 32.88
C GLY K 80 20.21 26.40 33.48
N SER K 81 19.89 27.40 32.66
CA SER K 81 20.14 28.81 33.00
C SER K 81 19.02 29.73 32.57
N ALA K 82 18.85 30.82 33.33
CA ALA K 82 17.87 31.86 33.00
C ALA K 82 18.52 32.94 32.14
N THR K 83 17.84 33.32 31.07
CA THR K 83 18.23 34.49 30.28
C THR K 83 17.14 35.56 30.39
N ILE K 84 17.56 36.79 30.64
CA ILE K 84 16.64 37.93 30.68
C ILE K 84 16.73 38.64 29.34
N LEU K 85 15.63 38.61 28.57
CA LEU K 85 15.62 39.15 27.22
C LEU K 85 15.49 40.68 27.27
N PRO K 86 15.91 41.38 26.20
CA PRO K 86 15.89 42.85 26.17
C PRO K 86 14.60 43.48 26.69
N ASN K 87 13.45 42.89 26.36
CA ASN K 87 12.16 43.39 26.87
C ASN K 87 11.90 43.09 28.35
N GLY K 88 12.90 42.52 29.04
CA GLY K 88 12.80 42.21 30.46
C GLY K 88 12.30 40.80 30.77
N LYS K 89 11.91 40.05 29.73
CA LYS K 89 11.31 38.74 29.95
C LYS K 89 12.37 37.66 30.23
N PRO K 90 12.17 36.88 31.31
CA PRO K 90 13.06 35.77 31.61
C PRO K 90 12.61 34.49 30.92
N VAL K 91 13.55 33.77 30.33
CA VAL K 91 13.29 32.45 29.77
C VAL K 91 14.34 31.51 30.31
N ILE K 92 13.96 30.26 30.53
CA ILE K 92 14.91 29.25 30.97
C ILE K 92 15.25 28.32 29.82
N LEU K 93 16.54 28.01 29.68
CA LEU K 93 17.00 26.92 28.84
C LEU K 93 17.52 25.84 29.77
N TYR K 94 17.07 24.61 29.58
CA TYR K 94 17.47 23.51 30.44
C TYR K 94 17.63 22.22 29.66
N THR K 95 18.46 21.32 30.18
CA THR K 95 18.61 19.99 29.60
C THR K 95 17.46 19.09 30.03
N GLY K 96 16.82 18.45 29.05
CA GLY K 96 15.78 17.46 29.32
C GLY K 96 16.28 16.09 28.89
N ILE K 97 15.81 15.06 29.60
CA ILE K 97 16.06 13.68 29.18
C ILE K 97 14.80 13.14 28.46
N ASP K 98 14.97 12.84 27.17
CA ASP K 98 13.86 12.49 26.29
C ASP K 98 13.56 10.98 26.36
N PRO K 99 12.56 10.51 25.59
CA PRO K 99 12.13 9.12 25.75
C PRO K 99 13.19 8.07 25.45
N LYS K 100 14.18 8.41 24.62
CA LYS K 100 15.30 7.51 24.34
C LYS K 100 16.50 7.73 25.27
N ASN K 101 16.25 8.37 26.41
CA ASN K 101 17.32 8.77 27.33
C ASN K 101 18.45 9.49 26.63
N GLN K 102 18.09 10.44 25.75
CA GLN K 102 19.06 11.31 25.10
C GLN K 102 18.94 12.70 25.70
N GLN K 103 20.07 13.38 25.85
CA GLN K 103 20.10 14.72 26.44
C GLN K 103 19.83 15.77 25.37
N VAL K 104 18.77 16.56 25.57
CA VAL K 104 18.34 17.58 24.61
C VAL K 104 18.03 18.90 25.34
N GLN K 105 18.07 20.01 24.60
CA GLN K 105 17.91 21.33 25.21
C GLN K 105 16.53 21.91 24.94
N ASN K 106 15.83 22.27 26.01
CA ASN K 106 14.44 22.75 25.94
C ASN K 106 14.34 24.18 26.44
N ILE K 107 13.26 24.86 26.06
CA ILE K 107 12.97 26.19 26.57
C ILE K 107 11.70 26.20 27.42
N ALA K 108 11.74 26.95 28.51
CA ALA K 108 10.60 27.17 29.38
C ALA K 108 10.44 28.67 29.62
N GLU K 109 9.21 29.11 29.87
CA GLU K 109 8.95 30.52 30.13
C GLU K 109 7.75 30.71 31.07
N PRO K 110 7.73 31.82 31.82
CA PRO K 110 6.67 32.04 32.80
C PRO K 110 5.27 31.95 32.21
N LYS K 111 4.37 31.30 32.94
CA LYS K 111 2.96 31.20 32.55
C LYS K 111 2.22 32.52 32.79
N ASN K 112 2.75 33.32 33.72
CA ASN K 112 2.16 34.62 34.08
C ASN K 112 3.29 35.58 34.47
N LEU K 113 3.64 36.49 33.56
CA LEU K 113 4.75 37.43 33.78
C LEU K 113 4.44 38.45 34.88
N SER K 114 3.16 38.63 35.20
CA SER K 114 2.76 39.53 36.28
C SER K 114 2.99 38.93 37.66
N ASP K 115 3.12 37.61 37.74
CA ASP K 115 3.44 36.93 38.99
C ASP K 115 4.91 37.14 39.33
N PRO K 116 5.21 37.95 40.36
CA PRO K 116 6.61 38.25 40.65
C PRO K 116 7.41 37.01 41.11
N TYR K 117 6.71 36.02 41.64
CA TYR K 117 7.34 34.78 42.10
C TYR K 117 7.46 33.72 41.01
N LEU K 118 7.00 34.03 39.80
CA LEU K 118 7.12 33.14 38.64
C LEU K 118 6.96 31.67 39.03
N ARG K 119 5.82 31.35 39.63
CA ARG K 119 5.60 30.01 40.20
C ARG K 119 5.36 28.93 39.14
N GLU K 120 4.59 29.27 38.11
CA GLU K 120 4.24 28.31 37.06
C GLU K 120 4.90 28.66 35.74
N TRP K 121 5.48 27.66 35.10
CA TRP K 121 6.17 27.84 33.83
C TRP K 121 5.58 26.92 32.78
N LYS K 122 5.55 27.40 31.54
CA LYS K 122 5.06 26.60 30.41
C LYS K 122 6.22 26.32 29.47
N LYS K 123 6.04 25.32 28.63
CA LYS K 123 7.12 24.83 27.79
C LYS K 123 6.65 24.73 26.34
N SER K 124 7.54 25.12 25.41
CA SER K 124 7.18 25.25 24.00
C SER K 124 6.87 23.89 23.39
N PRO K 125 5.78 23.80 22.60
CA PRO K 125 5.52 22.57 21.86
C PRO K 125 6.58 22.27 20.79
N LEU K 126 7.46 23.22 20.52
CA LEU K 126 8.55 23.04 19.56
C LEU K 126 9.81 22.44 20.18
N ASN K 127 9.78 22.19 21.48
CA ASN K 127 10.90 21.54 22.17
C ASN K 127 11.10 20.11 21.66
N PRO K 128 12.36 19.64 21.61
CA PRO K 128 13.58 20.34 22.02
C PRO K 128 14.10 21.30 20.97
N LEU K 129 14.57 22.47 21.42
CA LEU K 129 15.12 23.50 20.53
C LEU K 129 16.45 23.08 19.93
N MET K 130 17.25 22.36 20.71
CA MET K 130 18.55 21.88 20.28
C MET K 130 18.69 20.43 20.75
N ALA K 131 19.22 19.57 19.90
CA ALA K 131 19.32 18.15 20.21
C ALA K 131 20.33 17.43 19.31
N PRO K 132 20.83 16.26 19.77
CA PRO K 132 21.74 15.48 18.95
C PRO K 132 21.01 14.76 17.82
N ASP K 133 21.69 14.59 16.68
CA ASP K 133 21.12 13.88 15.54
C ASP K 133 22.24 13.36 14.64
N ALA K 134 21.87 12.68 13.55
CA ALA K 134 22.84 12.11 12.62
C ALA K 134 23.77 13.16 12.02
N VAL K 135 23.22 14.35 11.73
CA VAL K 135 23.97 15.41 11.06
C VAL K 135 25.05 16.02 11.96
N ASN K 136 24.63 16.56 13.10
CA ASN K 136 25.57 17.22 14.02
C ASN K 136 26.56 16.26 14.67
N GLY K 137 26.13 15.01 14.86
CA GLY K 137 27.00 13.98 15.45
C GLY K 137 27.30 14.18 16.92
N ILE K 138 26.49 15.00 17.59
CA ILE K 138 26.71 15.30 19.01
C ILE K 138 26.41 14.06 19.83
N ASN K 139 27.22 13.81 20.84
CA ASN K 139 27.06 12.64 21.69
C ASN K 139 25.88 12.79 22.63
N ALA K 140 24.89 11.93 22.44
CA ALA K 140 23.59 12.06 23.10
C ALA K 140 23.63 11.87 24.62
N SER K 141 24.74 11.33 25.16
CA SER K 141 24.88 11.17 26.61
C SER K 141 25.77 12.25 27.25
N SER K 142 26.36 13.10 26.42
CA SER K 142 27.24 14.18 26.87
C SER K 142 26.88 15.46 26.13
N PHE K 143 25.76 16.06 26.51
CA PHE K 143 25.26 17.24 25.84
C PHE K 143 24.23 17.92 26.74
N ARG K 144 24.72 18.69 27.70
CA ARG K 144 23.85 19.25 28.71
C ARG K 144 24.35 20.57 29.30
N ASP K 145 23.45 21.21 30.06
CA ASP K 145 23.72 22.42 30.85
C ASP K 145 23.92 23.68 30.00
N PRO K 146 22.82 24.18 29.40
CA PRO K 146 22.87 25.43 28.64
C PRO K 146 23.22 26.63 29.53
N THR K 147 24.08 27.50 29.03
CA THR K 147 24.41 28.74 29.73
C THR K 147 23.30 29.76 29.52
N THR K 148 23.40 30.87 30.25
CA THR K 148 22.68 32.07 29.89
C THR K 148 23.16 32.50 28.51
N ALA K 149 22.23 32.95 27.67
CA ALA K 149 22.55 33.36 26.30
C ALA K 149 23.02 34.81 26.27
N TRP K 150 23.80 35.18 25.26
CA TRP K 150 24.24 36.56 25.10
C TRP K 150 24.08 37.05 23.66
N LEU K 151 23.58 38.29 23.53
CA LEU K 151 23.20 38.87 22.24
C LEU K 151 24.39 39.56 21.57
N GLY K 152 24.79 39.04 20.41
CA GLY K 152 25.95 39.57 19.69
C GLY K 152 25.68 40.87 18.93
N GLN K 153 26.77 41.54 18.56
CA GLN K 153 26.74 42.74 17.72
C GLN K 153 25.81 42.60 16.51
N ASP K 154 25.83 41.43 15.88
CA ASP K 154 25.03 41.17 14.67
C ASP K 154 23.58 40.79 14.98
N LYS K 155 23.15 41.00 16.22
CA LYS K 155 21.77 40.75 16.66
C LYS K 155 21.36 39.27 16.74
N LYS K 156 22.33 38.36 16.59
CA LYS K 156 22.09 36.92 16.75
C LYS K 156 22.57 36.51 18.14
N TRP K 157 21.76 35.72 18.83
CA TRP K 157 22.10 35.23 20.16
C TRP K 157 23.15 34.14 20.09
N ARG K 158 23.88 33.97 21.19
CA ARG K 158 24.78 32.82 21.36
C ARG K 158 24.46 32.13 22.68
N VAL K 159 24.48 30.81 22.67
CA VAL K 159 24.41 30.03 23.89
C VAL K 159 25.38 28.89 23.73
N ILE K 160 26.04 28.49 24.81
CA ILE K 160 26.91 27.32 24.79
C ILE K 160 26.31 26.21 25.65
N ILE K 161 26.63 24.97 25.26
CA ILE K 161 26.19 23.77 25.96
C ILE K 161 27.43 22.91 26.21
N GLY K 162 27.52 22.31 27.39
CA GLY K 162 28.64 21.45 27.74
C GLY K 162 28.56 20.12 27.02
N SER K 163 29.70 19.59 26.61
CA SER K 163 29.74 18.32 25.86
C SER K 163 31.11 17.68 25.90
N LYS K 164 31.23 16.50 25.28
CA LYS K 164 32.55 15.91 24.99
C LYS K 164 32.53 14.94 23.81
N ILE K 165 33.69 14.81 23.18
CA ILE K 165 33.95 13.81 22.14
C ILE K 165 35.19 13.06 22.62
N HIS K 166 35.03 11.79 22.97
CA HIS K 166 36.12 10.98 23.52
C HIS K 166 36.67 11.63 24.79
N ARG K 167 37.96 11.99 24.81
CA ARG K 167 38.56 12.63 25.98
C ARG K 167 38.57 14.16 25.86
N ARG K 168 37.95 14.69 24.80
CA ARG K 168 37.94 16.14 24.57
C ARG K 168 36.65 16.78 25.09
N GLY K 169 36.80 17.69 26.04
CA GLY K 169 35.68 18.52 26.50
C GLY K 169 35.39 19.63 25.51
N LEU K 170 34.13 20.01 25.41
CA LEU K 170 33.68 21.01 24.43
C LEU K 170 32.67 21.99 25.03
N ALA K 171 32.70 23.22 24.53
CA ALA K 171 31.61 24.17 24.72
C ALA K 171 30.98 24.40 23.35
N ILE K 172 29.97 23.59 23.03
CA ILE K 172 29.31 23.65 21.72
C ILE K 172 28.50 24.92 21.63
N THR K 173 28.59 25.62 20.50
CA THR K 173 27.93 26.90 20.33
C THR K 173 26.72 26.77 19.40
N TYR K 174 25.63 27.42 19.79
CA TYR K 174 24.44 27.56 18.97
C TYR K 174 24.08 29.04 18.86
N THR K 175 23.58 29.46 17.71
CA THR K 175 23.11 30.83 17.53
C THR K 175 21.65 30.85 17.08
N SER K 176 20.96 31.94 17.38
CA SER K 176 19.56 32.12 16.99
C SER K 176 19.19 33.59 16.85
N LYS K 177 18.34 33.90 15.87
CA LYS K 177 17.84 35.25 15.66
C LYS K 177 16.65 35.56 16.57
N ASP K 178 15.73 34.61 16.68
CA ASP K 178 14.46 34.83 17.40
C ASP K 178 14.42 34.18 18.79
N PHE K 179 15.44 33.39 19.10
CA PHE K 179 15.52 32.62 20.36
C PHE K 179 14.68 31.33 20.35
N LEU K 180 14.13 30.94 19.19
CA LEU K 180 13.41 29.67 19.03
C LEU K 180 14.08 28.74 18.00
N LYS K 181 14.50 29.29 16.87
CA LYS K 181 15.28 28.52 15.89
C LYS K 181 16.77 28.67 16.20
N TRP K 182 17.38 27.57 16.66
CA TRP K 182 18.80 27.57 17.02
C TRP K 182 19.60 26.71 16.06
N GLU K 183 20.74 27.23 15.63
CA GLU K 183 21.58 26.61 14.61
C GLU K 183 22.98 26.42 15.17
N LYS K 184 23.45 25.17 15.15
CA LYS K 184 24.76 24.83 15.69
C LYS K 184 25.85 25.51 14.87
N SER K 185 26.84 26.08 15.56
CA SER K 185 28.03 26.64 14.91
C SER K 185 29.02 25.52 14.55
N PRO K 186 29.70 25.62 13.41
CA PRO K 186 30.68 24.60 13.01
C PRO K 186 31.72 24.33 14.10
N GLU K 187 32.30 25.40 14.64
CA GLU K 187 33.33 25.32 15.66
C GLU K 187 32.77 25.69 17.02
N PRO K 188 33.29 25.07 18.10
CA PRO K 188 32.89 25.42 19.45
C PRO K 188 33.53 26.73 19.94
N LEU K 189 32.99 27.29 21.01
CA LEU K 189 33.54 28.51 21.61
C LEU K 189 34.96 28.24 22.10
N HIS K 190 35.13 27.09 22.77
CA HIS K 190 36.44 26.58 23.15
C HIS K 190 36.34 25.09 23.46
N TYR K 191 37.49 24.42 23.49
CA TYR K 191 37.55 22.98 23.76
C TYR K 191 38.87 22.63 24.44
N ASP K 192 39.01 21.38 24.89
CA ASP K 192 40.29 20.91 25.39
C ASP K 192 40.42 19.40 25.24
N ASP K 193 41.56 18.97 24.71
CA ASP K 193 41.87 17.54 24.56
C ASP K 193 42.38 16.97 25.87
N GLY K 194 41.72 15.93 26.37
CA GLY K 194 42.15 15.23 27.58
C GLY K 194 41.47 15.68 28.87
N SER K 195 40.63 16.69 28.78
CA SER K 195 39.95 17.23 29.96
C SER K 195 38.76 16.36 30.40
N GLY K 196 38.15 15.67 29.43
CA GLY K 196 36.91 14.94 29.67
C GLY K 196 35.72 15.88 29.64
N MET K 197 34.57 15.39 30.09
CA MET K 197 33.31 16.13 30.00
C MET K 197 33.37 17.50 30.65
N TRP K 198 32.81 18.49 29.95
CA TRP K 198 32.61 19.84 30.47
C TRP K 198 31.16 19.99 30.94
N GLU K 199 30.94 19.86 32.24
CA GLU K 199 29.62 20.08 32.82
C GLU K 199 29.48 21.55 33.22
N CYS K 200 28.24 22.02 33.25
CA CYS K 200 27.90 23.36 33.74
C CYS K 200 28.86 24.45 33.29
N PRO K 201 28.93 24.70 31.98
CA PRO K 201 29.73 25.80 31.49
C PRO K 201 29.15 27.15 31.89
N ASP K 202 30.00 28.15 32.02
CA ASP K 202 29.52 29.52 32.24
C ASP K 202 30.42 30.46 31.45
N PHE K 203 29.81 31.51 30.89
CA PHE K 203 30.55 32.43 30.04
C PHE K 203 30.04 33.85 30.24
N PHE K 204 30.89 34.71 30.77
CA PHE K 204 30.48 36.08 31.10
C PHE K 204 31.65 37.04 30.97
N PRO K 205 31.35 38.35 30.94
CA PRO K 205 32.39 39.36 30.93
C PRO K 205 32.70 39.88 32.33
N VAL K 206 33.94 40.34 32.52
CA VAL K 206 34.35 41.03 33.73
C VAL K 206 35.06 42.32 33.36
N THR K 207 34.86 43.37 34.15
CA THR K 207 35.49 44.66 33.90
C THR K 207 36.94 44.60 34.38
N ARG K 208 37.85 45.14 33.57
CA ARG K 208 39.28 44.96 33.78
C ARG K 208 39.72 45.43 35.17
N PHE K 209 39.21 46.59 35.58
CA PHE K 209 39.47 47.10 36.92
C PHE K 209 38.19 47.70 37.49
N GLY K 210 37.88 47.34 38.73
CA GLY K 210 36.60 47.64 39.36
C GLY K 210 36.03 46.35 39.94
N SER K 211 35.02 46.46 40.79
CA SER K 211 34.38 45.29 41.40
C SER K 211 32.94 45.07 40.96
N ASN K 212 32.40 46.00 40.16
CA ASN K 212 31.03 45.87 39.66
C ASN K 212 30.89 44.78 38.60
N GLY K 213 29.71 44.17 38.57
CA GLY K 213 29.40 43.14 37.58
C GLY K 213 29.11 43.76 36.23
N VAL K 214 29.26 42.97 35.18
CA VAL K 214 29.04 43.44 33.81
C VAL K 214 27.92 42.61 33.18
N GLU K 215 26.97 43.28 32.53
CA GLU K 215 25.86 42.61 31.85
C GLU K 215 26.42 41.63 30.80
N THR K 216 25.85 40.43 30.74
CA THR K 216 26.41 39.33 29.95
C THR K 216 26.66 39.67 28.48
N SER K 217 25.78 40.48 27.89
CA SER K 217 25.88 40.87 26.47
C SER K 217 26.57 42.21 26.25
N SER K 218 27.16 42.79 27.30
CA SER K 218 27.73 44.13 27.21
C SER K 218 29.11 44.13 26.56
N PHE K 219 29.33 45.10 25.66
CA PHE K 219 30.58 45.22 24.93
C PHE K 219 31.59 46.06 25.69
N GLY K 220 32.83 46.06 25.20
CA GLY K 220 33.89 46.90 25.74
C GLY K 220 34.01 48.17 24.91
N GLU K 221 33.61 49.30 25.48
CA GLU K 221 33.70 50.58 24.79
C GLU K 221 35.18 50.94 24.55
N PRO K 222 35.44 51.94 23.69
CA PRO K 222 36.83 52.43 23.54
C PRO K 222 37.43 53.06 24.81
N ASN K 223 36.68 53.02 25.91
CA ASN K 223 37.18 53.40 27.24
C ASN K 223 37.22 52.20 28.19
N GLU K 224 36.16 51.39 28.14
CA GLU K 224 35.99 50.28 29.07
C GLU K 224 36.71 49.04 28.52
N ILE K 225 37.61 48.48 29.33
CA ILE K 225 38.34 47.27 28.97
C ILE K 225 37.70 46.06 29.66
N LEU K 226 37.26 45.08 28.87
CA LEU K 226 36.59 43.88 29.41
C LEU K 226 37.37 42.60 29.10
N LYS K 227 37.49 41.73 30.09
CA LYS K 227 37.93 40.36 29.88
C LYS K 227 36.71 39.45 29.98
N HIS K 228 36.83 38.25 29.42
CA HIS K 228 35.79 37.23 29.51
C HIS K 228 36.29 36.02 30.29
N VAL K 229 35.43 35.47 31.13
CA VAL K 229 35.73 34.25 31.88
C VAL K 229 34.94 33.06 31.31
N LEU K 230 35.65 31.98 31.01
CA LEU K 230 35.02 30.70 30.70
C LEU K 230 35.19 29.77 31.90
N LYS K 231 34.08 29.30 32.46
CA LYS K 231 34.10 28.34 33.55
C LYS K 231 33.49 27.01 33.12
N ILE K 232 34.09 25.93 33.59
CA ILE K 232 33.57 24.58 33.35
C ILE K 232 33.66 23.75 34.64
N SER K 233 32.72 22.82 34.81
CA SER K 233 32.80 21.82 35.86
C SER K 233 33.31 20.52 35.22
N LEU K 234 34.38 19.95 35.74
CA LEU K 234 34.94 18.72 35.19
C LEU K 234 34.48 17.47 35.94
N ASP K 235 33.87 16.54 35.21
CA ASP K 235 33.58 15.17 35.66
C ASP K 235 34.76 14.48 36.30
N ASP K 236 35.92 14.69 35.70
CA ASP K 236 37.11 13.93 36.00
C ASP K 236 37.59 14.13 37.43
N THR K 237 37.59 15.38 37.88
CA THR K 237 38.19 15.76 39.15
C THR K 237 37.17 16.28 40.18
N LYS K 238 35.92 16.46 39.76
CA LYS K 238 34.85 16.95 40.64
C LYS K 238 35.10 18.37 41.17
N HIS K 239 35.79 19.20 40.39
CA HIS K 239 36.02 20.60 40.74
C HIS K 239 35.56 21.53 39.62
N ASP K 240 35.38 22.80 39.94
CA ASP K 240 35.03 23.84 38.96
C ASP K 240 36.30 24.63 38.59
N TYR K 241 36.52 24.83 37.29
CA TYR K 241 37.70 25.55 36.79
C TYR K 241 37.30 26.73 35.93
N TYR K 242 38.11 27.79 35.99
CA TYR K 242 37.91 28.97 35.15
C TYR K 242 39.24 29.45 34.57
N THR K 243 39.15 30.14 33.43
CA THR K 243 40.30 30.80 32.83
C THR K 243 39.86 32.19 32.36
N ILE K 244 40.78 33.14 32.42
CA ILE K 244 40.52 34.51 31.99
C ILE K 244 41.10 34.73 30.60
N GLY K 245 40.30 35.24 29.68
CA GLY K 245 40.73 35.43 28.31
C GLY K 245 40.00 36.54 27.59
N THR K 246 40.04 36.51 26.26
CA THR K 246 39.32 37.46 25.42
C THR K 246 38.41 36.73 24.45
N TYR K 247 37.24 37.32 24.22
CA TYR K 247 36.21 36.73 23.37
C TYR K 247 36.33 37.29 21.96
N ASP K 248 37.00 36.52 21.10
CA ASP K 248 37.16 36.86 19.68
C ASP K 248 35.82 36.75 18.98
N ARG K 249 35.14 37.88 18.81
CA ARG K 249 33.78 37.89 18.29
C ARG K 249 33.72 37.64 16.78
N VAL K 250 34.84 37.89 16.08
CA VAL K 250 34.90 37.66 14.64
C VAL K 250 34.92 36.16 14.34
N LYS K 251 35.72 35.41 15.10
CA LYS K 251 35.76 33.95 15.00
C LYS K 251 34.72 33.27 15.89
N ASP K 252 34.16 34.05 16.84
CA ASP K 252 33.22 33.54 17.85
C ASP K 252 33.86 32.46 18.72
N LYS K 253 35.12 32.67 19.07
CA LYS K 253 35.89 31.74 19.89
C LYS K 253 36.43 32.45 21.13
N PHE K 254 36.76 31.67 22.16
CA PHE K 254 37.34 32.18 23.38
C PHE K 254 38.84 31.88 23.40
N VAL K 255 39.62 32.89 23.75
CA VAL K 255 41.07 32.78 23.78
C VAL K 255 41.58 33.09 25.19
N PRO K 256 41.99 32.05 25.93
CA PRO K 256 42.62 32.26 27.24
C PRO K 256 43.90 33.10 27.14
N ASP K 257 44.15 33.93 28.16
CA ASP K 257 45.38 34.71 28.22
C ASP K 257 46.60 33.78 28.33
N ASN K 258 47.72 34.21 27.77
CA ASN K 258 48.95 33.40 27.79
C ASN K 258 49.23 32.86 29.20
N GLY K 259 49.45 31.55 29.28
CA GLY K 259 49.62 30.88 30.57
C GLY K 259 48.44 29.97 30.90
N PHE K 260 47.23 30.45 30.60
CA PHE K 260 46.01 29.70 30.92
C PHE K 260 45.73 28.58 29.94
N LYS K 261 45.28 27.45 30.47
CA LYS K 261 44.76 26.35 29.69
C LYS K 261 43.49 25.83 30.36
N MET K 262 42.43 25.69 29.59
CA MET K 262 41.12 25.34 30.15
C MET K 262 41.04 23.84 30.45
N ASP K 263 41.69 23.45 31.55
CA ASP K 263 41.67 22.08 32.01
C ASP K 263 41.97 22.03 33.51
N GLY K 264 42.37 20.87 34.02
CA GLY K 264 42.70 20.69 35.44
C GLY K 264 43.74 21.64 36.01
N THR K 265 44.59 22.19 35.15
CA THR K 265 45.66 23.11 35.58
C THR K 265 45.18 24.54 35.77
N ALA K 266 43.97 24.85 35.32
CA ALA K 266 43.38 26.17 35.47
C ALA K 266 43.07 26.45 36.94
N PRO K 267 42.92 27.74 37.31
CA PRO K 267 42.49 28.06 38.67
C PRO K 267 41.05 27.64 38.94
N ARG K 268 40.67 27.68 40.22
CA ARG K 268 39.33 27.34 40.64
C ARG K 268 38.72 28.51 41.40
N TYR K 269 37.40 28.56 41.44
CA TYR K 269 36.70 29.44 42.37
C TYR K 269 37.03 29.03 43.80
N ASP K 270 36.92 27.72 44.06
CA ASP K 270 37.00 27.18 45.41
C ASP K 270 37.90 25.94 45.38
N TYR K 271 38.81 25.85 46.33
CA TYR K 271 39.77 24.75 46.37
C TYR K 271 39.36 23.67 47.38
N GLY K 272 38.09 23.69 47.79
CA GLY K 272 37.53 22.67 48.67
C GLY K 272 36.40 21.91 48.00
N LYS K 273 35.26 21.83 48.69
CA LYS K 273 34.09 21.15 48.16
C LYS K 273 33.15 22.16 47.50
N TYR K 274 33.09 22.11 46.19
CA TYR K 274 32.41 23.14 45.41
C TYR K 274 32.24 22.64 43.98
N TYR K 275 31.01 22.59 43.48
CA TYR K 275 30.75 22.08 42.13
C TYR K 275 29.48 22.67 41.48
N ALA K 276 29.44 22.61 40.15
CA ALA K 276 28.27 22.97 39.36
C ALA K 276 27.89 24.44 39.54
N SER K 277 28.89 25.29 39.74
CA SER K 277 28.64 26.68 40.06
C SER K 277 28.12 27.44 38.83
N LYS K 278 27.37 28.50 39.09
CA LYS K 278 26.74 29.27 38.02
C LYS K 278 26.51 30.70 38.51
N THR K 279 26.87 31.67 37.67
CA THR K 279 26.71 33.09 38.00
C THR K 279 25.53 33.71 37.28
N PHE K 280 25.03 34.80 37.83
CA PHE K 280 24.06 35.64 37.13
C PHE K 280 24.35 37.11 37.40
N PHE K 281 23.75 37.97 36.59
CA PHE K 281 23.92 39.41 36.70
C PHE K 281 22.83 39.99 37.59
N ASP K 282 23.24 40.47 38.77
CA ASP K 282 22.34 41.24 39.66
C ASP K 282 22.27 42.68 39.15
N SER K 283 21.24 42.96 38.36
CA SER K 283 21.05 44.30 37.78
C SER K 283 20.58 45.32 38.81
N ALA K 284 20.02 44.85 39.92
CA ALA K 284 19.57 45.74 41.00
C ALA K 284 20.73 46.50 41.62
N LYS K 285 21.78 45.78 42.01
CA LYS K 285 22.91 46.35 42.73
C LYS K 285 24.23 46.29 41.93
N ASN K 286 24.13 45.95 40.65
CA ASN K 286 25.31 45.85 39.76
C ASN K 286 26.44 44.97 40.28
N ARG K 287 26.22 43.67 40.24
CA ARG K 287 27.22 42.71 40.67
C ARG K 287 26.95 41.35 40.05
N ARG K 288 28.01 40.67 39.64
CA ARG K 288 27.87 39.28 39.18
C ARG K 288 27.92 38.39 40.42
N ILE K 289 26.91 37.57 40.58
CA ILE K 289 26.79 36.71 41.77
C ILE K 289 26.93 35.25 41.41
N LEU K 290 27.71 34.52 42.21
CA LEU K 290 28.10 33.15 41.92
C LEU K 290 27.48 32.20 42.93
N TRP K 291 26.71 31.24 42.43
CA TRP K 291 26.10 30.19 43.24
C TRP K 291 26.94 28.92 43.10
N GLY K 292 26.98 28.11 44.16
CA GLY K 292 27.80 26.90 44.15
C GLY K 292 27.28 25.78 45.04
N TRP K 293 27.23 24.58 44.48
CA TRP K 293 26.75 23.39 45.18
C TRP K 293 27.88 22.68 45.92
N THR K 294 27.67 22.44 47.21
CA THR K 294 28.60 21.67 48.03
C THR K 294 27.86 20.46 48.54
N ASN K 295 28.28 19.28 48.08
CA ASN K 295 27.64 18.02 48.45
C ASN K 295 28.13 17.58 49.84
N GLU K 296 27.58 16.48 50.33
CA GLU K 296 27.95 15.97 51.66
C GLU K 296 29.33 15.35 51.62
N SER K 297 30.04 15.45 52.73
CA SER K 297 31.29 14.71 52.95
C SER K 297 31.08 13.56 53.93
N SER K 298 29.83 13.37 54.35
CA SER K 298 29.42 12.23 55.16
C SER K 298 29.06 11.07 54.24
N SER K 299 29.08 9.86 54.78
CA SER K 299 28.71 8.64 54.03
C SER K 299 27.28 8.71 53.50
N VAL K 300 27.00 7.92 52.47
CA VAL K 300 25.66 7.82 51.90
C VAL K 300 24.67 7.21 52.91
N GLU K 301 25.16 6.34 53.79
CA GLU K 301 24.35 5.81 54.89
C GLU K 301 23.84 6.92 55.81
N ASP K 302 24.76 7.77 56.27
CA ASP K 302 24.40 8.93 57.10
C ASP K 302 23.42 9.86 56.39
N ASP K 303 23.60 10.03 55.07
CA ASP K 303 22.70 10.85 54.26
C ASP K 303 21.29 10.27 54.20
N VAL K 304 21.19 8.98 53.88
CA VAL K 304 19.91 8.30 53.87
C VAL K 304 19.25 8.39 55.25
N GLU K 305 20.06 8.20 56.29
CA GLU K 305 19.57 8.22 57.66
C GLU K 305 19.08 9.61 58.09
N LYS K 306 19.87 10.66 57.81
CA LYS K 306 19.48 12.03 58.21
C LYS K 306 18.37 12.60 57.32
N GLY K 307 18.18 12.02 56.14
CA GLY K 307 17.06 12.36 55.27
C GLY K 307 17.30 13.50 54.30
N TRP K 308 18.56 13.89 54.12
CA TRP K 308 18.89 14.98 53.19
C TRP K 308 20.36 14.93 52.78
N SER K 309 20.66 15.62 51.69
CA SER K 309 22.01 15.66 51.15
C SER K 309 22.15 16.87 50.23
N GLY K 310 23.17 17.69 50.47
CA GLY K 310 23.49 18.82 49.59
C GLY K 310 23.04 20.18 50.10
N ILE K 311 23.96 21.14 50.05
CA ILE K 311 23.66 22.54 50.39
C ILE K 311 24.23 23.45 49.30
N GLN K 312 23.75 24.68 49.24
CA GLN K 312 24.44 25.71 48.46
C GLN K 312 25.35 26.48 49.43
N THR K 313 26.48 26.95 48.93
CA THR K 313 27.32 27.88 49.69
C THR K 313 26.60 29.22 49.72
N ILE K 314 26.98 30.08 50.66
CA ILE K 314 26.46 31.45 50.65
C ILE K 314 26.88 32.06 49.31
N PRO K 315 25.92 32.67 48.59
CA PRO K 315 26.23 33.28 47.30
C PRO K 315 27.29 34.34 47.46
N ARG K 316 28.20 34.43 46.49
CA ARG K 316 29.26 35.42 46.60
C ARG K 316 29.43 36.28 45.37
N LYS K 317 29.52 37.58 45.60
CA LYS K 317 29.86 38.55 44.56
C LYS K 317 31.27 38.26 44.07
N ILE K 318 31.47 38.31 42.75
CA ILE K 318 32.77 38.03 42.15
C ILE K 318 33.19 39.11 41.15
N TRP K 319 34.51 39.30 41.02
CA TRP K 319 35.07 40.27 40.09
C TRP K 319 36.53 39.96 39.79
N LEU K 320 37.11 40.68 38.85
CA LEU K 320 38.51 40.51 38.47
C LEU K 320 39.38 41.29 39.45
N ASP K 321 40.46 40.68 39.94
CA ASP K 321 41.36 41.38 40.87
C ASP K 321 42.22 42.41 40.12
N ARG K 322 42.96 43.22 40.88
CA ARG K 322 43.78 44.29 40.32
C ARG K 322 44.75 43.79 39.24
N SER K 323 45.40 42.68 39.52
CA SER K 323 46.43 42.12 38.62
C SER K 323 45.88 41.51 37.33
N GLY K 324 44.57 41.24 37.29
CA GLY K 324 43.95 40.58 36.14
C GLY K 324 44.28 39.10 36.01
N LYS K 325 44.96 38.53 37.01
CA LYS K 325 45.43 37.14 36.96
C LYS K 325 44.40 36.14 37.53
N GLN K 326 43.50 36.62 38.39
CA GLN K 326 42.51 35.76 39.02
C GLN K 326 41.23 36.52 39.34
N LEU K 327 40.20 35.77 39.74
CA LEU K 327 38.95 36.36 40.21
C LEU K 327 38.96 36.46 41.73
N ILE K 328 38.27 37.46 42.27
CA ILE K 328 38.08 37.62 43.71
C ILE K 328 36.64 37.28 44.02
N GLN K 329 36.38 36.65 45.15
CA GLN K 329 35.02 36.29 45.55
C GLN K 329 34.79 36.68 46.99
N TRP K 330 33.57 37.11 47.31
CA TRP K 330 33.23 37.52 48.66
C TRP K 330 31.75 37.30 48.91
N PRO K 331 31.39 36.74 50.09
CA PRO K 331 29.99 36.54 50.43
C PRO K 331 29.17 37.81 50.24
N VAL K 332 28.03 37.69 49.57
CA VAL K 332 27.15 38.85 49.38
C VAL K 332 26.95 39.56 50.70
N ARG K 333 26.92 40.89 50.66
CA ARG K 333 26.94 41.69 51.89
C ARG K 333 25.66 41.54 52.72
N GLU K 334 24.59 41.07 52.09
CA GLU K 334 23.34 40.79 52.80
C GLU K 334 23.48 39.72 53.89
N VAL K 335 24.48 38.83 53.75
CA VAL K 335 24.77 37.81 54.78
C VAL K 335 25.15 38.44 56.12
N GLU K 336 25.73 39.64 56.07
CA GLU K 336 26.18 40.33 57.29
C GLU K 336 25.04 40.87 58.13
N ARG K 337 23.82 40.91 57.59
CA ARG K 337 22.65 41.31 58.36
C ARG K 337 22.30 40.28 59.44
N LEU K 338 22.72 39.03 59.22
CA LEU K 338 22.49 37.95 60.19
C LEU K 338 23.42 38.08 61.41
N ARG K 339 24.51 38.84 61.27
CA ARG K 339 25.45 39.05 62.37
C ARG K 339 24.76 39.60 63.61
N THR K 340 25.11 39.04 64.76
CA THR K 340 24.52 39.48 66.02
C THR K 340 24.96 40.91 66.27
N LYS K 341 24.12 41.64 67.00
CA LYS K 341 24.41 43.03 67.36
C LYS K 341 25.75 43.14 68.09
N GLN K 342 25.97 42.27 69.07
CA GLN K 342 27.15 42.35 69.95
C GLN K 342 28.31 41.51 69.41
N VAL K 343 29.31 42.19 68.85
CA VAL K 343 30.49 41.52 68.30
C VAL K 343 31.46 41.16 69.42
N LYS K 344 32.21 40.08 69.23
CA LYS K 344 33.30 39.70 70.12
C LYS K 344 34.61 40.12 69.46
N ASN K 345 35.38 40.95 70.14
CA ASN K 345 36.58 41.55 69.56
C ASN K 345 37.83 41.18 70.35
N LEU K 346 38.92 40.95 69.63
CA LEU K 346 40.25 40.81 70.21
C LEU K 346 41.21 41.61 69.34
N ARG K 347 42.07 42.41 69.97
CA ARG K 347 43.04 43.22 69.23
C ARG K 347 44.41 43.23 69.87
N ASN K 348 45.44 43.19 69.03
CA ASN K 348 46.83 43.27 69.48
C ASN K 348 47.20 42.20 70.52
N LYS K 349 46.89 40.94 70.18
CA LYS K 349 47.29 39.79 70.98
C LYS K 349 48.48 39.11 70.29
N VAL K 350 49.37 38.52 71.08
CA VAL K 350 50.54 37.84 70.55
C VAL K 350 50.45 36.35 70.80
N LEU K 351 50.29 35.59 69.72
CA LEU K 351 50.29 34.14 69.78
C LEU K 351 51.73 33.63 69.71
N LYS K 352 52.29 33.26 70.86
CA LYS K 352 53.63 32.68 70.89
C LYS K 352 53.58 31.27 70.32
N SER K 353 54.74 30.70 70.06
CA SER K 353 54.84 29.34 69.53
C SER K 353 54.10 28.34 70.43
N GLY K 354 53.24 27.53 69.81
CA GLY K 354 52.51 26.49 70.51
C GLY K 354 51.32 26.99 71.33
N SER K 355 50.86 28.20 71.02
CA SER K 355 49.79 28.84 71.79
C SER K 355 48.48 28.86 71.02
N ARG K 356 47.38 28.77 71.73
CA ARG K 356 46.05 29.00 71.16
C ARG K 356 45.23 29.89 72.09
N LEU K 357 44.42 30.75 71.49
CA LEU K 357 43.61 31.71 72.23
C LEU K 357 42.15 31.46 71.88
N GLU K 358 41.31 31.23 72.90
CA GLU K 358 39.90 30.96 72.68
C GLU K 358 39.13 32.25 72.50
N VAL K 359 38.14 32.23 71.60
CA VAL K 359 37.24 33.35 71.41
C VAL K 359 35.92 33.03 72.12
N TYR K 360 35.71 33.66 73.28
CA TYR K 360 34.53 33.43 74.10
C TYR K 360 33.36 34.29 73.66
N GLY K 361 32.16 33.93 74.12
CA GLY K 361 30.97 34.77 73.94
C GLY K 361 30.46 34.83 72.52
N VAL K 362 30.48 33.68 71.83
CA VAL K 362 29.96 33.57 70.47
C VAL K 362 29.35 32.18 70.25
N THR K 363 28.33 32.10 69.40
CA THR K 363 27.77 30.82 69.02
C THR K 363 28.73 30.15 68.02
N ALA K 364 29.59 29.28 68.56
CA ALA K 364 30.75 28.76 67.82
C ALA K 364 30.40 27.82 66.65
N ALA K 365 29.20 27.24 66.66
CA ALA K 365 28.73 26.37 65.57
C ALA K 365 27.95 27.13 64.48
N GLN K 366 27.74 28.43 64.67
CA GLN K 366 26.98 29.24 63.73
C GLN K 366 27.44 30.69 63.83
N ALA K 367 28.53 31.01 63.14
CA ALA K 367 29.20 32.29 63.31
C ALA K 367 29.95 32.78 62.08
N ASP K 368 30.24 34.07 62.06
CA ASP K 368 31.11 34.67 61.07
C ASP K 368 32.30 35.21 61.85
N VAL K 369 33.51 34.96 61.35
CA VAL K 369 34.72 35.40 62.04
C VAL K 369 35.77 35.88 61.04
N GLU K 370 36.17 37.15 61.19
CA GLU K 370 37.23 37.75 60.41
C GLU K 370 38.43 37.97 61.34
N VAL K 371 39.64 37.77 60.82
CA VAL K 371 40.84 37.94 61.63
C VAL K 371 42.02 38.48 60.79
N LEU K 372 42.80 39.37 61.39
CA LEU K 372 44.01 39.90 60.76
C LEU K 372 45.25 39.41 61.50
N PHE K 373 46.16 38.79 60.75
CA PHE K 373 47.43 38.33 61.29
C PHE K 373 48.55 39.20 60.76
N LYS K 374 49.48 39.59 61.63
CA LYS K 374 50.70 40.27 61.21
C LYS K 374 51.89 39.41 61.62
N VAL K 375 52.86 39.28 60.71
CA VAL K 375 54.11 38.59 61.01
C VAL K 375 55.21 39.64 61.25
N ARG K 376 56.16 39.29 62.11
CA ARG K 376 57.22 40.22 62.49
C ARG K 376 58.48 39.95 61.68
N ASP K 377 59.02 38.73 61.81
CA ASP K 377 60.25 38.34 61.10
C ASP K 377 59.93 37.55 59.83
N LEU K 378 59.73 38.27 58.73
CA LEU K 378 59.50 37.63 57.42
C LEU K 378 60.73 36.88 56.93
N GLU K 379 61.91 37.42 57.23
CA GLU K 379 63.18 36.79 56.82
C GLU K 379 63.42 35.43 57.50
N LYS K 380 62.79 35.20 58.65
CA LYS K 380 62.89 33.91 59.35
C LYS K 380 62.15 32.75 58.67
N ALA K 381 61.41 33.04 57.60
CA ALA K 381 60.61 32.04 56.89
C ALA K 381 61.47 31.04 56.11
N ASP K 382 61.04 29.79 56.09
CA ASP K 382 61.78 28.72 55.41
C ASP K 382 61.68 28.87 53.89
N VAL K 383 62.70 28.41 53.18
CA VAL K 383 62.68 28.38 51.72
C VAL K 383 61.88 27.16 51.27
N ILE K 384 60.97 27.36 50.33
CA ILE K 384 60.12 26.28 49.83
C ILE K 384 60.89 25.33 48.91
N GLU K 385 60.62 24.03 49.05
CA GLU K 385 61.14 23.03 48.12
C GLU K 385 60.59 23.31 46.73
N PRO K 386 61.47 23.50 45.73
CA PRO K 386 61.00 23.83 44.38
C PRO K 386 60.08 22.78 43.72
N SER K 387 60.13 21.54 44.20
CA SER K 387 59.25 20.48 43.69
C SER K 387 57.87 20.44 44.36
N TRP K 388 57.63 21.34 45.32
CA TRP K 388 56.32 21.47 45.96
C TRP K 388 55.48 22.48 45.20
N THR K 389 54.69 21.97 44.24
CA THR K 389 53.86 22.82 43.38
C THR K 389 52.36 22.73 43.72
N ASP K 390 51.94 21.60 44.31
CA ASP K 390 50.52 21.36 44.58
C ASP K 390 50.19 21.69 46.04
N PRO K 391 49.43 22.79 46.27
CA PRO K 391 49.18 23.22 47.64
C PRO K 391 48.50 22.17 48.51
N GLN K 392 47.51 21.47 47.95
CA GLN K 392 46.75 20.47 48.71
C GLN K 392 47.60 19.33 49.27
N LEU K 393 48.56 18.87 48.47
CA LEU K 393 49.48 17.81 48.90
C LEU K 393 50.47 18.31 49.97
N ILE K 394 50.82 19.59 49.92
CA ILE K 394 51.66 20.20 50.96
C ILE K 394 50.90 20.23 52.29
N CYS K 395 49.63 20.65 52.24
CA CYS K 395 48.78 20.69 53.43
C CYS K 395 48.56 19.30 54.02
N SER K 396 48.44 18.30 53.15
CA SER K 396 48.21 16.92 53.58
C SER K 396 49.43 16.33 54.29
N LYS K 397 50.62 16.57 53.74
CA LYS K 397 51.87 16.04 54.32
C LYS K 397 52.38 16.87 55.51
N MET K 398 52.21 18.19 55.46
CA MET K 398 52.56 19.07 56.59
C MET K 398 51.31 19.44 57.40
N ASN K 399 50.94 18.58 58.34
CA ASN K 399 49.78 18.83 59.19
C ASN K 399 50.03 19.93 60.23
N VAL K 400 49.08 20.17 61.13
CA VAL K 400 49.19 21.25 62.12
C VAL K 400 50.28 21.00 63.15
N SER K 401 50.61 19.74 63.41
CA SER K 401 51.64 19.38 64.38
C SER K 401 53.06 19.44 63.82
N VAL K 402 53.19 19.63 62.51
CA VAL K 402 54.50 19.83 61.88
C VAL K 402 54.80 21.33 61.82
N LYS K 403 55.76 21.76 62.65
CA LYS K 403 56.10 23.17 62.79
C LYS K 403 56.86 23.71 61.58
N SER K 404 56.78 25.02 61.36
CA SER K 404 57.65 25.71 60.41
C SER K 404 57.98 27.11 60.93
N GLY K 405 58.82 27.84 60.21
CA GLY K 405 59.22 29.19 60.59
C GLY K 405 58.01 30.07 60.89
N LEU K 406 57.23 30.35 59.85
CA LEU K 406 55.98 31.09 59.99
C LEU K 406 54.79 30.19 59.63
N GLY K 407 54.17 29.60 60.65
CA GLY K 407 53.01 28.73 60.48
C GLY K 407 53.23 27.36 61.07
N PRO K 408 52.13 26.62 61.34
CA PRO K 408 50.76 26.97 61.02
C PRO K 408 50.15 27.95 62.02
N PHE K 409 49.56 29.04 61.52
CA PHE K 409 48.76 29.95 62.34
C PHE K 409 47.45 30.31 61.66
N GLY K 410 46.36 30.30 62.42
CA GLY K 410 45.03 30.58 61.88
C GLY K 410 43.92 30.32 62.88
N LEU K 411 42.87 29.65 62.42
CA LEU K 411 41.70 29.38 63.26
C LEU K 411 41.47 27.87 63.43
N MET K 412 40.97 27.50 64.61
CA MET K 412 40.42 26.17 64.82
C MET K 412 38.93 26.34 65.08
N VAL K 413 38.13 25.90 64.12
CA VAL K 413 36.68 26.10 64.14
C VAL K 413 35.94 24.78 64.33
N LEU K 414 34.70 24.85 64.81
CA LEU K 414 33.91 23.67 65.15
C LEU K 414 34.73 22.69 65.98
N ALA K 415 35.35 23.22 67.04
CA ALA K 415 36.27 22.46 67.88
C ALA K 415 35.61 22.10 69.21
N SER K 416 35.96 20.93 69.75
CA SER K 416 35.48 20.51 71.06
C SER K 416 36.35 21.14 72.15
N LYS K 417 35.80 21.26 73.36
CA LYS K 417 36.44 21.97 74.47
C LYS K 417 37.89 21.54 74.69
N ASN K 418 38.12 20.23 74.66
CA ASN K 418 39.44 19.67 74.86
C ASN K 418 40.15 19.32 73.54
N LEU K 419 39.69 19.90 72.44
CA LEU K 419 40.25 19.67 71.11
C LEU K 419 40.38 18.19 70.71
N GLU K 420 39.40 17.37 71.07
CA GLU K 420 39.33 16.01 70.54
C GLU K 420 39.06 16.12 69.04
N GLU K 421 38.17 17.05 68.70
CA GLU K 421 37.83 17.35 67.32
C GLU K 421 38.08 18.82 67.02
N TYR K 422 38.52 19.12 65.79
CA TYR K 422 38.68 20.49 65.33
C TYR K 422 38.96 20.56 63.85
N THR K 423 38.55 21.68 63.24
CA THR K 423 38.85 21.99 61.85
C THR K 423 39.84 23.14 61.84
N SER K 424 41.00 22.91 61.24
CA SER K 424 42.08 23.90 61.20
C SER K 424 42.08 24.62 59.86
N VAL K 425 41.84 25.93 59.91
CA VAL K 425 42.01 26.78 58.74
C VAL K 425 43.16 27.72 59.07
N TYR K 426 44.30 27.55 58.38
CA TYR K 426 45.55 28.21 58.78
C TYR K 426 46.43 28.64 57.61
N PHE K 427 47.45 29.43 57.93
CA PHE K 427 48.45 29.87 56.96
C PHE K 427 49.82 29.25 57.22
N ARG K 428 50.60 29.13 56.15
CA ARG K 428 52.04 28.90 56.23
C ARG K 428 52.70 29.88 55.28
N ILE K 429 53.83 30.44 55.70
CA ILE K 429 54.58 31.37 54.87
C ILE K 429 55.95 30.78 54.57
N PHE K 430 56.27 30.66 53.28
CA PHE K 430 57.58 30.21 52.83
C PHE K 430 58.27 31.35 52.09
N LYS K 431 59.59 31.25 51.98
CA LYS K 431 60.37 32.12 51.12
C LYS K 431 60.40 31.47 49.73
N ALA K 432 60.16 32.27 48.69
CA ALA K 432 60.13 31.75 47.32
C ALA K 432 61.41 31.00 46.95
N ARG K 433 62.53 31.66 47.20
CA ARG K 433 63.84 31.15 46.82
C ARG K 433 64.86 31.62 47.87
N GLN K 434 66.03 30.99 47.89
CA GLN K 434 67.05 31.29 48.92
C GLN K 434 67.52 32.75 48.84
N ASN K 435 67.45 33.45 49.97
CA ASN K 435 67.77 34.88 50.09
C ASN K 435 66.89 35.81 49.21
N SER K 436 65.69 35.36 48.88
CA SER K 436 64.76 36.14 48.05
C SER K 436 63.90 37.04 48.92
N ASN K 437 63.32 38.08 48.31
CA ASN K 437 62.34 38.94 48.98
C ASN K 437 60.90 38.57 48.59
N LYS K 438 60.75 37.59 47.69
CA LYS K 438 59.43 37.06 47.32
C LYS K 438 59.03 35.93 48.26
N TYR K 439 57.74 35.86 48.59
CA TYR K 439 57.24 34.87 49.55
C TYR K 439 56.03 34.11 49.01
N VAL K 440 55.79 32.92 49.57
CA VAL K 440 54.72 32.04 49.14
C VAL K 440 53.78 31.74 50.32
N VAL K 441 52.54 32.20 50.23
CA VAL K 441 51.56 32.02 51.30
C VAL K 441 50.60 30.87 50.99
N LEU K 442 50.70 29.80 51.77
CA LEU K 442 49.84 28.63 51.65
C LEU K 442 48.67 28.76 52.60
N MET K 443 47.47 28.45 52.12
CA MET K 443 46.27 28.44 52.95
C MET K 443 45.72 27.02 52.98
N CYS K 444 45.59 26.44 54.17
CA CYS K 444 45.06 25.09 54.31
C CYS K 444 43.72 25.09 55.03
N SER K 445 42.83 24.19 54.60
CA SER K 445 41.66 23.81 55.37
C SER K 445 41.83 22.33 55.67
N ASP K 446 42.11 22.01 56.93
CA ASP K 446 42.46 20.66 57.35
C ASP K 446 41.34 20.08 58.20
N GLN K 447 40.66 19.05 57.70
CA GLN K 447 39.56 18.42 58.44
C GLN K 447 39.90 16.97 58.85
N SER K 448 41.19 16.71 59.05
CA SER K 448 41.66 15.37 59.45
C SER K 448 41.14 14.94 60.81
N ARG K 449 41.03 15.89 61.74
CA ARG K 449 40.49 15.61 63.06
C ARG K 449 39.23 16.43 63.33
N SER K 450 38.45 16.65 62.28
CA SER K 450 37.19 17.40 62.39
C SER K 450 36.09 16.60 63.07
N SER K 451 36.19 15.28 63.01
CA SER K 451 35.20 14.39 63.62
C SER K 451 35.81 13.09 64.11
N LEU K 452 35.26 12.56 65.20
CA LEU K 452 35.67 11.25 65.72
C LEU K 452 35.18 10.10 64.85
N LYS K 453 34.13 10.32 64.06
CA LYS K 453 33.61 9.30 63.15
C LYS K 453 34.47 9.24 61.89
N GLU K 454 35.00 8.05 61.58
CA GLU K 454 35.96 7.88 60.47
C GLU K 454 35.30 7.68 59.10
N ASP K 455 33.98 7.43 59.09
CA ASP K 455 33.23 7.29 57.84
C ASP K 455 33.26 8.57 56.99
N ASN K 456 33.33 9.71 57.67
CA ASN K 456 33.33 11.01 57.00
C ASN K 456 34.54 11.14 56.09
N ASP K 457 34.34 11.83 54.96
CA ASP K 457 35.44 12.18 54.08
C ASP K 457 36.19 13.33 54.76
N LYS K 458 37.39 13.04 55.25
CA LYS K 458 38.19 14.01 55.98
C LYS K 458 39.38 14.52 55.15
N THR K 459 39.19 14.58 53.83
CA THR K 459 40.22 15.09 52.92
C THR K 459 40.56 16.55 53.25
N THR K 460 41.86 16.84 53.30
CA THR K 460 42.34 18.20 53.54
C THR K 460 42.52 18.96 52.23
N TYR K 461 42.18 20.24 52.26
CA TYR K 461 42.28 21.11 51.08
C TYR K 461 43.38 22.14 51.27
N GLY K 462 43.81 22.75 50.17
CA GLY K 462 44.89 23.73 50.20
C GLY K 462 44.95 24.60 48.96
N ALA K 463 45.44 25.83 49.13
CA ALA K 463 45.54 26.80 48.03
C ALA K 463 46.60 27.85 48.33
N PHE K 464 47.34 28.26 47.31
CA PHE K 464 48.25 29.40 47.43
C PHE K 464 47.43 30.70 47.39
N VAL K 465 47.95 31.72 48.06
CA VAL K 465 47.27 33.01 48.13
C VAL K 465 48.20 34.10 47.63
N ASP K 466 47.71 34.90 46.69
CA ASP K 466 48.50 35.94 46.02
C ASP K 466 48.45 37.24 46.81
N ILE K 467 49.10 37.25 47.96
CA ILE K 467 49.12 38.42 48.83
C ILE K 467 50.54 38.69 49.35
N ASN K 468 50.78 39.93 49.76
CA ASN K 468 52.08 40.32 50.31
C ASN K 468 52.08 40.14 51.83
N PRO K 469 52.92 39.22 52.35
CA PRO K 469 52.97 39.03 53.81
C PRO K 469 53.64 40.18 54.58
N HIS K 470 54.27 41.12 53.88
CA HIS K 470 54.73 42.36 54.52
C HIS K 470 53.53 43.12 55.11
N GLN K 471 52.39 43.03 54.43
CA GLN K 471 51.13 43.58 54.93
C GLN K 471 50.41 42.50 55.74
N PRO K 472 49.43 42.90 56.58
CA PRO K 472 48.71 41.92 57.41
C PRO K 472 47.87 40.94 56.60
N LEU K 473 47.80 39.69 57.06
CA LEU K 473 47.09 38.61 56.36
C LEU K 473 45.63 38.52 56.80
N SER K 474 44.71 38.56 55.84
CA SER K 474 43.27 38.46 56.12
C SER K 474 42.75 37.03 56.02
N LEU K 475 41.88 36.66 56.95
CA LEU K 475 41.23 35.36 56.95
C LEU K 475 39.82 35.50 57.48
N ARG K 476 38.84 35.02 56.72
CA ARG K 476 37.44 35.03 57.13
C ARG K 476 36.92 33.60 57.12
N ALA K 477 36.02 33.31 58.07
CA ALA K 477 35.44 31.98 58.16
C ALA K 477 33.96 32.08 58.53
N LEU K 478 33.11 31.68 57.58
CA LEU K 478 31.70 31.47 57.86
C LEU K 478 31.56 30.05 58.39
N ILE K 479 31.04 29.92 59.61
CA ILE K 479 30.88 28.61 60.24
C ILE K 479 29.39 28.33 60.43
N ASP K 480 28.95 27.13 60.04
CA ASP K 480 27.52 26.79 60.06
C ASP K 480 27.32 25.28 60.26
N HIS K 481 27.62 24.83 61.48
CA HIS K 481 27.33 23.47 61.94
C HIS K 481 28.14 22.38 61.22
N SER K 482 27.84 22.15 59.95
CA SER K 482 28.55 21.14 59.17
C SER K 482 29.29 21.71 57.96
N VAL K 483 29.30 23.03 57.81
CA VAL K 483 30.01 23.68 56.69
C VAL K 483 30.87 24.87 57.17
N VAL K 484 32.11 24.92 56.67
CA VAL K 484 33.02 26.04 56.90
C VAL K 484 33.46 26.59 55.54
N GLU K 485 33.18 27.88 55.31
CA GLU K 485 33.65 28.56 54.09
C GLU K 485 34.74 29.55 54.46
N SER K 486 35.97 29.27 54.00
CA SER K 486 37.15 30.05 54.37
C SER K 486 37.63 30.93 53.23
N PHE K 487 37.88 32.20 53.53
CA PHE K 487 38.31 33.19 52.54
C PHE K 487 39.63 33.85 52.97
N GLY K 488 40.71 33.50 52.28
CA GLY K 488 42.02 34.06 52.56
C GLY K 488 42.32 35.18 51.59
N GLY K 489 43.04 36.19 52.08
CA GLY K 489 43.46 37.33 51.24
C GLY K 489 42.30 38.14 50.69
N LYS K 490 41.26 38.33 51.50
CA LYS K 490 40.09 39.11 51.10
C LYS K 490 39.50 38.56 49.80
N GLY K 491 39.29 37.24 49.77
CA GLY K 491 38.60 36.59 48.65
C GLY K 491 39.48 36.05 47.53
N ARG K 492 40.79 36.09 47.72
CA ARG K 492 41.74 35.58 46.71
C ARG K 492 41.87 34.06 46.77
N ALA K 493 41.57 33.47 47.92
CA ALA K 493 41.61 32.03 48.09
C ALA K 493 40.40 31.54 48.88
N CYS K 494 39.53 30.75 48.23
CA CYS K 494 38.33 30.21 48.87
C CYS K 494 38.42 28.70 49.02
N ILE K 495 38.12 28.21 50.23
CA ILE K 495 38.09 26.78 50.52
C ILE K 495 36.83 26.45 51.34
N THR K 496 35.90 25.74 50.70
CA THR K 496 34.69 25.30 51.37
C THR K 496 34.87 23.85 51.80
N SER K 497 34.47 23.53 53.02
CA SER K 497 34.62 22.17 53.52
C SER K 497 33.39 21.76 54.30
N ARG K 498 33.19 20.44 54.39
CA ARG K 498 32.07 19.87 55.14
C ARG K 498 32.62 18.93 56.19
N VAL K 499 32.17 19.11 57.42
CA VAL K 499 32.63 18.33 58.56
C VAL K 499 31.43 17.97 59.44
N TYR K 500 31.55 16.89 60.20
CA TYR K 500 30.42 16.35 60.95
C TYR K 500 30.83 15.91 62.35
N PRO K 501 31.11 16.89 63.24
CA PRO K 501 31.59 16.58 64.58
C PRO K 501 30.61 15.78 65.43
N LYS K 502 31.16 14.94 66.31
CA LYS K 502 30.38 14.19 67.29
C LYS K 502 30.22 14.98 68.58
N LEU K 503 31.26 15.70 68.98
CA LEU K 503 31.27 16.45 70.23
C LEU K 503 31.00 17.93 70.00
N ALA K 504 31.69 18.52 69.03
CA ALA K 504 31.55 19.95 68.75
C ALA K 504 30.22 20.26 68.04
N ILE K 505 29.13 20.26 68.79
CA ILE K 505 27.81 20.62 68.25
C ILE K 505 27.15 21.68 69.13
N GLY K 506 26.43 22.60 68.50
CA GLY K 506 25.71 23.65 69.20
C GLY K 506 26.56 24.34 70.24
N LYS K 507 26.12 24.29 71.49
CA LYS K 507 26.79 24.96 72.61
C LYS K 507 28.12 24.34 73.01
N SER K 508 28.41 23.13 72.51
CA SER K 508 29.63 22.41 72.87
C SER K 508 30.76 22.60 71.87
N SER K 509 30.53 23.40 70.84
CA SER K 509 31.58 23.76 69.89
C SER K 509 32.31 24.99 70.41
N HIS K 510 33.58 25.11 70.06
CA HIS K 510 34.41 26.25 70.48
C HIS K 510 35.19 26.79 69.30
N LEU K 511 35.64 28.04 69.43
CA LEU K 511 36.43 28.73 68.40
C LEU K 511 37.76 29.20 69.01
N PHE K 512 38.86 28.93 68.30
CA PHE K 512 40.20 29.30 68.76
C PHE K 512 40.99 29.98 67.65
N ALA K 513 41.79 30.97 68.02
CA ALA K 513 42.90 31.43 67.18
C ALA K 513 44.12 30.68 67.67
N PHE K 514 45.03 30.34 66.76
CA PHE K 514 46.20 29.54 67.14
C PHE K 514 47.44 29.82 66.32
N ASN K 515 48.58 29.42 66.87
CA ASN K 515 49.87 29.52 66.20
C ASN K 515 50.80 28.43 66.74
N TYR K 516 51.13 27.47 65.89
CA TYR K 516 52.07 26.41 66.24
C TYR K 516 53.40 26.53 65.49
N GLY K 517 53.64 27.69 64.89
CA GLY K 517 54.91 27.97 64.21
C GLY K 517 56.00 28.31 65.20
N TYR K 518 57.25 28.30 64.74
CA TYR K 518 58.39 28.67 65.59
C TYR K 518 58.32 30.16 65.97
N GLN K 519 58.24 31.03 64.98
CA GLN K 519 58.13 32.47 65.22
C GLN K 519 56.72 32.81 65.68
N SER K 520 56.60 33.77 66.59
CA SER K 520 55.30 34.18 67.09
C SER K 520 54.65 35.14 66.11
N VAL K 521 53.32 35.06 66.00
CA VAL K 521 52.54 35.97 65.16
C VAL K 521 51.62 36.81 66.02
N ASP K 522 51.23 37.96 65.48
CA ASP K 522 50.32 38.87 66.17
C ASP K 522 48.93 38.72 65.59
N VAL K 523 47.93 38.91 66.44
CA VAL K 523 46.56 39.03 65.97
C VAL K 523 46.19 40.51 66.07
N LEU K 524 46.41 41.26 64.97
CA LEU K 524 46.07 42.69 64.94
C LEU K 524 44.63 42.91 65.35
N ASN K 525 43.73 42.15 64.72
CA ASN K 525 42.31 42.26 65.00
C ASN K 525 41.59 40.95 64.71
N LEU K 526 40.64 40.59 65.56
CA LEU K 526 39.79 39.41 65.35
C LEU K 526 38.38 39.73 65.80
N ASN K 527 37.45 39.74 64.85
CA ASN K 527 36.05 39.96 65.11
C ASN K 527 35.27 38.67 64.88
N ALA K 528 34.48 38.25 65.87
CA ALA K 528 33.68 37.04 65.79
C ALA K 528 32.21 37.37 66.09
N TRP K 529 31.35 37.24 65.08
CA TRP K 529 29.92 37.52 65.23
C TRP K 529 29.13 36.22 65.36
N SER K 530 28.22 36.16 66.32
CA SER K 530 27.22 35.09 66.33
C SER K 530 26.26 35.35 65.18
N MET K 531 25.97 34.32 64.39
CA MET K 531 25.12 34.46 63.21
C MET K 531 23.72 33.95 63.48
N ASN K 532 22.73 34.79 63.20
CA ASN K 532 21.33 34.39 63.34
C ASN K 532 20.94 33.48 62.19
N SER K 533 19.94 32.64 62.43
CA SER K 533 19.44 31.73 61.42
C SER K 533 18.60 32.50 60.42
N ALA K 534 18.71 32.16 59.15
CA ALA K 534 17.82 32.70 58.12
C ALA K 534 16.56 31.86 58.09
N GLN K 535 15.51 32.41 57.50
CA GLN K 535 14.31 31.62 57.19
C GLN K 535 14.48 31.11 55.77
N ILE K 536 14.55 29.79 55.63
CA ILE K 536 14.97 29.16 54.37
C ILE K 536 14.08 27.98 53.97
N SER K 537 13.44 28.12 52.81
CA SER K 537 12.62 27.07 52.17
C SER K 537 12.14 25.96 53.11
N ASN L 4 36.89 -6.99 21.19
CA ASN L 4 37.73 -6.91 22.41
C ASN L 4 37.70 -5.53 23.08
N LEU L 5 36.54 -4.88 23.04
CA LEU L 5 36.29 -3.71 23.90
C LEU L 5 36.25 -4.16 25.36
N VAL L 6 35.83 -5.41 25.58
CA VAL L 6 35.81 -6.00 26.91
C VAL L 6 37.23 -6.24 27.44
N GLU L 7 38.10 -6.72 26.56
CA GLU L 7 39.49 -7.03 26.94
C GLU L 7 40.24 -5.78 27.37
N THR L 8 40.09 -4.71 26.60
CA THR L 8 40.74 -3.42 26.89
C THR L 8 40.11 -2.68 28.07
N THR L 9 38.80 -2.82 28.24
CA THR L 9 38.11 -2.22 29.39
C THR L 9 38.50 -2.94 30.69
N CYS L 10 38.55 -4.26 30.66
CA CYS L 10 38.91 -5.04 31.84
C CYS L 10 40.40 -4.96 32.18
N LYS L 11 41.21 -4.54 31.22
CA LYS L 11 42.64 -4.29 31.47
C LYS L 11 42.84 -3.11 32.41
N ASN L 12 41.99 -2.08 32.27
CA ASN L 12 42.00 -0.94 33.18
C ASN L 12 41.02 -1.10 34.35
N THR L 13 41.12 -2.22 35.05
CA THR L 13 40.37 -2.44 36.30
C THR L 13 41.29 -3.12 37.30
N PRO L 14 40.97 -3.05 38.60
CA PRO L 14 41.79 -3.70 39.61
C PRO L 14 41.88 -5.24 39.51
N ASN L 15 40.93 -5.86 38.81
CA ASN L 15 40.85 -7.32 38.74
C ASN L 15 40.38 -7.78 37.36
N TYR L 16 41.36 -7.96 36.46
CA TYR L 16 41.10 -8.33 35.07
C TYR L 16 40.21 -9.58 34.93
N GLN L 17 40.54 -10.62 35.70
CA GLN L 17 39.82 -11.89 35.62
C GLN L 17 38.37 -11.75 36.05
N LEU L 18 38.15 -11.20 37.25
CA LEU L 18 36.80 -11.01 37.76
C LEU L 18 35.95 -10.20 36.77
N CYS L 19 36.54 -9.12 36.27
CA CYS L 19 35.92 -8.29 35.23
C CYS L 19 35.53 -9.09 34.00
N LEU L 20 36.45 -9.95 33.56
CA LEU L 20 36.23 -10.76 32.36
C LEU L 20 35.17 -11.85 32.56
N LYS L 21 35.18 -12.52 33.72
CA LYS L 21 34.14 -13.51 34.04
C LYS L 21 32.77 -12.85 34.05
N THR L 22 32.68 -11.70 34.71
CA THR L 22 31.42 -11.02 34.92
C THR L 22 30.77 -10.58 33.61
N LEU L 23 31.55 -9.93 32.75
CA LEU L 23 31.01 -9.37 31.51
C LEU L 23 30.65 -10.45 30.48
N LEU L 24 31.41 -11.55 30.47
CA LEU L 24 31.15 -12.66 29.54
C LEU L 24 29.93 -13.48 29.94
N SER L 25 29.52 -13.41 31.21
CA SER L 25 28.29 -14.08 31.67
C SER L 25 27.03 -13.34 31.26
N ASP L 26 27.19 -12.11 30.75
CA ASP L 26 26.07 -11.27 30.33
C ASP L 26 26.15 -11.07 28.82
N LYS L 27 25.10 -11.48 28.11
CA LYS L 27 25.08 -11.43 26.64
C LYS L 27 25.07 -10.00 26.07
N ARG L 28 24.70 -9.02 26.89
CA ARG L 28 24.74 -7.60 26.46
C ARG L 28 26.15 -7.11 26.14
N SER L 29 27.17 -7.83 26.63
CA SER L 29 28.56 -7.44 26.46
C SER L 29 29.09 -7.69 25.05
N ALA L 30 28.43 -8.58 24.30
CA ALA L 30 28.84 -8.91 22.93
C ALA L 30 28.94 -7.68 22.03
N THR L 31 27.90 -6.84 22.06
CA THR L 31 27.84 -5.62 21.27
C THR L 31 27.76 -4.36 22.14
N GLY L 32 27.77 -4.52 23.46
CA GLY L 32 27.57 -3.41 24.38
C GLY L 32 28.75 -2.47 24.47
N ASP L 33 28.48 -1.17 24.46
CA ASP L 33 29.51 -0.15 24.65
C ASP L 33 29.90 -0.07 26.14
N ILE L 34 30.81 0.83 26.49
CA ILE L 34 31.34 0.94 27.85
C ILE L 34 30.22 1.11 28.88
N THR L 35 29.25 1.97 28.58
CA THR L 35 28.11 2.17 29.46
C THR L 35 27.34 0.87 29.75
N THR L 36 27.18 0.03 28.74
CA THR L 36 26.51 -1.26 28.91
C THR L 36 27.33 -2.16 29.84
N LEU L 37 28.65 -2.17 29.65
CA LEU L 37 29.54 -2.95 30.51
C LEU L 37 29.46 -2.51 31.96
N ALA L 38 29.28 -1.20 32.20
CA ALA L 38 29.09 -0.69 33.55
C ALA L 38 27.77 -1.20 34.13
N LEU L 39 26.70 -1.11 33.33
CA LEU L 39 25.39 -1.64 33.71
C LEU L 39 25.43 -3.12 34.03
N ILE L 40 26.23 -3.88 33.29
CA ILE L 40 26.40 -5.30 33.57
C ILE L 40 27.06 -5.50 34.94
N MET L 41 28.06 -4.68 35.23
CA MET L 41 28.77 -4.76 36.51
C MET L 41 27.86 -4.43 37.68
N VAL L 42 26.98 -3.45 37.49
CA VAL L 42 26.02 -3.03 38.50
C VAL L 42 25.03 -4.16 38.81
N ASP L 43 24.65 -4.92 37.78
CA ASP L 43 23.82 -6.11 37.95
C ASP L 43 24.54 -7.20 38.76
N ALA L 44 25.84 -7.37 38.52
CA ALA L 44 26.63 -8.38 39.23
C ALA L 44 26.77 -8.04 40.72
N ILE L 45 27.00 -6.76 41.01
CA ILE L 45 27.07 -6.27 42.38
C ILE L 45 25.74 -6.49 43.09
N LYS L 46 24.64 -6.19 42.39
CA LYS L 46 23.28 -6.40 42.90
C LYS L 46 23.02 -7.86 43.27
N ALA L 47 23.40 -8.78 42.38
CA ALA L 47 23.23 -10.22 42.63
C ALA L 47 23.87 -10.66 43.95
N LYS L 48 25.06 -10.14 44.22
CA LYS L 48 25.79 -10.47 45.45
C LYS L 48 25.20 -9.76 46.67
N ALA L 49 24.86 -8.49 46.52
CA ALA L 49 24.28 -7.71 47.60
C ALA L 49 22.93 -8.27 48.05
N ASN L 50 22.16 -8.80 47.10
CA ASN L 50 20.91 -9.51 47.43
C ASN L 50 21.17 -10.74 48.32
N GLN L 51 22.20 -11.51 47.98
CA GLN L 51 22.55 -12.70 48.76
C GLN L 51 23.08 -12.32 50.14
N ALA L 52 23.88 -11.26 50.21
CA ALA L 52 24.33 -10.72 51.49
C ALA L 52 23.13 -10.27 52.32
N ALA L 53 22.21 -9.56 51.69
CA ALA L 53 21.02 -9.04 52.37
C ALA L 53 20.22 -10.17 53.01
N VAL L 54 19.94 -11.20 52.22
CA VAL L 54 19.19 -12.37 52.68
C VAL L 54 19.93 -13.10 53.80
N THR L 55 21.22 -13.35 53.60
CA THR L 55 22.03 -14.03 54.61
C THR L 55 22.00 -13.28 55.94
N ILE L 56 22.21 -11.98 55.89
CA ILE L 56 22.18 -11.13 57.09
C ILE L 56 20.85 -11.28 57.84
N SER L 57 19.74 -11.37 57.10
CA SER L 57 18.41 -11.52 57.69
C SER L 57 18.26 -12.83 58.47
N LYS L 58 18.73 -13.93 57.90
CA LYS L 58 18.74 -15.22 58.60
C LYS L 58 19.42 -15.10 59.95
N LEU L 59 20.64 -14.58 59.92
CA LEU L 59 21.50 -14.52 61.10
C LEU L 59 20.87 -13.69 62.21
N ARG L 60 20.22 -12.59 61.83
CA ARG L 60 19.53 -11.73 62.78
C ARG L 60 18.29 -12.40 63.39
N HIS L 61 17.63 -13.25 62.61
CA HIS L 61 16.47 -14.02 63.08
C HIS L 61 16.86 -15.40 63.65
N SER L 62 18.12 -15.58 64.05
CA SER L 62 18.61 -16.88 64.52
C SER L 62 19.37 -16.83 65.85
N ASN L 63 19.07 -15.81 66.67
CA ASN L 63 19.75 -15.62 67.97
C ASN L 63 21.27 -15.51 67.80
N PRO L 64 21.74 -14.35 67.28
CA PRO L 64 23.18 -14.17 67.13
C PRO L 64 23.88 -13.86 68.45
N PRO L 65 25.20 -14.17 68.54
CA PRO L 65 26.03 -13.75 69.66
C PRO L 65 26.00 -12.24 69.88
N ALA L 66 26.22 -11.83 71.13
CA ALA L 66 26.30 -10.41 71.48
C ALA L 66 27.19 -9.66 70.49
N ALA L 67 28.35 -10.24 70.20
CA ALA L 67 29.37 -9.60 69.36
C ALA L 67 28.97 -9.52 67.87
N TRP L 68 27.89 -10.19 67.49
CA TRP L 68 27.38 -10.12 66.12
C TRP L 68 26.21 -9.14 65.95
N LYS L 69 25.39 -8.98 66.98
CA LYS L 69 24.20 -8.12 66.90
C LYS L 69 24.54 -6.75 66.30
N GLY L 70 25.50 -6.07 66.90
CA GLY L 70 25.92 -4.73 66.44
C GLY L 70 26.33 -4.70 64.98
N PRO L 71 27.31 -5.53 64.59
CA PRO L 71 27.69 -5.66 63.18
C PRO L 71 26.54 -5.99 62.24
N LEU L 72 25.66 -6.90 62.66
CA LEU L 72 24.57 -7.36 61.80
C LEU L 72 23.58 -6.26 61.43
N LYS L 73 23.18 -5.44 62.41
CA LYS L 73 22.24 -4.34 62.11
C LYS L 73 22.92 -3.31 61.22
N ASN L 74 24.20 -3.05 61.47
CA ASN L 74 24.98 -2.15 60.63
C ASN L 74 25.09 -2.67 59.19
N CYS L 75 25.34 -3.97 59.05
CA CYS L 75 25.44 -4.60 57.73
C CYS L 75 24.10 -4.63 56.99
N ALA L 76 23.03 -4.93 57.72
CA ALA L 76 21.69 -4.91 57.16
C ALA L 76 21.40 -3.57 56.50
N PHE L 77 21.70 -2.49 57.22
CA PHE L 77 21.44 -1.13 56.75
C PHE L 77 22.36 -0.76 55.58
N SER L 78 23.62 -1.18 55.65
CA SER L 78 24.59 -0.96 54.57
C SER L 78 24.07 -1.52 53.25
N TYR L 79 23.67 -2.79 53.27
CA TYR L 79 23.15 -3.45 52.07
C TYR L 79 21.76 -2.96 51.67
N LYS L 80 20.97 -2.51 52.64
CA LYS L 80 19.72 -1.83 52.34
C LYS L 80 20.00 -0.56 51.54
N VAL L 81 20.96 0.25 51.99
CA VAL L 81 21.31 1.50 51.30
C VAL L 81 21.85 1.20 49.88
N ILE L 82 22.75 0.23 49.77
CA ILE L 82 23.23 -0.21 48.47
C ILE L 82 22.10 -0.65 47.54
N LEU L 83 21.23 -1.53 48.01
CA LEU L 83 20.17 -2.10 47.17
C LEU L 83 19.00 -1.15 46.90
N THR L 84 18.76 -0.21 47.80
CA THR L 84 17.65 0.74 47.66
C THR L 84 18.07 2.07 47.04
N ALA L 85 19.30 2.52 47.31
CA ALA L 85 19.74 3.84 46.91
C ALA L 85 20.83 3.79 45.84
N SER L 86 21.96 3.19 46.20
CA SER L 86 23.18 3.28 45.40
C SER L 86 23.11 2.61 44.02
N LEU L 87 22.68 1.36 43.97
CA LEU L 87 22.61 0.64 42.69
C LEU L 87 21.53 1.17 41.74
N PRO L 88 20.32 1.46 42.27
CA PRO L 88 19.34 2.14 41.42
C PRO L 88 19.82 3.50 40.90
N GLU L 89 20.46 4.28 41.75
CA GLU L 89 21.06 5.55 41.34
C GLU L 89 22.06 5.31 40.22
N ALA L 90 22.96 4.36 40.43
CA ALA L 90 23.94 4.00 39.43
C ALA L 90 23.28 3.64 38.11
N ILE L 91 22.25 2.80 38.15
CA ILE L 91 21.53 2.43 36.93
C ILE L 91 20.93 3.66 36.23
N GLU L 92 20.30 4.54 37.00
CA GLU L 92 19.75 5.77 36.43
C GLU L 92 20.85 6.62 35.80
N ALA L 93 21.89 6.94 36.58
CA ALA L 93 22.98 7.79 36.12
C ALA L 93 23.62 7.27 34.83
N LEU L 94 23.81 5.95 34.76
CA LEU L 94 24.39 5.30 33.58
C LEU L 94 23.43 5.34 32.39
N THR L 95 22.16 5.05 32.62
CA THR L 95 21.17 5.04 31.54
C THR L 95 20.95 6.44 30.96
N LYS L 96 20.85 7.44 31.84
CA LYS L 96 20.54 8.82 31.42
C LYS L 96 21.78 9.67 31.12
N GLY L 97 22.97 9.21 31.51
CA GLY L 97 24.22 9.81 31.06
C GLY L 97 24.81 10.85 32.00
N ASP L 98 25.02 10.47 33.26
CA ASP L 98 25.69 11.29 34.25
C ASP L 98 26.61 10.41 35.09
N PRO L 99 27.73 9.98 34.50
CA PRO L 99 28.61 8.96 35.08
C PRO L 99 29.07 9.19 36.51
N LYS L 100 29.25 10.44 36.92
CA LYS L 100 29.85 10.72 38.24
C LYS L 100 28.96 10.24 39.39
N PHE L 101 27.66 10.23 39.19
CA PHE L 101 26.73 9.70 40.20
C PHE L 101 26.73 8.16 40.24
N ALA L 102 27.08 7.53 39.13
CA ALA L 102 27.26 6.08 39.08
C ALA L 102 28.55 5.71 39.82
N GLU L 103 29.55 6.57 39.69
CA GLU L 103 30.81 6.42 40.42
C GLU L 103 30.58 6.52 41.92
N ASP L 104 29.81 7.52 42.34
CA ASP L 104 29.47 7.70 43.75
C ASP L 104 28.82 6.44 44.34
N GLY L 105 27.90 5.84 43.59
CA GLY L 105 27.26 4.61 44.02
C GLY L 105 28.23 3.45 44.14
N MET L 106 29.13 3.34 43.18
CA MET L 106 30.12 2.25 43.16
C MET L 106 31.11 2.39 44.31
N VAL L 107 31.61 3.62 44.54
CA VAL L 107 32.48 3.89 45.69
C VAL L 107 31.75 3.57 47.00
N GLY L 108 30.49 3.99 47.09
CA GLY L 108 29.66 3.74 48.26
C GLY L 108 29.61 2.27 48.64
N SER L 109 29.14 1.43 47.72
CA SER L 109 29.01 -0.01 47.95
C SER L 109 30.34 -0.71 48.22
N SER L 110 31.42 -0.24 47.60
CA SER L 110 32.76 -0.78 47.84
C SER L 110 33.15 -0.60 49.29
N GLY L 111 32.98 0.60 49.81
CA GLY L 111 33.35 0.93 51.18
C GLY L 111 32.47 0.21 52.19
N ASP L 112 31.18 0.13 51.91
CA ASP L 112 30.21 -0.52 52.80
C ASP L 112 30.51 -2.00 52.96
N ALA L 113 30.83 -2.67 51.85
CA ALA L 113 31.17 -4.09 51.86
C ALA L 113 32.43 -4.37 52.68
N GLN L 114 33.42 -3.47 52.60
CA GLN L 114 34.62 -3.55 53.43
C GLN L 114 34.33 -3.22 54.89
N GLU L 115 33.56 -2.15 55.10
CA GLU L 115 33.11 -1.71 56.42
C GLU L 115 32.37 -2.85 57.12
N CYS L 116 31.33 -3.36 56.46
CA CYS L 116 30.51 -4.44 56.97
C CYS L 116 31.36 -5.65 57.36
N GLU L 117 32.33 -5.96 56.51
CA GLU L 117 33.21 -7.11 56.75
C GLU L 117 34.09 -6.90 57.98
N GLU L 118 34.66 -5.69 58.10
CA GLU L 118 35.61 -5.39 59.17
C GLU L 118 34.99 -5.33 60.57
N TYR L 119 33.69 -5.07 60.65
CA TYR L 119 32.96 -5.10 61.93
C TYR L 119 33.18 -6.40 62.72
N PHE L 120 33.47 -7.48 62.00
CA PHE L 120 33.70 -8.78 62.62
C PHE L 120 35.15 -8.94 63.11
N LYS L 121 35.29 -9.22 64.41
CA LYS L 121 36.61 -9.44 65.02
C LYS L 121 36.95 -10.92 64.99
N GLY L 122 38.24 -11.23 64.88
CA GLY L 122 38.68 -12.53 64.40
C GLY L 122 38.80 -12.41 62.89
N SER L 123 37.85 -11.68 62.31
CA SER L 123 37.94 -11.04 60.99
C SER L 123 37.62 -11.95 59.80
N LYS L 124 36.86 -13.02 60.06
CA LYS L 124 36.16 -13.73 59.00
C LYS L 124 34.68 -13.88 59.36
N SER L 125 33.85 -13.07 58.70
CA SER L 125 32.40 -13.08 58.92
C SER L 125 31.79 -14.38 58.40
N PRO L 126 30.52 -14.64 58.73
CA PRO L 126 29.88 -15.83 58.17
C PRO L 126 29.62 -15.73 56.66
N PHE L 127 29.56 -14.50 56.12
CA PHE L 127 29.30 -14.28 54.69
C PHE L 127 30.41 -13.46 54.05
N SER L 128 31.65 -13.75 54.43
CA SER L 128 32.82 -13.00 53.96
C SER L 128 32.99 -13.04 52.43
N ALA L 129 32.69 -14.19 51.83
CA ALA L 129 32.79 -14.36 50.37
C ALA L 129 31.93 -13.37 49.61
N LEU L 130 30.75 -13.05 50.15
CA LEU L 130 29.85 -12.10 49.53
C LEU L 130 30.36 -10.66 49.69
N ASN L 131 30.84 -10.32 50.88
CA ASN L 131 31.39 -8.98 51.14
C ASN L 131 32.57 -8.68 50.23
N ILE L 132 33.44 -9.66 50.06
CA ILE L 132 34.62 -9.52 49.22
C ILE L 132 34.24 -9.36 47.75
N ALA L 133 33.23 -10.10 47.31
CA ALA L 133 32.74 -10.01 45.93
C ALA L 133 32.14 -8.63 45.66
N VAL L 134 31.21 -8.22 46.53
CA VAL L 134 30.58 -6.91 46.42
C VAL L 134 31.63 -5.81 46.44
N HIS L 135 32.67 -6.00 47.25
CA HIS L 135 33.79 -5.04 47.30
C HIS L 135 34.61 -5.05 46.00
N GLU L 136 34.98 -6.23 45.53
CA GLU L 136 35.81 -6.34 44.32
C GLU L 136 35.07 -5.96 43.05
N LEU L 137 33.80 -6.36 42.94
CA LEU L 137 32.99 -6.01 41.78
C LEU L 137 32.73 -4.50 41.73
N SER L 138 32.57 -3.88 42.89
CA SER L 138 32.34 -2.43 42.97
C SER L 138 33.57 -1.64 42.54
N ASP L 139 34.75 -2.14 42.89
CA ASP L 139 36.01 -1.51 42.48
C ASP L 139 36.28 -1.71 40.99
N VAL L 140 35.87 -2.85 40.44
CA VAL L 140 35.92 -3.07 39.00
C VAL L 140 34.97 -2.12 38.29
N GLY L 141 33.76 -1.98 38.84
CA GLY L 141 32.74 -1.10 38.28
C GLY L 141 33.15 0.35 38.33
N ARG L 142 33.76 0.77 39.43
CA ARG L 142 34.35 2.11 39.53
C ARG L 142 35.27 2.37 38.36
N ALA L 143 36.24 1.49 38.17
CA ALA L 143 37.21 1.63 37.08
C ALA L 143 36.54 1.75 35.71
N ILE L 144 35.51 0.94 35.46
CA ILE L 144 34.82 0.97 34.17
C ILE L 144 34.12 2.32 33.93
N VAL L 145 33.54 2.89 34.98
CA VAL L 145 32.85 4.17 34.85
C VAL L 145 33.81 5.36 34.68
N ARG L 146 35.03 5.26 35.23
CA ARG L 146 36.03 6.32 35.04
C ARG L 146 36.21 6.66 33.56
N ASN L 147 36.13 5.64 32.72
CA ASN L 147 36.19 5.81 31.26
C ASN L 147 35.14 6.78 30.70
N LEU L 148 33.95 6.81 31.30
CA LEU L 148 32.85 7.67 30.86
C LEU L 148 32.96 9.13 31.31
N LEU L 149 33.91 9.43 32.18
CA LEU L 149 34.07 10.78 32.71
C LEU L 149 34.77 11.69 31.70
C1 NAG M . -12.20 31.23 -16.36
C2 NAG M . -11.48 29.96 -15.94
C3 NAG M . -10.13 29.79 -16.64
C4 NAG M . -10.20 30.09 -18.13
C5 NAG M . -10.95 31.40 -18.41
C6 NAG M . -12.08 31.21 -19.43
C7 NAG M . -12.27 29.26 -13.71
C8 NAG M . -12.02 29.27 -12.23
N2 NAG M . -11.35 29.89 -14.48
O3 NAG M . -9.71 28.46 -16.46
O4 NAG M . -8.90 30.27 -18.65
O5 NAG M . -11.42 32.02 -17.22
O6 NAG M . -11.74 31.82 -20.65
O7 NAG M . -13.27 28.70 -14.14
C1 NAG M . -8.40 29.24 -19.55
C2 NAG M . -7.37 29.86 -20.51
C3 NAG M . -7.41 29.22 -21.90
C4 NAG M . -7.71 27.73 -21.84
C5 NAG M . -9.02 27.50 -21.10
C6 NAG M . -9.06 26.20 -20.30
C7 NAG M . -7.12 32.15 -19.67
C8 NAG M . -7.28 33.61 -19.95
N2 NAG M . -7.48 31.30 -20.63
O3 NAG M . -6.19 29.47 -22.56
O4 NAG M . -7.89 27.22 -23.15
O5 NAG M . -9.41 28.61 -20.28
O6 NAG M . -10.37 25.67 -20.36
O7 NAG M . -6.71 31.77 -18.57
C1 BMA M . -6.70 26.92 -23.91
C2 BMA M . -6.98 25.58 -24.57
C3 BMA M . -5.82 25.11 -25.44
C4 BMA M . -5.39 26.20 -26.40
C5 BMA M . -5.50 27.65 -25.92
C6 BMA M . -5.90 28.53 -27.10
O2 BMA M . -8.13 25.70 -25.38
O3 BMA M . -6.30 24.05 -26.24
O4 BMA M . -4.05 25.94 -26.80
O5 BMA M . -6.46 27.89 -24.89
O6 BMA M . -4.98 29.57 -27.33
C1 MAN M . -5.72 22.78 -25.92
C2 MAN M . -6.00 21.85 -27.10
C3 MAN M . -7.50 21.57 -27.19
C4 MAN M . -8.09 21.14 -25.85
C5 MAN M . -7.66 22.10 -24.75
C6 MAN M . -8.09 21.64 -23.36
O2 MAN M . -5.27 20.64 -26.95
O3 MAN M . -7.76 20.57 -28.13
O4 MAN M . -9.50 21.10 -25.94
O5 MAN M . -6.25 22.20 -24.76
O6 MAN M . -7.88 22.70 -22.44
C1 MAN M . -3.87 20.76 -27.33
C2 MAN M . -3.68 20.56 -28.84
C3 MAN M . -3.97 19.12 -29.25
C4 MAN M . -3.10 18.17 -28.41
C5 MAN M . -3.36 18.47 -26.93
C6 MAN M . -2.56 17.58 -25.98
O2 MAN M . -2.35 20.87 -29.20
O3 MAN M . -3.72 18.94 -30.64
O4 MAN M . -3.44 16.84 -28.72
O5 MAN M . -3.04 19.83 -26.65
O6 MAN M . -3.23 17.56 -24.74
C1 BMA M . -5.30 30.36 -28.51
C2 BMA M . -4.08 30.37 -29.42
C3 BMA M . -3.89 29.04 -30.12
C4 BMA M . -5.14 28.63 -30.90
C5 BMA M . -6.46 29.28 -30.45
C6 BMA M . -7.59 28.25 -30.47
O2 BMA M . -2.93 30.66 -28.66
O3 BMA M . -3.59 28.04 -29.18
O4 BMA M . -4.93 28.93 -32.27
O5 BMA M . -6.48 29.97 -29.20
O6 BMA M . -8.05 28.01 -31.79
C1 NAG N . 4.77 25.47 4.21
C2 NAG N . 5.74 25.36 3.04
C3 NAG N . 6.70 24.19 3.24
C4 NAG N . 7.14 24.10 4.71
C5 NAG N . 5.92 23.91 5.62
C6 NAG N . 6.03 24.73 6.91
C7 NAG N . 5.04 24.53 0.76
C8 NAG N . 4.08 24.84 -0.35
N2 NAG N . 4.95 25.36 1.80
O3 NAG N . 7.84 24.37 2.41
O4 NAG N . 8.04 23.03 4.89
O5 NAG N . 4.71 24.27 4.97
O6 NAG N . 7.11 24.23 7.66
O7 NAG N . 5.81 23.58 0.65
C1 NAG N . 9.42 23.47 4.85
C2 NAG N . 10.34 22.40 5.43
C3 NAG N . 11.75 22.95 5.52
C4 NAG N . 12.19 23.48 4.15
C5 NAG N . 11.14 24.35 3.47
C6 NAG N . 11.50 24.59 2.01
C7 NAG N . 9.08 20.82 6.83
C8 NAG N . 8.66 20.43 8.21
N2 NAG N . 9.85 21.91 6.71
O3 NAG N . 12.65 21.95 5.94
O4 NAG N . 13.40 24.19 4.30
O5 NAG N . 9.87 23.75 3.54
O6 NAG N . 11.34 25.96 1.65
O7 NAG N . 8.72 20.15 5.86
C1 NAG O . 9.31 -39.53 -46.40
C2 NAG O . 8.78 -38.29 -47.10
C3 NAG O . 8.38 -38.53 -48.55
C4 NAG O . 9.37 -39.42 -49.30
C5 NAG O . 9.76 -40.65 -48.48
C6 NAG O . 11.27 -40.83 -48.36
C7 NAG O . 7.80 -36.61 -45.61
C8 NAG O . 6.56 -36.10 -44.92
N2 NAG O . 7.65 -37.69 -46.38
O3 NAG O . 8.30 -37.26 -49.18
O4 NAG O . 8.72 -39.87 -50.46
O5 NAG O . 9.16 -40.68 -47.19
O6 NAG O . 11.67 -42.01 -48.99
O7 NAG O . 8.87 -36.04 -45.44
C1 NAG O . 9.26 -39.50 -51.75
C2 NAG O . 9.17 -40.73 -52.67
C3 NAG O . 10.29 -40.78 -53.71
C4 NAG O . 10.71 -39.39 -54.15
C5 NAG O . 11.20 -38.61 -52.92
C6 NAG O . 11.08 -37.10 -53.11
C7 NAG O . 8.00 -42.50 -51.45
C8 NAG O . 8.12 -43.81 -50.73
N2 NAG O . 9.14 -41.99 -51.94
O3 NAG O . 9.90 -41.55 -54.82
O4 NAG O . 11.82 -39.49 -55.02
O5 NAG O . 10.58 -39.00 -51.70
O6 NAG O . 11.96 -36.46 -52.22
O7 NAG O . 6.92 -41.94 -51.54
C1 BMA O . 11.55 -39.75 -56.43
C2 BMA O . 12.43 -38.75 -57.19
C3 BMA O . 12.33 -38.94 -58.69
C4 BMA O . 12.55 -40.40 -59.09
C5 BMA O . 11.96 -41.46 -58.16
C6 BMA O . 12.85 -42.71 -58.26
O2 BMA O . 13.76 -38.89 -56.74
O3 BMA O . 13.39 -38.25 -59.32
O4 BMA O . 12.02 -40.56 -60.39
O5 BMA O . 11.89 -41.08 -56.78
O6 BMA O . 12.15 -43.90 -58.54
C1 MAN O . 12.98 -37.06 -60.00
C2 MAN O . 14.11 -36.67 -60.95
C3 MAN O . 15.34 -36.19 -60.19
C4 MAN O . 14.93 -35.09 -59.20
C5 MAN O . 13.81 -35.60 -58.30
C6 MAN O . 13.31 -34.52 -57.37
O2 MAN O . 13.70 -35.65 -61.86
O3 MAN O . 16.31 -35.71 -61.09
O4 MAN O . 16.05 -34.69 -58.44
O5 MAN O . 12.70 -36.02 -59.10
O6 MAN O . 12.24 -35.03 -56.60
C1 MAN O . 13.03 -36.16 -63.04
C2 MAN O . 14.03 -36.65 -64.11
C3 MAN O . 14.79 -35.49 -64.75
C4 MAN O . 13.83 -34.39 -65.19
C5 MAN O . 12.88 -34.02 -64.05
C6 MAN O . 11.85 -32.97 -64.46
O2 MAN O . 13.30 -37.36 -65.10
O3 MAN O . 15.56 -35.94 -65.86
O4 MAN O . 14.58 -33.26 -65.59
O5 MAN O . 12.19 -35.18 -63.61
O6 MAN O . 11.51 -32.21 -63.33
C1 BMA O . 13.04 -45.05 -58.58
C2 BMA O . 12.89 -45.81 -59.89
C3 BMA O . 13.53 -45.07 -61.04
C4 BMA O . 15.01 -44.80 -60.78
C5 BMA O . 15.43 -44.76 -59.30
C6 BMA O . 16.36 -43.57 -59.04
O2 BMA O . 11.52 -46.01 -60.19
O3 BMA O . 12.84 -43.86 -61.27
O4 BMA O . 15.77 -45.81 -61.43
O5 BMA O . 14.40 -44.75 -58.31
O6 BMA O . 17.64 -43.80 -59.62
C1 NAG P . -15.68 -29.02 -48.60
C2 NAG P . -15.56 -29.68 -49.98
C3 NAG P . -16.21 -28.81 -51.07
C4 NAG P . -17.49 -28.16 -50.54
C5 NAG P . -17.21 -27.31 -49.29
C6 NAG P . -18.37 -27.37 -48.32
C7 NAG P . -13.45 -29.98 -51.33
C8 NAG P . -12.09 -30.59 -51.30
N2 NAG P . -14.19 -30.15 -50.23
O3 NAG P . -16.48 -29.61 -52.19
O4 NAG P . -18.07 -27.31 -51.51
O5 NAG P . -15.99 -27.65 -48.66
O6 NAG P . -19.45 -26.70 -48.93
O7 NAG P . -13.78 -29.36 -52.34
C1 NAG P . -19.12 -27.93 -52.28
C2 NAG P . -20.04 -26.87 -52.89
C3 NAG P . -21.13 -27.52 -53.75
C4 NAG P . -20.56 -28.58 -54.70
C5 NAG P . -19.54 -29.49 -54.01
C6 NAG P . -18.81 -30.40 -55.01
C7 NAG P . -20.15 -24.84 -51.49
C8 NAG P . -20.92 -24.12 -50.42
N2 NAG P . -20.66 -26.03 -51.87
O3 NAG P . -21.75 -26.52 -54.53
O4 NAG P . -21.63 -29.34 -55.23
O5 NAG P . -18.58 -28.72 -53.32
O6 NAG P . -18.94 -31.75 -54.62
O7 NAG P . -19.11 -24.35 -51.95
C1 NAG Q . 39.09 25.79 -27.03
C2 NAG Q . 37.57 25.80 -27.20
C3 NAG Q . 36.87 26.76 -26.23
C4 NAG Q . 37.47 26.77 -24.83
C5 NAG Q . 39.00 26.79 -24.84
C6 NAG Q . 39.61 25.64 -24.05
C7 NAG Q . 36.87 25.15 -29.45
C8 NAG Q . 36.51 25.62 -30.82
N2 NAG Q . 37.20 26.10 -28.56
O3 NAG Q . 35.53 26.34 -26.11
O4 NAG Q . 36.98 27.92 -24.18
O5 NAG Q . 39.53 26.81 -26.16
O6 NAG Q . 40.19 26.05 -22.85
O7 NAG Q . 36.87 23.95 -29.18
C1 NAG Q . 36.11 27.73 -23.03
C2 NAG Q . 36.52 28.74 -21.95
C3 NAG Q . 36.28 28.27 -20.52
C4 NAG Q . 35.15 27.26 -20.39
C5 NAG Q . 35.37 26.11 -21.37
C6 NAG Q . 34.07 25.42 -21.80
C7 NAG Q . 38.31 30.13 -22.87
C8 NAG Q . 39.78 30.43 -22.88
N2 NAG Q . 37.91 29.15 -22.06
O3 NAG Q . 36.03 29.40 -19.70
O4 NAG Q . 35.16 26.70 -19.09
O5 NAG Q . 36.15 26.41 -22.52
O6 NAG Q . 34.38 24.07 -22.03
O7 NAG Q . 37.55 30.76 -23.60
C1 BMA Q . 34.52 27.48 -18.05
C2 BMA Q . 33.65 26.51 -17.26
C3 BMA Q . 32.90 27.23 -16.17
C4 BMA Q . 33.80 28.10 -15.31
C5 BMA Q . 35.02 28.72 -16.01
C6 BMA Q . 36.19 28.72 -15.03
O2 BMA Q . 34.48 25.51 -16.68
O3 BMA Q . 32.34 26.26 -15.29
O4 BMA Q . 33.01 29.14 -14.77
O5 BMA Q . 35.47 28.07 -17.19
O6 BMA Q . 36.50 30.01 -14.54
C1 MAN Q . 30.91 26.21 -15.35
C2 MAN Q . 30.43 25.41 -14.13
C3 MAN Q . 30.83 23.94 -14.30
C4 MAN Q . 30.37 23.41 -15.67
C5 MAN Q . 30.84 24.32 -16.79
C6 MAN Q . 30.25 23.90 -18.14
O2 MAN Q . 29.02 25.50 -13.96
O3 MAN Q . 30.28 23.16 -13.27
O4 MAN Q . 30.88 22.11 -15.88
O5 MAN Q . 30.42 25.65 -16.55
O6 MAN Q . 30.73 24.77 -19.15
C1 MAN Q . 28.56 26.76 -13.39
C2 MAN Q . 28.56 26.72 -11.86
C3 MAN Q . 27.52 25.76 -11.32
C4 MAN Q . 26.15 26.02 -11.97
C5 MAN Q . 26.27 26.14 -13.49
C6 MAN Q . 24.96 26.54 -14.15
O2 MAN Q . 28.29 28.03 -11.38
O3 MAN Q . 27.42 25.87 -9.92
O4 MAN Q . 25.25 24.98 -11.64
O5 MAN Q . 27.27 27.10 -13.84
O6 MAN Q . 24.87 25.90 -15.41
C1 BMA Q . 37.70 30.01 -13.72
C2 BMA Q . 37.51 30.99 -12.58
C3 BMA Q . 36.50 30.43 -11.57
C4 BMA Q . 36.97 29.09 -11.01
C5 BMA Q . 37.69 28.16 -12.00
C6 BMA Q . 36.86 26.89 -12.30
O2 BMA Q . 37.05 32.23 -13.08
O3 BMA Q . 35.23 30.27 -12.17
O4 BMA Q . 37.82 29.35 -9.91
O5 BMA Q . 38.15 28.74 -13.23
O6 BMA Q . 37.16 25.85 -11.40
C1 NAG R . 22.51 40.17 -43.04
C2 NAG R . 22.25 40.79 -41.66
C3 NAG R . 20.81 41.26 -41.54
C4 NAG R . 20.25 41.72 -42.88
C5 NAG R . 20.33 40.60 -43.93
C6 NAG R . 20.52 41.18 -45.33
C7 NAG R . 22.47 39.96 -39.30
C8 NAG R . 23.06 38.89 -38.43
N2 NAG R . 22.70 39.86 -40.61
O3 NAG R . 20.76 42.35 -40.65
O4 NAG R . 18.88 42.07 -42.79
O5 NAG R . 21.32 39.65 -43.63
O6 NAG R . 19.48 42.12 -45.54
O7 NAG R . 21.81 40.86 -38.75
C1 NAG R . 18.67 43.48 -42.61
C2 NAG R . 17.23 43.86 -42.94
C3 NAG R . 17.12 45.39 -42.88
C4 NAG R . 17.54 45.87 -41.49
C5 NAG R . 18.88 45.27 -41.04
C6 NAG R . 19.15 45.52 -39.55
C7 NAG R . 16.12 42.18 -44.35
C8 NAG R . 15.71 41.81 -45.76
N2 NAG R . 16.76 43.35 -44.22
O3 NAG R . 15.79 45.81 -43.16
O4 NAG R . 17.63 47.29 -41.48
O5 NAG R . 18.91 43.87 -41.28
O6 NAG R . 20.31 46.30 -39.38
O7 NAG R . 15.87 41.41 -43.43
C1 NAG S . -59.62 -23.02 4.18
C2 NAG S . -58.49 -22.83 5.20
C3 NAG S . -58.93 -23.11 6.63
C4 NAG S . -60.30 -22.54 6.93
C5 NAG S . -61.33 -22.92 5.85
C6 NAG S . -62.20 -21.73 5.44
C7 NAG S . -56.25 -23.08 4.24
C8 NAG S . -55.10 -23.99 3.94
N2 NAG S . -57.31 -23.61 4.85
O3 NAG S . -57.99 -22.55 7.52
O4 NAG S . -60.76 -23.15 8.11
O5 NAG S . -60.76 -23.59 4.74
O6 NAG S . -63.44 -21.85 6.10
O7 NAG S . -56.17 -21.89 3.90
C1 NAG S . -60.89 -22.33 9.29
C2 NAG S . -62.09 -22.87 10.10
C3 NAG S . -62.80 -21.77 10.87
C4 NAG S . -61.81 -20.74 11.38
C5 NAG S . -61.07 -20.12 10.18
C6 NAG S . -59.68 -19.65 10.57
C7 NAG S . -62.95 -24.88 8.95
C8 NAG S . -64.04 -25.45 8.09
N2 NAG S . -63.05 -23.58 9.26
O3 NAG S . -63.51 -22.34 11.95
O4 NAG S . -62.53 -19.69 11.98
O5 NAG S . -61.04 -20.95 9.03
O6 NAG S . -59.46 -18.38 9.99
O7 NAG S . -62.02 -25.59 9.34
C1 BMA S . -62.88 -19.82 13.36
C2 BMA S . -62.60 -18.45 13.93
C3 BMA S . -63.05 -18.35 15.37
C4 BMA S . -64.50 -18.72 15.51
C5 BMA S . -64.95 -19.96 14.73
C6 BMA S . -66.43 -19.79 14.37
O2 BMA S . -63.32 -17.51 13.16
O3 BMA S . -62.95 -16.99 15.74
O4 BMA S . -64.76 -18.91 16.88
O5 BMA S . -64.24 -20.18 13.51
O6 BMA S . -67.28 -20.67 15.06
C1 MAN S . -62.02 -16.74 16.78
C2 MAN S . -62.49 -15.49 17.52
C3 MAN S . -62.32 -14.27 16.61
C4 MAN S . -60.93 -14.24 15.98
C5 MAN S . -60.68 -15.56 15.26
C6 MAN S . -59.32 -15.60 14.57
O2 MAN S . -61.77 -15.29 18.72
O3 MAN S . -62.57 -13.08 17.32
O4 MAN S . -60.85 -13.16 15.06
O5 MAN S . -60.73 -16.57 16.25
O6 MAN S . -59.10 -16.89 14.04
C1 MAN S . -62.25 -16.07 19.84
C2 MAN S . -63.28 -15.31 20.68
C3 MAN S . -62.67 -14.06 21.32
C4 MAN S . -61.33 -14.37 22.01
C5 MAN S . -60.46 -15.28 21.14
C6 MAN S . -59.21 -15.75 21.88
O2 MAN S . -63.78 -16.16 21.70
O3 MAN S . -63.55 -13.46 22.25
O4 MAN S . -60.68 -13.14 22.24
O5 MAN S . -61.19 -16.41 20.71
O6 MAN S . -58.23 -16.00 20.89
C1 BMA S . -68.66 -20.50 14.64
C2 BMA S . -69.60 -20.89 15.77
C3 BMA S . -69.56 -19.86 16.89
C4 BMA S . -69.82 -18.44 16.39
C5 BMA S . -69.73 -18.25 14.86
C6 BMA S . -69.18 -16.85 14.52
O2 BMA S . -69.20 -22.15 16.26
O3 BMA S . -68.34 -19.90 17.60
O4 BMA S . -71.13 -18.09 16.80
O5 BMA S . -68.97 -19.21 14.12
O6 BMA S . -70.21 -15.90 14.34
C1 NAG T . -39.94 -39.70 13.29
C2 NAG T . -40.87 -39.66 14.51
C3 NAG T . -40.07 -39.70 15.82
C4 NAG T . -38.76 -40.48 15.68
C5 NAG T . -37.91 -40.00 14.51
C6 NAG T . -37.21 -41.14 13.78
C7 NAG T . -42.60 -38.07 15.33
C8 NAG T . -43.45 -36.89 14.95
N2 NAG T . -41.77 -38.52 14.38
O3 NAG T . -40.88 -40.30 16.80
O4 NAG T . -37.97 -40.38 16.85
O5 NAG T . -38.66 -39.21 13.60
O6 NAG T . -36.24 -41.72 14.63
O7 NAG T . -42.73 -38.56 16.45
C1 NAG T . -38.22 -41.47 17.77
C2 NAG T . -37.12 -41.58 18.84
C3 NAG T . -37.42 -42.77 19.74
C4 NAG T . -38.85 -42.74 20.27
C5 NAG T . -39.88 -42.43 19.19
C6 NAG T . -41.25 -42.15 19.83
C7 NAG T . -35.00 -40.72 17.93
C8 NAG T . -33.67 -41.08 17.33
N2 NAG T . -35.80 -41.74 18.25
O3 NAG T . -36.53 -42.82 20.82
O4 NAG T . -39.13 -44.01 20.83
O5 NAG T . -39.46 -41.31 18.44
O6 NAG T . -42.30 -42.72 19.06
O7 NAG T . -35.30 -39.53 18.11
C1 NAG U . -8.06 -8.76 40.21
C2 NAG U . -8.32 -9.50 38.91
C3 NAG U . -8.97 -8.63 37.84
C4 NAG U . -10.02 -7.66 38.40
C5 NAG U . -9.56 -6.96 39.69
C6 NAG U . -10.57 -7.13 40.82
C7 NAG U . -6.86 -11.43 38.52
C8 NAG U . -5.58 -11.94 37.95
N2 NAG U . -7.11 -10.12 38.40
O3 NAG U . -9.58 -9.50 36.91
O4 NAG U . -10.20 -6.64 37.45
O5 NAG U . -8.26 -7.37 40.09
O6 NAG U . -11.12 -5.90 41.22
O7 NAG U . -7.63 -12.23 39.08
C1 NAG U . -11.53 -6.48 36.89
C2 NAG U . -11.82 -5.00 36.63
C3 NAG U . -13.31 -4.68 36.71
C4 NAG U . -14.17 -5.85 36.22
C5 NAG U . -13.83 -7.11 37.01
C6 NAG U . -13.91 -8.38 36.18
C7 NAG U . -9.82 -3.75 37.26
C8 NAG U . -9.15 -2.82 38.24
N2 NAG U . -11.07 -4.11 37.52
O3 NAG U . -13.55 -3.51 35.96
O4 NAG U . -15.55 -5.60 36.46
O5 NAG U . -12.57 -7.04 37.66
O6 NAG U . -14.52 -9.39 36.97
O7 NAG U . -9.21 -4.14 36.27
C1 BMA U . -16.26 -4.83 35.47
C2 BMA U . -17.63 -5.48 35.32
C3 BMA U . -18.45 -4.74 34.29
C4 BMA U . -18.55 -3.26 34.60
C5 BMA U . -17.34 -2.62 35.31
C6 BMA U . -17.84 -1.72 36.44
O2 BMA U . -18.31 -5.44 36.56
O3 BMA U . -19.75 -5.28 34.33
O4 BMA U . -18.78 -2.58 33.39
O5 BMA U . -16.38 -3.48 35.89
O6 BMA U . -17.53 -0.36 36.22
C1 MAN U . -20.13 -6.01 33.15
C2 MAN U . -21.66 -6.17 33.22
C3 MAN U . -22.03 -7.18 34.31
C4 MAN U . -21.25 -8.48 34.09
C5 MAN U . -19.75 -8.21 34.05
C6 MAN U . -19.00 -9.51 33.76
O2 MAN U . -22.20 -6.60 31.97
O3 MAN U . -23.41 -7.43 34.33
O4 MAN U . -21.56 -9.40 35.12
O5 MAN U . -19.46 -7.25 33.04
O6 MAN U . -17.66 -9.25 33.36
C1 MAN U . -22.27 -5.57 30.96
C2 MAN U . -23.60 -4.82 30.97
C3 MAN U . -24.79 -5.67 30.52
C4 MAN U . -24.46 -6.62 29.36
C5 MAN U . -23.03 -7.15 29.37
C6 MAN U . -22.67 -7.71 28.01
O2 MAN U . -23.48 -3.69 30.10
O3 MAN U . -25.88 -4.85 30.14
O4 MAN U . -25.33 -7.73 29.42
O5 MAN U . -22.11 -6.12 29.67
O6 MAN U . -21.76 -8.77 28.18
C1 BMA U . -18.10 0.50 37.24
C2 BMA U . -18.78 1.68 36.54
C3 BMA U . -20.10 1.24 35.93
C4 BMA U . -21.05 0.78 37.02
C5 BMA U . -20.38 0.13 38.25
C6 BMA U . -21.12 -1.16 38.64
O2 BMA U . -17.94 2.13 35.49
O3 BMA U . -19.89 0.19 35.03
O4 BMA U . -21.77 1.91 37.47
O5 BMA U . -18.99 -0.17 38.14
O6 BMA U . -22.27 -0.88 39.41
C1 NAG V . 7.06 -13.59 17.90
C2 NAG V . 6.18 -12.44 17.39
C3 NAG V . 5.76 -12.70 15.95
C4 NAG V . 6.92 -13.34 15.16
C5 NAG V . 7.38 -14.66 15.79
C6 NAG V . 8.89 -14.84 15.72
C7 NAG V . 3.80 -11.98 18.17
C8 NAG V . 2.98 -11.70 19.38
N2 NAG V . 5.11 -12.16 18.38
O3 NAG V . 5.37 -11.49 15.37
O4 NAG V . 6.56 -13.61 13.82
O5 NAG V . 6.93 -14.79 17.13
O6 NAG V . 9.32 -14.71 14.38
O7 NAG V . 3.24 -12.06 17.08
C1 NAG V . 6.87 -12.53 12.92
C2 NAG V . 6.89 -13.04 11.48
C3 NAG V . 7.22 -11.91 10.52
C4 NAG V . 6.35 -10.68 10.79
C5 NAG V . 6.25 -10.34 12.28
C6 NAG V . 5.21 -9.24 12.55
C7 NAG V . 7.51 -15.42 11.49
C8 NAG V . 8.63 -16.41 11.34
N2 NAG V . 7.84 -14.13 11.36
O3 NAG V . 7.05 -12.35 9.19
O4 NAG V . 6.88 -9.55 10.11
O5 NAG V . 5.91 -11.50 13.01
O6 NAG V . 5.84 -8.05 12.97
O7 NAG V . 6.36 -15.81 11.72
C1 NAG W . 31.00 14.78 46.93
C2 NAG W . 31.98 14.98 45.78
C3 NAG W . 32.90 13.77 45.61
C4 NAG W . 33.45 13.27 46.94
C5 NAG W . 32.34 13.07 47.97
C6 NAG W . 32.64 13.78 49.28
C7 NAG W . 31.12 16.67 44.24
C8 NAG W . 30.46 17.01 42.94
N2 NAG W . 31.33 15.39 44.54
O3 NAG W . 33.98 14.19 44.80
O4 NAG W . 34.04 12.01 46.76
O5 NAG W . 31.08 13.48 47.45
O6 NAG W . 33.24 12.90 50.19
O7 NAG W . 31.46 17.58 45.00
C1 NAG W . 35.48 11.88 46.91
C2 NAG W . 35.77 10.46 47.44
C3 NAG W . 36.92 10.46 48.43
C4 NAG W . 38.02 11.39 47.98
C5 NAG W . 37.47 12.81 47.96
C6 NAG W . 38.22 13.72 46.98
C7 NAG W . 33.65 9.19 47.36
C8 NAG W . 32.53 8.58 48.15
N2 NAG W . 34.61 9.81 48.06
O3 NAG W . 37.39 9.15 48.57
O4 NAG W . 39.07 11.39 48.93
O5 NAG W . 36.06 12.88 47.73
O6 NAG W . 38.13 15.06 47.41
O7 NAG W . 33.66 9.10 46.14
C1 BMA W . 40.16 10.45 48.74
C2 BMA W . 41.41 11.22 49.13
C3 BMA W . 42.63 10.32 49.12
C4 BMA W . 42.44 9.19 50.09
C5 BMA W . 41.05 8.52 50.05
C6 BMA W . 40.68 8.09 51.47
O2 BMA W . 41.24 11.76 50.41
O3 BMA W . 43.72 11.07 49.58
O4 BMA W . 43.42 8.21 49.85
O5 BMA W . 39.97 9.30 49.54
O6 BMA W . 40.27 6.75 51.53
C1 MAN W . 44.75 11.27 48.59
C2 MAN W . 46.06 11.54 49.34
C3 MAN W . 45.94 12.86 50.10
C4 MAN W . 45.44 13.99 49.19
C5 MAN W . 44.19 13.56 48.43
C6 MAN W . 43.74 14.60 47.41
O2 MAN W . 47.20 11.60 48.49
O3 MAN W . 47.19 13.21 50.66
O4 MAN W . 45.15 15.11 50.00
O5 MAN W . 44.46 12.36 47.74
O6 MAN W . 42.54 14.16 46.80
C1 MAN W . 47.64 10.30 48.01
C2 MAN W . 48.56 9.61 49.01
C3 MAN W . 49.92 10.31 49.10
C4 MAN W . 50.51 10.52 47.71
C5 MAN W . 49.47 11.18 46.80
C6 MAN W . 49.96 11.36 45.37
O2 MAN W . 48.76 8.28 48.58
O3 MAN W . 50.82 9.57 49.89
O4 MAN W . 51.67 11.32 47.81
O5 MAN W . 48.29 10.40 46.77
O6 MAN W . 49.48 12.59 44.87
C1 BMA W . 40.12 6.30 52.91
C2 BMA W . 40.86 4.97 53.04
C3 BMA W . 42.36 5.19 53.12
C4 BMA W . 42.71 6.03 54.35
C5 BMA W . 41.66 7.09 54.74
C6 BMA W . 42.33 8.46 54.93
O2 BMA W . 40.54 4.17 51.92
O3 BMA W . 42.83 5.83 51.96
O4 BMA W . 42.89 5.17 55.46
O5 BMA W . 40.51 7.24 53.90
O6 BMA W . 42.87 8.61 56.23
C1 NAG X . 30.21 9.94 20.24
C2 NAG X . 31.22 8.88 20.68
C3 NAG X . 32.27 8.65 19.58
C4 NAG X . 31.68 8.86 18.18
C5 NAG X . 31.03 10.23 18.02
C6 NAG X . 29.77 10.18 17.16
C7 NAG X . 32.72 8.64 22.68
C8 NAG X . 33.03 9.24 24.01
N2 NAG X . 31.75 9.27 21.99
O3 NAG X . 32.77 7.33 19.70
O4 NAG X . 32.65 8.74 17.17
O5 NAG X . 30.75 10.82 19.28
O6 NAG X . 30.13 9.78 15.86
O7 NAG X . 33.34 7.66 22.29
C1 NAG X . 32.68 7.40 16.61
C2 NAG X . 33.37 7.36 15.25
C3 NAG X . 33.12 5.97 14.66
C4 NAG X . 33.59 4.88 15.64
C5 NAG X . 33.15 5.14 17.09
C6 NAG X . 33.92 4.25 18.08
C7 NAG X . 33.47 9.59 14.22
C8 NAG X . 32.84 10.51 13.21
N2 NAG X . 32.88 8.39 14.33
O3 NAG X . 33.77 5.84 13.41
O4 NAG X . 33.06 3.64 15.22
O5 NAG X . 33.36 6.50 17.44
O6 NAG X . 33.04 3.69 19.02
O7 NAG X . 34.47 9.95 14.85
C1 FRU Y . -11.79 29.82 -5.04
C2 FRU Y . -11.05 30.79 -4.12
C3 FRU Y . -11.13 30.42 -2.64
C4 FRU Y . -10.99 31.76 -1.96
C5 FRU Y . -11.71 32.71 -2.91
C6 FRU Y . -11.13 34.13 -2.89
O1 FRU Y . -12.20 30.44 -6.27
O2 FRU Y . -9.67 30.81 -4.50
O3 FRU Y . -10.12 29.48 -2.28
O4 FRU Y . -11.56 31.77 -0.65
O5 FRU Y . -11.61 32.12 -4.21
O6 FRU Y . -12.17 35.06 -3.22
S SO4 Z . 3.55 29.71 3.00
O1 SO4 Z . 4.16 28.62 3.76
O2 SO4 Z . 2.15 29.41 2.72
O3 SO4 Z . 3.62 30.95 3.75
O4 SO4 Z . 4.31 29.88 1.76
C1 NAG AA . -35.27 42.31 14.64
C2 NAG AA . -35.80 43.62 15.21
C3 NAG AA . -37.32 43.57 15.36
C4 NAG AA . -38.00 43.14 14.06
C5 NAG AA . -37.32 41.91 13.47
C6 NAG AA . -37.83 41.61 12.05
C7 NAG AA . -34.13 44.65 16.70
C8 NAG AA . -33.67 44.78 18.13
N2 NAG AA . -35.20 43.88 16.51
O3 NAG AA . -37.81 44.83 15.76
O4 NAG AA . -39.36 42.89 14.35
O5 NAG AA . -35.92 42.11 13.40
O6 NAG AA . -36.98 42.21 11.09
O7 NAG AA . -33.53 45.24 15.80
N1 EPE BA . -1.82 55.60 -17.41
C2 EPE BA . -1.25 54.34 -17.93
C3 EPE BA . -2.33 53.27 -18.12
N4 EPE BA . -3.59 53.80 -18.61
C5 EPE BA . -4.14 54.77 -17.67
C6 EPE BA . -3.10 55.36 -16.72
C7 EPE BA . -3.48 54.33 -19.96
C8 EPE BA . -2.97 53.30 -20.96
O8 EPE BA . -3.49 53.53 -22.25
C9 EPE BA . -0.89 56.27 -16.48
C10 EPE BA . 0.38 56.76 -17.19
S EPE BA . 1.89 56.03 -16.50
O1S EPE BA . 1.57 54.71 -15.94
O2S EPE BA . 2.44 56.90 -15.47
O3S EPE BA . 2.87 55.85 -17.57
S SO4 CA . 19.52 21.42 -7.36
O1 SO4 CA . 19.47 19.98 -7.11
O2 SO4 CA . 18.27 22.04 -6.91
O3 SO4 CA . 20.65 22.00 -6.65
O4 SO4 CA . 19.66 21.67 -8.79
C1 FRU DA . 1.52 -33.51 -40.56
C2 FRU DA . 0.26 -34.23 -40.09
C3 FRU DA . -0.72 -33.29 -39.41
C4 FRU DA . -1.53 -34.23 -38.54
C5 FRU DA . -0.54 -35.33 -38.17
C6 FRU DA . -1.17 -36.73 -38.15
O1 FRU DA . 2.66 -34.39 -40.62
O2 FRU DA . -0.40 -34.80 -41.22
O3 FRU DA . -1.51 -32.58 -40.37
O4 FRU DA . -2.05 -33.60 -37.38
O5 FRU DA . 0.53 -35.25 -39.12
O6 FRU DA . -0.43 -37.61 -37.29
S SO4 EA . -14.84 -32.94 -46.47
O1 SO4 EA . -15.45 -31.84 -47.22
O2 SO4 EA . -13.58 -32.53 -45.87
O3 SO4 EA . -15.75 -33.36 -45.41
O4 SO4 EA . -14.61 -34.05 -47.38
C1 NAG FA . 1.78 -31.95 -7.77
C2 NAG FA . 1.49 -32.81 -6.54
C3 NAG FA . 2.43 -32.42 -5.40
C4 NAG FA . 3.89 -32.50 -5.87
C5 NAG FA . 4.07 -31.71 -7.14
C6 NAG FA . 5.48 -31.85 -7.70
C7 NAG FA . -0.87 -33.49 -6.49
C8 NAG FA . -2.24 -33.18 -5.96
N2 NAG FA . 0.11 -32.65 -6.12
O3 NAG FA . 2.25 -33.26 -4.29
O4 NAG FA . 4.72 -31.99 -4.84
O5 NAG FA . 3.14 -32.12 -8.13
O6 NAG FA . 5.76 -33.20 -7.99
O7 NAG FA . -0.69 -34.47 -7.21
N1 EPE GA . -1.34 -63.62 -44.01
C2 EPE GA . -1.20 -62.77 -45.22
C3 EPE GA . -0.14 -61.70 -45.00
N4 EPE GA . 0.97 -62.14 -44.19
C5 EPE GA . 0.52 -62.49 -42.85
C6 EPE GA . -0.95 -62.88 -42.80
C7 EPE GA . 1.71 -63.24 -44.80
C8 EPE GA . 2.14 -62.95 -46.24
O8 EPE GA . 3.19 -63.80 -46.61
C9 EPE GA . -2.73 -64.10 -43.85
C10 EPE GA . -3.16 -64.98 -45.01
S EPE GA . -4.55 -64.28 -45.95
O1S EPE GA . -4.54 -62.82 -45.85
O2S EPE GA . -5.80 -64.82 -45.43
O3S EPE GA . -4.42 -64.64 -47.36
C1 FRU HA . 35.41 26.55 -37.72
C2 FRU HA . 35.83 27.72 -38.62
C3 FRU HA . 35.21 27.65 -40.00
C4 FRU HA . 36.17 28.50 -40.82
C5 FRU HA . 37.52 28.15 -40.20
C6 FRU HA . 38.51 29.32 -40.25
O1 FRU HA . 36.35 26.31 -36.66
O2 FRU HA . 35.44 28.95 -38.01
O3 FRU HA . 33.86 28.13 -40.00
O4 FRU HA . 36.14 28.21 -42.22
O5 FRU HA . 37.25 27.77 -38.84
O6 FRU HA . 39.84 28.81 -40.19
S SO4 IA . 27.04 40.74 -42.75
O1 SO4 IA . 25.62 40.86 -43.09
O2 SO4 IA . 27.43 39.33 -42.64
O3 SO4 IA . 27.84 41.38 -43.79
O4 SO4 IA . 27.28 41.41 -41.47
C1 NAG JA . 52.68 14.10 -62.95
C2 NAG JA . 53.94 14.51 -63.70
C3 NAG JA . 54.79 13.30 -64.11
C4 NAG JA . 55.02 12.36 -62.93
C5 NAG JA . 53.69 12.06 -62.22
C6 NAG JA . 53.93 11.24 -60.95
C7 NAG JA . 53.65 16.61 -64.92
C8 NAG JA . 53.16 17.27 -66.18
N2 NAG JA . 53.52 15.29 -64.86
O3 NAG JA . 56.03 13.74 -64.59
O4 NAG JA . 55.62 11.16 -63.41
O5 NAG JA . 53.04 13.27 -61.85
O6 NAG JA . 54.73 12.00 -60.08
O7 NAG JA . 54.13 17.29 -64.01
N1 EPE KA . 55.94 46.05 -26.89
C2 EPE KA . 54.70 45.91 -26.10
C3 EPE KA . 54.28 44.44 -26.03
N4 EPE KA . 55.41 43.53 -25.88
C5 EPE KA . 56.26 43.60 -27.04
C6 EPE KA . 56.13 44.91 -27.81
C7 EPE KA . 56.13 43.74 -24.63
C8 EPE KA . 55.23 43.71 -23.40
O8 EPE KA . 55.97 43.42 -22.23
C9 EPE KA . 55.98 47.31 -27.66
C10 EPE KA . 56.07 48.54 -26.76
S EPE KA . 54.68 49.67 -27.01
O1S EPE KA . 53.45 48.90 -27.14
O2S EPE KA . 54.91 50.47 -28.22
O3S EPE KA . 54.58 50.58 -25.86
C1 FRU LA . -49.75 -27.84 1.21
C2 FRU LA . -49.66 -29.34 0.91
C3 FRU LA . -48.25 -29.79 0.57
C4 FRU LA . -48.51 -31.08 -0.20
C5 FRU LA . -49.79 -30.73 -0.98
C6 FRU LA . -50.73 -31.93 -1.20
O1 FRU LA . -51.05 -27.31 0.96
O2 FRU LA . -50.12 -30.07 2.05
O3 FRU LA . -47.47 -29.95 1.77
O4 FRU LA . -47.43 -31.42 -1.07
O5 FRU LA . -50.46 -29.72 -0.22
O6 FRU LA . -51.59 -31.69 -2.32
S SO4 MA . -43.38 -40.80 10.32
O1 SO4 MA . -42.10 -40.84 11.03
O2 SO4 MA . -43.44 -39.64 9.43
O3 SO4 MA . -43.53 -42.01 9.51
O4 SO4 MA . -44.46 -40.72 11.30
C1 NAG NA . -41.47 -31.33 -30.56
C2 NAG NA . -41.86 -32.26 -31.70
C3 NAG NA . -41.92 -31.53 -33.04
C4 NAG NA . -42.83 -30.32 -32.93
C5 NAG NA . -42.30 -29.43 -31.80
C6 NAG NA . -43.15 -28.18 -31.60
C7 NAG NA . -41.14 -34.55 -31.25
C8 NAG NA . -40.05 -35.57 -31.40
N2 NAG NA . -40.91 -33.34 -31.78
O3 NAG NA . -42.41 -32.40 -34.04
O4 NAG NA . -42.85 -29.64 -34.17
O5 NAG NA . -42.30 -30.17 -30.59
O6 NAG NA . -44.46 -28.55 -31.20
O7 NAG NA . -42.19 -34.85 -30.67
N1 EPE OA . -75.23 -44.10 1.23
C2 EPE OA . -74.98 -43.36 2.48
C3 EPE OA . -74.59 -41.91 2.22
N4 EPE OA . -75.32 -41.30 1.12
C5 EPE OA . -75.07 -42.03 -0.11
C6 EPE OA . -74.54 -43.45 0.10
C7 EPE OA . -76.74 -41.16 1.38
C8 EPE OA . -77.03 -40.30 2.62
O8 EPE OA . -78.26 -39.62 2.49
C9 EPE OA . -74.83 -45.51 1.33
C10 EPE OA . -75.71 -46.31 2.30
S EPE OA . -74.78 -47.27 3.53
O1S EPE OA . -73.53 -46.58 3.86
O2S EPE OA . -74.50 -48.60 2.99
O3S EPE OA . -75.57 -47.44 4.75
C1 FRU PA . 0.50 -15.12 36.17
C2 FRU PA . 1.89 -14.55 35.91
C3 FRU PA . 2.87 -15.59 35.38
C4 FRU PA . 4.20 -15.00 35.77
C5 FRU PA . 3.91 -14.34 37.11
C6 FRU PA . 4.77 -13.10 37.37
O1 FRU PA . -0.14 -14.54 37.31
O2 FRU PA . 1.79 -13.49 34.95
O3 FRU PA . 2.74 -15.80 33.96
O4 FRU PA . 5.20 -16.02 35.90
O5 FRU PA . 2.51 -14.01 37.08
O6 FRU PA . 4.58 -12.63 38.72
S SO4 QA . 8.24 -10.98 21.42
O1 SO4 QA . 7.63 -11.46 20.17
O2 SO4 QA . 7.82 -11.82 22.54
O3 SO4 QA . 9.69 -11.01 21.29
O4 SO4 QA . 7.77 -9.61 21.68
C1 NAG RA . 21.85 -29.63 56.76
C2 NAG RA . 23.04 -29.28 57.64
C3 NAG RA . 23.04 -30.12 58.92
C4 NAG RA . 21.69 -30.05 59.61
C5 NAG RA . 20.58 -30.39 58.62
C6 NAG RA . 19.20 -30.34 59.26
C7 NAG RA . 24.78 -28.51 56.12
C8 NAG RA . 26.08 -28.78 55.40
N2 NAG RA . 24.29 -29.45 56.91
O3 NAG RA . 24.02 -29.63 59.79
O4 NAG RA . 21.68 -30.96 60.71
O5 NAG RA . 20.67 -29.48 57.53
O6 NAG RA . 18.93 -29.06 59.80
O7 NAG RA . 24.22 -27.42 55.97
N1 EPE SA . 5.28 13.86 43.76
C2 EPE SA . 4.20 13.53 42.81
C3 EPE SA . 3.40 12.32 43.28
N4 EPE SA . 3.17 12.29 44.71
C5 EPE SA . 4.44 12.22 45.43
C6 EPE SA . 5.64 12.70 44.60
C7 EPE SA . 2.36 13.41 45.15
C8 EPE SA . 0.96 13.43 44.52
O8 EPE SA . -0.02 13.78 45.48
C9 EPE SA . 6.47 14.37 43.06
C10 EPE SA . 6.22 15.75 42.46
S EPE SA . 6.67 15.85 40.70
O1S EPE SA . 6.17 14.67 40.00
O2S EPE SA . 8.13 15.94 40.60
O3S EPE SA . 6.07 17.04 40.09
C1 FRU TA . 26.37 18.55 37.29
C2 FRU TA . 25.28 17.70 36.60
C3 FRU TA . 24.78 18.34 35.31
C4 FRU TA . 23.42 17.71 35.15
C5 FRU TA . 22.94 17.55 36.59
C6 FRU TA . 22.11 16.30 36.83
O1 FRU TA . 26.47 18.31 38.70
O2 FRU TA . 25.81 16.40 36.30
O3 FRU TA . 25.65 18.12 34.20
O4 FRU TA . 22.54 18.52 34.36
O5 FRU TA . 24.12 17.52 37.42
O6 FRU TA . 21.14 16.55 37.85
S SO4 UA . 26.96 8.60 23.14
O1 SO4 UA . 27.61 8.87 21.85
O2 SO4 UA . 26.91 9.82 23.94
O3 SO4 UA . 25.60 8.12 22.90
O4 SO4 UA . 27.72 7.57 23.86
C1 NAG VA . -1.09 36.79 37.24
C2 NAG VA . -2.57 36.56 37.52
C3 NAG VA . -3.19 37.79 38.17
C4 NAG VA . -2.38 38.32 39.34
C5 NAG VA . -0.89 38.40 38.98
C6 NAG VA . -0.07 38.69 40.23
C7 NAG VA . -3.53 35.04 35.85
C8 NAG VA . -4.22 34.95 34.51
N2 NAG VA . -3.24 36.28 36.27
O3 NAG VA . -4.49 37.48 38.64
O4 NAG VA . -2.89 39.59 39.69
O5 NAG VA . -0.45 37.17 38.44
O6 NAG VA . 0.03 37.52 41.00
O7 NAG VA . -3.27 34.01 36.47
N1 EPE WA . 15.68 -6.35 50.69
C2 EPE WA . 17.11 -6.31 50.33
C3 EPE WA . 17.75 -5.01 50.81
N4 EPE WA . 17.15 -4.46 52.02
C5 EPE WA . 15.74 -4.17 51.81
C6 EPE WA . 15.12 -4.99 50.69
C7 EPE WA . 17.39 -5.30 53.19
C8 EPE WA . 18.89 -5.51 53.49
O8 EPE WA . 19.13 -5.61 54.88
C9 EPE WA . 14.91 -7.23 49.78
C10 EPE WA . 15.30 -8.70 49.91
S EPE WA . 15.88 -9.41 48.35
O1S EPE WA . 16.82 -8.49 47.73
O2S EPE WA . 14.74 -9.62 47.45
O3S EPE WA . 16.53 -10.71 48.59
#